data_7XXR
#
_entry.id   7XXR
#
_cell.length_a   103.420
_cell.length_b   107.933
_cell.length_c   133.424
_cell.angle_alpha   90.075
_cell.angle_beta   90.011
_cell.angle_gamma   96.303
#
_symmetry.space_group_name_H-M   'P 1'
#
loop_
_entity.id
_entity.type
_entity.pdbx_description
1 polymer 'N-formimidoyl fortimicin A synthase'
2 non-polymer 'FLAVIN-ADENINE DINUCLEOTIDE'
3 non-polymer '[(2~{R},3~{R},4~{S},5~{R},6~{R})-6-[(~{E})-[(3~{a}~{S},7~{R},7~{a}~{S})-7-oxidanyl-4-oxidanylidene-3,3~{a},5,6,7,7~{a}-hexahydro-1~{H}-imidazo[4,5-c]pyridin-2-ylidene]amino]-5-(2-azanylethanoylamino)-2-(hydroxymethyl)-4-oxidanyl-oxan-3-yl] carbamate'
4 water water
#
_entity_poly.entity_id   1
_entity_poly.type   'polypeptide(L)'
_entity_poly.pdbx_seq_one_letter_code
;MGSSHHHHHHSSGLVPRGSHMMSKTADAPGQTDVIVVGNGVLGLSVGVEIARTRPDVRVTLLGKPARQYGATPAAGAMLG
AFGEVTAHALASEHGRKKHALAVQAQRLWPEWIESLEATGTAADGRIKTADDTVVLLNTVGHSALDDANFAAVLTALKEA
NAPHEEIAVESVDWIDPDPNSRPLRALHIEGEGSVDSGILLAALERSFLQAGGRLHPVDATEIRASHGRVEGVVTDDGDF
LPAGHVVVAAGARSQRLVAALPGLAHRIPRIYDGVGVSALVDTWDGSGPATVLRTSNRAFACGLHLVPRAGGSVYIGATN
AVCLEPRGAASIEETVFLFNCATHQLHRGLNGSELRKVQVGSAPAPIDGFPLIGGTSVEGLWMLSGTYRDGLHMSPLLAR
HVVSLMDGGTGVDGLREFRPERDLISAWSREEILDDVVRHTMATGYEFPWRLPLEWPHMMETFLQGPFAELADRLSDTYT
PPADLMTAIMFSEREQQDELIAYYADVHREWH
;
_entity_poly.pdbx_strand_id   A,B,C,D,E,F,G,H
#
# COMPACT_ATOMS: atom_id res chain seq x y z
N GLN A 31 6.03 -58.85 15.01
CA GLN A 31 6.63 -57.49 15.09
C GLN A 31 8.01 -57.55 15.74
N THR A 32 8.89 -56.62 15.36
CA THR A 32 10.30 -56.46 15.85
C THR A 32 10.31 -55.23 16.80
N ASP A 33 10.98 -55.36 17.97
CA ASP A 33 11.00 -54.33 19.04
C ASP A 33 12.09 -53.27 18.84
N VAL A 34 11.63 -52.00 18.81
CA VAL A 34 12.49 -50.78 18.82
C VAL A 34 12.24 -50.01 20.13
N ILE A 35 13.30 -49.67 20.85
CA ILE A 35 13.24 -48.80 22.06
C ILE A 35 13.90 -47.44 21.73
N VAL A 36 13.16 -46.35 21.85
CA VAL A 36 13.69 -44.97 21.81
C VAL A 36 13.90 -44.52 23.25
N VAL A 37 15.15 -44.21 23.63
CA VAL A 37 15.50 -43.72 25.00
C VAL A 37 15.50 -42.19 24.95
N GLY A 38 14.47 -41.55 25.48
CA GLY A 38 14.38 -40.08 25.62
C GLY A 38 13.11 -39.54 25.03
N ASN A 39 12.49 -38.59 25.73
CA ASN A 39 11.14 -38.09 25.38
C ASN A 39 11.21 -36.57 25.12
N GLY A 40 12.36 -36.08 24.66
CA GLY A 40 12.49 -34.72 24.12
C GLY A 40 11.92 -34.68 22.71
N VAL A 41 12.08 -33.56 22.02
CA VAL A 41 11.61 -33.43 20.61
C VAL A 41 12.29 -34.48 19.72
N LEU A 42 13.54 -34.82 19.97
CA LEU A 42 14.27 -35.72 19.02
C LEU A 42 13.73 -37.15 19.20
N GLY A 43 13.71 -37.66 20.42
CA GLY A 43 13.13 -38.98 20.75
C GLY A 43 11.73 -39.13 20.15
N LEU A 44 10.83 -38.23 20.48
CA LEU A 44 9.41 -38.32 20.07
C LEU A 44 9.29 -38.12 18.56
N SER A 45 10.11 -37.28 17.94
CA SER A 45 10.02 -37.06 16.48
C SER A 45 10.42 -38.37 15.78
N VAL A 46 11.48 -39.03 16.26
CA VAL A 46 11.97 -40.31 15.66
C VAL A 46 10.90 -41.39 15.98
N GLY A 47 10.38 -41.43 17.21
CA GLY A 47 9.29 -42.33 17.62
C GLY A 47 8.11 -42.23 16.67
N VAL A 48 7.67 -41.01 16.39
CA VAL A 48 6.50 -40.77 15.52
C VAL A 48 6.80 -41.28 14.11
N GLU A 49 7.99 -40.98 13.56
CA GLU A 49 8.33 -41.35 12.16
C GLU A 49 8.48 -42.87 12.05
N ILE A 50 9.01 -43.55 13.06
CA ILE A 50 9.14 -45.04 13.06
C ILE A 50 7.73 -45.64 13.09
N ALA A 51 6.91 -45.28 14.07
CA ALA A 51 5.55 -45.84 14.27
C ALA A 51 4.70 -45.66 12.99
N ARG A 52 4.83 -44.54 12.30
CA ARG A 52 4.01 -44.24 11.09
C ARG A 52 4.52 -44.98 9.86
N THR A 53 5.83 -45.25 9.78
CA THR A 53 6.55 -45.73 8.56
C THR A 53 6.69 -47.25 8.58
N ARG A 54 6.67 -47.87 9.76
CA ARG A 54 7.03 -49.30 9.97
C ARG A 54 5.92 -49.95 10.80
N PRO A 55 4.76 -50.30 10.19
CA PRO A 55 3.68 -50.97 10.92
C PRO A 55 4.10 -52.36 11.44
N ASP A 56 5.15 -52.93 10.86
CA ASP A 56 5.81 -54.22 11.26
C ASP A 56 6.39 -54.12 12.68
N VAL A 57 7.00 -53.00 13.07
CA VAL A 57 7.84 -52.90 14.32
C VAL A 57 7.00 -52.36 15.49
N ARG A 58 7.31 -52.84 16.69
CA ARG A 58 6.71 -52.35 17.97
C ARG A 58 7.70 -51.35 18.58
N VAL A 59 7.29 -50.08 18.72
CA VAL A 59 8.16 -48.98 19.20
C VAL A 59 7.73 -48.55 20.61
N THR A 60 8.65 -48.65 21.56
CA THR A 60 8.51 -48.19 22.97
C THR A 60 9.45 -47.00 23.20
N LEU A 61 8.93 -45.91 23.74
CA LEU A 61 9.68 -44.66 24.05
C LEU A 61 9.73 -44.46 25.57
N LEU A 62 10.93 -44.40 26.14
CA LEU A 62 11.24 -44.24 27.59
C LEU A 62 11.44 -42.74 27.91
N GLY A 63 11.31 -42.38 29.18
CA GLY A 63 11.42 -41.01 29.70
C GLY A 63 10.19 -40.59 30.48
N LYS A 64 10.35 -39.71 31.47
CA LYS A 64 9.31 -39.34 32.47
C LYS A 64 8.69 -37.99 32.12
N PRO A 65 7.46 -37.69 32.58
CA PRO A 65 6.83 -36.38 32.33
C PRO A 65 7.60 -35.19 32.94
N ALA A 66 8.44 -35.41 33.96
CA ALA A 66 9.28 -34.37 34.61
C ALA A 66 10.28 -33.77 33.59
N ARG A 67 10.75 -34.58 32.63
CA ARG A 67 11.73 -34.17 31.59
C ARG A 67 12.89 -33.45 32.26
N GLN A 68 13.54 -34.13 33.21
CA GLN A 68 14.68 -33.57 33.97
C GLN A 68 15.78 -33.14 32.99
N TYR A 69 16.27 -31.90 33.13
CA TYR A 69 17.31 -31.24 32.31
C TYR A 69 16.85 -31.06 30.85
N GLY A 70 15.58 -31.31 30.55
CA GLY A 70 15.07 -31.29 29.16
C GLY A 70 15.26 -29.93 28.55
N ALA A 71 16.01 -29.84 27.45
CA ALA A 71 16.13 -28.62 26.62
C ALA A 71 14.76 -28.25 26.04
N THR A 72 14.05 -29.23 25.47
CA THR A 72 12.83 -28.98 24.63
C THR A 72 11.82 -28.11 25.40
N PRO A 73 11.41 -28.46 26.64
CA PRO A 73 10.43 -27.65 27.39
C PRO A 73 10.88 -26.21 27.65
N ALA A 74 12.19 -25.98 27.75
CA ALA A 74 12.82 -24.67 28.03
C ALA A 74 13.01 -23.84 26.76
N ALA A 75 12.78 -24.42 25.58
CA ALA A 75 12.93 -23.72 24.27
C ALA A 75 11.63 -23.01 23.90
N GLY A 76 11.72 -21.96 23.11
CA GLY A 76 10.60 -21.03 22.87
C GLY A 76 9.47 -21.64 22.05
N ALA A 77 9.75 -22.00 20.80
CA ALA A 77 11.08 -22.02 20.24
C ALA A 77 11.02 -21.43 18.84
N MET A 78 12.13 -20.84 18.42
CA MET A 78 12.28 -20.26 17.06
C MET A 78 12.63 -21.39 16.08
N LEU A 79 11.98 -21.37 14.91
CA LEU A 79 12.39 -22.19 13.74
C LEU A 79 13.49 -21.41 12.98
N GLY A 80 14.67 -21.32 13.59
CA GLY A 80 15.76 -20.46 13.11
C GLY A 80 16.51 -21.03 11.91
N ALA A 81 16.59 -20.24 10.84
CA ALA A 81 17.47 -20.47 9.68
C ALA A 81 18.33 -19.22 9.41
N PHE A 82 17.75 -18.18 8.83
CA PHE A 82 18.47 -16.91 8.55
C PHE A 82 18.80 -16.20 9.86
N GLY A 83 17.88 -16.15 10.82
CA GLY A 83 18.09 -15.57 12.17
C GLY A 83 19.32 -16.14 12.88
N GLU A 84 19.68 -17.39 12.61
CA GLU A 84 20.79 -18.10 13.32
C GLU A 84 22.14 -17.80 12.64
N VAL A 85 22.13 -17.16 11.47
CA VAL A 85 23.38 -16.85 10.70
C VAL A 85 24.25 -15.90 11.53
N THR A 86 25.55 -16.20 11.57
CA THR A 86 26.63 -15.34 12.14
C THR A 86 27.75 -15.23 11.09
N ALA A 87 28.60 -14.20 11.19
CA ALA A 87 29.80 -14.02 10.34
C ALA A 87 30.69 -15.27 10.45
N HIS A 88 30.90 -15.78 11.67
CA HIS A 88 31.74 -16.96 11.98
C HIS A 88 31.24 -18.20 11.25
N ALA A 89 29.92 -18.47 11.29
CA ALA A 89 29.26 -19.61 10.63
C ALA A 89 29.50 -19.53 9.11
N LEU A 90 29.19 -18.39 8.49
CA LEU A 90 29.27 -18.20 7.01
C LEU A 90 30.73 -18.22 6.50
N ALA A 91 31.73 -18.23 7.40
CA ALA A 91 33.15 -18.15 7.01
C ALA A 91 33.78 -19.54 6.91
N SER A 92 33.07 -20.60 7.30
CA SER A 92 33.56 -22.01 7.21
C SER A 92 32.66 -22.82 6.27
N GLU A 93 33.22 -23.87 5.67
CA GLU A 93 32.46 -24.87 4.87
C GLU A 93 31.43 -25.53 5.81
N HIS A 94 31.85 -25.98 7.00
CA HIS A 94 30.99 -26.66 8.02
C HIS A 94 29.76 -25.78 8.34
N GLY A 95 29.96 -24.47 8.53
CA GLY A 95 28.88 -23.49 8.82
C GLY A 95 27.91 -23.31 7.67
N ARG A 96 28.40 -23.25 6.42
CA ARG A 96 27.54 -23.08 5.22
C ARG A 96 26.68 -24.33 5.05
N LYS A 97 27.21 -25.52 5.37
CA LYS A 97 26.45 -26.80 5.34
C LYS A 97 25.32 -26.76 6.39
N LYS A 98 25.62 -26.35 7.63
CA LYS A 98 24.62 -26.25 8.73
C LYS A 98 23.49 -25.32 8.27
N HIS A 99 23.81 -24.18 7.70
CA HIS A 99 22.81 -23.19 7.25
C HIS A 99 21.91 -23.83 6.18
N ALA A 100 22.51 -24.55 5.21
CA ALA A 100 21.78 -25.24 4.12
C ALA A 100 20.82 -26.27 4.73
N LEU A 101 21.26 -27.04 5.72
CA LEU A 101 20.39 -28.04 6.41
C LEU A 101 19.24 -27.32 7.12
N ALA A 102 19.48 -26.14 7.68
CA ALA A 102 18.43 -25.37 8.40
C ALA A 102 17.38 -24.89 7.40
N VAL A 103 17.81 -24.49 6.21
CA VAL A 103 16.88 -24.06 5.13
C VAL A 103 16.04 -25.27 4.70
N GLN A 104 16.65 -26.45 4.62
CA GLN A 104 15.97 -27.71 4.23
C GLN A 104 14.94 -28.09 5.31
N ALA A 105 15.33 -28.01 6.58
CA ALA A 105 14.44 -28.31 7.73
C ALA A 105 13.23 -27.36 7.69
N GLN A 106 13.44 -26.08 7.39
CA GLN A 106 12.34 -25.06 7.33
C GLN A 106 11.24 -25.56 6.38
N ARG A 107 11.61 -26.16 5.25
CA ARG A 107 10.66 -26.59 4.19
C ARG A 107 9.77 -27.74 4.70
N LEU A 108 10.19 -28.50 5.71
CA LEU A 108 9.41 -29.64 6.26
C LEU A 108 8.35 -29.18 7.27
N TRP A 109 8.51 -28.01 7.90
CA TRP A 109 7.72 -27.67 9.11
C TRP A 109 6.22 -27.57 8.81
N PRO A 110 5.76 -26.88 7.75
CA PRO A 110 4.31 -26.73 7.51
C PRO A 110 3.53 -28.06 7.45
N GLU A 111 4.03 -29.06 6.71
CA GLU A 111 3.38 -30.39 6.57
C GLU A 111 3.51 -31.18 7.87
N TRP A 112 4.67 -31.13 8.52
CA TRP A 112 4.95 -31.84 9.80
C TRP A 112 3.95 -31.38 10.86
N ILE A 113 3.73 -30.07 10.97
CA ILE A 113 2.76 -29.47 11.93
C ILE A 113 1.34 -29.95 11.55
N GLU A 114 0.96 -29.83 10.27
CA GLU A 114 -0.35 -30.27 9.74
C GLU A 114 -0.57 -31.74 10.17
N SER A 115 0.44 -32.59 9.98
CA SER A 115 0.36 -34.04 10.27
C SER A 115 0.24 -34.28 11.78
N LEU A 116 0.75 -33.39 12.64
CA LEU A 116 0.69 -33.56 14.12
C LEU A 116 -0.62 -32.99 14.68
N GLU A 117 -1.09 -31.86 14.14
CA GLU A 117 -2.36 -31.23 14.61
C GLU A 117 -3.55 -32.09 14.18
N ALA A 118 -3.40 -32.86 13.08
CA ALA A 118 -4.47 -33.71 12.49
C ALA A 118 -4.90 -34.84 13.46
N THR A 119 -4.04 -35.26 14.39
CA THR A 119 -4.34 -36.32 15.39
C THR A 119 -5.05 -35.73 16.62
N GLY A 120 -5.31 -34.43 16.63
CA GLY A 120 -5.93 -33.72 17.77
C GLY A 120 -7.17 -32.95 17.33
N THR A 121 -7.66 -32.05 18.19
CA THR A 121 -8.88 -31.22 17.99
C THR A 121 -8.55 -29.74 18.27
N ALA A 122 -9.48 -28.82 17.97
CA ALA A 122 -9.33 -27.36 18.18
C ALA A 122 -8.80 -27.06 19.59
N ALA A 123 -9.28 -27.78 20.61
CA ALA A 123 -9.03 -27.49 22.04
C ALA A 123 -7.58 -27.81 22.44
N ASP A 124 -6.82 -28.49 21.58
CA ASP A 124 -5.45 -28.98 21.91
C ASP A 124 -4.42 -27.86 21.75
N GLY A 125 -4.79 -26.81 21.01
CA GLY A 125 -3.95 -25.61 20.82
C GLY A 125 -3.14 -25.70 19.54
N ARG A 126 -2.66 -24.56 19.06
CA ARG A 126 -1.89 -24.44 17.80
C ARG A 126 -0.40 -24.56 18.12
N ILE A 127 0.32 -25.37 17.33
CA ILE A 127 1.79 -25.56 17.45
C ILE A 127 2.46 -24.27 17.00
N LYS A 128 2.07 -23.72 15.85
CA LYS A 128 2.68 -22.51 15.24
C LYS A 128 2.21 -21.29 16.04
N THR A 129 3.13 -20.44 16.50
CA THR A 129 2.78 -19.19 17.24
C THR A 129 3.13 -17.95 16.42
N ALA A 130 4.02 -18.04 15.44
CA ALA A 130 4.31 -16.93 14.50
C ALA A 130 4.83 -17.47 13.18
N ASP A 131 4.62 -16.73 12.09
CA ASP A 131 5.10 -17.07 10.73
C ASP A 131 6.39 -16.30 10.46
N ASP A 132 6.55 -15.09 11.02
CA ASP A 132 7.66 -14.16 10.67
C ASP A 132 8.53 -13.82 11.89
N THR A 133 9.71 -13.27 11.64
CA THR A 133 10.74 -12.91 12.63
C THR A 133 11.23 -11.50 12.31
N VAL A 134 11.42 -10.66 13.33
CA VAL A 134 12.13 -9.37 13.18
C VAL A 134 13.45 -9.46 13.96
N VAL A 135 14.56 -9.24 13.27
CA VAL A 135 15.91 -9.15 13.88
C VAL A 135 16.20 -7.69 14.17
N LEU A 136 16.58 -7.38 15.41
CA LEU A 136 16.84 -6.00 15.87
C LEU A 136 18.35 -5.86 16.10
N LEU A 137 18.90 -4.71 15.73
CA LEU A 137 20.30 -4.34 16.01
C LEU A 137 20.29 -3.13 16.95
N ASN A 138 20.87 -3.31 18.15
CA ASN A 138 21.04 -2.27 19.18
C ASN A 138 22.52 -2.27 19.59
N THR A 139 22.92 -1.35 20.48
CA THR A 139 24.35 -1.15 20.82
C THR A 139 24.60 -1.77 22.19
N VAL A 140 23.69 -2.60 22.68
CA VAL A 140 23.88 -3.28 23.99
C VAL A 140 24.64 -4.59 23.72
N GLY A 141 25.84 -4.47 23.18
CA GLY A 141 26.64 -5.65 22.81
C GLY A 141 27.91 -5.24 22.12
N HIS A 142 28.74 -6.22 21.77
CA HIS A 142 30.03 -6.04 21.07
C HIS A 142 29.74 -5.75 19.60
N SER A 143 30.35 -4.71 19.02
CA SER A 143 30.32 -4.43 17.55
C SER A 143 30.86 -5.64 16.80
N ALA A 144 31.89 -6.29 17.34
CA ALA A 144 32.58 -7.43 16.67
C ALA A 144 31.64 -8.64 16.51
N LEU A 145 30.55 -8.74 17.29
CA LEU A 145 29.54 -9.82 17.12
C LEU A 145 28.30 -9.25 16.43
N ASP A 146 27.64 -8.27 17.05
CA ASP A 146 26.29 -7.80 16.63
C ASP A 146 26.36 -7.16 15.24
N ASP A 147 27.34 -6.29 14.96
CA ASP A 147 27.41 -5.58 13.65
C ASP A 147 27.77 -6.60 12.55
N ALA A 148 28.77 -7.45 12.79
CA ALA A 148 29.21 -8.50 11.86
C ALA A 148 28.04 -9.44 11.57
N ASN A 149 27.27 -9.83 12.59
CA ASN A 149 26.23 -10.87 12.45
C ASN A 149 25.02 -10.31 11.70
N PHE A 150 24.68 -9.04 11.93
CA PHE A 150 23.54 -8.40 11.23
C PHE A 150 23.84 -8.32 9.73
N ALA A 151 25.04 -7.87 9.36
CA ALA A 151 25.54 -7.85 7.96
C ALA A 151 25.49 -9.26 7.36
N ALA A 152 25.98 -10.29 8.08
CA ALA A 152 25.99 -11.68 7.60
C ALA A 152 24.56 -12.19 7.33
N VAL A 153 23.58 -11.84 8.17
CA VAL A 153 22.16 -12.25 8.01
C VAL A 153 21.61 -11.62 6.71
N LEU A 154 21.84 -10.32 6.53
CA LEU A 154 21.41 -9.55 5.35
C LEU A 154 22.00 -10.20 4.09
N THR A 155 23.29 -10.52 4.12
CA THR A 155 24.04 -11.14 3.00
C THR A 155 23.39 -12.50 2.65
N ALA A 156 23.19 -13.37 3.64
CA ALA A 156 22.63 -14.73 3.46
C ALA A 156 21.21 -14.64 2.88
N LEU A 157 20.40 -13.68 3.32
CA LEU A 157 19.03 -13.49 2.80
C LEU A 157 19.09 -13.11 1.31
N LYS A 158 19.95 -12.17 0.95
CA LYS A 158 20.13 -11.67 -0.44
C LYS A 158 20.64 -12.81 -1.33
N GLU A 159 21.63 -13.59 -0.88
CA GLU A 159 22.20 -14.73 -1.64
C GLU A 159 21.13 -15.80 -1.92
N ALA A 160 20.19 -16.01 -1.01
CA ALA A 160 19.15 -17.06 -1.14
C ALA A 160 17.90 -16.49 -1.84
N ASN A 161 17.89 -15.20 -2.14
CA ASN A 161 16.70 -14.51 -2.70
C ASN A 161 15.47 -14.75 -1.78
N ALA A 162 15.69 -14.82 -0.47
CA ALA A 162 14.64 -15.08 0.55
C ALA A 162 13.80 -13.82 0.73
N PRO A 163 12.48 -13.94 0.94
CA PRO A 163 11.63 -12.77 1.16
C PRO A 163 11.96 -12.11 2.52
N HIS A 164 12.32 -10.84 2.50
CA HIS A 164 12.81 -10.10 3.67
C HIS A 164 12.77 -8.62 3.33
N GLU A 165 12.81 -7.75 4.33
CA GLU A 165 12.94 -6.29 4.13
C GLU A 165 13.69 -5.71 5.34
N GLU A 166 14.71 -4.88 5.10
CA GLU A 166 15.23 -3.97 6.13
C GLU A 166 14.14 -2.91 6.32
N ILE A 167 13.63 -2.71 7.53
CA ILE A 167 12.50 -1.79 7.82
C ILE A 167 12.93 -0.73 8.82
N ALA A 168 12.19 0.37 8.84
CA ALA A 168 12.31 1.42 9.87
C ALA A 168 11.93 0.78 11.21
N VAL A 169 12.71 1.06 12.25
CA VAL A 169 12.47 0.56 13.62
C VAL A 169 11.10 1.06 14.10
N GLU A 170 10.72 2.27 13.71
CA GLU A 170 9.42 2.94 14.03
C GLU A 170 8.26 2.05 13.57
N SER A 171 8.45 1.24 12.52
CA SER A 171 7.40 0.37 11.94
C SER A 171 7.36 -1.00 12.63
N VAL A 172 8.24 -1.30 13.60
CA VAL A 172 8.18 -2.61 14.32
C VAL A 172 7.05 -2.52 15.34
N ASP A 173 6.07 -3.42 15.24
CA ASP A 173 4.88 -3.38 16.12
C ASP A 173 5.31 -3.84 17.51
N TRP A 174 4.69 -3.23 18.52
CA TRP A 174 4.58 -3.74 19.90
C TRP A 174 5.77 -3.27 20.75
N ILE A 175 7.02 -3.45 20.30
CA ILE A 175 8.24 -3.13 21.11
C ILE A 175 8.12 -1.74 21.72
N ASP A 176 8.65 -1.57 22.94
CA ASP A 176 8.70 -0.28 23.67
C ASP A 176 9.99 -0.25 24.47
N PRO A 177 11.16 -0.19 23.80
CA PRO A 177 12.43 -0.28 24.52
C PRO A 177 12.75 1.02 25.26
N ASP A 178 13.63 0.91 26.26
CA ASP A 178 14.41 2.04 26.80
C ASP A 178 15.13 2.71 25.63
N PRO A 179 14.90 4.02 25.34
CA PRO A 179 15.64 4.72 24.31
C PRO A 179 17.16 4.47 24.29
N ASN A 180 17.82 4.38 25.46
CA ASN A 180 19.28 4.15 25.50
C ASN A 180 19.59 2.70 25.09
N SER A 181 18.60 1.80 25.05
CA SER A 181 18.84 0.38 24.66
C SER A 181 18.12 0.04 23.33
N ARG A 182 17.63 1.03 22.60
CA ARG A 182 16.69 0.80 21.47
C ARG A 182 17.48 0.31 20.26
N PRO A 183 16.80 -0.40 19.34
CA PRO A 183 17.39 -0.77 18.05
C PRO A 183 17.37 0.44 17.12
N LEU A 184 18.38 0.55 16.26
CA LEU A 184 18.47 1.59 15.20
C LEU A 184 18.32 0.95 13.83
N ARG A 185 18.43 -0.38 13.73
CA ARG A 185 18.13 -1.12 12.48
C ARG A 185 17.28 -2.35 12.83
N ALA A 186 16.43 -2.74 11.89
CA ALA A 186 15.49 -3.87 12.00
C ALA A 186 15.34 -4.54 10.64
N LEU A 187 15.09 -5.84 10.68
CA LEU A 187 15.10 -6.77 9.54
C LEU A 187 13.92 -7.72 9.67
N HIS A 188 12.91 -7.62 8.81
CA HIS A 188 11.72 -8.51 8.76
C HIS A 188 12.05 -9.72 7.87
N ILE A 189 11.96 -10.93 8.40
CA ILE A 189 12.18 -12.20 7.64
C ILE A 189 10.85 -12.94 7.54
N GLU A 190 10.31 -13.09 6.33
CA GLU A 190 9.03 -13.82 6.08
C GLU A 190 9.28 -15.33 6.15
N GLY A 191 8.38 -16.09 6.76
CA GLY A 191 8.40 -17.57 6.68
C GLY A 191 9.46 -18.16 7.58
N GLU A 192 10.00 -17.37 8.52
CA GLU A 192 10.83 -17.85 9.64
C GLU A 192 10.09 -17.51 10.94
N GLY A 193 9.53 -18.51 11.59
CA GLY A 193 8.59 -18.30 12.71
C GLY A 193 8.97 -19.06 13.97
N SER A 194 7.97 -19.54 14.70
CA SER A 194 8.15 -20.15 16.04
C SER A 194 7.01 -21.12 16.31
N VAL A 195 7.25 -22.03 17.25
CA VAL A 195 6.26 -23.00 17.77
C VAL A 195 6.25 -22.90 19.30
N ASP A 196 5.12 -23.27 19.90
CA ASP A 196 4.99 -23.50 21.35
C ASP A 196 5.57 -24.89 21.61
N SER A 197 6.73 -24.96 22.26
CA SER A 197 7.47 -26.22 22.42
C SER A 197 6.62 -27.19 23.25
N GLY A 198 5.79 -26.67 24.15
CA GLY A 198 4.96 -27.50 25.06
C GLY A 198 3.84 -28.16 24.30
N ILE A 199 3.18 -27.42 23.41
CA ILE A 199 2.08 -27.94 22.55
C ILE A 199 2.69 -28.89 21.51
N LEU A 200 3.91 -28.64 21.02
CA LEU A 200 4.61 -29.58 20.09
C LEU A 200 4.84 -30.92 20.80
N LEU A 201 5.34 -30.90 22.03
CA LEU A 201 5.58 -32.16 22.81
C LEU A 201 4.27 -32.92 23.01
N ALA A 202 3.20 -32.26 23.41
CA ALA A 202 1.86 -32.87 23.64
C ALA A 202 1.38 -33.48 22.32
N ALA A 203 1.55 -32.78 21.19
CA ALA A 203 1.10 -33.24 19.86
C ALA A 203 1.94 -34.42 19.40
N LEU A 204 3.24 -34.45 19.75
CA LEU A 204 4.15 -35.57 19.39
C LEU A 204 3.71 -36.83 20.17
N GLU A 205 3.52 -36.71 21.48
CA GLU A 205 3.07 -37.85 22.33
C GLU A 205 1.76 -38.41 21.76
N ARG A 206 0.78 -37.53 21.55
CA ARG A 206 -0.56 -37.90 21.05
C ARG A 206 -0.41 -38.58 19.68
N SER A 207 0.43 -38.05 18.79
CA SER A 207 0.59 -38.61 17.41
C SER A 207 1.30 -39.95 17.48
N PHE A 208 2.18 -40.11 18.47
CA PHE A 208 2.94 -41.37 18.69
C PHE A 208 1.96 -42.47 19.11
N LEU A 209 1.11 -42.20 20.12
CA LEU A 209 0.06 -43.13 20.61
C LEU A 209 -0.85 -43.51 19.44
N GLN A 210 -1.31 -42.52 18.68
CA GLN A 210 -2.28 -42.68 17.55
C GLN A 210 -1.70 -43.62 16.48
N ALA A 211 -0.38 -43.71 16.34
CA ALA A 211 0.28 -44.52 15.29
C ALA A 211 0.75 -45.87 15.85
N GLY A 212 0.43 -46.18 17.10
CA GLY A 212 0.68 -47.49 17.72
C GLY A 212 1.86 -47.52 18.67
N GLY A 213 2.47 -46.37 18.98
CA GLY A 213 3.65 -46.29 19.87
C GLY A 213 3.24 -46.52 21.32
N ARG A 214 4.17 -46.97 22.15
CA ARG A 214 3.94 -47.22 23.60
C ARG A 214 4.86 -46.31 24.41
N LEU A 215 4.29 -45.49 25.29
CA LEU A 215 5.03 -44.65 26.25
C LEU A 215 5.18 -45.42 27.55
N HIS A 216 6.42 -45.76 27.92
CA HIS A 216 6.76 -46.37 29.22
C HIS A 216 7.50 -45.31 30.04
N PRO A 217 6.82 -44.65 31.01
CA PRO A 217 7.39 -43.48 31.69
C PRO A 217 8.40 -43.84 32.78
N VAL A 218 9.53 -44.41 32.36
CA VAL A 218 10.71 -44.68 33.22
C VAL A 218 11.97 -44.29 32.46
N ASP A 219 13.10 -44.17 33.15
CA ASP A 219 14.42 -43.84 32.57
C ASP A 219 15.20 -45.14 32.34
N ALA A 220 16.02 -45.19 31.29
CA ALA A 220 17.05 -46.23 31.09
C ALA A 220 18.20 -45.98 32.06
N THR A 221 18.75 -47.01 32.68
CA THR A 221 20.00 -46.92 33.49
C THR A 221 21.19 -47.51 32.73
N GLU A 222 20.94 -48.45 31.81
CA GLU A 222 22.00 -49.27 31.18
C GLU A 222 21.49 -49.82 29.85
N ILE A 223 22.33 -49.79 28.82
CA ILE A 223 22.10 -50.50 27.53
C ILE A 223 22.82 -51.84 27.61
N ARG A 224 22.15 -52.94 27.29
CA ARG A 224 22.75 -54.30 27.36
C ARG A 224 23.06 -54.77 25.93
N ALA A 225 24.29 -55.24 25.74
CA ALA A 225 24.82 -55.74 24.46
C ALA A 225 25.82 -56.86 24.73
N SER A 226 25.91 -57.82 23.82
CA SER A 226 26.93 -58.90 23.82
C SER A 226 27.12 -59.42 22.39
N HIS A 227 28.32 -59.91 22.07
CA HIS A 227 28.69 -60.38 20.70
C HIS A 227 28.38 -59.25 19.71
N GLY A 228 28.64 -57.99 20.12
CA GLY A 228 28.53 -56.77 19.30
C GLY A 228 27.12 -56.42 18.86
N ARG A 229 26.10 -56.76 19.64
CA ARG A 229 24.66 -56.59 19.26
C ARG A 229 23.87 -56.12 20.49
N VAL A 230 22.93 -55.19 20.33
CA VAL A 230 22.03 -54.72 21.43
C VAL A 230 21.04 -55.84 21.75
N GLU A 231 20.81 -56.08 23.04
CA GLU A 231 19.82 -57.04 23.60
C GLU A 231 18.60 -56.26 24.11
N GLY A 232 18.84 -55.10 24.72
CA GLY A 232 17.76 -54.24 25.24
C GLY A 232 18.28 -53.22 26.24
N VAL A 233 17.42 -52.85 27.19
CA VAL A 233 17.64 -51.70 28.12
C VAL A 233 17.14 -52.08 29.51
N VAL A 234 17.99 -51.98 30.52
CA VAL A 234 17.60 -52.02 31.97
C VAL A 234 17.02 -50.64 32.33
N THR A 235 15.84 -50.60 32.97
CA THR A 235 15.14 -49.37 33.41
C THR A 235 15.44 -49.12 34.88
N ASP A 236 15.11 -47.93 35.38
CA ASP A 236 15.46 -47.45 36.74
C ASP A 236 14.48 -48.03 37.78
N ASP A 237 13.49 -48.79 37.35
CA ASP A 237 12.57 -49.56 38.25
C ASP A 237 13.06 -51.00 38.38
N GLY A 238 14.24 -51.36 37.83
CA GLY A 238 14.86 -52.70 37.95
C GLY A 238 14.50 -53.65 36.82
N ASP A 239 13.48 -53.32 36.01
CA ASP A 239 12.98 -54.17 34.90
C ASP A 239 14.05 -54.26 33.79
N PHE A 240 13.89 -55.19 32.85
CA PHE A 240 14.70 -55.29 31.60
C PHE A 240 13.76 -55.36 30.40
N LEU A 241 13.97 -54.52 29.38
CA LEU A 241 13.15 -54.50 28.15
C LEU A 241 14.00 -55.01 27.00
N PRO A 242 13.60 -56.13 26.35
CA PRO A 242 14.37 -56.67 25.23
C PRO A 242 14.07 -55.90 23.93
N ALA A 243 15.06 -55.76 23.04
CA ALA A 243 14.86 -55.18 21.69
C ALA A 243 16.10 -55.45 20.82
N GLY A 244 15.90 -55.48 19.50
CA GLY A 244 17.00 -55.56 18.51
C GLY A 244 17.43 -54.21 17.99
N HIS A 245 16.71 -53.15 18.38
CA HIS A 245 16.99 -51.75 17.97
C HIS A 245 16.78 -50.82 19.17
N VAL A 246 17.82 -50.05 19.54
CA VAL A 246 17.80 -48.99 20.57
C VAL A 246 18.31 -47.68 19.96
N VAL A 247 17.48 -46.63 19.99
CA VAL A 247 17.82 -45.24 19.58
C VAL A 247 17.97 -44.40 20.85
N VAL A 248 19.18 -43.91 21.11
CA VAL A 248 19.48 -43.01 22.24
C VAL A 248 19.30 -41.57 21.77
N ALA A 249 18.28 -40.91 22.31
CA ALA A 249 17.96 -39.48 22.13
C ALA A 249 17.61 -38.90 23.49
N ALA A 250 18.54 -39.06 24.43
CA ALA A 250 18.43 -38.69 25.85
C ALA A 250 19.08 -37.31 26.08
N GLY A 251 19.15 -36.47 25.06
CA GLY A 251 19.80 -35.16 25.15
C GLY A 251 21.20 -35.29 25.74
N ALA A 252 21.51 -34.45 26.73
CA ALA A 252 22.85 -34.32 27.32
C ALA A 252 23.26 -35.58 28.10
N ARG A 253 22.38 -36.55 28.30
CA ARG A 253 22.72 -37.85 28.98
C ARG A 253 23.12 -38.92 27.96
N SER A 254 23.02 -38.64 26.66
CA SER A 254 23.12 -39.64 25.57
C SER A 254 24.48 -40.38 25.59
N GLN A 255 25.58 -39.64 25.64
CA GLN A 255 26.94 -40.21 25.62
C GLN A 255 27.20 -40.99 26.91
N ARG A 256 26.89 -40.43 28.08
CA ARG A 256 27.17 -41.09 29.39
C ARG A 256 26.55 -42.50 29.37
N LEU A 257 25.44 -42.68 28.65
CA LEU A 257 24.65 -43.94 28.61
C LEU A 257 25.31 -44.96 27.68
N VAL A 258 25.76 -44.55 26.49
CA VAL A 258 26.39 -45.42 25.47
C VAL A 258 27.86 -45.69 25.83
N ALA A 259 28.55 -44.76 26.48
CA ALA A 259 30.00 -44.80 26.81
C ALA A 259 30.32 -45.90 27.83
N ALA A 260 29.32 -46.40 28.56
CA ALA A 260 29.45 -47.48 29.56
C ALA A 260 29.75 -48.81 28.86
N LEU A 261 29.34 -48.97 27.59
CA LEU A 261 29.56 -50.19 26.76
C LEU A 261 31.05 -50.34 26.44
N PRO A 262 31.55 -51.59 26.23
CA PRO A 262 33.00 -51.86 26.16
C PRO A 262 33.76 -51.07 25.09
N GLY A 263 34.80 -50.34 25.50
CA GLY A 263 35.74 -49.63 24.62
C GLY A 263 35.14 -48.40 23.94
N LEU A 264 33.94 -47.96 24.33
CA LEU A 264 33.22 -46.83 23.68
C LEU A 264 33.44 -45.51 24.43
N ALA A 265 34.07 -45.54 25.60
CA ALA A 265 34.30 -44.37 26.47
C ALA A 265 35.01 -43.26 25.68
N HIS A 266 35.88 -43.64 24.72
CA HIS A 266 36.78 -42.71 23.98
C HIS A 266 36.49 -42.77 22.47
N ARG A 267 35.33 -43.30 22.09
CA ARG A 267 34.93 -43.47 20.67
C ARG A 267 33.70 -42.63 20.35
N ILE A 268 32.85 -42.37 21.35
CA ILE A 268 31.68 -41.43 21.29
C ILE A 268 32.09 -40.11 21.93
N PRO A 269 32.15 -39.00 21.16
CA PRO A 269 32.48 -37.69 21.72
C PRO A 269 31.55 -37.31 22.89
N ARG A 270 32.14 -36.90 24.00
CA ARG A 270 31.44 -36.35 25.18
C ARG A 270 30.40 -35.31 24.76
N ILE A 271 29.29 -35.32 25.48
CA ILE A 271 28.21 -34.29 25.40
C ILE A 271 28.10 -33.69 26.79
N TYR A 272 28.26 -32.37 26.86
CA TYR A 272 28.16 -31.59 28.12
C TYR A 272 26.78 -30.91 28.12
N ASP A 273 26.45 -30.26 29.24
CA ASP A 273 25.17 -29.53 29.43
C ASP A 273 25.33 -28.06 29.05
N GLY A 274 24.70 -27.63 27.96
CA GLY A 274 24.47 -26.21 27.66
C GLY A 274 23.28 -25.71 28.46
N VAL A 275 23.52 -25.31 29.71
CA VAL A 275 22.40 -24.93 30.63
C VAL A 275 21.82 -23.59 30.15
N GLY A 276 20.54 -23.61 29.78
CA GLY A 276 19.83 -22.44 29.26
C GLY A 276 18.66 -22.07 30.14
N VAL A 277 18.50 -20.77 30.38
CA VAL A 277 17.38 -20.22 31.18
C VAL A 277 16.47 -19.40 30.26
N SER A 278 15.19 -19.60 30.43
CA SER A 278 14.12 -18.81 29.76
C SER A 278 12.99 -18.58 30.76
N ALA A 279 11.97 -17.84 30.37
CA ALA A 279 10.86 -17.51 31.27
C ALA A 279 9.57 -17.38 30.47
N LEU A 280 8.47 -17.72 31.13
CA LEU A 280 7.09 -17.42 30.69
C LEU A 280 6.60 -16.26 31.53
N VAL A 281 6.08 -15.25 30.86
CA VAL A 281 5.63 -13.99 31.49
C VAL A 281 4.20 -13.74 31.01
N ASP A 282 3.30 -13.41 31.94
CA ASP A 282 1.94 -12.90 31.61
C ASP A 282 2.05 -11.38 31.48
N THR A 283 1.82 -10.87 30.27
CA THR A 283 2.03 -9.45 29.95
C THR A 283 0.99 -8.62 30.73
N TRP A 284 1.42 -7.42 31.16
CA TRP A 284 0.62 -6.41 31.90
C TRP A 284 -0.79 -6.29 31.31
N ASP A 285 -0.95 -6.33 29.98
CA ASP A 285 -2.25 -6.03 29.30
C ASP A 285 -2.77 -7.23 28.49
N GLY A 286 -2.16 -8.40 28.60
CA GLY A 286 -2.58 -9.60 27.83
C GLY A 286 -2.08 -9.60 26.40
N SER A 287 -1.37 -8.55 25.94
CA SER A 287 -0.92 -8.43 24.53
C SER A 287 0.39 -9.22 24.33
N GLY A 288 0.82 -9.32 23.08
CA GLY A 288 2.09 -9.93 22.68
C GLY A 288 2.43 -9.51 21.25
N PRO A 289 3.67 -9.71 20.79
CA PRO A 289 4.03 -9.37 19.42
C PRO A 289 3.46 -10.42 18.45
N ALA A 290 3.24 -10.02 17.21
CA ALA A 290 2.72 -10.90 16.14
C ALA A 290 3.88 -11.69 15.52
N THR A 291 5.12 -11.19 15.64
CA THR A 291 6.31 -11.88 15.09
C THR A 291 7.22 -12.30 16.24
N VAL A 292 8.13 -13.23 15.97
CA VAL A 292 9.34 -13.40 16.82
C VAL A 292 10.08 -12.07 16.79
N LEU A 293 10.65 -11.66 17.93
CA LEU A 293 11.59 -10.52 18.03
C LEU A 293 12.89 -11.08 18.57
N ARG A 294 14.02 -10.83 17.90
CA ARG A 294 15.30 -11.39 18.34
C ARG A 294 16.44 -10.45 17.95
N THR A 295 17.55 -10.64 18.65
CA THR A 295 18.90 -10.22 18.22
C THR A 295 19.54 -11.41 17.51
N SER A 296 20.65 -11.18 16.83
CA SER A 296 21.55 -12.28 16.40
C SER A 296 22.13 -12.94 17.67
N ASN A 297 22.73 -14.11 17.51
CA ASN A 297 23.39 -14.86 18.60
C ASN A 297 24.51 -13.97 19.15
N ARG A 298 24.71 -14.02 20.47
CA ARG A 298 25.60 -13.13 21.24
C ARG A 298 26.59 -14.01 22.04
N ALA A 299 27.20 -13.45 23.09
CA ALA A 299 28.33 -14.08 23.80
C ALA A 299 28.00 -15.52 24.14
N PHE A 300 28.87 -16.45 23.72
CA PHE A 300 28.85 -17.87 24.08
C PHE A 300 27.46 -18.46 23.77
N ALA A 301 26.90 -18.08 22.62
CA ALA A 301 25.63 -18.62 22.08
C ALA A 301 24.43 -18.21 22.93
N CYS A 302 24.57 -17.31 23.91
CA CYS A 302 23.39 -16.65 24.53
C CYS A 302 22.69 -15.90 23.40
N GLY A 303 21.42 -15.61 23.53
CA GLY A 303 20.67 -14.78 22.57
C GLY A 303 19.51 -14.11 23.27
N LEU A 304 19.02 -12.99 22.75
CA LEU A 304 17.82 -12.35 23.34
C LEU A 304 16.67 -12.53 22.36
N HIS A 305 15.58 -13.14 22.79
CA HIS A 305 14.38 -13.25 21.92
C HIS A 305 13.10 -13.34 22.75
N LEU A 306 12.05 -12.96 22.06
CA LEU A 306 10.67 -13.01 22.52
C LEU A 306 9.89 -13.85 21.50
N VAL A 307 9.34 -14.98 21.96
CA VAL A 307 8.49 -15.86 21.13
C VAL A 307 7.06 -15.68 21.57
N PRO A 308 6.12 -15.32 20.67
CA PRO A 308 4.72 -15.21 21.01
C PRO A 308 4.14 -16.55 21.50
N ARG A 309 3.15 -16.45 22.39
CA ARG A 309 2.40 -17.60 22.95
C ARG A 309 0.92 -17.19 22.98
N ALA A 310 0.01 -18.16 23.01
CA ALA A 310 -1.44 -17.94 23.19
C ALA A 310 -1.74 -17.56 24.65
N GLY A 311 -2.85 -16.85 24.88
CA GLY A 311 -3.46 -16.66 26.22
C GLY A 311 -2.76 -15.61 27.08
N GLY A 312 -2.23 -14.55 26.47
CA GLY A 312 -1.64 -13.41 27.21
C GLY A 312 -0.29 -13.73 27.84
N SER A 313 0.38 -14.76 27.33
CA SER A 313 1.74 -15.18 27.74
C SER A 313 2.74 -14.80 26.63
N VAL A 314 4.00 -14.56 26.99
CA VAL A 314 5.16 -14.51 26.04
C VAL A 314 6.27 -15.36 26.63
N TYR A 315 7.09 -15.94 25.77
CA TYR A 315 8.35 -16.63 26.14
C TYR A 315 9.49 -15.63 25.93
N ILE A 316 10.38 -15.52 26.91
CA ILE A 316 11.65 -14.74 26.75
C ILE A 316 12.81 -15.69 27.04
N GLY A 317 13.82 -15.64 26.19
CA GLY A 317 15.05 -16.42 26.34
C GLY A 317 16.19 -15.70 25.67
N ALA A 318 17.38 -16.30 25.71
CA ALA A 318 17.68 -17.52 26.42
C ALA A 318 19.17 -17.47 26.73
N THR A 319 19.54 -17.63 28.00
CA THR A 319 20.94 -17.65 28.42
C THR A 319 21.52 -18.99 27.98
N ASN A 320 22.82 -19.08 27.88
CA ASN A 320 23.50 -20.36 27.61
C ASN A 320 24.81 -20.38 28.40
N ALA A 321 25.12 -21.49 29.04
CA ALA A 321 26.39 -21.66 29.78
C ALA A 321 26.73 -23.15 29.80
N VAL A 322 27.87 -23.52 29.22
CA VAL A 322 28.31 -24.93 29.23
C VAL A 322 28.79 -25.22 30.65
N CYS A 323 28.22 -26.25 31.27
CA CYS A 323 28.60 -26.80 32.59
C CYS A 323 29.13 -28.23 32.40
N LEU A 324 30.18 -28.57 33.14
CA LEU A 324 30.85 -29.87 33.09
C LEU A 324 30.04 -30.89 33.90
N GLU A 325 29.19 -30.43 34.80
CA GLU A 325 28.23 -31.26 35.57
C GLU A 325 26.83 -30.72 35.30
N PRO A 326 25.78 -31.56 35.31
CA PRO A 326 24.42 -31.08 35.10
C PRO A 326 23.94 -30.16 36.23
N ARG A 327 23.01 -29.28 35.89
CA ARG A 327 22.42 -28.27 36.81
C ARG A 327 20.98 -28.09 36.37
N GLY A 328 20.05 -28.16 37.32
CA GLY A 328 18.60 -28.20 37.03
C GLY A 328 17.92 -26.91 37.45
N ALA A 329 18.68 -25.92 37.92
CA ALA A 329 18.14 -24.65 38.46
C ALA A 329 18.91 -23.47 37.88
N ALA A 330 18.18 -22.39 37.58
CA ALA A 330 18.73 -21.10 37.13
C ALA A 330 19.58 -20.53 38.25
N SER A 331 20.69 -19.89 37.89
CA SER A 331 21.46 -18.98 38.79
C SER A 331 20.76 -17.62 38.87
N ILE A 332 21.04 -16.87 39.93
CA ILE A 332 20.53 -15.48 40.11
C ILE A 332 20.95 -14.66 38.88
N GLU A 333 22.22 -14.74 38.52
CA GLU A 333 22.86 -13.97 37.42
C GLU A 333 22.08 -14.19 36.10
N GLU A 334 21.76 -15.44 35.78
CA GLU A 334 21.06 -15.80 34.52
C GLU A 334 19.69 -15.14 34.52
N THR A 335 18.92 -15.21 35.61
CA THR A 335 17.54 -14.66 35.65
C THR A 335 17.64 -13.13 35.55
N VAL A 336 18.58 -12.51 36.25
CA VAL A 336 18.72 -11.03 36.25
C VAL A 336 19.08 -10.58 34.85
N PHE A 337 20.06 -11.22 34.21
CA PHE A 337 20.56 -10.84 32.86
C PHE A 337 19.41 -11.00 31.86
N LEU A 338 18.72 -12.14 31.86
CA LEU A 338 17.61 -12.38 30.91
C LEU A 338 16.54 -11.29 31.07
N PHE A 339 16.07 -11.03 32.28
CA PHE A 339 14.97 -10.07 32.54
C PHE A 339 15.41 -8.65 32.22
N ASN A 340 16.64 -8.29 32.60
CA ASN A 340 17.20 -6.94 32.35
C ASN A 340 17.26 -6.65 30.85
N CYS A 341 17.75 -7.60 30.05
CA CYS A 341 17.85 -7.45 28.57
C CYS A 341 16.44 -7.31 27.97
N ALA A 342 15.49 -8.16 28.33
CA ALA A 342 14.14 -8.14 27.72
C ALA A 342 13.43 -6.81 28.05
N THR A 343 13.50 -6.34 29.29
CA THR A 343 12.77 -5.13 29.72
C THR A 343 13.38 -3.89 29.07
N HIS A 344 14.69 -3.85 28.84
CA HIS A 344 15.36 -2.66 28.28
C HIS A 344 15.33 -2.69 26.74
N GLN A 345 15.60 -3.85 26.14
CA GLN A 345 15.86 -3.95 24.67
C GLN A 345 14.57 -4.24 23.89
N LEU A 346 13.57 -4.86 24.50
CA LEU A 346 12.31 -5.31 23.80
C LEU A 346 11.10 -4.51 24.28
N HIS A 347 10.72 -4.60 25.56
CA HIS A 347 9.51 -3.91 26.06
C HIS A 347 9.60 -3.59 27.55
N ARG A 348 9.55 -2.32 27.90
CA ARG A 348 9.56 -1.84 29.30
C ARG A 348 8.32 -2.33 30.06
N GLY A 349 7.22 -2.60 29.37
CA GLY A 349 5.99 -3.16 29.97
C GLY A 349 6.25 -4.51 30.63
N LEU A 350 7.28 -5.25 30.19
CA LEU A 350 7.60 -6.56 30.80
C LEU A 350 8.05 -6.35 32.25
N ASN A 351 8.51 -5.15 32.62
CA ASN A 351 9.01 -4.85 33.98
C ASN A 351 7.89 -5.11 34.99
N GLY A 352 6.68 -4.63 34.68
CA GLY A 352 5.50 -4.76 35.55
C GLY A 352 4.68 -6.00 35.27
N SER A 353 5.18 -6.91 34.42
CA SER A 353 4.43 -8.12 34.04
C SER A 353 4.72 -9.22 35.05
N GLU A 354 3.84 -10.20 35.14
CA GLU A 354 3.92 -11.28 36.15
C GLU A 354 4.80 -12.41 35.62
N LEU A 355 5.81 -12.78 36.39
CA LEU A 355 6.65 -13.97 36.14
C LEU A 355 5.82 -15.21 36.45
N ARG A 356 5.52 -16.03 35.44
CA ARG A 356 4.76 -17.29 35.67
C ARG A 356 5.74 -18.45 35.89
N LYS A 357 6.86 -18.50 35.17
CA LYS A 357 7.77 -19.67 35.27
C LYS A 357 9.17 -19.29 34.76
N VAL A 358 10.19 -19.69 35.52
CA VAL A 358 11.61 -19.70 35.11
C VAL A 358 11.92 -21.14 34.65
N GLN A 359 12.34 -21.29 33.40
CA GLN A 359 12.58 -22.61 32.77
C GLN A 359 14.08 -22.81 32.64
N VAL A 360 14.56 -24.00 32.98
CA VAL A 360 15.98 -24.40 32.80
C VAL A 360 16.01 -25.71 32.00
N GLY A 361 16.83 -25.75 30.96
CA GLY A 361 17.07 -26.96 30.16
C GLY A 361 18.52 -27.08 29.75
N SER A 362 18.97 -28.30 29.42
CA SER A 362 20.34 -28.62 28.98
C SER A 362 20.38 -28.79 27.46
N ALA A 363 20.83 -27.77 26.74
CA ALA A 363 21.23 -27.91 25.32
C ALA A 363 22.39 -28.91 25.25
N PRO A 364 22.22 -30.07 24.58
CA PRO A 364 23.29 -31.07 24.54
C PRO A 364 24.48 -30.52 23.75
N ALA A 365 25.59 -30.28 24.43
CA ALA A 365 26.77 -29.54 23.92
C ALA A 365 27.88 -30.55 23.62
N PRO A 366 28.04 -30.96 22.35
CA PRO A 366 29.07 -31.95 21.98
C PRO A 366 30.48 -31.32 22.09
N ILE A 367 31.44 -32.05 22.66
CA ILE A 367 32.80 -31.52 22.94
C ILE A 367 33.51 -31.05 21.66
N ASP A 368 33.15 -31.54 20.49
CA ASP A 368 33.79 -31.15 19.20
C ASP A 368 32.87 -30.23 18.40
N GLY A 369 31.71 -29.87 18.92
CA GLY A 369 30.84 -28.83 18.33
C GLY A 369 29.96 -29.38 17.20
N PHE A 370 29.84 -30.70 17.07
CA PHE A 370 29.01 -31.30 15.99
C PHE A 370 28.11 -32.38 16.57
N PRO A 371 26.90 -32.53 15.98
CA PRO A 371 25.92 -33.48 16.48
C PRO A 371 26.42 -34.93 16.39
N LEU A 372 25.73 -35.82 17.12
CA LEU A 372 25.93 -37.29 17.09
C LEU A 372 24.66 -37.91 16.52
N ILE A 373 24.70 -38.28 15.23
CA ILE A 373 23.53 -38.77 14.44
C ILE A 373 23.95 -40.02 13.67
N GLY A 374 23.35 -41.17 14.01
CA GLY A 374 23.41 -42.37 13.19
C GLY A 374 23.85 -43.59 13.96
N GLY A 375 24.49 -44.52 13.24
CA GLY A 375 24.78 -45.88 13.72
C GLY A 375 26.10 -45.92 14.49
N THR A 376 26.25 -46.90 15.37
CA THR A 376 27.46 -47.23 16.15
C THR A 376 28.05 -48.54 15.62
N SER A 377 29.18 -48.96 16.18
CA SER A 377 29.86 -50.26 15.94
C SER A 377 29.04 -51.39 16.55
N VAL A 378 28.09 -51.07 17.44
CA VAL A 378 27.16 -52.07 18.04
C VAL A 378 25.90 -52.17 17.17
N GLU A 379 25.59 -53.39 16.70
CA GLU A 379 24.46 -53.67 15.78
C GLU A 379 23.15 -53.31 16.49
N GLY A 380 22.29 -52.53 15.83
CA GLY A 380 20.98 -52.08 16.36
C GLY A 380 21.04 -50.87 17.28
N LEU A 381 22.23 -50.32 17.58
CA LEU A 381 22.41 -49.15 18.48
C LEU A 381 22.57 -47.88 17.66
N TRP A 382 21.60 -46.98 17.76
CA TRP A 382 21.58 -45.66 17.09
C TRP A 382 21.65 -44.55 18.15
N MET A 383 22.11 -43.37 17.74
CA MET A 383 22.24 -42.17 18.59
C MET A 383 21.67 -40.99 17.80
N LEU A 384 20.90 -40.13 18.47
CA LEU A 384 20.39 -38.86 17.90
C LEU A 384 20.49 -37.79 18.98
N SER A 385 21.58 -37.02 18.99
CA SER A 385 21.92 -36.09 20.09
C SER A 385 22.97 -35.05 19.66
N GLY A 386 23.39 -34.23 20.63
CA GLY A 386 24.43 -33.20 20.45
C GLY A 386 24.00 -32.10 19.53
N THR A 387 22.69 -31.82 19.46
CA THR A 387 22.13 -30.77 18.57
C THR A 387 22.21 -29.37 19.21
N TYR A 388 22.81 -29.23 20.39
CA TYR A 388 23.07 -27.92 21.06
C TYR A 388 21.85 -27.01 20.97
N ARG A 389 21.91 -25.92 20.21
CA ARG A 389 20.96 -24.79 20.32
C ARG A 389 20.04 -24.69 19.09
N ASP A 390 19.97 -25.71 18.24
CA ASP A 390 19.12 -25.65 17.02
C ASP A 390 18.38 -26.98 16.77
N GLY A 391 18.45 -27.94 17.71
CA GLY A 391 17.93 -29.31 17.50
C GLY A 391 16.42 -29.31 17.33
N LEU A 392 15.68 -28.37 17.92
CA LEU A 392 14.21 -28.39 17.80
C LEU A 392 13.87 -28.07 16.34
N HIS A 393 14.51 -27.05 15.77
CA HIS A 393 14.29 -26.64 14.36
C HIS A 393 14.64 -27.81 13.42
N MET A 394 15.75 -28.49 13.68
CA MET A 394 16.29 -29.55 12.80
C MET A 394 15.45 -30.83 12.94
N SER A 395 14.64 -30.97 14.01
CA SER A 395 14.06 -32.25 14.49
C SER A 395 13.40 -33.03 13.34
N PRO A 396 12.52 -32.46 12.50
CA PRO A 396 11.87 -33.27 11.46
C PRO A 396 12.88 -33.82 10.43
N LEU A 397 13.89 -33.04 10.05
CA LEU A 397 14.96 -33.48 9.13
C LEU A 397 15.80 -34.58 9.79
N LEU A 398 16.20 -34.41 11.04
CA LEU A 398 17.08 -35.38 11.75
C LEU A 398 16.32 -36.70 11.98
N ALA A 399 15.04 -36.62 12.28
CA ALA A 399 14.16 -37.78 12.51
C ALA A 399 14.08 -38.59 11.23
N ARG A 400 13.73 -37.95 10.10
CA ARG A 400 13.62 -38.59 8.76
C ARG A 400 14.96 -39.24 8.39
N HIS A 401 16.08 -38.58 8.70
CA HIS A 401 17.43 -39.11 8.37
C HIS A 401 17.65 -40.42 9.11
N VAL A 402 17.45 -40.44 10.42
CA VAL A 402 17.78 -41.62 11.26
C VAL A 402 16.85 -42.77 10.87
N VAL A 403 15.58 -42.48 10.58
CA VAL A 403 14.54 -43.49 10.20
C VAL A 403 14.91 -44.11 8.85
N SER A 404 15.37 -43.31 7.90
CA SER A 404 15.88 -43.80 6.59
C SER A 404 17.09 -44.72 6.81
N LEU A 405 18.06 -44.33 7.64
CA LEU A 405 19.25 -45.18 7.95
C LEU A 405 18.80 -46.52 8.53
N MET A 406 17.86 -46.51 9.48
CA MET A 406 17.38 -47.73 10.18
C MET A 406 16.70 -48.69 9.20
N ASP A 407 16.17 -48.16 8.09
CA ASP A 407 15.40 -48.88 7.04
C ASP A 407 16.33 -49.35 5.91
N GLY A 408 17.63 -49.08 5.98
CA GLY A 408 18.61 -49.47 4.94
C GLY A 408 18.86 -48.37 3.92
N GLY A 409 18.24 -47.19 4.09
CA GLY A 409 18.44 -46.02 3.21
C GLY A 409 19.71 -45.26 3.54
N THR A 410 19.94 -44.14 2.85
CA THR A 410 21.15 -43.28 3.01
C THR A 410 20.79 -41.99 3.75
N GLY A 411 19.49 -41.74 3.99
CA GLY A 411 19.00 -40.55 4.69
C GLY A 411 19.31 -39.28 3.93
N VAL A 412 19.70 -38.22 4.62
CA VAL A 412 20.00 -36.87 4.07
C VAL A 412 21.51 -36.78 3.84
N ASP A 413 21.92 -36.29 2.68
CA ASP A 413 23.37 -36.20 2.33
C ASP A 413 23.98 -35.08 3.17
N GLY A 414 25.17 -35.31 3.72
CA GLY A 414 25.92 -34.30 4.47
C GLY A 414 25.70 -34.40 5.97
N LEU A 415 24.70 -35.17 6.41
CA LEU A 415 24.52 -35.55 7.85
C LEU A 415 25.34 -36.81 8.15
N ARG A 416 26.01 -37.35 7.14
CA ARG A 416 26.76 -38.64 7.26
C ARG A 416 28.03 -38.38 8.09
N GLU A 417 28.66 -37.22 7.92
CA GLU A 417 29.90 -36.81 8.63
C GLU A 417 29.69 -36.73 10.15
N PHE A 418 28.45 -36.74 10.65
CA PHE A 418 28.12 -36.56 12.10
C PHE A 418 27.85 -37.90 12.78
N ARG A 419 28.28 -39.01 12.18
CA ARG A 419 28.15 -40.36 12.75
C ARG A 419 28.67 -40.30 14.18
N PRO A 420 27.99 -40.95 15.14
CA PRO A 420 28.30 -40.76 16.55
C PRO A 420 29.65 -41.33 16.97
N GLU A 421 30.14 -42.36 16.29
CA GLU A 421 31.37 -43.08 16.68
C GLU A 421 32.50 -42.55 15.80
N ARG A 422 33.34 -41.67 16.34
CA ARG A 422 34.30 -40.86 15.56
C ARG A 422 35.38 -40.32 16.48
N ASP A 423 36.54 -40.05 15.92
CA ASP A 423 37.56 -39.13 16.46
C ASP A 423 36.88 -37.76 16.58
N LEU A 424 37.28 -36.95 17.57
CA LEU A 424 36.81 -35.55 17.71
C LEU A 424 37.17 -34.80 16.43
N ILE A 425 36.18 -34.18 15.80
CA ILE A 425 36.35 -33.26 14.64
C ILE A 425 37.14 -32.01 15.10
N SER A 426 38.02 -31.49 14.25
CA SER A 426 38.72 -30.19 14.42
C SER A 426 38.33 -29.27 13.26
N ALA A 427 37.25 -28.51 13.40
CA ALA A 427 36.70 -27.64 12.33
C ALA A 427 37.39 -26.29 12.32
N TRP A 428 38.10 -25.93 13.40
CA TRP A 428 38.70 -24.58 13.55
C TRP A 428 40.13 -24.70 14.06
N SER A 429 41.02 -23.83 13.58
CA SER A 429 42.39 -23.69 14.12
C SER A 429 42.29 -23.22 15.58
N ARG A 430 43.26 -23.63 16.38
CA ARG A 430 43.48 -23.12 17.75
C ARG A 430 43.44 -21.59 17.73
N GLU A 431 44.10 -20.97 16.76
CA GLU A 431 44.21 -19.50 16.61
C GLU A 431 42.82 -18.89 16.45
N GLU A 432 41.97 -19.45 15.58
CA GLU A 432 40.59 -18.95 15.33
C GLU A 432 39.79 -19.01 16.65
N ILE A 433 39.96 -20.09 17.42
CA ILE A 433 39.15 -20.34 18.65
C ILE A 433 39.61 -19.37 19.75
N LEU A 434 40.91 -19.13 19.85
CA LEU A 434 41.48 -18.22 20.87
C LEU A 434 41.02 -16.78 20.58
N ASP A 435 40.97 -16.36 19.32
CA ASP A 435 40.40 -15.04 18.94
C ASP A 435 38.91 -15.01 19.33
N ASP A 436 38.17 -16.08 19.08
CA ASP A 436 36.71 -16.15 19.34
C ASP A 436 36.45 -16.03 20.85
N VAL A 437 37.18 -16.80 21.68
CA VAL A 437 36.92 -16.89 23.14
C VAL A 437 37.21 -15.53 23.80
N VAL A 438 38.22 -14.80 23.34
CA VAL A 438 38.56 -13.45 23.86
C VAL A 438 37.45 -12.48 23.44
N ARG A 439 37.02 -12.54 22.18
CA ARG A 439 35.96 -11.67 21.64
C ARG A 439 34.68 -11.88 22.48
N HIS A 440 34.27 -13.13 22.66
CA HIS A 440 33.01 -13.49 23.38
C HIS A 440 33.15 -13.09 24.85
N THR A 441 34.32 -13.26 25.46
CA THR A 441 34.57 -12.83 26.85
C THR A 441 34.31 -11.31 26.94
N MET A 442 34.90 -10.54 26.04
CA MET A 442 34.70 -9.07 26.03
C MET A 442 33.22 -8.76 25.82
N ALA A 443 32.54 -9.56 25.01
CA ALA A 443 31.10 -9.31 24.68
C ALA A 443 30.22 -9.50 25.94
N THR A 444 30.59 -10.36 26.89
CA THR A 444 29.84 -10.49 28.17
C THR A 444 29.82 -9.14 28.88
N GLY A 445 30.85 -8.30 28.70
CA GLY A 445 30.91 -6.96 29.28
C GLY A 445 29.98 -6.02 28.56
N TYR A 446 30.05 -5.97 27.24
CA TYR A 446 29.30 -4.98 26.44
C TYR A 446 27.81 -5.31 26.46
N GLU A 447 27.46 -6.58 26.67
CA GLU A 447 26.06 -7.07 26.70
C GLU A 447 25.39 -6.77 28.05
N PHE A 448 26.15 -6.46 29.08
CA PHE A 448 25.64 -6.32 30.46
C PHE A 448 24.59 -5.19 30.53
N PRO A 449 24.79 -3.97 30.02
CA PRO A 449 26.08 -3.45 29.55
C PRO A 449 26.88 -2.85 30.72
N TRP A 450 28.20 -2.96 30.69
CA TRP A 450 29.07 -2.40 31.74
C TRP A 450 29.30 -0.90 31.49
N ARG A 451 29.71 -0.18 32.54
CA ARG A 451 30.19 1.21 32.41
C ARG A 451 31.55 1.23 33.10
N LEU A 452 32.62 1.47 32.36
CA LEU A 452 34.00 1.38 32.85
C LEU A 452 34.81 2.59 32.39
N PRO A 453 35.97 2.87 33.00
CA PRO A 453 36.93 3.81 32.42
C PRO A 453 37.33 3.28 31.03
N LEU A 454 37.56 4.20 30.11
CA LEU A 454 37.74 3.90 28.67
C LEU A 454 39.03 3.10 28.41
N GLU A 455 40.01 3.11 29.30
CA GLU A 455 41.29 2.38 29.08
C GLU A 455 41.09 0.88 29.41
N TRP A 456 40.06 0.55 30.19
CA TRP A 456 39.96 -0.79 30.84
C TRP A 456 39.71 -1.88 29.80
N PRO A 457 38.75 -1.72 28.85
CA PRO A 457 38.51 -2.75 27.84
C PRO A 457 39.77 -3.17 27.04
N HIS A 458 40.60 -2.24 26.60
CA HIS A 458 41.88 -2.58 25.90
C HIS A 458 42.81 -3.35 26.85
N MET A 459 42.93 -2.91 28.10
CA MET A 459 43.69 -3.62 29.15
C MET A 459 43.22 -5.09 29.23
N MET A 460 41.91 -5.33 29.31
CA MET A 460 41.35 -6.68 29.54
C MET A 460 41.59 -7.55 28.28
N GLU A 461 41.39 -6.99 27.07
CA GLU A 461 41.68 -7.70 25.80
C GLU A 461 43.12 -8.22 25.85
N THR A 462 44.09 -7.36 26.16
CA THR A 462 45.53 -7.72 26.20
C THR A 462 45.77 -8.86 27.20
N PHE A 463 45.23 -8.78 28.42
CA PHE A 463 45.59 -9.69 29.55
C PHE A 463 44.82 -11.01 29.50
N LEU A 464 43.79 -11.12 28.65
CA LEU A 464 42.98 -12.35 28.48
C LEU A 464 43.67 -13.33 27.52
N GLN A 465 44.45 -12.80 26.54
CA GLN A 465 45.03 -13.60 25.43
C GLN A 465 45.96 -14.68 25.96
N GLY A 466 46.90 -14.29 26.83
CA GLY A 466 47.91 -15.18 27.41
C GLY A 466 47.28 -16.38 28.11
N PRO A 467 46.45 -16.16 29.16
CA PRO A 467 45.90 -17.28 29.92
C PRO A 467 45.08 -18.30 29.11
N PHE A 468 44.35 -17.83 28.08
CA PHE A 468 43.56 -18.72 27.19
C PHE A 468 44.50 -19.52 26.27
N ALA A 469 45.53 -18.87 25.72
CA ALA A 469 46.59 -19.51 24.91
C ALA A 469 47.30 -20.60 25.73
N GLU A 470 47.60 -20.32 26.99
CA GLU A 470 48.29 -21.26 27.92
C GLU A 470 47.38 -22.47 28.20
N LEU A 471 46.08 -22.24 28.37
CA LEU A 471 45.10 -23.33 28.64
C LEU A 471 45.00 -24.25 27.41
N ALA A 472 44.85 -23.69 26.22
CA ALA A 472 44.70 -24.46 24.97
C ALA A 472 45.93 -25.37 24.74
N ASP A 473 47.14 -24.85 24.98
CA ASP A 473 48.42 -25.58 24.79
C ASP A 473 48.50 -26.73 25.80
N ARG A 474 48.09 -26.48 27.04
CA ARG A 474 48.19 -27.45 28.16
C ARG A 474 47.18 -28.58 28.00
N LEU A 475 46.05 -28.33 27.32
CA LEU A 475 44.89 -29.28 27.27
C LEU A 475 45.23 -30.47 26.35
N SER A 476 45.88 -30.21 25.21
CA SER A 476 46.15 -31.22 24.16
C SER A 476 47.02 -30.59 23.09
N ASP A 477 47.86 -31.40 22.44
CA ASP A 477 48.71 -31.00 21.29
C ASP A 477 47.89 -30.99 20.02
N THR A 478 46.71 -31.60 20.02
CA THR A 478 45.96 -31.90 18.77
C THR A 478 44.55 -31.32 18.83
N TYR A 479 43.79 -31.55 19.90
CA TYR A 479 42.37 -31.11 20.03
C TYR A 479 42.30 -29.73 20.72
N THR A 480 41.40 -28.88 20.23
CA THR A 480 41.03 -27.60 20.85
C THR A 480 39.52 -27.55 21.05
N PRO A 481 39.02 -27.38 22.30
CA PRO A 481 37.59 -27.22 22.53
C PRO A 481 37.07 -25.93 21.90
N PRO A 482 35.86 -25.92 21.33
CA PRO A 482 35.26 -24.68 20.85
C PRO A 482 35.04 -23.68 22.00
N ALA A 483 34.87 -22.40 21.67
CA ALA A 483 34.92 -21.26 22.62
C ALA A 483 33.97 -21.47 23.80
N ASP A 484 32.71 -21.85 23.53
CA ASP A 484 31.64 -22.02 24.54
C ASP A 484 32.15 -22.96 25.64
N LEU A 485 32.84 -24.03 25.25
CA LEU A 485 33.36 -25.04 26.18
C LEU A 485 34.70 -24.56 26.76
N MET A 486 35.52 -23.88 25.98
CA MET A 486 36.84 -23.43 26.49
C MET A 486 36.67 -22.51 27.72
N THR A 487 35.71 -21.59 27.71
CA THR A 487 35.50 -20.66 28.85
C THR A 487 35.05 -21.47 30.09
N ALA A 488 34.15 -22.45 29.94
CA ALA A 488 33.76 -23.35 31.04
C ALA A 488 34.99 -24.09 31.60
N ILE A 489 35.90 -24.53 30.74
CA ILE A 489 37.14 -25.26 31.19
C ILE A 489 38.07 -24.28 31.91
N MET A 490 38.26 -23.08 31.34
CA MET A 490 39.12 -22.03 31.96
C MET A 490 38.74 -21.81 33.43
N PHE A 491 37.46 -21.84 33.78
CA PHE A 491 36.96 -21.44 35.12
C PHE A 491 36.46 -22.66 35.89
N SER A 492 36.87 -23.85 35.49
CA SER A 492 36.58 -25.13 36.19
C SER A 492 37.68 -25.39 37.22
N GLU A 493 37.52 -26.41 38.05
CA GLU A 493 38.53 -26.80 39.07
C GLU A 493 39.77 -27.38 38.35
N ARG A 494 40.94 -27.29 38.98
CA ARG A 494 42.20 -27.93 38.50
C ARG A 494 41.95 -29.43 38.17
N GLU A 495 41.25 -30.16 39.06
CA GLU A 495 40.97 -31.62 38.90
C GLU A 495 40.20 -31.86 37.60
N GLN A 496 39.21 -31.01 37.30
CA GLN A 496 38.32 -31.12 36.11
C GLN A 496 39.13 -30.85 34.85
N GLN A 497 40.06 -29.90 34.88
CA GLN A 497 40.99 -29.61 33.76
C GLN A 497 41.87 -30.84 33.52
N ASP A 498 42.44 -31.41 34.58
CA ASP A 498 43.36 -32.59 34.54
C ASP A 498 42.60 -33.79 33.94
N GLU A 499 41.37 -34.03 34.39
CA GLU A 499 40.52 -35.15 33.89
C GLU A 499 40.30 -34.96 32.37
N LEU A 500 40.14 -33.74 31.89
CA LEU A 500 39.95 -33.44 30.44
C LEU A 500 41.25 -33.64 29.66
N ILE A 501 42.42 -33.35 30.25
CA ILE A 501 43.73 -33.62 29.57
C ILE A 501 43.84 -35.14 29.34
N ALA A 502 43.50 -35.94 30.36
CA ALA A 502 43.48 -37.42 30.33
C ALA A 502 42.49 -37.88 29.26
N TYR A 503 41.28 -37.33 29.24
CA TYR A 503 40.23 -37.70 28.25
C TYR A 503 40.77 -37.46 26.84
N TYR A 504 41.31 -36.27 26.57
CA TYR A 504 41.82 -35.88 25.22
C TYR A 504 42.96 -36.82 24.81
N ALA A 505 43.82 -37.19 25.74
CA ALA A 505 44.98 -38.10 25.53
C ALA A 505 44.46 -39.50 25.17
N ASP A 506 43.51 -40.05 25.95
CA ASP A 506 42.89 -41.38 25.70
C ASP A 506 42.19 -41.39 24.34
N VAL A 507 41.60 -40.28 23.88
CA VAL A 507 40.91 -40.21 22.56
C VAL A 507 41.98 -40.23 21.47
N HIS A 508 43.13 -39.57 21.66
CA HIS A 508 44.25 -39.57 20.68
C HIS A 508 44.80 -41.00 20.50
N ARG A 509 45.03 -41.70 21.60
CA ARG A 509 45.47 -43.12 21.66
C ARG A 509 44.52 -43.99 20.84
N GLU A 510 43.22 -43.88 21.11
CA GLU A 510 42.14 -44.72 20.52
C GLU A 510 42.08 -44.57 18.99
N TRP A 511 42.38 -43.38 18.45
CA TRP A 511 42.07 -43.03 17.03
C TRP A 511 43.33 -42.85 16.18
N HIS A 512 44.50 -42.73 16.81
CA HIS A 512 45.82 -42.58 16.12
C HIS A 512 46.77 -43.68 16.60
N GLN B 31 -23.78 -24.09 70.24
CA GLN B 31 -22.46 -24.77 70.38
C GLN B 31 -21.54 -23.94 71.27
N THR B 32 -20.56 -24.57 71.93
CA THR B 32 -19.33 -23.95 72.47
C THR B 32 -18.15 -24.12 71.50
N ASP B 33 -18.36 -24.82 70.37
CA ASP B 33 -17.46 -25.02 69.22
C ASP B 33 -16.81 -23.71 68.79
N VAL B 34 -15.51 -23.73 68.47
CA VAL B 34 -14.72 -22.57 67.97
C VAL B 34 -14.24 -22.89 66.54
N ILE B 35 -14.47 -21.98 65.60
CA ILE B 35 -13.90 -22.05 64.23
C ILE B 35 -12.87 -20.92 64.05
N VAL B 36 -11.63 -21.27 63.75
CA VAL B 36 -10.58 -20.31 63.32
C VAL B 36 -10.56 -20.34 61.78
N VAL B 37 -10.84 -19.20 61.13
CA VAL B 37 -10.79 -19.08 59.66
C VAL B 37 -9.40 -18.56 59.26
N GLY B 38 -8.52 -19.44 58.76
CA GLY B 38 -7.21 -19.08 58.24
C GLY B 38 -6.11 -19.89 58.85
N ASN B 39 -5.16 -20.33 58.03
CA ASN B 39 -4.11 -21.30 58.45
C ASN B 39 -2.73 -20.66 58.28
N GLY B 40 -2.63 -19.34 58.39
CA GLY B 40 -1.34 -18.64 58.51
C GLY B 40 -0.82 -18.77 59.92
N VAL B 41 0.27 -18.08 60.24
CA VAL B 41 0.84 -18.11 61.62
C VAL B 41 -0.20 -17.59 62.62
N LEU B 42 -1.03 -16.62 62.27
CA LEU B 42 -1.94 -16.01 63.28
C LEU B 42 -3.06 -16.99 63.60
N GLY B 43 -3.75 -17.50 62.58
CA GLY B 43 -4.79 -18.55 62.74
C GLY B 43 -4.29 -19.69 63.59
N LEU B 44 -3.19 -20.32 63.18
CA LEU B 44 -2.65 -21.52 63.86
C LEU B 44 -2.17 -21.17 65.27
N SER B 45 -1.61 -19.99 65.48
CA SER B 45 -1.09 -19.59 66.81
C SER B 45 -2.30 -19.46 67.75
N VAL B 46 -3.37 -18.83 67.30
CA VAL B 46 -4.60 -18.62 68.11
C VAL B 46 -5.27 -19.99 68.29
N GLY B 47 -5.34 -20.82 67.24
CA GLY B 47 -5.85 -22.20 67.30
C GLY B 47 -5.14 -22.98 68.39
N VAL B 48 -3.81 -22.93 68.41
CA VAL B 48 -3.01 -23.68 69.40
C VAL B 48 -3.33 -23.17 70.81
N GLU B 49 -3.40 -21.85 71.02
CA GLU B 49 -3.60 -21.27 72.38
C GLU B 49 -5.02 -21.57 72.87
N ILE B 50 -6.03 -21.57 71.99
CA ILE B 50 -7.43 -21.91 72.36
C ILE B 50 -7.48 -23.39 72.76
N ALA B 51 -7.01 -24.29 71.90
CA ALA B 51 -7.04 -25.75 72.13
C ALA B 51 -6.33 -26.10 73.45
N ARG B 52 -5.23 -25.44 73.78
CA ARG B 52 -4.40 -25.76 74.98
C ARG B 52 -5.07 -25.20 76.25
N THR B 53 -5.84 -24.10 76.16
CA THR B 53 -6.42 -23.38 77.32
C THR B 53 -7.85 -23.85 77.62
N ARG B 54 -8.56 -24.39 76.64
CA ARG B 54 -9.95 -24.91 76.74
C ARG B 54 -10.00 -26.34 76.19
N PRO B 55 -9.48 -27.36 76.92
CA PRO B 55 -9.50 -28.74 76.43
C PRO B 55 -10.93 -29.29 76.28
N ASP B 56 -11.90 -28.65 76.95
CA ASP B 56 -13.35 -28.93 76.89
C ASP B 56 -13.91 -28.70 75.47
N VAL B 57 -13.46 -27.65 74.75
CA VAL B 57 -14.13 -27.16 73.52
C VAL B 57 -13.49 -27.78 72.28
N ARG B 58 -14.28 -27.92 71.21
CA ARG B 58 -13.87 -28.35 69.86
C ARG B 58 -13.45 -27.11 69.05
N VAL B 59 -12.18 -27.06 68.66
CA VAL B 59 -11.57 -25.99 67.80
C VAL B 59 -11.29 -26.59 66.41
N THR B 60 -11.92 -26.03 65.38
CA THR B 60 -11.74 -26.38 63.96
C THR B 60 -11.05 -25.20 63.24
N LEU B 61 -9.98 -25.47 62.51
CA LEU B 61 -9.20 -24.45 61.77
C LEU B 61 -9.33 -24.73 60.26
N LEU B 62 -9.84 -23.76 59.51
CA LEU B 62 -10.10 -23.81 58.04
C LEU B 62 -8.90 -23.22 57.28
N GLY B 63 -8.78 -23.52 55.98
CA GLY B 63 -7.69 -23.09 55.09
C GLY B 63 -6.99 -24.28 54.46
N LYS B 64 -6.44 -24.10 53.25
CA LYS B 64 -5.90 -25.18 52.39
C LYS B 64 -4.38 -25.20 52.44
N PRO B 65 -3.71 -26.34 52.15
CA PRO B 65 -2.26 -26.40 52.18
C PRO B 65 -1.55 -25.49 51.15
N ALA B 66 -2.26 -25.08 50.08
CA ALA B 66 -1.74 -24.15 49.03
C ALA B 66 -1.41 -22.78 49.65
N ARG B 67 -2.13 -22.35 50.69
CA ARG B 67 -1.97 -21.05 51.39
C ARG B 67 -1.89 -19.95 50.34
N GLN B 68 -2.91 -19.84 49.48
CA GLN B 68 -2.95 -18.82 48.41
C GLN B 68 -2.83 -17.42 49.04
N TYR B 69 -1.91 -16.60 48.52
CA TYR B 69 -1.59 -15.21 48.97
C TYR B 69 -1.01 -15.20 50.39
N GLY B 70 -0.68 -16.36 50.97
CA GLY B 70 -0.21 -16.46 52.35
C GLY B 70 1.08 -15.67 52.55
N ALA B 71 1.07 -14.67 53.43
CA ALA B 71 2.29 -13.95 53.86
C ALA B 71 3.27 -14.90 54.55
N THR B 72 2.78 -15.74 55.47
CA THR B 72 3.62 -16.54 56.39
C THR B 72 4.63 -17.37 55.60
N PRO B 73 4.26 -18.18 54.58
CA PRO B 73 5.22 -19.00 53.85
C PRO B 73 6.31 -18.17 53.13
N ALA B 74 5.98 -16.93 52.76
CA ALA B 74 6.88 -16.00 52.01
C ALA B 74 7.80 -15.23 52.96
N ALA B 75 7.58 -15.32 54.28
CA ALA B 75 8.38 -14.61 55.31
C ALA B 75 9.59 -15.49 55.69
N GLY B 76 10.65 -14.85 56.15
CA GLY B 76 11.97 -15.50 56.32
C GLY B 76 11.98 -16.52 57.46
N ALA B 77 11.78 -16.06 58.70
CA ALA B 77 11.35 -14.71 59.00
C ALA B 77 12.16 -14.20 60.18
N MET B 78 12.30 -12.88 60.22
CA MET B 78 13.03 -12.18 61.31
C MET B 78 12.09 -12.01 62.51
N LEU B 79 12.56 -12.28 63.72
CA LEU B 79 11.91 -11.88 64.99
C LEU B 79 12.33 -10.44 65.30
N GLY B 80 11.86 -9.50 64.48
CA GLY B 80 12.29 -8.09 64.50
C GLY B 80 11.68 -7.30 65.65
N ALA B 81 12.54 -6.69 66.46
CA ALA B 81 12.18 -5.69 67.49
C ALA B 81 13.01 -4.42 67.27
N PHE B 82 14.28 -4.43 67.65
CA PHE B 82 15.19 -3.29 67.47
C PHE B 82 15.47 -3.08 65.97
N GLY B 83 15.71 -4.15 65.21
CA GLY B 83 15.91 -4.09 63.73
C GLY B 83 14.78 -3.38 63.00
N GLU B 84 13.55 -3.40 63.53
CA GLU B 84 12.36 -2.82 62.85
C GLU B 84 12.21 -1.33 63.17
N VAL B 85 13.01 -0.81 64.10
CA VAL B 85 12.96 0.63 64.52
C VAL B 85 13.31 1.52 63.33
N THR B 86 12.52 2.58 63.14
CA THR B 86 12.76 3.69 62.19
C THR B 86 12.62 5.02 62.95
N ALA B 87 13.23 6.10 62.46
CA ALA B 87 13.07 7.46 63.01
C ALA B 87 11.58 7.84 63.03
N HIS B 88 10.84 7.54 61.95
CA HIS B 88 9.39 7.83 61.77
C HIS B 88 8.56 7.14 62.89
N ALA B 89 8.82 5.86 63.16
CA ALA B 89 8.15 5.05 64.20
C ALA B 89 8.37 5.69 65.57
N LEU B 90 9.63 5.97 65.94
CA LEU B 90 10.02 6.50 67.27
C LEU B 90 9.53 7.94 67.48
N ALA B 91 8.98 8.60 66.46
CA ALA B 91 8.56 10.01 66.51
C ALA B 91 7.07 10.15 66.84
N SER B 92 6.32 9.04 66.89
CA SER B 92 4.88 9.03 67.25
C SER B 92 4.67 8.21 68.53
N GLU B 93 3.60 8.53 69.26
CA GLU B 93 3.15 7.74 70.44
C GLU B 93 2.82 6.31 69.96
N HIS B 94 2.03 6.18 68.87
CA HIS B 94 1.58 4.90 68.25
C HIS B 94 2.81 4.01 67.95
N GLY B 95 3.87 4.58 67.37
CA GLY B 95 5.11 3.87 67.03
C GLY B 95 5.88 3.39 68.25
N ARG B 96 5.97 4.21 69.32
CA ARG B 96 6.69 3.83 70.57
C ARG B 96 5.93 2.67 71.24
N LYS B 97 4.60 2.65 71.15
CA LYS B 97 3.77 1.52 71.67
C LYS B 97 4.08 0.23 70.88
N LYS B 98 4.10 0.30 69.55
CA LYS B 98 4.40 -0.86 68.65
C LYS B 98 5.77 -1.42 69.04
N HIS B 99 6.76 -0.57 69.22
CA HIS B 99 8.13 -1.02 69.55
C HIS B 99 8.11 -1.77 70.90
N ALA B 100 7.41 -1.21 71.90
CA ALA B 100 7.28 -1.80 73.25
C ALA B 100 6.63 -3.20 73.13
N LEU B 101 5.57 -3.32 72.33
CA LEU B 101 4.90 -4.62 72.11
C LEU B 101 5.85 -5.62 71.46
N ALA B 102 6.72 -5.16 70.56
CA ALA B 102 7.68 -6.03 69.85
C ALA B 102 8.70 -6.55 70.85
N VAL B 103 9.13 -5.70 71.79
CA VAL B 103 10.09 -6.11 72.86
C VAL B 103 9.42 -7.17 73.73
N GLN B 104 8.12 -6.99 74.04
CA GLN B 104 7.32 -7.92 74.88
C GLN B 104 7.18 -9.26 74.14
N ALA B 105 6.84 -9.23 72.86
CA ALA B 105 6.72 -10.44 71.99
C ALA B 105 8.06 -11.20 71.99
N GLN B 106 9.18 -10.50 71.89
CA GLN B 106 10.54 -11.13 71.86
C GLN B 106 10.70 -12.03 73.08
N ARG B 107 10.22 -11.61 74.25
CA ARG B 107 10.41 -12.33 75.54
C ARG B 107 9.63 -13.66 75.52
N LEU B 108 8.58 -13.79 74.70
CA LEU B 108 7.76 -15.03 74.65
C LEU B 108 8.38 -16.10 73.74
N TRP B 109 9.26 -15.74 72.81
CA TRP B 109 9.64 -16.66 71.70
C TRP B 109 10.38 -17.89 72.21
N PRO B 110 11.37 -17.81 73.12
CA PRO B 110 12.10 -19.00 73.58
C PRO B 110 11.20 -20.14 74.11
N GLU B 111 10.23 -19.82 74.98
CA GLU B 111 9.32 -20.79 75.61
C GLU B 111 8.29 -21.28 74.58
N TRP B 112 7.78 -20.38 73.74
CA TRP B 112 6.80 -20.68 72.66
C TRP B 112 7.41 -21.72 71.71
N ILE B 113 8.65 -21.54 71.29
CA ILE B 113 9.38 -22.48 70.41
C ILE B 113 9.56 -23.82 71.15
N GLU B 114 10.04 -23.79 72.40
CA GLU B 114 10.22 -24.99 73.27
C GLU B 114 8.90 -25.76 73.29
N SER B 115 7.78 -25.08 73.52
CA SER B 115 6.44 -25.69 73.64
C SER B 115 5.99 -26.27 72.30
N LEU B 116 6.47 -25.76 71.16
CA LEU B 116 6.06 -26.25 69.81
C LEU B 116 6.98 -27.39 69.36
N GLU B 117 8.27 -27.33 69.66
CA GLU B 117 9.23 -28.40 69.29
C GLU B 117 8.97 -29.65 70.15
N ALA B 118 8.40 -29.47 71.35
CA ALA B 118 8.12 -30.56 72.33
C ALA B 118 7.09 -31.55 71.78
N THR B 119 6.21 -31.15 70.84
CA THR B 119 5.18 -32.02 70.23
C THR B 119 5.75 -32.81 69.05
N GLY B 120 7.05 -32.65 68.74
CA GLY B 120 7.72 -33.30 67.60
C GLY B 120 8.92 -34.10 68.05
N THR B 121 9.78 -34.53 67.10
CA THR B 121 11.00 -35.37 67.32
C THR B 121 12.20 -34.71 66.63
N ALA B 122 13.42 -35.23 66.86
CA ALA B 122 14.68 -34.69 66.31
C ALA B 122 14.56 -34.43 64.80
N ALA B 123 13.90 -35.33 64.07
CA ALA B 123 13.90 -35.33 62.59
C ALA B 123 13.02 -34.20 62.02
N ASP B 124 12.24 -33.51 62.86
CA ASP B 124 11.24 -32.51 62.40
C ASP B 124 11.91 -31.18 62.06
N GLY B 125 13.12 -30.97 62.59
CA GLY B 125 13.90 -29.76 62.28
C GLY B 125 13.65 -28.64 63.28
N ARG B 126 14.59 -27.70 63.32
CA ARG B 126 14.63 -26.61 64.32
C ARG B 126 13.87 -25.42 63.76
N ILE B 127 13.00 -24.82 64.58
CA ILE B 127 12.24 -23.58 64.23
C ILE B 127 13.23 -22.42 64.18
N LYS B 128 14.10 -22.29 65.17
CA LYS B 128 15.07 -21.17 65.32
C LYS B 128 16.20 -21.41 64.32
N THR B 129 16.54 -20.43 63.50
CA THR B 129 17.66 -20.52 62.53
C THR B 129 18.82 -19.58 62.92
N ALA B 130 18.57 -18.55 63.72
CA ALA B 130 19.63 -17.66 64.26
C ALA B 130 19.19 -17.03 65.58
N ASP B 131 20.16 -16.73 66.45
CA ASP B 131 19.91 -16.03 67.74
C ASP B 131 20.12 -14.52 67.58
N ASP B 132 21.04 -14.11 66.69
CA ASP B 132 21.53 -12.71 66.59
C ASP B 132 21.27 -12.14 65.19
N THR B 133 21.34 -10.82 65.09
CA THR B 133 21.07 -10.02 63.87
C THR B 133 22.21 -9.01 63.73
N VAL B 134 22.71 -8.83 62.50
CA VAL B 134 23.64 -7.72 62.19
C VAL B 134 22.90 -6.76 61.26
N VAL B 135 22.77 -5.50 61.67
CA VAL B 135 22.21 -4.40 60.84
C VAL B 135 23.38 -3.70 60.14
N LEU B 136 23.28 -3.58 58.81
CA LEU B 136 24.36 -3.01 57.97
C LEU B 136 23.88 -1.67 57.43
N LEU B 137 24.78 -0.70 57.40
CA LEU B 137 24.54 0.61 56.77
C LEU B 137 25.46 0.76 55.56
N ASN B 138 24.86 0.92 54.37
CA ASN B 138 25.57 1.15 53.09
C ASN B 138 24.95 2.38 52.44
N THR B 139 25.49 2.81 51.29
CA THR B 139 25.06 4.09 50.66
C THR B 139 24.14 3.78 49.49
N VAL B 140 23.63 2.56 49.41
CA VAL B 140 22.71 2.18 48.30
C VAL B 140 21.29 2.48 48.76
N GLY B 141 21.02 3.76 49.03
CA GLY B 141 19.72 4.20 49.54
C GLY B 141 19.72 5.67 49.87
N HIS B 142 18.58 6.18 50.29
CA HIS B 142 18.37 7.60 50.68
C HIS B 142 18.99 7.81 52.06
N SER B 143 19.80 8.85 52.25
CA SER B 143 20.32 9.30 53.57
C SER B 143 19.15 9.59 54.51
N ALA B 144 18.07 10.16 53.97
CA ALA B 144 16.89 10.59 54.77
C ALA B 144 16.19 9.39 55.41
N LEU B 145 16.38 8.17 54.90
CA LEU B 145 15.81 6.94 55.51
C LEU B 145 16.90 6.17 56.24
N ASP B 146 17.93 5.74 55.50
CA ASP B 146 18.93 4.77 56.01
C ASP B 146 19.73 5.39 57.16
N ASP B 147 20.20 6.66 57.04
CA ASP B 147 21.04 7.29 58.10
C ASP B 147 20.17 7.54 59.34
N ALA B 148 18.97 8.10 59.15
CA ALA B 148 18.02 8.40 60.25
C ALA B 148 17.67 7.09 60.96
N ASN B 149 17.43 6.01 60.21
CA ASN B 149 16.92 4.74 60.78
C ASN B 149 18.04 4.03 61.57
N PHE B 150 19.27 4.09 61.09
CA PHE B 150 20.42 3.46 61.78
C PHE B 150 20.63 4.14 63.13
N ALA B 151 20.65 5.47 63.16
CA ALA B 151 20.72 6.29 64.39
C ALA B 151 19.56 5.94 65.34
N ALA B 152 18.33 5.85 64.85
CA ALA B 152 17.14 5.50 65.66
C ALA B 152 17.29 4.11 66.30
N VAL B 153 17.82 3.14 65.58
CA VAL B 153 18.04 1.75 66.10
C VAL B 153 19.04 1.81 67.25
N LEU B 154 20.16 2.49 67.05
CA LEU B 154 21.26 2.66 68.03
C LEU B 154 20.67 3.32 69.29
N THR B 155 19.86 4.37 69.12
CA THR B 155 19.22 5.13 70.22
C THR B 155 18.32 4.19 71.02
N ALA B 156 17.43 3.46 70.36
CA ALA B 156 16.45 2.55 70.99
C ALA B 156 17.18 1.43 71.77
N LEU B 157 18.27 0.91 71.22
CA LEU B 157 19.08 -0.14 71.92
C LEU B 157 19.68 0.43 73.21
N LYS B 158 20.27 1.63 73.14
CA LYS B 158 20.91 2.32 74.29
C LYS B 158 19.85 2.65 75.35
N GLU B 159 18.68 3.17 74.97
CA GLU B 159 17.56 3.51 75.90
C GLU B 159 17.06 2.25 76.63
N ALA B 160 17.06 1.09 76.00
CA ALA B 160 16.54 -0.17 76.58
C ALA B 160 17.66 -0.92 77.30
N ASN B 161 18.89 -0.43 77.23
CA ASN B 161 20.08 -1.13 77.77
C ASN B 161 20.15 -2.57 77.20
N ALA B 162 19.73 -2.75 75.93
CA ALA B 162 19.70 -4.05 75.22
C ALA B 162 21.11 -4.46 74.83
N PRO B 163 21.48 -5.75 74.91
CA PRO B 163 22.82 -6.19 74.55
C PRO B 163 23.06 -6.03 73.04
N HIS B 164 24.08 -5.26 72.68
CA HIS B 164 24.38 -4.87 71.28
C HIS B 164 25.80 -4.33 71.23
N GLU B 165 26.41 -4.26 70.06
CA GLU B 165 27.73 -3.64 69.85
C GLU B 165 27.75 -3.09 68.42
N GLU B 166 28.18 -1.83 68.25
CA GLU B 166 28.64 -1.33 66.95
C GLU B 166 29.97 -2.03 66.68
N ILE B 167 30.12 -2.73 65.55
CA ILE B 167 31.34 -3.54 65.25
C ILE B 167 31.95 -3.07 63.94
N ALA B 168 33.22 -3.39 63.76
CA ALA B 168 33.94 -3.21 62.48
C ALA B 168 33.26 -4.10 61.44
N VAL B 169 33.02 -3.57 60.25
CA VAL B 169 32.38 -4.32 59.14
C VAL B 169 33.25 -5.54 58.78
N GLU B 170 34.57 -5.40 58.88
CA GLU B 170 35.58 -6.47 58.60
C GLU B 170 35.29 -7.69 59.50
N SER B 171 34.73 -7.48 60.68
CA SER B 171 34.43 -8.56 61.65
C SER B 171 33.07 -9.23 61.38
N VAL B 172 32.27 -8.77 60.41
CA VAL B 172 30.98 -9.42 60.07
C VAL B 172 31.30 -10.70 59.29
N ASP B 173 30.83 -11.84 59.78
CA ASP B 173 31.15 -13.15 59.16
C ASP B 173 30.37 -13.24 57.85
N TRP B 174 31.03 -13.85 56.85
CA TRP B 174 30.41 -14.45 55.66
C TRP B 174 30.23 -13.41 54.53
N ILE B 175 29.66 -12.23 54.80
CA ILE B 175 29.34 -11.24 53.73
C ILE B 175 30.55 -11.03 52.80
N ASP B 176 30.29 -10.81 51.51
CA ASP B 176 31.31 -10.53 50.48
C ASP B 176 30.69 -9.55 49.49
N PRO B 177 30.41 -8.30 49.90
CA PRO B 177 29.74 -7.35 49.01
C PRO B 177 30.65 -6.82 47.92
N ASP B 178 30.05 -6.33 46.84
CA ASP B 178 30.67 -5.38 45.90
C ASP B 178 31.20 -4.20 46.71
N PRO B 179 32.53 -3.89 46.66
CA PRO B 179 33.07 -2.69 47.32
C PRO B 179 32.24 -1.41 47.15
N ASN B 180 31.71 -1.15 45.94
CA ASN B 180 30.91 0.08 45.72
C ASN B 180 29.56 -0.03 46.44
N SER B 181 29.13 -1.21 46.89
CA SER B 181 27.83 -1.38 47.58
C SER B 181 28.04 -1.81 49.05
N ARG B 182 29.26 -1.73 49.57
CA ARG B 182 29.61 -2.36 50.88
C ARG B 182 29.07 -1.52 52.02
N PRO B 183 28.86 -2.13 53.20
CA PRO B 183 28.53 -1.38 54.40
C PRO B 183 29.80 -0.76 54.98
N LEU B 184 29.67 0.41 55.60
CA LEU B 184 30.77 1.09 56.33
C LEU B 184 30.48 1.08 57.84
N ARG B 185 29.24 0.76 58.23
CA ARG B 185 28.91 0.58 59.67
C ARG B 185 28.05 -0.67 59.84
N ALA B 186 28.20 -1.30 60.99
CA ALA B 186 27.52 -2.57 61.32
C ALA B 186 27.22 -2.59 62.82
N LEU B 187 26.11 -3.24 63.15
CA LEU B 187 25.48 -3.23 64.47
C LEU B 187 25.04 -4.66 64.79
N HIS B 188 25.68 -5.31 65.76
CA HIS B 188 25.36 -6.67 66.25
C HIS B 188 24.31 -6.55 67.35
N ILE B 189 23.15 -7.18 67.18
CA ILE B 189 22.04 -7.21 68.18
C ILE B 189 21.91 -8.63 68.69
N GLU B 190 22.21 -8.86 69.99
CA GLU B 190 22.10 -10.19 70.63
C GLU B 190 20.62 -10.51 70.91
N GLY B 191 20.19 -11.75 70.69
CA GLY B 191 18.87 -12.23 71.14
C GLY B 191 17.74 -11.71 70.26
N GLU B 192 18.08 -11.18 69.09
CA GLU B 192 17.11 -10.85 68.01
C GLU B 192 17.50 -11.72 66.80
N GLY B 193 16.70 -12.74 66.53
CA GLY B 193 17.06 -13.78 65.56
C GLY B 193 16.00 -14.02 64.51
N SER B 194 15.86 -15.27 64.10
CA SER B 194 14.98 -15.67 62.98
C SER B 194 14.48 -17.08 63.19
N VAL B 195 13.39 -17.39 62.50
CA VAL B 195 12.79 -18.76 62.44
C VAL B 195 12.61 -19.14 60.98
N ASP B 196 12.62 -20.44 60.69
CA ASP B 196 12.18 -21.00 59.40
C ASP B 196 10.65 -21.00 59.43
N SER B 197 10.03 -20.14 58.64
CA SER B 197 8.56 -19.94 58.68
C SER B 197 7.86 -21.25 58.30
N GLY B 198 8.49 -22.08 57.45
CA GLY B 198 7.90 -23.34 56.98
C GLY B 198 7.87 -24.38 58.09
N ILE B 199 8.97 -24.49 58.85
CA ILE B 199 9.07 -25.42 60.00
C ILE B 199 8.18 -24.91 61.14
N LEU B 200 8.03 -23.59 61.29
CA LEU B 200 7.09 -23.01 62.30
C LEU B 200 5.66 -23.43 61.96
N LEU B 201 5.24 -23.30 60.70
CA LEU B 201 3.87 -23.69 60.26
C LEU B 201 3.63 -25.19 60.53
N ALA B 202 4.58 -26.06 60.17
CA ALA B 202 4.48 -27.52 60.37
C ALA B 202 4.36 -27.80 61.88
N ALA B 203 5.15 -27.12 62.71
CA ALA B 203 5.16 -27.33 64.17
C ALA B 203 3.87 -26.79 64.79
N LEU B 204 3.29 -25.72 64.23
CA LEU B 204 2.00 -25.16 64.72
C LEU B 204 0.88 -26.16 64.40
N GLU B 205 0.80 -26.67 63.18
CA GLU B 205 -0.21 -27.68 62.78
C GLU B 205 -0.13 -28.89 63.72
N ARG B 206 1.07 -29.42 63.88
CA ARG B 206 1.35 -30.60 64.72
C ARG B 206 0.91 -30.30 66.16
N SER B 207 1.24 -29.12 66.68
CA SER B 207 0.94 -28.73 68.08
C SER B 207 -0.56 -28.50 68.27
N PHE B 208 -1.22 -28.08 67.21
CA PHE B 208 -2.68 -27.87 67.18
C PHE B 208 -3.38 -29.23 67.32
N LEU B 209 -3.00 -30.20 66.49
CA LEU B 209 -3.51 -31.60 66.55
C LEU B 209 -3.27 -32.16 67.95
N GLN B 210 -2.05 -32.01 68.48
CA GLN B 210 -1.61 -32.56 69.79
C GLN B 210 -2.49 -32.01 70.93
N ALA B 211 -3.06 -30.82 70.78
CA ALA B 211 -3.88 -30.19 71.84
C ALA B 211 -5.38 -30.41 71.60
N GLY B 212 -5.76 -31.18 70.58
CA GLY B 212 -7.17 -31.55 70.33
C GLY B 212 -7.81 -30.79 69.18
N GLY B 213 -7.06 -30.01 68.43
CA GLY B 213 -7.58 -29.25 67.27
C GLY B 213 -7.89 -30.14 66.08
N ARG B 214 -8.78 -29.68 65.20
CA ARG B 214 -9.22 -30.39 63.97
C ARG B 214 -8.91 -29.48 62.77
N LEU B 215 -8.15 -29.97 61.80
CA LEU B 215 -7.82 -29.27 60.55
C LEU B 215 -8.82 -29.69 59.47
N HIS B 216 -9.65 -28.77 58.99
CA HIS B 216 -10.59 -29.00 57.86
C HIS B 216 -10.08 -28.20 56.67
N PRO B 217 -9.41 -28.86 55.69
CA PRO B 217 -8.72 -28.15 54.61
C PRO B 217 -9.66 -27.63 53.50
N VAL B 218 -10.52 -26.67 53.86
CA VAL B 218 -11.39 -25.93 52.91
C VAL B 218 -11.38 -24.45 53.32
N ASP B 219 -11.86 -23.58 52.45
CA ASP B 219 -11.96 -22.12 52.69
C ASP B 219 -13.39 -21.79 53.16
N ALA B 220 -13.52 -20.81 54.06
CA ALA B 220 -14.81 -20.17 54.40
C ALA B 220 -15.23 -19.28 53.23
N THR B 221 -16.50 -19.29 52.84
CA THR B 221 -17.07 -18.35 51.82
C THR B 221 -17.90 -17.27 52.52
N GLU B 222 -18.47 -17.57 53.69
CA GLU B 222 -19.48 -16.70 54.34
C GLU B 222 -19.51 -17.00 55.84
N ILE B 223 -19.60 -15.95 56.64
CA ILE B 223 -19.90 -16.04 58.10
C ILE B 223 -21.40 -15.85 58.29
N ARG B 224 -22.07 -16.73 59.03
CA ARG B 224 -23.53 -16.63 59.27
C ARG B 224 -23.77 -16.13 60.69
N ALA B 225 -24.61 -15.11 60.80
CA ALA B 225 -25.02 -14.48 62.08
C ALA B 225 -26.47 -13.98 61.96
N SER B 226 -27.19 -13.98 63.08
CA SER B 226 -28.56 -13.43 63.20
C SER B 226 -28.82 -13.07 64.66
N HIS B 227 -29.66 -12.06 64.90
CA HIS B 227 -29.98 -11.54 66.26
C HIS B 227 -28.65 -11.21 66.97
N GLY B 228 -27.68 -10.66 66.21
CA GLY B 228 -26.38 -10.13 66.70
C GLY B 228 -25.44 -11.21 67.25
N ARG B 229 -25.52 -12.44 66.75
CA ARG B 229 -24.74 -13.60 67.27
C ARG B 229 -24.26 -14.46 66.10
N VAL B 230 -23.02 -14.97 66.16
CA VAL B 230 -22.47 -15.90 65.13
C VAL B 230 -23.16 -17.27 65.29
N GLU B 231 -23.53 -17.88 64.17
CA GLU B 231 -24.12 -19.24 64.09
C GLU B 231 -23.05 -20.22 63.57
N GLY B 232 -22.22 -19.78 62.62
CA GLY B 232 -21.14 -20.60 62.07
C GLY B 232 -20.64 -20.08 60.74
N VAL B 233 -20.16 -20.99 59.89
CA VAL B 233 -19.37 -20.67 58.66
C VAL B 233 -19.80 -21.62 57.55
N VAL B 234 -20.24 -21.08 56.40
CA VAL B 234 -20.39 -21.84 55.13
C VAL B 234 -19.00 -22.00 54.49
N THR B 235 -18.66 -23.21 54.08
CA THR B 235 -17.37 -23.56 53.41
C THR B 235 -17.58 -23.60 51.90
N ASP B 236 -16.48 -23.62 51.13
CA ASP B 236 -16.49 -23.51 49.64
C ASP B 236 -16.81 -24.88 49.01
N ASP B 237 -16.99 -25.92 49.83
CA ASP B 237 -17.51 -27.24 49.37
C ASP B 237 -19.02 -27.34 49.59
N GLY B 238 -19.69 -26.24 50.00
CA GLY B 238 -21.15 -26.16 50.17
C GLY B 238 -21.63 -26.47 51.59
N ASP B 239 -20.77 -27.07 52.43
CA ASP B 239 -21.09 -27.51 53.80
C ASP B 239 -21.37 -26.28 54.69
N PHE B 240 -21.96 -26.48 55.87
CA PHE B 240 -22.15 -25.44 56.92
C PHE B 240 -21.60 -26.01 58.24
N LEU B 241 -20.73 -25.26 58.92
CA LEU B 241 -20.14 -25.66 60.22
C LEU B 241 -20.71 -24.74 61.30
N PRO B 242 -21.42 -25.29 62.31
CA PRO B 242 -21.98 -24.46 63.38
C PRO B 242 -20.90 -24.13 64.41
N ALA B 243 -20.98 -22.96 65.04
CA ALA B 243 -20.12 -22.58 66.18
C ALA B 243 -20.67 -21.32 66.87
N GLY B 244 -20.36 -21.16 68.16
CA GLY B 244 -20.67 -19.95 68.95
C GLY B 244 -19.49 -19.00 69.02
N HIS B 245 -18.35 -19.38 68.44
CA HIS B 245 -17.11 -18.55 68.36
C HIS B 245 -16.47 -18.75 66.99
N VAL B 246 -16.27 -17.65 66.26
CA VAL B 246 -15.53 -17.60 64.97
C VAL B 246 -14.42 -16.54 65.08
N VAL B 247 -13.17 -16.95 64.90
CA VAL B 247 -11.96 -16.07 64.84
C VAL B 247 -11.51 -15.98 63.39
N VAL B 248 -11.58 -14.79 62.80
CA VAL B 248 -11.13 -14.53 61.41
C VAL B 248 -9.67 -14.09 61.45
N ALA B 249 -8.79 -14.95 60.93
CA ALA B 249 -7.34 -14.74 60.75
C ALA B 249 -6.95 -15.21 59.35
N ALA B 250 -7.64 -14.66 58.35
CA ALA B 250 -7.53 -15.01 56.92
C ALA B 250 -6.61 -14.01 56.21
N GLY B 251 -5.66 -13.41 56.93
CA GLY B 251 -4.75 -12.40 56.37
C GLY B 251 -5.52 -11.34 55.62
N ALA B 252 -5.09 -11.03 54.41
CA ALA B 252 -5.61 -9.92 53.58
C ALA B 252 -7.05 -10.16 53.13
N ARG B 253 -7.63 -11.35 53.35
CA ARG B 253 -9.05 -11.64 52.99
C ARG B 253 -9.99 -11.38 54.19
N SER B 254 -9.44 -11.05 55.36
CA SER B 254 -10.18 -11.00 56.65
C SER B 254 -11.35 -10.00 56.61
N GLN B 255 -11.12 -8.77 56.13
CA GLN B 255 -12.16 -7.73 56.10
C GLN B 255 -13.23 -8.09 55.07
N ARG B 256 -12.86 -8.51 53.86
CA ARG B 256 -13.83 -8.82 52.78
C ARG B 256 -14.83 -9.86 53.30
N LEU B 257 -14.42 -10.72 54.23
CA LEU B 257 -15.23 -11.84 54.76
C LEU B 257 -16.22 -11.34 55.81
N VAL B 258 -15.79 -10.48 56.73
CA VAL B 258 -16.62 -9.94 57.85
C VAL B 258 -17.52 -8.80 57.34
N ALA B 259 -17.06 -8.02 56.35
CA ALA B 259 -17.74 -6.80 55.84
C ALA B 259 -19.03 -7.14 55.10
N ALA B 260 -19.22 -8.39 54.70
CA ALA B 260 -20.42 -8.90 54.00
C ALA B 260 -21.62 -8.94 54.96
N LEU B 261 -21.37 -9.04 56.27
CA LEU B 261 -22.42 -9.03 57.34
C LEU B 261 -23.10 -7.66 57.41
N PRO B 262 -24.40 -7.60 57.81
CA PRO B 262 -25.20 -6.36 57.72
C PRO B 262 -24.61 -5.15 58.46
N GLY B 263 -24.43 -4.03 57.74
CA GLY B 263 -24.03 -2.72 58.30
C GLY B 263 -22.57 -2.67 58.72
N LEU B 264 -21.76 -3.69 58.41
CA LEU B 264 -20.33 -3.78 58.82
C LEU B 264 -19.39 -3.31 57.71
N ALA B 265 -19.92 -3.06 56.50
CA ALA B 265 -19.12 -2.70 55.30
C ALA B 265 -18.21 -1.50 55.59
N HIS B 266 -18.66 -0.58 56.44
CA HIS B 266 -18.01 0.73 56.71
C HIS B 266 -17.61 0.84 58.19
N ARG B 267 -17.58 -0.29 58.90
CA ARG B 267 -17.28 -0.32 60.36
C ARG B 267 -15.96 -1.06 60.63
N ILE B 268 -15.60 -2.00 59.75
CA ILE B 268 -14.29 -2.72 59.74
C ILE B 268 -13.38 -2.06 58.69
N PRO B 269 -12.26 -1.44 59.10
CA PRO B 269 -11.30 -0.86 58.15
C PRO B 269 -10.82 -1.89 57.10
N ARG B 270 -10.89 -1.51 55.84
CA ARG B 270 -10.35 -2.27 54.70
C ARG B 270 -8.93 -2.76 54.98
N ILE B 271 -8.64 -3.96 54.48
CA ILE B 271 -7.27 -4.56 54.45
C ILE B 271 -6.92 -4.81 52.99
N TYR B 272 -5.81 -4.26 52.54
CA TYR B 272 -5.28 -4.44 51.15
C TYR B 272 -4.15 -5.45 51.19
N ASP B 273 -3.63 -5.82 50.02
CA ASP B 273 -2.53 -6.80 49.85
C ASP B 273 -1.18 -6.05 49.79
N GLY B 274 -0.36 -6.18 50.82
CA GLY B 274 1.08 -5.87 50.76
C GLY B 274 1.83 -7.00 50.08
N VAL B 275 1.89 -6.97 48.74
CA VAL B 275 2.49 -8.08 47.95
C VAL B 275 4.01 -8.06 48.16
N GLY B 276 4.54 -9.14 48.73
CA GLY B 276 5.96 -9.26 49.07
C GLY B 276 6.60 -10.43 48.34
N VAL B 277 7.78 -10.19 47.78
CA VAL B 277 8.56 -11.22 47.05
C VAL B 277 9.83 -11.52 47.84
N SER B 278 10.12 -12.82 47.97
CA SER B 278 11.37 -13.32 48.58
C SER B 278 11.82 -14.52 47.75
N ALA B 279 12.95 -15.11 48.12
CA ALA B 279 13.51 -16.24 47.37
C ALA B 279 14.29 -17.14 48.30
N LEU B 280 14.28 -18.43 47.95
CA LEU B 280 15.15 -19.46 48.55
C LEU B 280 16.24 -19.73 47.53
N VAL B 281 17.49 -19.71 48.00
CA VAL B 281 18.68 -19.87 47.15
C VAL B 281 19.54 -20.96 47.77
N ASP B 282 20.02 -21.92 46.97
CA ASP B 282 21.05 -22.88 47.39
C ASP B 282 22.41 -22.24 47.10
N THR B 283 23.18 -21.99 48.15
CA THR B 283 24.46 -21.26 48.04
C THR B 283 25.46 -22.13 47.26
N TRP B 284 26.29 -21.47 46.45
CA TRP B 284 27.38 -22.03 45.63
C TRP B 284 28.14 -23.12 46.42
N ASP B 285 28.41 -22.94 47.71
CA ASP B 285 29.31 -23.84 48.49
C ASP B 285 28.58 -24.48 49.67
N GLY B 286 27.25 -24.36 49.78
CA GLY B 286 26.48 -24.93 50.90
C GLY B 286 26.55 -24.10 52.17
N SER B 287 27.30 -23.00 52.20
CA SER B 287 27.49 -22.17 53.42
C SER B 287 26.31 -21.21 53.60
N GLY B 288 26.27 -20.53 54.74
CA GLY B 288 25.30 -19.48 55.07
C GLY B 288 25.79 -18.67 56.25
N PRO B 289 25.22 -17.49 56.52
CA PRO B 289 25.64 -16.70 57.67
C PRO B 289 25.08 -17.31 58.96
N ALA B 290 25.75 -17.07 60.07
CA ALA B 290 25.35 -17.55 61.40
C ALA B 290 24.33 -16.58 62.00
N THR B 291 24.26 -15.33 61.54
CA THR B 291 23.27 -14.33 62.04
C THR B 291 22.35 -13.96 60.89
N VAL B 292 21.22 -13.36 61.22
CA VAL B 292 20.44 -12.55 60.26
C VAL B 292 21.37 -11.42 59.81
N LEU B 293 21.29 -11.05 58.52
CA LEU B 293 21.95 -9.85 57.97
C LEU B 293 20.84 -9.00 57.38
N ARG B 294 20.76 -7.73 57.75
CA ARG B 294 19.67 -6.85 57.26
C ARG B 294 20.13 -5.39 57.20
N THR B 295 19.42 -4.64 56.38
CA THR B 295 19.37 -3.16 56.43
C THR B 295 18.19 -2.78 57.29
N SER B 296 18.09 -1.51 57.68
CA SER B 296 16.84 -0.94 58.24
C SER B 296 15.79 -0.98 57.12
N ASN B 297 14.52 -0.79 57.49
CA ASN B 297 13.39 -0.69 56.54
C ASN B 297 13.67 0.46 55.58
N ARG B 298 13.31 0.27 54.32
CA ARG B 298 13.62 1.14 53.16
C ARG B 298 12.32 1.55 52.45
N ALA B 299 12.41 2.04 51.22
CA ALA B 299 11.28 2.68 50.50
C ALA B 299 10.03 1.81 50.59
N PHE B 300 8.93 2.40 51.10
CA PHE B 300 7.59 1.80 51.14
C PHE B 300 7.64 0.43 51.81
N ALA B 301 8.40 0.33 52.90
CA ALA B 301 8.51 -0.85 53.78
C ALA B 301 9.19 -2.03 53.07
N CYS B 302 9.80 -1.83 51.88
CA CYS B 302 10.78 -2.82 51.34
C CYS B 302 11.89 -2.95 52.40
N GLY B 303 12.60 -4.07 52.43
CA GLY B 303 13.81 -4.23 53.24
C GLY B 303 14.74 -5.20 52.56
N LEU B 304 16.02 -5.17 52.85
CA LEU B 304 16.95 -6.19 52.33
C LEU B 304 17.41 -7.02 53.50
N HIS B 305 17.20 -8.34 53.42
CA HIS B 305 17.72 -9.22 54.49
C HIS B 305 17.98 -10.63 53.95
N LEU B 306 18.85 -11.29 54.68
CA LEU B 306 19.24 -12.68 54.51
C LEU B 306 18.97 -13.39 55.83
N VAL B 307 18.08 -14.38 55.79
CA VAL B 307 17.75 -15.24 56.96
C VAL B 307 18.40 -16.59 56.74
N PRO B 308 19.24 -17.08 57.66
CA PRO B 308 19.81 -18.42 57.55
C PRO B 308 18.73 -19.50 57.55
N ARG B 309 19.03 -20.60 56.85
CA ARG B 309 18.18 -21.81 56.78
C ARG B 309 19.13 -23.01 56.90
N ALA B 310 18.62 -24.17 57.29
CA ALA B 310 19.36 -25.45 57.30
C ALA B 310 19.56 -25.97 55.87
N GLY B 311 20.59 -26.79 55.65
CA GLY B 311 20.74 -27.64 54.45
C GLY B 311 21.27 -26.89 53.23
N GLY B 312 22.13 -25.90 53.42
CA GLY B 312 22.78 -25.20 52.29
C GLY B 312 21.85 -24.23 51.58
N SER B 313 20.75 -23.83 52.22
CA SER B 313 19.79 -22.84 51.69
C SER B 313 19.94 -21.53 52.48
N VAL B 314 19.59 -20.40 51.86
CA VAL B 314 19.36 -19.09 52.53
C VAL B 314 18.07 -18.51 52.00
N TYR B 315 17.39 -17.74 52.84
CA TYR B 315 16.23 -16.91 52.44
C TYR B 315 16.73 -15.49 52.17
N ILE B 316 16.32 -14.89 51.06
CA ILE B 316 16.54 -13.44 50.79
C ILE B 316 15.18 -12.79 50.58
N GLY B 317 14.99 -11.64 51.20
CA GLY B 317 13.78 -10.83 51.02
C GLY B 317 14.13 -9.37 51.26
N ALA B 318 13.13 -8.49 51.18
CA ALA B 318 11.77 -8.81 50.78
C ALA B 318 11.19 -7.52 50.21
N THR B 319 10.68 -7.58 48.98
CA THR B 319 10.03 -6.42 48.36
C THR B 319 8.67 -6.24 49.03
N ASN B 320 8.11 -5.06 48.93
CA ASN B 320 6.74 -4.79 49.41
C ASN B 320 6.09 -3.81 48.46
N ALA B 321 4.85 -4.07 48.08
CA ALA B 321 4.06 -3.15 47.22
C ALA B 321 2.59 -3.35 47.56
N VAL B 322 1.93 -2.27 47.99
CA VAL B 322 0.48 -2.34 48.25
C VAL B 322 -0.22 -2.39 46.89
N CYS B 323 -1.05 -3.40 46.69
CA CYS B 323 -1.92 -3.59 45.51
C CYS B 323 -3.39 -3.56 45.97
N LEU B 324 -4.24 -2.90 45.18
CA LEU B 324 -5.67 -2.73 45.49
C LEU B 324 -6.43 -4.01 45.14
N GLU B 325 -5.85 -4.85 44.28
CA GLU B 325 -6.36 -6.19 43.93
C GLU B 325 -5.29 -7.20 44.30
N PRO B 326 -5.64 -8.43 44.72
CA PRO B 326 -4.63 -9.44 45.01
C PRO B 326 -3.84 -9.86 43.76
N ARG B 327 -2.61 -10.31 43.97
CA ARG B 327 -1.67 -10.74 42.91
C ARG B 327 -0.86 -11.88 43.54
N GLY B 328 -0.75 -13.00 42.82
CA GLY B 328 -0.19 -14.24 43.37
C GLY B 328 1.16 -14.54 42.76
N ALA B 329 1.68 -13.67 41.89
CA ALA B 329 2.96 -13.89 41.20
C ALA B 329 3.86 -12.64 41.30
N ALA B 330 5.15 -12.86 41.42
CA ALA B 330 6.19 -11.81 41.40
C ALA B 330 6.18 -11.15 40.02
N SER B 331 6.41 -9.84 39.99
CA SER B 331 6.76 -9.08 38.77
C SER B 331 8.25 -9.27 38.47
N ILE B 332 8.63 -9.06 37.22
CA ILE B 332 10.04 -9.07 36.76
C ILE B 332 10.84 -8.10 37.65
N GLU B 333 10.33 -6.88 37.79
CA GLU B 333 11.00 -5.75 38.51
C GLU B 333 11.34 -6.20 39.94
N GLU B 334 10.38 -6.82 40.64
CA GLU B 334 10.55 -7.24 42.05
C GLU B 334 11.69 -8.27 42.12
N THR B 335 11.73 -9.27 41.23
CA THR B 335 12.76 -10.33 41.30
C THR B 335 14.12 -9.72 40.96
N VAL B 336 14.19 -8.84 39.96
CA VAL B 336 15.48 -8.22 39.55
C VAL B 336 16.01 -7.36 40.71
N PHE B 337 15.16 -6.54 41.31
CA PHE B 337 15.55 -5.63 42.41
C PHE B 337 16.02 -6.45 43.61
N LEU B 338 15.26 -7.45 44.02
CA LEU B 338 15.63 -8.31 45.17
C LEU B 338 17.00 -8.94 44.93
N PHE B 339 17.21 -9.60 43.78
CA PHE B 339 18.44 -10.35 43.47
C PHE B 339 19.63 -9.39 43.35
N ASN B 340 19.42 -8.26 42.69
CA ASN B 340 20.48 -7.25 42.48
C ASN B 340 21.00 -6.71 43.81
N CYS B 341 20.09 -6.38 44.73
CA CYS B 341 20.43 -5.88 46.08
C CYS B 341 21.22 -6.95 46.87
N ALA B 342 20.75 -8.19 46.89
CA ALA B 342 21.37 -9.26 47.71
C ALA B 342 22.79 -9.55 47.18
N THR B 343 22.98 -9.64 45.87
CA THR B 343 24.28 -10.02 45.27
C THR B 343 25.29 -8.89 45.46
N HIS B 344 24.86 -7.63 45.46
CA HIS B 344 25.80 -6.47 45.57
C HIS B 344 26.04 -6.12 47.03
N GLN B 345 24.99 -6.11 47.87
CA GLN B 345 25.06 -5.52 49.22
C GLN B 345 25.43 -6.58 50.28
N LEU B 346 25.14 -7.85 50.04
CA LEU B 346 25.35 -8.95 51.01
C LEU B 346 26.46 -9.90 50.55
N HIS B 347 26.31 -10.60 49.44
CA HIS B 347 27.30 -11.63 49.00
C HIS B 347 27.28 -11.82 47.49
N ARG B 348 28.40 -11.52 46.84
CA ARG B 348 28.57 -11.72 45.37
C ARG B 348 28.47 -13.19 45.00
N GLY B 349 28.76 -14.11 45.91
CA GLY B 349 28.63 -15.56 45.71
C GLY B 349 27.19 -15.94 45.38
N LEU B 350 26.20 -15.15 45.80
CA LEU B 350 24.78 -15.45 45.51
C LEU B 350 24.54 -15.35 44.01
N ASN B 351 25.38 -14.62 43.27
CA ASN B 351 25.22 -14.42 41.81
C ASN B 351 25.24 -15.78 41.11
N GLY B 352 26.19 -16.64 41.48
CA GLY B 352 26.37 -17.99 40.90
C GLY B 352 25.59 -19.06 41.64
N SER B 353 24.76 -18.69 42.60
CA SER B 353 24.00 -19.67 43.41
C SER B 353 22.69 -20.00 42.70
N GLU B 354 22.12 -21.14 43.02
CA GLU B 354 20.95 -21.70 42.31
C GLU B 354 19.67 -21.16 42.96
N LEU B 355 18.81 -20.58 42.14
CA LEU B 355 17.46 -20.16 42.56
C LEU B 355 16.60 -21.39 42.73
N ARG B 356 16.16 -21.68 43.96
CA ARG B 356 15.28 -22.85 44.22
C ARG B 356 13.81 -22.38 44.15
N LYS B 357 13.46 -21.18 44.62
CA LYS B 357 12.04 -20.77 44.68
C LYS B 357 11.92 -19.25 44.81
N VAL B 358 11.04 -18.67 44.01
CA VAL B 358 10.54 -17.28 44.17
C VAL B 358 9.21 -17.36 44.93
N GLN B 359 9.13 -16.71 46.08
CA GLN B 359 7.96 -16.79 46.99
C GLN B 359 7.24 -15.45 46.93
N VAL B 360 5.92 -15.49 46.85
CA VAL B 360 5.02 -14.30 46.90
C VAL B 360 3.99 -14.51 48.01
N GLY B 361 3.81 -13.51 48.85
CA GLY B 361 2.78 -13.47 49.90
C GLY B 361 2.17 -12.08 50.05
N SER B 362 0.97 -12.01 50.63
CA SER B 362 0.22 -10.75 50.89
C SER B 362 0.33 -10.38 52.37
N ALA B 363 1.22 -9.44 52.70
CA ALA B 363 1.21 -8.76 54.01
C ALA B 363 -0.13 -8.03 54.13
N PRO B 364 -0.98 -8.38 55.12
CA PRO B 364 -2.29 -7.74 55.25
C PRO B 364 -2.10 -6.25 55.63
N ALA B 365 -2.43 -5.35 54.71
CA ALA B 365 -2.13 -3.91 54.80
C ALA B 365 -3.41 -3.15 55.16
N PRO B 366 -3.60 -2.83 56.45
CA PRO B 366 -4.83 -2.13 56.88
C PRO B 366 -4.84 -0.68 56.38
N ILE B 367 -5.96 -0.20 55.87
CA ILE B 367 -6.06 1.14 55.22
C ILE B 367 -5.67 2.27 56.18
N ASP B 368 -5.76 2.11 57.50
CA ASP B 368 -5.40 3.15 58.49
C ASP B 368 -4.06 2.84 59.14
N GLY B 369 -3.39 1.74 58.74
CA GLY B 369 -2.00 1.45 59.15
C GLY B 369 -1.93 0.78 60.51
N PHE B 370 -3.05 0.27 61.03
CA PHE B 370 -3.05 -0.40 62.35
C PHE B 370 -3.78 -1.73 62.28
N PRO B 371 -3.35 -2.71 63.09
CA PRO B 371 -3.93 -4.05 63.05
C PRO B 371 -5.40 -4.06 63.44
N LEU B 372 -6.08 -5.16 63.13
CA LEU B 372 -7.47 -5.48 63.53
C LEU B 372 -7.41 -6.67 64.48
N ILE B 373 -7.51 -6.41 65.78
CA ILE B 373 -7.36 -7.43 66.87
C ILE B 373 -8.49 -7.25 67.87
N GLY B 374 -9.37 -8.24 67.97
CA GLY B 374 -10.31 -8.38 69.09
C GLY B 374 -11.73 -8.56 68.63
N GLY B 375 -12.67 -8.11 69.46
CA GLY B 375 -14.11 -8.37 69.35
C GLY B 375 -14.80 -7.42 68.38
N THR B 376 -15.91 -7.87 67.80
CA THR B 376 -16.85 -7.09 66.96
C THR B 376 -18.14 -6.83 67.75
N SER B 377 -19.07 -6.11 67.16
CA SER B 377 -20.45 -5.86 67.65
C SER B 377 -21.27 -7.14 67.60
N VAL B 378 -20.80 -8.15 66.83
CA VAL B 378 -21.45 -9.48 66.72
C VAL B 378 -20.85 -10.41 67.78
N GLU B 379 -21.69 -10.97 68.64
CA GLU B 379 -21.27 -11.82 69.78
C GLU B 379 -20.61 -13.09 69.22
N GLY B 380 -19.42 -13.43 69.72
CA GLY B 380 -18.66 -14.62 69.31
C GLY B 380 -17.80 -14.41 68.06
N LEU B 381 -17.85 -13.24 67.42
CA LEU B 381 -17.06 -12.92 66.20
C LEU B 381 -15.81 -12.13 66.59
N TRP B 382 -14.64 -12.73 66.40
CA TRP B 382 -13.31 -12.14 66.66
C TRP B 382 -12.56 -12.00 65.33
N MET B 383 -11.61 -11.08 65.30
CA MET B 383 -10.73 -10.81 64.13
C MET B 383 -9.30 -10.71 64.63
N LEU B 384 -8.37 -11.30 63.88
CA LEU B 384 -6.91 -11.23 64.17
C LEU B 384 -6.19 -11.06 62.83
N SER B 385 -5.89 -9.83 62.44
CA SER B 385 -5.43 -9.49 61.07
C SER B 385 -4.82 -8.09 61.00
N GLY B 386 -4.47 -7.65 59.79
CA GLY B 386 -3.90 -6.32 59.49
C GLY B 386 -2.52 -6.13 60.11
N THR B 387 -1.77 -7.21 60.33
CA THR B 387 -0.44 -7.15 60.99
C THR B 387 0.68 -6.77 60.00
N TYR B 388 0.35 -6.48 58.74
CA TYR B 388 1.30 -5.99 57.70
C TYR B 388 2.62 -6.79 57.77
N ARG B 389 3.72 -6.18 58.18
CA ARG B 389 5.10 -6.68 57.98
C ARG B 389 5.75 -7.12 59.28
N ASP B 390 5.00 -7.33 60.37
CA ASP B 390 5.60 -7.78 61.65
C ASP B 390 4.72 -8.82 62.37
N GLY B 391 3.67 -9.32 61.71
CA GLY B 391 2.67 -10.21 62.34
C GLY B 391 3.29 -11.52 62.80
N LEU B 392 4.31 -12.04 62.12
CA LEU B 392 4.89 -13.34 62.50
C LEU B 392 5.57 -13.16 63.87
N HIS B 393 6.35 -12.09 64.02
CA HIS B 393 7.06 -11.79 65.28
C HIS B 393 6.04 -11.61 66.42
N MET B 394 4.95 -10.89 66.16
CA MET B 394 3.94 -10.55 67.19
C MET B 394 3.08 -11.77 67.55
N SER B 395 3.07 -12.81 66.71
CA SER B 395 2.05 -13.89 66.72
C SER B 395 1.82 -14.44 68.13
N PRO B 396 2.83 -14.82 68.93
CA PRO B 396 2.57 -15.40 70.25
C PRO B 396 1.87 -14.40 71.20
N LEU B 397 2.24 -13.13 71.15
CA LEU B 397 1.61 -12.07 71.96
C LEU B 397 0.18 -11.84 71.49
N LEU B 398 -0.06 -11.76 70.18
CA LEU B 398 -1.41 -11.48 69.62
C LEU B 398 -2.36 -12.63 69.91
N ALA B 399 -1.86 -13.86 69.85
CA ALA B 399 -2.62 -15.09 70.12
C ALA B 399 -3.09 -15.07 71.58
N ARG B 400 -2.15 -14.88 72.52
CA ARG B 400 -2.41 -14.80 73.99
C ARG B 400 -3.43 -13.69 74.26
N HIS B 401 -3.32 -12.55 73.58
CA HIS B 401 -4.22 -11.39 73.79
C HIS B 401 -5.65 -11.79 73.43
N VAL B 402 -5.86 -12.35 72.23
CA VAL B 402 -7.23 -12.64 71.74
C VAL B 402 -7.85 -13.75 72.61
N VAL B 403 -7.04 -14.73 73.04
CA VAL B 403 -7.48 -15.86 73.88
C VAL B 403 -7.90 -15.35 75.27
N SER B 404 -7.16 -14.40 75.84
CA SER B 404 -7.52 -13.74 77.12
C SER B 404 -8.86 -13.00 76.94
N LEU B 405 -9.05 -12.23 75.87
CA LEU B 405 -10.33 -11.51 75.60
C LEU B 405 -11.48 -12.52 75.52
N MET B 406 -11.30 -13.63 74.82
CA MET B 406 -12.36 -14.66 74.59
C MET B 406 -12.76 -15.30 75.93
N ASP B 407 -11.85 -15.31 76.90
CA ASP B 407 -11.98 -15.96 78.23
C ASP B 407 -12.49 -14.97 79.28
N GLY B 408 -12.80 -13.72 78.90
CA GLY B 408 -13.33 -12.68 79.80
C GLY B 408 -12.24 -11.78 80.38
N GLY B 409 -10.98 -11.99 80.01
CA GLY B 409 -9.82 -11.19 80.46
C GLY B 409 -9.70 -9.88 79.70
N THR B 410 -8.63 -9.13 79.96
CA THR B 410 -8.34 -7.80 79.34
C THR B 410 -7.18 -7.94 78.33
N GLY B 411 -6.53 -9.10 78.29
CA GLY B 411 -5.40 -9.38 77.38
C GLY B 411 -4.21 -8.48 77.70
N VAL B 412 -3.54 -7.98 76.67
CA VAL B 412 -2.32 -7.15 76.77
C VAL B 412 -2.74 -5.67 76.65
N ASP B 413 -2.24 -4.82 77.55
CA ASP B 413 -2.62 -3.38 77.56
C ASP B 413 -1.99 -2.72 76.32
N GLY B 414 -2.74 -1.86 75.67
CA GLY B 414 -2.27 -1.07 74.52
C GLY B 414 -2.63 -1.68 73.20
N LEU B 415 -3.01 -2.96 73.18
CA LEU B 415 -3.58 -3.65 71.98
C LEU B 415 -5.09 -3.42 71.95
N ARG B 416 -5.65 -2.73 72.95
CA ARG B 416 -7.10 -2.44 73.03
C ARG B 416 -7.49 -1.43 71.93
N GLU B 417 -6.63 -0.47 71.64
CA GLU B 417 -6.77 0.60 70.62
C GLU B 417 -7.03 0.01 69.22
N PHE B 418 -6.68 -1.27 68.98
CA PHE B 418 -6.68 -1.90 67.63
C PHE B 418 -7.91 -2.76 67.42
N ARG B 419 -8.95 -2.58 68.24
CA ARG B 419 -10.24 -3.31 68.10
C ARG B 419 -10.68 -3.19 66.65
N PRO B 420 -11.17 -4.29 66.04
CA PRO B 420 -11.42 -4.31 64.59
C PRO B 420 -12.54 -3.39 64.13
N GLU B 421 -13.53 -3.13 64.99
CA GLU B 421 -14.74 -2.35 64.61
C GLU B 421 -14.53 -0.93 65.11
N ARG B 422 -14.17 -0.02 64.19
CA ARG B 422 -13.66 1.32 64.55
C ARG B 422 -13.77 2.24 63.34
N ASP B 423 -13.87 3.53 63.61
CA ASP B 423 -13.52 4.63 62.66
C ASP B 423 -12.05 4.43 62.29
N LEU B 424 -11.66 4.81 61.07
CA LEU B 424 -10.25 4.83 60.63
C LEU B 424 -9.45 5.72 61.59
N ILE B 425 -8.39 5.18 62.18
CA ILE B 425 -7.40 5.94 62.99
C ILE B 425 -6.68 6.95 62.08
N SER B 426 -6.38 8.15 62.60
CA SER B 426 -5.50 9.17 61.95
C SER B 426 -4.29 9.41 62.86
N ALA B 427 -3.21 8.64 62.68
CA ALA B 427 -2.02 8.69 63.55
C ALA B 427 -1.05 9.78 63.11
N TRP B 428 -1.18 10.28 61.89
CA TRP B 428 -0.23 11.24 61.29
C TRP B 428 -1.00 12.36 60.58
N SER B 429 -0.47 13.59 60.64
CA SER B 429 -0.99 14.73 59.87
C SER B 429 -0.81 14.42 58.38
N ARG B 430 -1.70 14.95 57.56
CA ARG B 430 -1.59 14.96 56.09
C ARG B 430 -0.19 15.45 55.68
N GLU B 431 0.30 16.50 56.33
CA GLU B 431 1.61 17.13 56.04
C GLU B 431 2.73 16.11 56.29
N GLU B 432 2.71 15.38 57.41
CA GLU B 432 3.73 14.35 57.74
C GLU B 432 3.74 13.27 56.64
N ILE B 433 2.56 12.87 56.17
CA ILE B 433 2.40 11.75 55.21
C ILE B 433 2.90 12.19 53.83
N LEU B 434 2.60 13.44 53.44
CA LEU B 434 3.02 13.99 52.13
C LEU B 434 4.54 14.13 52.10
N ASP B 435 5.17 14.53 53.20
CA ASP B 435 6.66 14.54 53.29
C ASP B 435 7.18 13.11 53.16
N ASP B 436 6.54 12.14 53.82
CA ASP B 436 6.99 10.72 53.84
C ASP B 436 6.91 10.14 52.42
N VAL B 437 5.79 10.34 51.71
CA VAL B 437 5.54 9.70 50.40
C VAL B 437 6.54 10.23 49.37
N VAL B 438 6.89 11.51 49.43
CA VAL B 438 7.87 12.12 48.50
C VAL B 438 9.25 11.56 48.84
N ARG B 439 9.60 11.50 50.12
CA ARG B 439 10.89 10.95 50.57
C ARG B 439 11.06 9.50 50.06
N HIS B 440 10.06 8.65 50.31
CA HIS B 440 10.07 7.22 49.93
C HIS B 440 10.11 7.08 48.40
N THR B 441 9.40 7.93 47.67
CA THR B 441 9.42 7.93 46.18
C THR B 441 10.88 8.19 45.75
N MET B 442 11.52 9.21 46.29
CA MET B 442 12.92 9.53 45.93
C MET B 442 13.81 8.34 46.30
N ALA B 443 13.50 7.66 47.42
CA ALA B 443 14.33 6.54 47.91
C ALA B 443 14.28 5.36 46.94
N THR B 444 13.20 5.16 46.17
CA THR B 444 13.14 4.09 45.14
C THR B 444 14.25 4.32 44.13
N GLY B 445 14.62 5.58 43.89
CA GLY B 445 15.71 5.95 42.98
C GLY B 445 17.05 5.61 43.57
N TYR B 446 17.32 6.04 44.80
CA TYR B 446 18.65 5.90 45.45
C TYR B 446 18.93 4.45 45.77
N GLU B 447 17.89 3.63 45.96
CA GLU B 447 17.97 2.21 46.31
C GLU B 447 18.28 1.35 45.06
N PHE B 448 18.07 1.88 43.87
CA PHE B 448 18.19 1.11 42.62
C PHE B 448 19.60 0.53 42.44
N PRO B 449 20.71 1.26 42.57
CA PRO B 449 20.76 2.72 42.66
C PRO B 449 20.79 3.35 41.27
N TRP B 450 20.16 4.51 41.08
CA TRP B 450 20.16 5.21 39.79
C TRP B 450 21.44 6.02 39.61
N ARG B 451 21.77 6.36 38.37
CA ARG B 451 22.86 7.29 38.03
C ARG B 451 22.23 8.34 37.11
N LEU B 452 22.19 9.57 37.56
CA LEU B 452 21.40 10.67 36.96
C LEU B 452 22.22 11.94 36.93
N PRO B 453 21.89 12.92 36.07
CA PRO B 453 22.47 14.26 36.20
C PRO B 453 22.06 14.81 37.57
N LEU B 454 22.96 15.55 38.20
CA LEU B 454 22.83 15.98 39.61
C LEU B 454 21.67 16.98 39.79
N GLU B 455 21.17 17.63 38.73
CA GLU B 455 20.03 18.59 38.88
C GLU B 455 18.70 17.81 38.97
N TRP B 456 18.67 16.57 38.52
CA TRP B 456 17.40 15.84 38.26
C TRP B 456 16.69 15.51 39.56
N PRO B 457 17.38 14.96 40.59
CA PRO B 457 16.72 14.68 41.87
C PRO B 457 16.00 15.87 42.51
N HIS B 458 16.59 17.06 42.54
CA HIS B 458 15.92 18.29 43.05
C HIS B 458 14.69 18.61 42.17
N MET B 459 14.82 18.53 40.86
CA MET B 459 13.69 18.69 39.91
C MET B 459 12.54 17.76 40.32
N MET B 460 12.82 16.47 40.54
CA MET B 460 11.76 15.45 40.78
C MET B 460 11.12 15.71 42.17
N GLU B 461 11.92 16.03 43.19
CA GLU B 461 11.40 16.39 44.54
C GLU B 461 10.37 17.50 44.37
N THR B 462 10.70 18.59 43.67
CA THR B 462 9.81 19.76 43.49
C THR B 462 8.51 19.32 42.78
N PHE B 463 8.57 18.53 41.70
CA PHE B 463 7.41 18.25 40.82
C PHE B 463 6.53 17.12 41.36
N LEU B 464 6.98 16.40 42.38
CA LEU B 464 6.22 15.30 43.04
C LEU B 464 5.27 15.87 44.09
N GLN B 465 5.63 16.99 44.72
CA GLN B 465 4.90 17.57 45.90
C GLN B 465 3.46 17.91 45.52
N GLY B 466 3.29 18.65 44.42
CA GLY B 466 1.97 19.11 43.93
C GLY B 466 1.00 17.95 43.74
N PRO B 467 1.31 17.00 42.83
CA PRO B 467 0.37 15.92 42.53
C PRO B 467 -0.05 15.06 43.73
N PHE B 468 0.84 14.83 44.70
CA PHE B 468 0.54 14.05 45.92
C PHE B 468 -0.36 14.88 46.85
N ALA B 469 -0.07 16.17 47.02
CA ALA B 469 -0.90 17.13 47.78
C ALA B 469 -2.32 17.20 47.19
N GLU B 470 -2.42 17.23 45.87
CA GLU B 470 -3.72 17.31 45.13
C GLU B 470 -4.51 16.01 45.36
N LEU B 471 -3.83 14.85 45.36
CA LEU B 471 -4.49 13.53 45.56
C LEU B 471 -5.04 13.44 46.98
N ALA B 472 -4.25 13.80 47.99
CA ALA B 472 -4.66 13.74 49.42
C ALA B 472 -5.91 14.60 49.64
N ASP B 473 -5.95 15.82 49.08
CA ASP B 473 -7.07 16.78 49.23
C ASP B 473 -8.33 16.22 48.56
N ARG B 474 -8.18 15.61 47.39
CA ARG B 474 -9.29 15.09 46.55
C ARG B 474 -9.90 13.83 47.21
N LEU B 475 -9.12 13.07 47.98
CA LEU B 475 -9.54 11.73 48.49
C LEU B 475 -10.57 11.89 49.61
N SER B 476 -10.35 12.84 50.52
CA SER B 476 -11.17 13.02 51.74
C SER B 476 -10.73 14.31 52.43
N ASP B 477 -11.68 14.96 53.12
CA ASP B 477 -11.45 16.17 53.94
C ASP B 477 -10.87 15.77 55.28
N THR B 478 -10.97 14.49 55.66
CA THR B 478 -10.70 14.06 57.07
C THR B 478 -9.65 12.95 57.09
N TYR B 479 -9.76 11.90 56.28
CA TYR B 479 -8.84 10.74 56.29
C TYR B 479 -7.69 10.93 55.28
N THR B 480 -6.49 10.52 55.66
CA THR B 480 -5.30 10.44 54.76
C THR B 480 -4.71 9.03 54.80
N PRO B 481 -4.60 8.33 53.65
CA PRO B 481 -3.94 7.02 53.61
C PRO B 481 -2.46 7.15 53.95
N PRO B 482 -1.86 6.19 54.67
CA PRO B 482 -0.42 6.20 54.91
C PRO B 482 0.34 6.05 53.58
N ALA B 483 1.62 6.42 53.57
CA ALA B 483 2.46 6.58 52.36
C ALA B 483 2.42 5.32 51.48
N ASP B 484 2.61 4.14 52.07
CA ASP B 484 2.69 2.85 51.32
C ASP B 484 1.42 2.72 50.47
N LEU B 485 0.28 3.09 51.01
CA LEU B 485 -1.04 2.99 50.32
C LEU B 485 -1.22 4.19 49.40
N MET B 486 -0.75 5.37 49.79
CA MET B 486 -0.96 6.59 48.96
C MET B 486 -0.29 6.41 47.58
N THR B 487 0.90 5.85 47.50
CA THR B 487 1.62 5.67 46.21
C THR B 487 0.81 4.69 45.35
N ALA B 488 0.31 3.59 45.90
CA ALA B 488 -0.55 2.64 45.16
C ALA B 488 -1.79 3.36 44.62
N ILE B 489 -2.40 4.26 45.40
CA ILE B 489 -3.61 5.01 44.96
C ILE B 489 -3.22 6.00 43.86
N MET B 490 -2.11 6.72 44.04
CA MET B 490 -1.59 7.68 43.02
C MET B 490 -1.54 7.03 41.63
N PHE B 491 -1.12 5.77 41.53
CA PHE B 491 -0.82 5.09 40.23
C PHE B 491 -1.88 4.02 39.93
N SER B 492 -3.04 4.11 40.57
CA SER B 492 -4.21 3.23 40.29
C SER B 492 -5.06 3.89 39.21
N GLU B 493 -6.08 3.18 38.72
CA GLU B 493 -7.03 3.72 37.71
C GLU B 493 -7.89 4.84 38.33
N ARG B 494 -8.38 5.77 37.52
CA ARG B 494 -9.36 6.81 37.92
C ARG B 494 -10.55 6.19 38.68
N GLU B 495 -11.11 5.08 38.18
CA GLU B 495 -12.29 4.38 38.78
C GLU B 495 -11.95 3.94 40.21
N GLN B 496 -10.74 3.41 40.43
CA GLN B 496 -10.28 2.90 41.74
C GLN B 496 -10.11 4.06 42.73
N GLN B 497 -9.63 5.20 42.26
CA GLN B 497 -9.53 6.44 43.07
C GLN B 497 -10.93 6.90 43.48
N ASP B 498 -11.87 6.93 42.52
CA ASP B 498 -13.28 7.35 42.73
C ASP B 498 -13.95 6.44 43.76
N GLU B 499 -13.76 5.12 43.62
CA GLU B 499 -14.33 4.11 44.55
C GLU B 499 -13.80 4.36 45.96
N LEU B 500 -12.54 4.77 46.12
CA LEU B 500 -11.93 5.08 47.45
C LEU B 500 -12.48 6.40 48.02
N ILE B 501 -12.79 7.39 47.18
CA ILE B 501 -13.43 8.65 47.67
C ILE B 501 -14.79 8.29 48.28
N ALA B 502 -15.57 7.45 47.59
CA ALA B 502 -16.89 6.95 48.03
C ALA B 502 -16.72 6.17 49.33
N TYR B 503 -15.74 5.27 49.41
CA TYR B 503 -15.48 4.44 50.63
C TYR B 503 -15.21 5.38 51.81
N TYR B 504 -14.30 6.34 51.65
CA TYR B 504 -13.90 7.27 52.74
C TYR B 504 -15.11 8.10 53.21
N ALA B 505 -15.95 8.53 52.26
CA ALA B 505 -17.18 9.31 52.51
C ALA B 505 -18.19 8.45 53.32
N ASP B 506 -18.45 7.21 52.89
CA ASP B 506 -19.35 6.26 53.60
C ASP B 506 -18.85 5.98 55.02
N VAL B 507 -17.54 5.94 55.24
CA VAL B 507 -16.96 5.70 56.59
C VAL B 507 -17.19 6.94 57.47
N HIS B 508 -17.07 8.15 56.90
CA HIS B 508 -17.31 9.43 57.63
C HIS B 508 -18.78 9.49 58.09
N ARG B 509 -19.72 9.17 57.19
CA ARG B 509 -21.18 9.08 57.46
C ARG B 509 -21.44 8.14 58.64
N GLU B 510 -20.89 6.93 58.59
CA GLU B 510 -21.12 5.83 59.56
C GLU B 510 -20.66 6.24 60.97
N TRP B 511 -19.60 7.03 61.11
CA TRP B 511 -18.90 7.23 62.42
C TRP B 511 -19.03 8.67 62.94
N HIS B 512 -19.52 9.61 62.13
CA HIS B 512 -19.76 11.03 62.52
C HIS B 512 -21.22 11.37 62.21
N GLN C 31 84.69 32.16 47.08
CA GLN C 31 83.44 32.82 47.57
C GLN C 31 82.91 32.05 48.78
N THR C 32 82.21 32.75 49.69
CA THR C 32 81.25 32.17 50.66
C THR C 32 79.80 32.31 50.15
N ASP C 33 79.62 32.93 48.98
CA ASP C 33 78.37 33.11 48.19
C ASP C 33 77.57 31.81 48.11
N VAL C 34 76.25 31.88 48.26
CA VAL C 34 75.32 30.71 48.16
C VAL C 34 74.38 30.93 46.95
N ILE C 35 74.28 29.93 46.07
CA ILE C 35 73.27 29.93 44.97
C ILE C 35 72.23 28.85 45.23
N VAL C 36 70.96 29.24 45.32
CA VAL C 36 69.80 28.31 45.34
C VAL C 36 69.28 28.20 43.90
N VAL C 37 69.29 26.99 43.34
CA VAL C 37 68.73 26.73 41.98
C VAL C 37 67.28 26.27 42.14
N GLY C 38 66.32 27.15 41.81
CA GLY C 38 64.90 26.80 41.79
C GLY C 38 64.05 27.74 42.63
N ASN C 39 62.91 28.19 42.14
CA ASN C 39 62.10 29.24 42.79
C ASN C 39 60.73 28.68 43.17
N GLY C 40 60.60 27.38 43.40
CA GLY C 40 59.38 26.80 43.98
C GLY C 40 59.37 27.04 45.48
N VAL C 41 58.44 26.41 46.20
CA VAL C 41 58.38 26.52 47.68
C VAL C 41 59.71 26.04 48.31
N LEU C 42 60.35 25.00 47.79
CA LEU C 42 61.54 24.42 48.44
C LEU C 42 62.71 25.39 48.29
N GLY C 43 63.01 25.81 47.06
CA GLY C 43 64.07 26.80 46.79
C GLY C 43 63.90 28.04 47.68
N LEU C 44 62.74 28.68 47.62
CA LEU C 44 62.48 29.94 48.37
C LEU C 44 62.53 29.69 49.86
N SER C 45 62.06 28.54 50.35
CA SER C 45 62.07 28.23 51.78
C SER C 45 63.53 28.14 52.26
N VAL C 46 64.37 27.47 51.50
CA VAL C 46 65.81 27.29 51.84
C VAL C 46 66.51 28.64 51.68
N GLY C 47 66.21 29.39 50.61
CA GLY C 47 66.68 30.77 50.39
C GLY C 47 66.41 31.63 51.60
N VAL C 48 65.17 31.61 52.09
CA VAL C 48 64.75 32.44 53.26
C VAL C 48 65.56 32.03 54.48
N GLU C 49 65.72 30.74 54.75
CA GLU C 49 66.39 30.25 55.99
C GLU C 49 67.89 30.60 55.92
N ILE C 50 68.51 30.50 54.75
CA ILE C 50 69.95 30.83 54.56
C ILE C 50 70.15 32.34 54.77
N ALA C 51 69.40 33.17 54.07
CA ALA C 51 69.47 34.65 54.15
C ALA C 51 69.30 35.13 55.58
N ARG C 52 68.40 34.53 56.36
CA ARG C 52 68.08 34.97 57.74
C ARG C 52 69.16 34.51 58.72
N THR C 53 69.84 33.39 58.46
CA THR C 53 70.77 32.72 59.40
C THR C 53 72.21 33.19 59.15
N ARG C 54 72.54 33.62 57.92
CA ARG C 54 73.86 34.13 57.51
C ARG C 54 73.70 35.50 56.85
N PRO C 55 73.43 36.60 57.61
CA PRO C 55 73.31 37.93 57.02
C PRO C 55 74.62 38.42 56.39
N ASP C 56 75.75 37.81 56.80
CA ASP C 56 77.12 38.05 56.27
C ASP C 56 77.22 37.65 54.79
N VAL C 57 76.58 36.56 54.34
CA VAL C 57 76.82 35.95 53.00
C VAL C 57 75.79 36.48 51.99
N ARG C 58 76.17 36.47 50.70
CA ARG C 58 75.30 36.74 49.52
C ARG C 58 74.59 35.45 49.09
N VAL C 59 73.25 35.45 49.16
CA VAL C 59 72.37 34.34 48.74
C VAL C 59 71.62 34.80 47.49
N THR C 60 71.85 34.10 46.37
CA THR C 60 71.18 34.38 45.07
C THR C 60 70.30 33.16 44.73
N LEU C 61 69.03 33.41 44.36
CA LEU C 61 68.06 32.36 43.98
C LEU C 61 67.71 32.52 42.50
N LEU C 62 67.92 31.46 41.70
CA LEU C 62 67.66 31.40 40.23
C LEU C 62 66.25 30.81 39.96
N GLY C 63 65.72 31.07 38.77
CA GLY C 63 64.38 30.60 38.33
C GLY C 63 63.52 31.75 37.82
N LYS C 64 62.61 31.48 36.89
CA LYS C 64 61.81 32.49 36.14
C LYS C 64 60.38 32.52 36.67
N PRO C 65 59.67 33.66 36.54
CA PRO C 65 58.30 33.78 37.05
C PRO C 65 57.28 32.81 36.42
N ALA C 66 57.56 32.28 35.22
CA ALA C 66 56.69 31.30 34.50
C ALA C 66 56.55 30.00 35.33
N ARG C 67 57.59 29.62 36.09
CA ARG C 67 57.60 28.37 36.92
C ARG C 67 57.07 27.19 36.09
N GLN C 68 57.67 26.92 34.93
CA GLN C 68 57.23 25.85 34.00
C GLN C 68 57.21 24.50 34.72
N TYR C 69 56.08 23.76 34.63
CA TYR C 69 55.82 22.43 35.25
C TYR C 69 55.83 22.52 36.78
N GLY C 70 55.80 23.74 37.34
CA GLY C 70 55.88 23.94 38.80
C GLY C 70 54.76 23.21 39.51
N ALA C 71 55.12 22.30 40.42
CA ALA C 71 54.19 21.65 41.37
C ALA C 71 53.56 22.72 42.28
N THR C 72 54.36 23.65 42.82
CA THR C 72 53.94 24.58 43.91
C THR C 72 52.64 25.32 43.51
N PRO C 73 52.56 25.99 42.32
CA PRO C 73 51.36 26.75 41.96
C PRO C 73 50.10 25.87 41.83
N ALA C 74 50.29 24.59 41.47
CA ALA C 74 49.19 23.61 41.24
C ALA C 74 48.74 22.94 42.55
N ALA C 75 49.47 23.17 43.65
CA ALA C 75 49.15 22.60 44.98
C ALA C 75 48.14 23.52 45.68
N GLY C 76 47.34 22.93 46.57
CA GLY C 76 46.16 23.60 47.15
C GLY C 76 46.52 24.71 48.10
N ALA C 77 47.15 24.33 49.21
CA ALA C 77 47.75 23.02 49.42
C ALA C 77 47.40 22.58 50.82
N MET C 78 47.29 21.27 51.00
CA MET C 78 47.13 20.65 52.33
C MET C 78 48.50 20.55 53.01
N LEU C 79 48.56 20.89 54.29
CA LEU C 79 49.70 20.52 55.18
C LEU C 79 49.45 19.10 55.68
N GLY C 80 49.58 18.14 54.77
CA GLY C 80 49.17 16.73 54.95
C GLY C 80 50.21 15.99 55.76
N ALA C 81 49.79 15.43 56.88
CA ALA C 81 50.61 14.57 57.77
C ALA C 81 49.79 13.32 58.03
N PHE C 82 48.79 13.41 58.88
CA PHE C 82 47.92 12.27 59.24
C PHE C 82 47.03 11.92 58.04
N GLY C 83 46.48 12.92 57.35
CA GLY C 83 45.71 12.74 56.12
C GLY C 83 46.44 11.91 55.05
N GLU C 84 47.78 11.95 55.01
CA GLU C 84 48.59 11.29 53.96
C GLU C 84 48.88 9.83 54.35
N VAL C 85 48.52 9.40 55.55
CA VAL C 85 48.80 8.02 56.05
C VAL C 85 48.05 7.00 55.18
N THR C 86 48.75 5.94 54.79
CA THR C 86 48.16 4.72 54.20
C THR C 86 48.67 3.50 54.98
N ALA C 87 47.93 2.39 54.96
CA ALA C 87 48.35 1.09 55.53
C ALA C 87 49.68 0.66 54.91
N HIS C 88 49.82 0.80 53.60
CA HIS C 88 51.00 0.41 52.79
C HIS C 88 52.26 1.18 53.26
N ALA C 89 52.15 2.49 53.43
CA ALA C 89 53.25 3.37 53.90
C ALA C 89 53.72 2.92 55.30
N LEU C 90 52.79 2.77 56.23
CA LEU C 90 53.08 2.45 57.66
C LEU C 90 53.56 0.99 57.81
N ALA C 91 53.59 0.19 56.75
CA ALA C 91 53.98 -1.25 56.78
C ALA C 91 55.45 -1.41 56.43
N SER C 92 56.16 -0.35 56.05
CA SER C 92 57.64 -0.33 55.87
C SER C 92 58.33 0.56 56.90
N GLU C 93 59.59 0.27 57.20
CA GLU C 93 60.45 1.13 58.05
C GLU C 93 60.55 2.52 57.39
N HIS C 94 60.87 2.55 56.09
CA HIS C 94 61.08 3.81 55.31
C HIS C 94 59.81 4.66 55.34
N GLY C 95 58.63 4.06 55.22
CA GLY C 95 57.32 4.76 55.32
C GLY C 95 57.07 5.35 56.70
N ARG C 96 57.37 4.62 57.78
CA ARG C 96 57.20 5.10 59.18
C ARG C 96 58.15 6.29 59.42
N LYS C 97 59.35 6.30 58.86
CA LYS C 97 60.31 7.43 58.96
C LYS C 97 59.73 8.68 58.27
N LYS C 98 59.21 8.51 57.03
CA LYS C 98 58.60 9.63 56.26
C LYS C 98 57.45 10.23 57.08
N HIS C 99 56.60 9.39 57.66
CA HIS C 99 55.43 9.86 58.45
C HIS C 99 55.94 10.66 59.64
N ALA C 100 56.95 10.17 60.36
CA ALA C 100 57.56 10.85 61.53
C ALA C 100 58.07 12.23 61.11
N LEU C 101 58.74 12.34 59.96
CA LEU C 101 59.23 13.64 59.44
C LEU C 101 58.04 14.58 59.16
N ALA C 102 56.93 14.04 58.67
CA ALA C 102 55.74 14.84 58.33
C ALA C 102 55.12 15.38 59.62
N VAL C 103 55.12 14.57 60.68
CA VAL C 103 54.60 14.99 62.02
C VAL C 103 55.48 16.12 62.53
N GLN C 104 56.80 16.01 62.35
CA GLN C 104 57.79 17.02 62.81
C GLN C 104 57.59 18.30 62.03
N ALA C 105 57.42 18.21 60.70
CA ALA C 105 57.16 19.38 59.83
C ALA C 105 55.88 20.09 60.30
N GLN C 106 54.82 19.36 60.63
CA GLN C 106 53.53 19.93 61.08
C GLN C 106 53.78 20.89 62.25
N ARG C 107 54.67 20.53 63.19
CA ARG C 107 54.91 21.30 64.42
C ARG C 107 55.58 22.64 64.09
N LEU C 108 56.27 22.77 62.96
CA LEU C 108 56.97 24.02 62.55
C LEU C 108 56.03 25.02 61.89
N TRP C 109 54.89 24.60 61.35
CA TRP C 109 54.12 25.47 60.40
C TRP C 109 53.58 26.73 61.09
N PRO C 110 52.98 26.67 62.31
CA PRO C 110 52.46 27.88 62.95
C PRO C 110 53.47 29.04 63.08
N GLU C 111 54.69 28.75 63.55
CA GLU C 111 55.76 29.79 63.74
C GLU C 111 56.31 30.22 62.37
N TRP C 112 56.49 29.28 61.44
CA TRP C 112 56.98 29.55 60.06
C TRP C 112 56.05 30.54 59.36
N ILE C 113 54.75 30.33 59.45
CA ILE C 113 53.73 31.24 58.87
C ILE C 113 53.79 32.60 59.57
N GLU C 114 53.82 32.61 60.89
CA GLU C 114 53.95 33.85 61.72
C GLU C 114 55.18 34.64 61.22
N SER C 115 56.31 33.97 61.03
CA SER C 115 57.59 34.59 60.62
C SER C 115 57.49 35.12 59.18
N LEU C 116 56.64 34.56 58.32
CA LEU C 116 56.50 34.98 56.90
C LEU C 116 55.46 36.11 56.78
N GLU C 117 54.37 36.03 57.55
CA GLU C 117 53.32 37.09 57.53
C GLU C 117 53.86 38.36 58.21
N ALA C 118 54.83 38.24 59.10
CA ALA C 118 55.46 39.35 59.87
C ALA C 118 56.21 40.32 58.93
N THR C 119 56.66 39.89 57.75
CA THR C 119 57.35 40.75 56.75
C THR C 119 56.33 41.45 55.85
N GLY C 120 55.04 41.24 56.07
CA GLY C 120 53.95 41.82 55.24
C GLY C 120 52.95 42.57 56.12
N THR C 121 51.77 42.88 55.58
CA THR C 121 50.65 43.59 56.28
C THR C 121 49.35 42.81 56.07
N ALA C 122 48.27 43.19 56.77
CA ALA C 122 46.92 42.57 56.67
C ALA C 122 46.50 42.40 55.19
N ALA C 123 46.78 43.40 54.35
CA ALA C 123 46.26 43.50 52.96
C ALA C 123 46.97 42.51 52.03
N ASP C 124 48.01 41.81 52.49
CA ASP C 124 48.81 40.87 51.64
C ASP C 124 48.07 39.54 51.47
N GLY C 125 47.10 39.27 52.33
CA GLY C 125 46.29 38.04 52.35
C GLY C 125 46.86 37.08 53.37
N ARG C 126 46.04 36.14 53.82
CA ARG C 126 46.44 35.12 54.83
C ARG C 126 47.00 33.91 54.09
N ILE C 127 48.14 33.38 54.57
CA ILE C 127 48.75 32.13 54.05
C ILE C 127 47.83 30.95 54.43
N LYS C 128 47.40 30.90 55.68
CA LYS C 128 46.56 29.83 56.25
C LYS C 128 45.14 30.01 55.73
N THR C 129 44.54 28.98 55.16
CA THR C 129 43.12 29.02 54.68
C THR C 129 42.22 28.11 55.52
N ALA C 130 42.77 27.13 56.23
CA ALA C 130 42.05 26.32 57.23
C ALA C 130 43.03 25.80 58.29
N ASP C 131 42.52 25.60 59.50
CA ASP C 131 43.29 25.04 60.64
C ASP C 131 43.13 23.52 60.71
N ASP C 132 41.94 23.04 60.34
CA ASP C 132 41.49 21.65 60.56
C ASP C 132 41.17 20.96 59.22
N THR C 133 41.10 19.64 59.28
CA THR C 133 40.86 18.72 58.14
C THR C 133 39.79 17.73 58.56
N VAL C 134 38.83 17.44 57.69
CA VAL C 134 37.88 16.32 57.86
C VAL C 134 38.22 15.27 56.80
N VAL C 135 38.55 14.05 57.23
CA VAL C 135 38.74 12.88 56.35
C VAL C 135 37.39 12.15 56.26
N LEU C 136 36.91 11.91 55.05
CA LEU C 136 35.60 11.29 54.78
C LEU C 136 35.84 9.89 54.22
N LEU C 137 35.03 8.95 54.68
CA LEU C 137 35.02 7.57 54.15
C LEU C 137 33.67 7.34 53.44
N ASN C 138 33.74 7.07 52.14
CA ASN C 138 32.59 6.74 51.27
C ASN C 138 32.93 5.45 50.54
N THR C 139 31.99 4.92 49.74
CA THR C 139 32.14 3.57 49.13
C THR C 139 32.52 3.75 47.67
N VAL C 140 32.94 4.95 47.27
CA VAL C 140 33.32 5.20 45.85
C VAL C 140 34.81 4.91 45.74
N GLY C 141 35.18 3.66 46.00
CA GLY C 141 36.59 3.23 45.97
C GLY C 141 36.72 1.79 46.38
N HIS C 142 37.96 1.30 46.39
CA HIS C 142 38.31 -0.07 46.82
C HIS C 142 38.26 -0.14 48.33
N SER C 143 37.61 -1.14 48.94
CA SER C 143 37.69 -1.43 50.39
C SER C 143 39.14 -1.68 50.78
N ALA C 144 39.91 -2.33 49.93
CA ALA C 144 41.31 -2.72 50.21
C ALA C 144 42.22 -1.50 50.32
N LEU C 145 41.83 -0.32 49.80
CA LEU C 145 42.57 0.94 50.01
C LEU C 145 41.85 1.80 51.05
N ASP C 146 40.62 2.20 50.79
CA ASP C 146 39.91 3.23 51.58
C ASP C 146 39.66 2.72 53.03
N ASP C 147 39.22 1.49 53.24
CA ASP C 147 38.93 0.95 54.60
C ASP C 147 40.26 0.77 55.37
N ALA C 148 41.26 0.17 54.73
CA ALA C 148 42.59 -0.04 55.33
C ALA C 148 43.20 1.32 55.69
N ASN C 149 43.08 2.32 54.81
CA ASN C 149 43.75 3.63 54.98
C ASN C 149 43.06 4.43 56.08
N PHE C 150 41.76 4.35 56.20
CA PHE C 150 41.00 5.08 57.25
C PHE C 150 41.41 4.56 58.64
N ALA C 151 41.46 3.23 58.80
CA ALA C 151 41.96 2.55 60.02
C ALA C 151 43.40 2.98 60.31
N ALA C 152 44.29 2.98 59.31
CA ALA C 152 45.71 3.39 59.46
C ALA C 152 45.82 4.84 59.94
N VAL C 153 44.99 5.75 59.43
CA VAL C 153 44.98 7.18 59.83
C VAL C 153 44.58 7.28 61.31
N LEU C 154 43.51 6.60 61.71
CA LEU C 154 42.98 6.57 63.09
C LEU C 154 44.08 6.08 64.03
N THR C 155 44.77 5.00 63.65
CA THR C 155 45.85 4.37 64.42
C THR C 155 46.99 5.39 64.62
N ALA C 156 47.46 5.99 63.53
CA ALA C 156 48.59 6.95 63.53
C ALA C 156 48.24 8.17 64.38
N LEU C 157 47.01 8.66 64.34
CA LEU C 157 46.57 9.81 65.17
C LEU C 157 46.67 9.45 66.66
N LYS C 158 46.17 8.26 67.03
CA LYS C 158 46.15 7.78 68.44
C LYS C 158 47.61 7.58 68.91
N GLU C 159 48.48 6.96 68.11
CA GLU C 159 49.91 6.72 68.45
C GLU C 159 50.65 8.04 68.69
N ALA C 160 50.32 9.10 67.96
CA ALA C 160 51.03 10.39 68.04
C ALA C 160 50.33 11.33 69.02
N ASN C 161 49.26 10.89 69.65
CA ASN C 161 48.52 11.71 70.64
C ASN C 161 48.03 13.01 69.97
N ALA C 162 47.70 12.97 68.69
CA ALA C 162 47.20 14.15 67.93
C ALA C 162 45.73 14.40 68.31
N PRO C 163 45.31 15.68 68.45
CA PRO C 163 43.92 15.97 68.78
C PRO C 163 43.04 15.69 67.55
N HIS C 164 42.02 14.85 67.73
CA HIS C 164 41.17 14.34 66.62
C HIS C 164 39.91 13.75 67.23
N GLU C 165 38.88 13.57 66.42
CA GLU C 165 37.59 12.96 66.86
C GLU C 165 36.95 12.33 65.63
N GLU C 166 36.52 11.07 65.74
CA GLU C 166 35.52 10.49 64.81
C GLU C 166 34.21 11.21 65.09
N ILE C 167 33.59 11.81 64.08
CA ILE C 167 32.34 12.62 64.24
C ILE C 167 31.24 12.05 63.36
N ALA C 168 30.01 12.41 63.69
CA ALA C 168 28.82 12.11 62.86
C ALA C 168 29.00 12.87 61.55
N VAL C 169 28.70 12.21 60.42
CA VAL C 169 28.75 12.82 59.07
C VAL C 169 27.79 14.02 59.04
N GLU C 170 26.65 13.90 59.72
CA GLU C 170 25.59 14.93 59.86
C GLU C 170 26.19 16.23 60.38
N SER C 171 27.25 16.16 61.19
CA SER C 171 27.89 17.33 61.83
C SER C 171 28.96 17.95 60.92
N VAL C 172 29.27 17.38 59.76
CA VAL C 172 30.28 17.98 58.83
C VAL C 172 29.59 19.15 58.12
N ASP C 173 30.13 20.36 58.26
CA ASP C 173 29.45 21.55 57.69
C ASP C 173 29.69 21.55 56.19
N TRP C 174 28.70 22.04 55.46
CA TRP C 174 28.80 22.54 54.07
C TRP C 174 28.56 21.39 53.07
N ILE C 175 29.21 20.22 53.22
CA ILE C 175 29.11 19.12 52.19
C ILE C 175 27.64 18.86 51.83
N ASP C 176 27.40 18.52 50.56
CA ASP C 176 26.05 18.16 50.04
C ASP C 176 26.26 17.10 48.97
N PRO C 177 26.72 15.89 49.34
CA PRO C 177 27.00 14.86 48.37
C PRO C 177 25.72 14.23 47.78
N ASP C 178 25.88 13.63 46.62
CA ASP C 178 24.95 12.61 46.09
C ASP C 178 24.79 11.53 47.17
N PRO C 179 23.57 11.24 47.66
CA PRO C 179 23.36 10.15 48.62
C PRO C 179 24.07 8.83 48.29
N ASN C 180 24.12 8.43 47.02
CA ASN C 180 24.79 7.17 46.62
C ASN C 180 26.31 7.33 46.72
N SER C 181 26.84 8.54 46.85
CA SER C 181 28.31 8.79 46.96
C SER C 181 28.68 9.35 48.34
N ARG C 182 27.76 9.32 49.31
CA ARG C 182 27.93 10.08 50.57
C ARG C 182 28.90 9.35 51.49
N PRO C 183 29.55 10.08 52.41
CA PRO C 183 30.37 9.44 53.43
C PRO C 183 29.47 8.90 54.55
N LEU C 184 29.86 7.79 55.16
CA LEU C 184 29.17 7.21 56.34
C LEU C 184 30.07 7.34 57.58
N ARG C 185 31.34 7.65 57.41
CA ARG C 185 32.26 7.95 58.53
C ARG C 185 33.06 9.21 58.21
N ALA C 186 33.39 9.95 59.26
CA ALA C 186 34.14 11.22 59.18
C ALA C 186 35.04 11.35 60.40
N LEU C 187 36.18 11.98 60.18
CA LEU C 187 37.32 12.08 61.10
C LEU C 187 37.82 13.52 61.08
N HIS C 188 37.63 14.27 62.16
CA HIS C 188 38.07 15.67 62.36
C HIS C 188 39.48 15.65 62.93
N ILE C 189 40.44 16.26 62.23
CA ILE C 189 41.86 16.38 62.67
C ILE C 189 42.14 17.84 62.95
N GLU C 190 42.40 18.20 64.21
CA GLU C 190 42.74 19.58 64.66
C GLU C 190 44.18 19.88 64.29
N GLY C 191 44.47 21.09 63.77
CA GLY C 191 45.84 21.57 63.56
C GLY C 191 46.50 20.92 62.36
N GLU C 192 45.71 20.27 61.50
CA GLU C 192 46.14 19.82 60.14
C GLU C 192 45.27 20.61 59.16
N GLY C 193 45.88 21.59 58.50
CA GLY C 193 45.13 22.58 57.71
C GLY C 193 45.67 22.69 56.29
N SER C 194 45.58 23.90 55.77
CA SER C 194 45.92 24.20 54.37
C SER C 194 46.41 25.64 54.26
N VAL C 195 47.13 25.90 53.18
CA VAL C 195 47.66 27.24 52.82
C VAL C 195 47.22 27.54 51.38
N ASP C 196 47.11 28.83 51.05
CA ASP C 196 47.03 29.30 49.66
C ASP C 196 48.46 29.30 49.12
N SER C 197 48.78 28.38 48.20
CA SER C 197 50.17 28.19 47.73
C SER C 197 50.66 29.48 47.06
N GLY C 198 49.75 30.25 46.46
CA GLY C 198 50.10 31.49 45.74
C GLY C 198 50.50 32.60 46.70
N ILE C 199 49.75 32.75 47.79
CA ILE C 199 50.07 33.74 48.86
C ILE C 199 51.33 33.29 49.62
N LEU C 200 51.56 31.98 49.78
CA LEU C 200 52.80 31.45 50.40
C LEU C 200 54.00 31.85 49.53
N LEU C 201 53.94 31.64 48.21
CA LEU C 201 55.05 32.02 47.29
C LEU C 201 55.34 33.53 47.39
N ALA C 202 54.31 34.38 47.37
CA ALA C 202 54.45 35.85 47.47
C ALA C 202 55.12 36.20 48.81
N ALA C 203 54.70 35.56 49.91
CA ALA C 203 55.24 35.82 51.27
C ALA C 203 56.69 35.33 51.37
N LEU C 204 57.03 34.23 50.68
CA LEU C 204 58.41 33.68 50.67
C LEU C 204 59.33 34.65 49.92
N GLU C 205 58.94 35.09 48.72
CA GLU C 205 59.72 36.08 47.92
C GLU C 205 59.94 37.33 48.76
N ARG C 206 58.88 37.88 49.33
CA ARG C 206 58.91 39.11 50.15
C ARG C 206 59.88 38.89 51.32
N SER C 207 59.79 37.75 52.02
CA SER C 207 60.62 37.47 53.21
C SER C 207 62.08 37.26 52.80
N PHE C 208 62.30 36.74 51.59
CA PHE C 208 63.64 36.50 51.03
C PHE C 208 64.34 37.85 50.78
N LEU C 209 63.65 38.76 50.09
CA LEU C 209 64.13 40.13 49.80
C LEU C 209 64.42 40.84 51.13
N GLN C 210 63.49 40.77 52.08
CA GLN C 210 63.57 41.45 53.40
C GLN C 210 64.83 40.99 54.16
N ALA C 211 65.32 39.78 53.94
CA ALA C 211 66.47 39.23 54.69
C ALA C 211 67.77 39.38 53.88
N GLY C 212 67.74 40.06 52.73
CA GLY C 212 68.93 40.42 51.94
C GLY C 212 69.13 39.52 50.72
N GLY C 213 68.17 38.66 50.38
CA GLY C 213 68.31 37.74 49.24
C GLY C 213 68.21 38.47 47.93
N ARG C 214 68.80 37.90 46.87
CA ARG C 214 68.80 38.47 45.51
C ARG C 214 68.14 37.47 44.56
N LEU C 215 67.11 37.93 43.83
CA LEU C 215 66.40 37.13 42.82
C LEU C 215 67.01 37.42 41.46
N HIS C 216 67.65 36.44 40.83
CA HIS C 216 68.18 36.54 39.43
C HIS C 216 67.29 35.67 38.55
N PRO C 217 66.35 36.27 37.79
CA PRO C 217 65.32 35.51 37.08
C PRO C 217 65.81 34.86 35.77
N VAL C 218 66.73 33.91 35.90
CA VAL C 218 67.21 33.02 34.79
C VAL C 218 67.32 31.60 35.32
N ASP C 219 67.46 30.62 34.43
CA ASP C 219 67.58 29.18 34.78
C ASP C 219 69.07 28.79 34.79
N ALA C 220 69.47 27.92 35.71
CA ALA C 220 70.79 27.24 35.68
C ALA C 220 70.77 26.19 34.56
N THR C 221 71.84 26.07 33.77
CA THR C 221 71.99 25.00 32.74
C THR C 221 73.01 23.96 33.22
N GLU C 222 73.94 24.34 34.10
CA GLU C 222 75.10 23.49 34.47
C GLU C 222 75.62 23.90 35.84
N ILE C 223 75.98 22.94 36.67
CA ILE C 223 76.76 23.15 37.92
C ILE C 223 78.23 22.88 37.58
N ARG C 224 79.14 23.79 37.95
CA ARG C 224 80.59 23.61 37.70
C ARG C 224 81.28 23.23 39.01
N ALA C 225 82.08 22.17 38.94
CA ALA C 225 82.86 21.60 40.07
C ALA C 225 84.15 20.97 39.53
N SER C 226 85.21 21.01 40.32
CA SER C 226 86.53 20.39 40.01
C SER C 226 87.28 20.17 41.32
N HIS C 227 88.11 19.13 41.36
CA HIS C 227 88.87 18.71 42.57
C HIS C 227 87.87 18.52 43.71
N GLY C 228 86.68 17.98 43.42
CA GLY C 228 85.63 17.59 44.38
C GLY C 228 84.97 18.77 45.10
N ARG C 229 84.91 19.94 44.47
CA ARG C 229 84.38 21.19 45.10
C ARG C 229 83.53 21.98 44.09
N VAL C 230 82.40 22.55 44.51
CA VAL C 230 81.56 23.43 43.64
C VAL C 230 82.28 24.76 43.43
N GLU C 231 82.26 25.26 42.19
CA GLU C 231 82.82 26.58 41.78
C GLU C 231 81.67 27.57 41.55
N GLY C 232 80.56 27.11 40.98
CA GLY C 232 79.37 27.95 40.73
C GLY C 232 78.44 27.34 39.70
N VAL C 233 77.72 28.20 38.97
CA VAL C 233 76.56 27.81 38.11
C VAL C 233 76.59 28.63 36.82
N VAL C 234 76.59 27.97 35.67
CA VAL C 234 76.32 28.58 34.35
C VAL C 234 74.80 28.77 34.19
N THR C 235 74.37 29.97 33.79
CA THR C 235 72.94 30.31 33.53
C THR C 235 72.64 30.18 32.03
N ASP C 236 71.36 30.20 31.66
CA ASP C 236 70.86 29.93 30.28
C ASP C 236 71.02 31.16 29.39
N ASP C 237 71.50 32.28 29.93
CA ASP C 237 71.89 33.49 29.15
C ASP C 237 73.41 33.49 28.88
N GLY C 238 74.12 32.40 29.22
CA GLY C 238 75.56 32.22 28.94
C GLY C 238 76.48 32.65 30.09
N ASP C 239 75.96 33.42 31.05
CA ASP C 239 76.73 34.01 32.19
C ASP C 239 77.22 32.89 33.13
N PHE C 240 78.17 33.19 34.02
CA PHE C 240 78.68 32.26 35.06
C PHE C 240 78.63 32.96 36.42
N LEU C 241 78.02 32.32 37.42
CA LEU C 241 77.91 32.87 38.79
C LEU C 241 78.79 32.03 39.72
N PRO C 242 79.80 32.62 40.37
CA PRO C 242 80.66 31.86 41.28
C PRO C 242 79.99 31.67 42.64
N ALA C 243 80.27 30.55 43.33
CA ALA C 243 79.81 30.28 44.71
C ALA C 243 80.53 29.07 45.30
N GLY C 244 80.65 29.04 46.63
CA GLY C 244 81.18 27.91 47.41
C GLY C 244 80.07 27.01 47.94
N HIS C 245 78.80 27.38 47.73
CA HIS C 245 77.62 26.59 48.12
C HIS C 245 76.56 26.69 47.02
N VAL C 246 76.11 25.55 46.50
CA VAL C 246 74.97 25.43 45.53
C VAL C 246 73.94 24.45 46.12
N VAL C 247 72.70 24.94 46.31
CA VAL C 247 71.54 24.12 46.75
C VAL C 247 70.61 23.93 45.54
N VAL C 248 70.46 22.68 45.10
CA VAL C 248 69.58 22.35 43.95
C VAL C 248 68.21 21.98 44.51
N ALA C 249 67.21 22.82 44.24
CA ALA C 249 65.77 22.60 44.52
C ALA C 249 64.96 22.99 43.28
N ALA C 250 65.31 22.34 42.17
CA ALA C 250 64.75 22.57 40.81
C ALA C 250 63.66 21.54 40.50
N GLY C 251 62.97 21.05 41.53
CA GLY C 251 61.95 20.01 41.39
C GLY C 251 62.43 18.85 40.53
N ALA C 252 61.65 18.45 39.54
CA ALA C 252 61.87 17.21 38.75
C ALA C 252 63.13 17.33 37.88
N ARG C 253 63.73 18.52 37.75
CA ARG C 253 64.96 18.71 36.92
C ARG C 253 66.23 18.58 37.79
N SER C 254 66.09 18.43 39.10
CA SER C 254 67.19 18.43 40.10
C SER C 254 68.20 17.31 39.82
N GLN C 255 67.78 16.07 39.56
CA GLN C 255 68.70 14.94 39.29
C GLN C 255 69.44 15.17 37.97
N ARG C 256 68.73 15.53 36.90
CA ARG C 256 69.33 15.70 35.54
C ARG C 256 70.50 16.69 35.65
N LEU C 257 70.42 17.63 36.59
CA LEU C 257 71.38 18.76 36.74
C LEU C 257 72.64 18.29 37.47
N VAL C 258 72.48 17.53 38.56
CA VAL C 258 73.62 17.03 39.39
C VAL C 258 74.26 15.80 38.73
N ALA C 259 73.50 14.97 38.02
CA ALA C 259 73.94 13.68 37.45
C ALA C 259 74.96 13.89 36.30
N ALA C 260 75.03 15.10 35.75
CA ALA C 260 75.95 15.48 34.65
C ALA C 260 77.39 15.54 35.18
N LEU C 261 77.59 15.73 36.49
CA LEU C 261 78.92 15.79 37.16
C LEU C 261 79.57 14.42 37.16
N PRO C 262 80.93 14.33 37.16
CA PRO C 262 81.64 13.07 36.93
C PRO C 262 81.28 11.91 37.88
N GLY C 263 80.87 10.77 37.31
CA GLY C 263 80.63 9.51 38.04
C GLY C 263 79.36 9.52 38.89
N LEU C 264 78.51 10.55 38.75
CA LEU C 264 77.28 10.72 39.58
C LEU C 264 76.03 10.17 38.86
N ALA C 265 76.15 9.79 37.58
CA ALA C 265 74.98 9.45 36.71
C ALA C 265 74.12 8.34 37.37
N HIS C 266 74.78 7.43 38.10
CA HIS C 266 74.17 6.21 38.68
C HIS C 266 74.32 6.21 40.21
N ARG C 267 74.59 7.38 40.79
CA ARG C 267 74.78 7.55 42.26
C ARG C 267 73.63 8.39 42.85
N ILE C 268 73.03 9.27 42.04
CA ILE C 268 71.80 10.05 42.38
C ILE C 268 70.59 9.36 41.76
N PRO C 269 69.64 8.84 42.55
CA PRO C 269 68.42 8.23 42.01
C PRO C 269 67.64 9.18 41.08
N ARG C 270 67.29 8.69 39.89
CA ARG C 270 66.42 9.37 38.90
C ARG C 270 65.17 9.92 39.57
N ILE C 271 64.73 11.08 39.08
CA ILE C 271 63.43 11.71 39.43
C ILE C 271 62.60 11.83 38.14
N TYR C 272 61.35 11.35 38.14
CA TYR C 272 60.39 11.50 37.01
C TYR C 272 59.39 12.61 37.32
N ASP C 273 58.49 12.94 36.37
CA ASP C 273 57.41 13.95 36.55
C ASP C 273 56.10 13.31 37.05
N GLY C 274 55.73 13.57 38.29
CA GLY C 274 54.39 13.24 38.84
C GLY C 274 53.38 14.31 38.41
N VAL C 275 52.82 14.17 37.23
CA VAL C 275 51.88 15.17 36.65
C VAL C 275 50.58 15.16 37.47
N GLY C 276 50.28 16.29 38.11
CA GLY C 276 49.09 16.45 38.95
C GLY C 276 48.17 17.53 38.41
N VAL C 277 46.87 17.24 38.38
CA VAL C 277 45.84 18.21 37.92
C VAL C 277 44.98 18.62 39.11
N SER C 278 44.69 19.91 39.19
CA SER C 278 43.76 20.50 40.17
C SER C 278 42.97 21.59 39.47
N ALA C 279 42.05 22.22 40.17
CA ALA C 279 41.18 23.26 39.59
C ALA C 279 40.78 24.28 40.65
N LEU C 280 40.60 25.50 40.21
CA LEU C 280 40.01 26.61 41.01
C LEU C 280 38.59 26.80 40.50
N VAL C 281 37.64 26.84 41.41
CA VAL C 281 36.19 26.93 41.10
C VAL C 281 35.63 28.06 41.92
N ASP C 282 34.84 28.95 41.30
CA ASP C 282 34.03 29.96 42.04
C ASP C 282 32.69 29.31 42.37
N THR C 283 32.41 29.14 43.66
CA THR C 283 31.20 28.44 44.14
C THR C 283 29.97 29.25 43.74
N TRP C 284 28.89 28.53 43.39
CA TRP C 284 27.55 29.06 43.01
C TRP C 284 27.15 30.22 43.91
N ASP C 285 27.41 30.16 45.22
CA ASP C 285 26.87 31.14 46.21
C ASP C 285 28.00 31.87 46.95
N GLY C 286 29.26 31.73 46.54
CA GLY C 286 30.39 32.38 47.21
C GLY C 286 30.83 31.69 48.48
N SER C 287 30.18 30.61 48.89
CA SER C 287 30.49 29.91 50.18
C SER C 287 31.66 28.94 49.96
N GLY C 288 32.15 28.37 51.07
CA GLY C 288 33.20 27.35 51.08
C GLY C 288 33.22 26.65 52.43
N PRO C 289 33.87 25.49 52.55
CA PRO C 289 33.94 24.81 53.84
C PRO C 289 34.96 25.53 54.75
N ALA C 290 34.77 25.38 56.05
CA ALA C 290 35.67 25.94 57.09
C ALA C 290 36.90 25.05 57.27
N THR C 291 36.82 23.77 56.90
CA THR C 291 37.96 22.83 57.02
C THR C 291 38.36 22.38 55.63
N VAL C 292 39.56 21.80 55.52
CA VAL C 292 39.90 20.90 54.39
C VAL C 292 38.91 19.73 54.45
N LEU C 293 38.46 19.25 53.30
CA LEU C 293 37.66 18.01 53.14
C LEU C 293 38.49 17.10 52.23
N ARG C 294 38.74 15.87 52.67
CA ARG C 294 39.55 14.93 51.87
C ARG C 294 39.15 13.50 52.15
N THR C 295 39.49 12.64 51.20
CA THR C 295 39.57 11.17 51.36
C THR C 295 41.01 10.84 51.73
N SER C 296 41.25 9.60 52.14
CA SER C 296 42.62 9.04 52.19
C SER C 296 43.16 8.97 50.75
N ASN C 297 44.47 8.78 50.60
CA ASN C 297 45.09 8.57 49.26
C ASN C 297 44.46 7.34 48.61
N ARG C 298 44.27 7.44 47.31
CA ARG C 298 43.55 6.47 46.46
C ARG C 298 44.48 6.01 45.32
N ALA C 299 43.94 5.42 44.28
CA ALA C 299 44.72 4.67 43.26
C ALA C 299 45.89 5.55 42.77
N PHE C 300 47.10 5.00 42.86
CA PHE C 300 48.36 5.58 42.33
C PHE C 300 48.53 7.02 42.83
N ALA C 301 48.24 7.23 44.11
CA ALA C 301 48.46 8.48 44.85
C ALA C 301 47.53 9.60 44.33
N CYS C 302 46.55 9.30 43.48
CA CYS C 302 45.40 10.21 43.26
C CYS C 302 44.74 10.41 44.65
N GLY C 303 44.02 11.49 44.81
CA GLY C 303 43.26 11.75 46.04
C GLY C 303 42.16 12.73 45.73
N LEU C 304 41.11 12.75 46.53
CA LEU C 304 40.07 13.77 46.40
C LEU C 304 40.17 14.73 47.56
N HIS C 305 40.31 16.02 47.28
CA HIS C 305 40.22 17.04 48.35
C HIS C 305 39.72 18.38 47.84
N LEU C 306 39.19 19.12 48.78
CA LEU C 306 38.73 20.50 48.65
C LEU C 306 39.47 21.34 49.69
N VAL C 307 40.25 22.31 49.24
CA VAL C 307 40.99 23.26 50.11
C VAL C 307 40.27 24.59 50.03
N PRO C 308 39.84 25.18 51.15
CA PRO C 308 39.21 26.51 51.13
C PRO C 308 40.21 27.58 50.65
N ARG C 309 39.70 28.63 50.04
CA ARG C 309 40.41 29.81 49.51
C ARG C 309 39.55 31.03 49.85
N ALA C 310 40.15 32.22 49.89
CA ALA C 310 39.45 33.51 50.09
C ALA C 310 38.69 33.90 48.80
N GLY C 311 37.63 34.70 48.94
CA GLY C 311 36.95 35.40 47.83
C GLY C 311 36.01 34.50 47.03
N GLY C 312 35.35 33.53 47.68
CA GLY C 312 34.33 32.68 47.03
C GLY C 312 34.93 31.65 46.08
N SER C 313 36.20 31.33 46.25
CA SER C 313 36.91 30.29 45.46
C SER C 313 37.14 29.05 46.33
N VAL C 314 37.21 27.87 45.72
CA VAL C 314 37.73 26.62 46.35
C VAL C 314 38.72 25.99 45.39
N TYR C 315 39.72 25.35 45.95
CA TYR C 315 40.68 24.48 45.21
C TYR C 315 40.18 23.04 45.30
N ILE C 316 40.12 22.33 44.18
CA ILE C 316 39.83 20.87 44.16
C ILE C 316 41.02 20.19 43.50
N GLY C 317 41.44 19.09 44.08
CA GLY C 317 42.46 18.21 43.50
C GLY C 317 42.19 16.77 43.94
N ALA C 318 43.06 15.86 43.55
CA ALA C 318 44.20 16.12 42.69
C ALA C 318 44.55 14.79 42.05
N THR C 319 44.63 14.75 40.73
CA THR C 319 45.08 13.54 40.01
C THR C 319 46.60 13.45 40.18
N ASN C 320 47.13 12.26 39.97
CA ASN C 320 48.58 12.04 39.90
C ASN C 320 48.84 10.99 38.83
N ALA C 321 49.85 11.21 38.01
CA ALA C 321 50.33 10.21 37.03
C ALA C 321 51.83 10.43 36.89
N VAL C 322 52.62 9.40 37.14
CA VAL C 322 54.06 9.42 36.82
C VAL C 322 54.15 9.29 35.30
N CYS C 323 54.82 10.25 34.67
CA CYS C 323 55.10 10.29 33.22
C CYS C 323 56.62 10.22 33.05
N LEU C 324 57.05 9.46 32.03
CA LEU C 324 58.48 9.20 31.75
C LEU C 324 59.03 10.41 31.00
N GLU C 325 58.17 11.23 30.36
CA GLU C 325 58.52 12.54 29.78
C GLU C 325 57.65 13.61 30.43
N PRO C 326 58.09 14.87 30.59
CA PRO C 326 57.26 15.91 31.19
C PRO C 326 56.02 16.22 30.31
N ARG C 327 54.96 16.71 30.95
CA ARG C 327 53.68 17.06 30.30
C ARG C 327 53.18 18.34 30.97
N GLY C 328 52.74 19.31 30.17
CA GLY C 328 52.37 20.65 30.67
C GLY C 328 50.89 20.90 30.68
N ALA C 329 50.09 19.92 30.27
CA ALA C 329 48.63 20.06 30.09
C ALA C 329 47.88 18.88 30.69
N ALA C 330 46.74 19.16 31.30
CA ALA C 330 45.78 18.15 31.80
C ALA C 330 45.26 17.35 30.62
N SER C 331 45.05 16.05 30.82
CA SER C 331 44.25 15.19 29.92
C SER C 331 42.76 15.40 30.20
N ILE C 332 41.92 15.10 29.21
CA ILE C 332 40.44 15.08 29.34
C ILE C 332 40.08 14.19 30.54
N GLU C 333 40.61 12.98 30.59
CA GLU C 333 40.29 11.94 31.61
C GLU C 333 40.53 12.52 33.02
N GLU C 334 41.67 13.18 33.23
CA GLU C 334 42.05 13.77 34.53
C GLU C 334 41.00 14.80 34.96
N THR C 335 40.59 15.70 34.08
CA THR C 335 39.65 16.80 34.42
C THR C 335 38.27 16.18 34.70
N VAL C 336 37.85 15.22 33.90
CA VAL C 336 36.51 14.58 34.06
C VAL C 336 36.47 13.86 35.42
N PHE C 337 37.51 13.09 35.72
CA PHE C 337 37.59 12.29 36.97
C PHE C 337 37.58 13.24 38.17
N LEU C 338 38.42 14.27 38.15
CA LEU C 338 38.49 15.26 39.26
C LEU C 338 37.10 15.89 39.49
N PHE C 339 36.46 16.42 38.46
CA PHE C 339 35.17 17.14 38.57
C PHE C 339 34.05 16.18 39.01
N ASN C 340 34.04 14.98 38.44
CA ASN C 340 33.01 13.97 38.75
C ASN C 340 33.06 13.57 40.22
N CYS C 341 34.26 13.35 40.76
CA CYS C 341 34.46 12.99 42.18
C CYS C 341 34.00 14.14 43.10
N ALA C 342 34.41 15.37 42.82
CA ALA C 342 34.11 16.52 43.68
C ALA C 342 32.59 16.77 43.72
N THR C 343 31.92 16.75 42.58
CA THR C 343 30.47 17.07 42.51
C THR C 343 29.65 15.98 43.20
N HIS C 344 30.07 14.72 43.16
CA HIS C 344 29.28 13.59 43.73
C HIS C 344 29.63 13.41 45.21
N GLN C 345 30.92 13.47 45.57
CA GLN C 345 31.41 13.02 46.90
C GLN C 345 31.47 14.18 47.90
N LEU C 346 31.60 15.42 47.43
CA LEU C 346 31.78 16.62 48.30
C LEU C 346 30.56 17.53 48.24
N HIS C 347 30.24 18.09 47.07
CA HIS C 347 29.11 19.07 46.98
C HIS C 347 28.53 19.10 45.58
N ARG C 348 27.25 18.77 45.44
CA ARG C 348 26.51 18.82 44.16
C ARG C 348 26.43 20.26 43.62
N GLY C 349 26.49 21.26 44.51
CA GLY C 349 26.52 22.68 44.12
C GLY C 349 27.69 23.00 43.20
N LEU C 350 28.78 22.24 43.28
CA LEU C 350 29.97 22.48 42.42
C LEU C 350 29.59 22.24 40.96
N ASN C 351 28.53 21.48 40.68
CA ASN C 351 28.10 21.14 39.30
C ASN C 351 27.78 22.43 38.54
N GLY C 352 27.05 23.34 39.17
CA GLY C 352 26.66 24.64 38.60
C GLY C 352 27.66 25.76 38.87
N SER C 353 28.80 25.45 39.44
CA SER C 353 29.80 26.48 39.82
C SER C 353 30.71 26.73 38.62
N GLU C 354 31.35 27.89 38.59
CA GLU C 354 32.15 28.35 37.43
C GLU C 354 33.58 27.84 37.58
N LEU C 355 34.07 27.17 36.54
CA LEU C 355 35.49 26.76 36.41
C LEU C 355 36.31 28.01 36.12
N ARG C 356 37.20 28.39 37.04
CA ARG C 356 38.11 29.56 36.83
C ARG C 356 39.42 29.07 36.21
N LYS C 357 39.95 27.91 36.58
CA LYS C 357 41.29 27.48 36.11
C LYS C 357 41.49 25.98 36.34
N VAL C 358 42.03 25.29 35.34
CA VAL C 358 42.60 23.93 35.45
C VAL C 358 44.12 24.08 35.60
N GLN C 359 44.69 23.58 36.69
CA GLN C 359 46.13 23.74 37.02
C GLN C 359 46.82 22.40 36.81
N VAL C 360 48.04 22.44 36.24
CA VAL C 360 48.92 21.25 36.06
C VAL C 360 50.29 21.56 36.66
N GLY C 361 50.82 20.65 37.47
CA GLY C 361 52.20 20.73 38.02
C GLY C 361 52.89 19.36 38.01
N SER C 362 54.22 19.34 38.09
CA SER C 362 55.04 18.11 38.17
C SER C 362 55.52 17.90 39.61
N ALA C 363 54.88 16.99 40.33
CA ALA C 363 55.44 16.42 41.57
C ALA C 363 56.74 15.70 41.19
N PRO C 364 57.90 16.08 41.74
CA PRO C 364 59.14 15.32 41.52
C PRO C 364 59.02 13.90 42.08
N ALA C 365 58.98 12.90 41.21
CA ALA C 365 58.70 11.48 41.54
C ALA C 365 59.99 10.66 41.53
N PRO C 366 60.63 10.44 42.70
CA PRO C 366 61.89 9.71 42.77
C PRO C 366 61.69 8.22 42.44
N ILE C 367 62.58 7.63 41.65
CA ILE C 367 62.42 6.22 41.17
C ILE C 367 62.36 5.22 42.34
N ASP C 368 62.90 5.53 43.53
CA ASP C 368 62.84 4.59 44.69
C ASP C 368 61.81 5.04 45.71
N GLY C 369 61.06 6.12 45.42
CA GLY C 369 59.88 6.51 46.21
C GLY C 369 60.25 7.34 47.43
N PHE C 370 61.49 7.82 47.53
CA PHE C 370 61.94 8.60 48.71
C PHE C 370 62.68 9.85 48.28
N PRO C 371 62.57 10.92 49.09
CA PRO C 371 63.16 12.20 48.74
C PRO C 371 64.68 12.14 48.65
N LEU C 372 65.28 13.16 48.02
CA LEU C 372 66.73 13.40 47.91
C LEU C 372 67.02 14.69 48.68
N ILE C 373 67.51 14.55 49.92
CA ILE C 373 67.75 15.66 50.88
C ILE C 373 69.16 15.52 51.46
N GLY C 374 70.00 16.51 51.17
CA GLY C 374 71.25 16.69 51.92
C GLY C 374 72.46 16.79 51.02
N GLY C 375 73.60 16.33 51.55
CA GLY C 375 74.93 16.48 50.95
C GLY C 375 75.23 15.47 49.91
N THR C 376 76.12 15.85 48.98
CA THR C 376 76.72 14.98 47.95
C THR C 376 78.20 14.73 48.32
N SER C 377 78.88 13.91 47.53
CA SER C 377 80.34 13.66 47.62
C SER C 377 81.11 14.91 47.15
N VAL C 378 80.44 15.85 46.49
CA VAL C 378 81.03 17.15 46.07
C VAL C 378 80.81 18.19 47.19
N GLU C 379 81.88 18.78 47.67
CA GLU C 379 81.87 19.75 48.80
C GLU C 379 81.09 21.00 48.36
N GLY C 380 80.13 21.45 49.18
CA GLY C 380 79.32 22.65 48.91
C GLY C 380 78.08 22.37 48.03
N LEU C 381 77.89 21.11 47.56
CA LEU C 381 76.75 20.75 46.69
C LEU C 381 75.67 20.07 47.51
N TRP C 382 74.51 20.74 47.64
CA TRP C 382 73.34 20.22 48.38
C TRP C 382 72.18 20.03 47.41
N MET C 383 71.27 19.12 47.75
CA MET C 383 70.08 18.76 46.93
C MET C 383 68.88 18.74 47.85
N LEU C 384 67.76 19.28 47.37
CA LEU C 384 66.47 19.26 48.10
C LEU C 384 65.38 18.99 47.06
N SER C 385 64.99 17.73 46.90
CA SER C 385 64.13 17.31 45.77
C SER C 385 63.55 15.91 45.99
N GLY C 386 62.75 15.46 45.03
CA GLY C 386 62.07 14.14 45.04
C GLY C 386 61.02 14.07 46.11
N THR C 387 60.43 15.21 46.46
CA THR C 387 59.44 15.32 47.56
C THR C 387 58.04 14.92 47.08
N TYR C 388 57.86 14.50 45.82
CA TYR C 388 56.62 13.90 45.29
C TYR C 388 55.43 14.75 45.73
N ARG C 389 54.54 14.24 46.58
CA ARG C 389 53.20 14.85 46.80
C ARG C 389 53.07 15.56 48.15
N ASP C 390 54.17 15.77 48.88
CA ASP C 390 54.13 16.35 50.25
C ASP C 390 55.32 17.32 50.47
N GLY C 391 56.02 17.72 49.44
CA GLY C 391 57.19 18.63 49.51
C GLY C 391 56.88 20.01 50.05
N LEU C 392 55.68 20.50 49.77
CA LEU C 392 55.26 21.83 50.28
C LEU C 392 55.16 21.72 51.80
N HIS C 393 54.51 20.67 52.29
CA HIS C 393 54.34 20.40 53.74
C HIS C 393 55.70 20.27 54.43
N MET C 394 56.64 19.56 53.82
CA MET C 394 57.98 19.27 54.41
C MET C 394 58.88 20.51 54.38
N SER C 395 58.54 21.51 53.55
CA SER C 395 59.46 22.62 53.16
C SER C 395 60.18 23.24 54.38
N PRO C 396 59.50 23.65 55.47
CA PRO C 396 60.20 24.29 56.58
C PRO C 396 61.20 23.36 57.28
N LEU C 397 60.86 22.08 57.41
CA LEU C 397 61.77 21.07 58.01
C LEU C 397 62.96 20.84 57.09
N LEU C 398 62.74 20.71 55.77
CA LEU C 398 63.82 20.39 54.80
C LEU C 398 64.78 21.58 54.71
N ALA C 399 64.25 22.80 54.76
CA ALA C 399 65.03 24.04 54.72
C ALA C 399 66.00 24.08 55.93
N ARG C 400 65.44 23.93 57.14
CA ARG C 400 66.18 23.93 58.43
C ARG C 400 67.25 22.84 58.40
N HIS C 401 66.94 21.67 57.85
CA HIS C 401 67.88 20.52 57.81
C HIS C 401 69.09 20.90 56.97
N VAL C 402 68.86 21.37 55.75
CA VAL C 402 69.98 21.65 54.80
C VAL C 402 70.82 22.81 55.35
N VAL C 403 70.20 23.81 55.97
CA VAL C 403 70.88 25.01 56.55
C VAL C 403 71.78 24.56 57.72
N SER C 404 71.29 23.65 58.57
CA SER C 404 72.10 23.08 59.68
C SER C 404 73.30 22.32 59.10
N LEU C 405 73.10 21.48 58.07
CA LEU C 405 74.22 20.72 57.44
C LEU C 405 75.26 21.71 56.90
N MET C 406 74.84 22.76 56.20
CA MET C 406 75.74 23.75 55.55
C MET C 406 76.58 24.48 56.62
N ASP C 407 76.07 24.56 57.85
CA ASP C 407 76.65 25.32 58.98
C ASP C 407 77.51 24.40 59.86
N GLY C 408 77.70 23.13 59.48
CA GLY C 408 78.52 22.14 60.21
C GLY C 408 77.71 21.32 61.20
N GLY C 409 76.39 21.52 61.28
CA GLY C 409 75.48 20.75 62.15
C GLY C 409 75.14 19.39 61.58
N THR C 410 74.25 18.65 62.26
CA THR C 410 73.79 17.29 61.86
C THR C 410 72.35 17.37 61.33
N GLY C 411 71.70 18.53 61.44
CA GLY C 411 70.33 18.75 60.93
C GLY C 411 69.35 17.94 61.73
N VAL C 412 68.35 17.39 61.04
CA VAL C 412 67.20 16.64 61.64
C VAL C 412 67.54 15.15 61.61
N ASP C 413 67.29 14.46 62.73
CA ASP C 413 67.55 13.00 62.85
C ASP C 413 66.51 12.30 61.96
N GLY C 414 66.93 11.27 61.23
CA GLY C 414 65.99 10.43 60.47
C GLY C 414 65.85 10.88 59.02
N LEU C 415 66.42 12.04 58.66
CA LEU C 415 66.61 12.47 57.25
C LEU C 415 67.88 11.82 56.67
N ARG C 416 68.58 11.00 57.44
CA ARG C 416 69.89 10.42 57.05
C ARG C 416 69.70 9.41 55.92
N GLU C 417 68.63 8.61 55.95
CA GLU C 417 68.43 7.53 54.91
C GLU C 417 68.10 8.14 53.55
N PHE C 418 67.76 9.44 53.51
CA PHE C 418 67.27 10.13 52.29
C PHE C 418 68.37 10.99 51.66
N ARG C 419 69.62 10.80 52.08
CA ARG C 419 70.79 11.50 51.48
C ARG C 419 70.72 11.29 49.98
N PRO C 420 71.01 12.31 49.16
CA PRO C 420 70.78 12.22 47.72
C PRO C 420 71.69 11.21 47.00
N GLU C 421 72.88 10.95 47.52
CA GLU C 421 73.86 10.06 46.86
C GLU C 421 73.78 8.69 47.54
N ARG C 422 73.11 7.74 46.89
CA ARG C 422 72.70 6.46 47.51
C ARG C 422 72.38 5.43 46.43
N ASP C 423 72.54 4.16 46.79
CA ASP C 423 71.89 3.01 46.12
C ASP C 423 70.38 3.25 46.21
N LEU C 424 69.62 2.79 45.22
CA LEU C 424 68.14 2.80 45.27
C LEU C 424 67.69 2.06 46.53
N ILE C 425 66.88 2.71 47.36
CA ILE C 425 66.22 2.10 48.55
C ILE C 425 65.24 1.02 48.06
N SER C 426 65.14 -0.07 48.82
CA SER C 426 64.15 -1.17 48.66
C SER C 426 63.33 -1.23 49.95
N ALA C 427 62.23 -0.48 50.02
CA ALA C 427 61.46 -0.27 51.28
C ALA C 427 60.43 -1.39 51.46
N TRP C 428 60.15 -2.12 50.39
CA TRP C 428 59.11 -3.18 50.32
C TRP C 428 59.68 -4.38 49.54
N SER C 429 59.25 -5.59 49.90
CA SER C 429 59.47 -6.81 49.08
C SER C 429 58.78 -6.63 47.72
N ARG C 430 59.34 -7.26 46.69
CA ARG C 430 58.71 -7.42 45.36
C ARG C 430 57.26 -7.91 45.53
N GLU C 431 57.04 -8.88 46.43
CA GLU C 431 55.71 -9.49 46.69
C GLU C 431 54.74 -8.40 47.19
N GLU C 432 55.16 -7.57 48.15
CA GLU C 432 54.33 -6.47 48.71
C GLU C 432 53.94 -5.49 47.59
N ILE C 433 54.88 -5.20 46.68
CA ILE C 433 54.66 -4.18 45.62
C ILE C 433 53.71 -4.75 44.56
N LEU C 434 53.85 -6.03 44.23
CA LEU C 434 52.98 -6.69 43.23
C LEU C 434 51.54 -6.76 43.75
N ASP C 435 51.35 -7.04 45.04
CA ASP C 435 50.02 -6.98 45.67
C ASP C 435 49.49 -5.54 45.60
N ASP C 436 50.32 -4.53 45.85
CA ASP C 436 49.91 -3.11 45.89
C ASP C 436 49.48 -2.69 44.46
N VAL C 437 50.27 -2.99 43.42
CA VAL C 437 50.02 -2.51 42.04
C VAL C 437 48.71 -3.10 41.52
N VAL C 438 48.40 -4.36 41.85
CA VAL C 438 47.15 -5.03 41.43
C VAL C 438 45.99 -4.37 42.18
N ARG C 439 46.14 -4.14 43.48
CA ARG C 439 45.12 -3.48 44.33
C ARG C 439 44.79 -2.10 43.73
N HIS C 440 45.80 -1.27 43.49
CA HIS C 440 45.65 0.10 42.95
C HIS C 440 45.02 0.05 41.55
N THR C 441 45.41 -0.91 40.71
CA THR C 441 44.82 -1.09 39.37
C THR C 441 43.31 -1.34 39.53
N MET C 442 42.93 -2.26 40.40
CA MET C 442 41.51 -2.59 40.63
C MET C 442 40.81 -1.34 41.16
N ALA C 443 41.49 -0.55 41.98
CA ALA C 443 40.90 0.66 42.61
C ALA C 443 40.57 1.70 41.54
N THR C 444 41.28 1.77 40.41
CA THR C 444 40.92 2.71 39.31
C THR C 444 39.49 2.41 38.85
N GLY C 445 39.08 1.14 38.92
CA GLY C 445 37.72 0.71 38.59
C GLY C 445 36.71 1.16 39.62
N TYR C 446 36.97 0.87 40.89
CA TYR C 446 35.99 1.11 41.98
C TYR C 446 35.85 2.59 42.26
N GLU C 447 36.87 3.38 41.92
CA GLU C 447 36.88 4.86 42.15
C GLU C 447 36.11 5.57 41.05
N PHE C 448 35.83 4.91 39.93
CA PHE C 448 35.24 5.57 38.74
C PHE C 448 33.87 6.16 39.08
N PRO C 449 32.90 5.48 39.72
CA PRO C 449 32.92 4.03 39.96
C PRO C 449 32.34 3.27 38.76
N TRP C 450 32.87 2.08 38.47
CA TRP C 450 32.39 1.24 37.35
C TRP C 450 31.13 0.46 37.74
N ARG C 451 30.39 0.01 36.74
CA ARG C 451 29.30 -0.98 36.93
C ARG C 451 29.58 -2.15 35.98
N LEU C 452 29.90 -3.32 36.51
CA LEU C 452 30.24 -4.50 35.68
C LEU C 452 29.60 -5.75 36.25
N PRO C 453 29.56 -6.84 35.48
CA PRO C 453 29.11 -8.11 35.99
C PRO C 453 30.01 -8.50 37.16
N LEU C 454 29.43 -9.13 38.17
CA LEU C 454 30.13 -9.43 39.45
C LEU C 454 31.25 -10.44 39.27
N GLU C 455 31.30 -11.22 38.18
CA GLU C 455 32.41 -12.20 37.97
C GLU C 455 33.66 -11.47 37.47
N TRP C 456 33.51 -10.29 36.89
CA TRP C 456 34.59 -9.65 36.10
C TRP C 456 35.72 -9.19 37.01
N PRO C 457 35.46 -8.51 38.15
CA PRO C 457 36.53 -8.12 39.07
C PRO C 457 37.47 -9.25 39.50
N HIS C 458 36.94 -10.41 39.89
CA HIS C 458 37.77 -11.58 40.26
C HIS C 458 38.59 -12.04 39.05
N MET C 459 37.98 -12.11 37.87
CA MET C 459 38.67 -12.45 36.61
C MET C 459 39.89 -11.52 36.45
N MET C 460 39.69 -10.21 36.57
N MET C 460 39.69 -10.20 36.57
CA MET C 460 40.76 -9.23 36.27
CA MET C 460 40.74 -9.18 36.26
C MET C 460 41.85 -9.29 37.33
C MET C 460 41.84 -9.30 37.33
N GLU C 461 41.49 -9.43 38.61
CA GLU C 461 42.49 -9.65 39.70
C GLU C 461 43.42 -10.80 39.31
N THR C 462 42.87 -11.94 38.94
CA THR C 462 43.66 -13.16 38.60
C THR C 462 44.58 -12.87 37.39
N PHE C 463 44.08 -12.24 36.32
CA PHE C 463 44.81 -12.12 35.03
C PHE C 463 45.79 -10.94 35.02
N LEU C 464 45.74 -10.06 36.02
CA LEU C 464 46.67 -8.90 36.18
C LEU C 464 47.96 -9.36 36.86
N GLN C 465 47.89 -10.36 37.74
CA GLN C 465 49.00 -10.80 38.63
C GLN C 465 50.17 -11.28 37.78
N GLY C 466 49.92 -12.15 36.80
CA GLY C 466 50.97 -12.73 35.93
C GLY C 466 51.79 -11.65 35.23
N PRO C 467 51.15 -10.81 34.38
CA PRO C 467 51.89 -9.79 33.63
C PRO C 467 52.71 -8.80 34.46
N PHE C 468 52.25 -8.44 35.65
CA PHE C 468 52.98 -7.52 36.57
C PHE C 468 54.17 -8.26 37.22
N ALA C 469 53.97 -9.52 37.63
CA ALA C 469 55.04 -10.42 38.15
C ALA C 469 56.13 -10.61 37.09
N GLU C 470 55.74 -10.78 35.82
CA GLU C 470 56.68 -10.98 34.69
C GLU C 470 57.48 -9.68 34.46
N LEU C 471 56.83 -8.52 34.57
CA LEU C 471 57.50 -7.20 34.37
C LEU C 471 58.55 -6.99 35.48
N ALA C 472 58.19 -7.21 36.74
CA ALA C 472 59.08 -7.01 37.90
C ALA C 472 60.34 -7.89 37.76
N ASP C 473 60.18 -9.16 37.37
CA ASP C 473 61.29 -10.14 37.20
C ASP C 473 62.20 -9.70 36.05
N ARG C 474 61.62 -9.21 34.96
CA ARG C 474 62.36 -8.82 33.73
C ARG C 474 63.15 -7.52 33.97
N LEU C 475 62.71 -6.65 34.89
CA LEU C 475 63.27 -5.29 35.06
C LEU C 475 64.65 -5.36 35.74
N SER C 476 64.78 -6.21 36.76
CA SER C 476 65.98 -6.32 37.62
C SER C 476 65.80 -7.50 38.58
N ASP C 477 66.91 -8.11 38.99
CA ASP C 477 66.93 -9.23 39.98
C ASP C 477 66.82 -8.65 41.39
N THR C 478 67.04 -7.34 41.57
CA THR C 478 67.27 -6.76 42.90
C THR C 478 66.30 -5.57 43.14
N TYR C 479 66.16 -4.63 42.20
CA TYR C 479 65.30 -3.43 42.37
C TYR C 479 63.90 -3.68 41.81
N THR C 480 62.91 -3.17 42.54
CA THR C 480 61.49 -3.17 42.13
C THR C 480 60.95 -1.74 42.23
N PRO C 481 60.44 -1.15 41.13
CA PRO C 481 59.83 0.18 41.20
C PRO C 481 58.58 0.15 42.06
N PRO C 482 58.29 1.21 42.82
CA PRO C 482 57.02 1.30 43.56
C PRO C 482 55.84 1.33 42.58
N ALA C 483 54.64 1.00 43.05
CA ALA C 483 53.42 0.78 42.24
C ALA C 483 53.18 1.94 41.26
N ASP C 484 53.23 3.18 41.74
CA ASP C 484 52.94 4.41 40.95
C ASP C 484 53.78 4.37 39.67
N LEU C 485 55.04 4.00 39.80
CA LEU C 485 56.00 3.96 38.67
C LEU C 485 55.81 2.66 37.90
N MET C 486 55.54 1.55 38.58
CA MET C 486 55.42 0.24 37.89
C MET C 486 54.28 0.29 36.84
N THR C 487 53.15 0.92 37.12
CA THR C 487 52.02 1.00 36.18
C THR C 487 52.45 1.84 34.98
N ALA C 488 53.12 2.96 35.17
CA ALA C 488 53.64 3.79 34.05
C ALA C 488 54.60 2.96 33.19
N ILE C 489 55.45 2.12 33.80
CA ILE C 489 56.40 1.26 33.04
C ILE C 489 55.63 0.18 32.29
N MET C 490 54.66 -0.48 32.95
CA MET C 490 53.82 -1.53 32.33
C MET C 490 53.25 -1.05 30.99
N PHE C 491 52.82 0.20 30.89
CA PHE C 491 52.07 0.74 29.72
C PHE C 491 52.93 1.69 28.90
N SER C 492 54.24 1.65 29.08
CA SER C 492 55.22 2.44 28.29
C SER C 492 55.65 1.61 27.08
N GLU C 493 56.41 2.20 26.17
CA GLU C 493 56.95 1.51 24.96
C GLU C 493 58.01 0.48 25.41
N ARG C 494 58.21 -0.56 24.61
CA ARG C 494 59.29 -1.58 24.77
C ARG C 494 60.65 -0.88 24.98
N GLU C 495 60.98 0.15 24.18
CA GLU C 495 62.28 0.88 24.24
C GLU C 495 62.47 1.49 25.64
N GLN C 496 61.41 2.07 26.21
CA GLN C 496 61.43 2.76 27.52
C GLN C 496 61.65 1.73 28.63
N GLN C 497 61.04 0.55 28.50
CA GLN C 497 61.25 -0.58 29.44
C GLN C 497 62.72 -1.04 29.38
N ASP C 498 63.25 -1.20 28.16
CA ASP C 498 64.66 -1.66 27.91
C ASP C 498 65.64 -0.65 28.51
N GLU C 499 65.40 0.65 28.29
CA GLU C 499 66.27 1.73 28.84
C GLU C 499 66.28 1.65 30.38
N LEU C 500 65.15 1.30 31.01
CA LEU C 500 65.07 1.16 32.49
C LEU C 500 65.81 -0.10 32.97
N ILE C 501 65.79 -1.20 32.20
CA ILE C 501 66.56 -2.42 32.57
C ILE C 501 68.05 -2.05 32.63
N ALA C 502 68.54 -1.31 31.61
CA ALA C 502 69.92 -0.81 31.51
C ALA C 502 70.23 0.09 32.71
N TYR C 503 69.33 1.04 33.02
CA TYR C 503 69.52 1.98 34.15
C TYR C 503 69.69 1.19 35.45
N TYR C 504 68.78 0.25 35.72
CA TYR C 504 68.79 -0.56 36.97
C TYR C 504 70.08 -1.37 37.07
N ALA C 505 70.55 -1.92 35.94
CA ALA C 505 71.79 -2.72 35.83
C ALA C 505 73.01 -1.84 36.15
N ASP C 506 73.10 -0.64 35.55
CA ASP C 506 74.19 0.35 35.79
C ASP C 506 74.24 0.74 37.28
N VAL C 507 73.08 0.85 37.93
CA VAL C 507 73.01 1.24 39.37
C VAL C 507 73.52 0.06 40.23
N HIS C 508 73.21 -1.18 39.86
CA HIS C 508 73.68 -2.40 40.58
C HIS C 508 75.20 -2.48 40.53
N ARG C 509 75.79 -2.28 39.34
CA ARG C 509 77.25 -2.24 39.07
C ARG C 509 77.91 -1.22 40.01
N GLU C 510 77.38 0.01 40.04
CA GLU C 510 77.95 1.17 40.77
C GLU C 510 78.00 0.89 42.29
N TRP C 511 77.04 0.16 42.85
CA TRP C 511 76.82 0.11 44.33
C TRP C 511 77.11 -1.28 44.92
N HIS C 512 77.27 -2.31 44.08
CA HIS C 512 77.61 -3.70 44.50
C HIS C 512 78.88 -4.13 43.76
N ASP D 33 29.93 58.78 6.64
CA ASP D 33 30.45 58.12 7.91
C ASP D 33 29.54 56.96 8.36
N VAL D 34 30.08 55.74 8.41
CA VAL D 34 29.38 54.51 8.89
C VAL D 34 30.11 53.99 10.13
N ILE D 35 29.38 53.74 11.22
CA ILE D 35 29.93 53.04 12.43
C ILE D 35 29.27 51.67 12.55
N VAL D 36 30.10 50.62 12.55
CA VAL D 36 29.67 49.23 12.88
C VAL D 36 29.99 49.00 14.36
N VAL D 37 28.97 48.73 15.18
CA VAL D 37 29.16 48.45 16.64
C VAL D 37 29.24 46.93 16.82
N GLY D 38 30.43 46.41 17.05
CA GLY D 38 30.66 44.98 17.35
C GLY D 38 31.68 44.37 16.42
N ASN D 39 32.58 43.55 16.96
CA ASN D 39 33.74 43.02 16.21
C ASN D 39 33.68 41.50 16.18
N GLY D 40 32.48 40.91 16.23
CA GLY D 40 32.27 39.48 15.97
C GLY D 40 32.32 39.22 14.47
N VAL D 41 32.00 38.01 14.04
CA VAL D 41 31.93 37.68 12.59
C VAL D 41 30.91 38.59 11.88
N LEU D 42 29.80 38.96 12.53
CA LEU D 42 28.73 39.71 11.81
C LEU D 42 29.21 41.15 11.58
N GLY D 43 29.65 41.83 12.64
CA GLY D 43 30.22 43.18 12.53
C GLY D 43 31.29 43.25 11.45
N LEU D 44 32.31 42.41 11.55
CA LEU D 44 33.47 42.45 10.62
C LEU D 44 33.04 42.06 9.21
N SER D 45 32.09 41.13 9.06
CA SER D 45 31.65 40.69 7.72
C SER D 45 30.95 41.89 7.05
N VAL D 46 30.10 42.59 7.78
CA VAL D 46 29.36 43.78 7.25
C VAL D 46 30.36 44.90 7.02
N GLY D 47 31.29 45.13 7.95
CA GLY D 47 32.40 46.10 7.80
C GLY D 47 33.15 45.86 6.51
N VAL D 48 33.54 44.62 6.24
CA VAL D 48 34.33 44.27 5.04
C VAL D 48 33.49 44.57 3.79
N GLU D 49 32.21 44.20 3.76
CA GLU D 49 31.37 44.35 2.55
C GLU D 49 31.09 45.84 2.31
N ILE D 50 30.91 46.65 3.36
CA ILE D 50 30.70 48.12 3.23
C ILE D 50 31.97 48.75 2.66
N ALA D 51 33.12 48.53 3.29
CA ALA D 51 34.42 49.13 2.90
C ALA D 51 34.75 48.80 1.44
N ARG D 52 34.45 47.58 0.98
CA ARG D 52 34.79 47.10 -0.39
C ARG D 52 33.82 47.68 -1.42
N THR D 53 32.56 47.94 -1.05
CA THR D 53 31.45 48.30 -1.99
C THR D 53 31.31 49.82 -2.10
N ARG D 54 31.72 50.56 -1.06
CA ARG D 54 31.62 52.05 -0.99
C ARG D 54 33.00 52.59 -0.59
N PRO D 55 34.00 52.63 -1.51
CA PRO D 55 35.32 53.18 -1.18
C PRO D 55 35.27 54.68 -0.83
N ASP D 56 34.18 55.36 -1.24
CA ASP D 56 33.86 56.78 -0.93
C ASP D 56 33.65 57.00 0.58
N VAL D 57 33.01 56.07 1.29
CA VAL D 57 32.51 56.31 2.69
C VAL D 57 33.53 55.82 3.72
N ARG D 58 33.56 56.47 4.88
CA ARG D 58 34.49 56.16 5.99
C ARG D 58 33.78 55.21 6.97
N VAL D 59 34.29 53.98 7.12
CA VAL D 59 33.67 52.92 7.98
C VAL D 59 34.59 52.67 9.17
N THR D 60 34.05 52.91 10.38
CA THR D 60 34.72 52.64 11.67
C THR D 60 34.00 51.49 12.39
N LEU D 61 34.75 50.49 12.86
CA LEU D 61 34.23 49.30 13.57
C LEU D 61 34.72 49.34 15.03
N LEU D 62 33.79 49.34 15.99
CA LEU D 62 34.03 49.40 17.46
C LEU D 62 34.06 47.97 18.05
N GLY D 63 34.63 47.81 19.24
CA GLY D 63 34.78 46.52 19.95
C GLY D 63 36.23 46.24 20.30
N LYS D 64 36.48 45.50 21.39
CA LYS D 64 37.83 45.30 21.99
C LYS D 64 38.37 43.92 21.63
N PRO D 65 39.72 43.73 21.60
CA PRO D 65 40.30 42.44 21.25
C PRO D 65 39.93 41.29 22.23
N ALA D 66 39.54 41.60 23.46
CA ALA D 66 39.11 40.63 24.50
C ALA D 66 37.87 39.86 24.02
N ARG D 67 36.99 40.49 23.23
CA ARG D 67 35.72 39.91 22.72
C ARG D 67 34.99 39.25 23.89
N GLN D 68 34.70 40.01 24.94
CA GLN D 68 33.96 39.52 26.14
C GLN D 68 32.61 38.94 25.69
N TYR D 69 32.31 37.69 26.12
CA TYR D 69 31.06 36.93 25.81
C TYR D 69 30.96 36.61 24.31
N GLY D 70 32.02 36.84 23.53
CA GLY D 70 32.00 36.63 22.07
C GLY D 70 31.66 35.19 21.72
N ALA D 71 30.54 34.98 21.01
CA ALA D 71 30.18 33.67 20.41
C ALA D 71 31.24 33.22 19.39
N THR D 72 31.68 34.13 18.50
CA THR D 72 32.50 33.79 17.32
C THR D 72 33.75 33.01 17.73
N PRO D 73 34.58 33.49 18.69
CA PRO D 73 35.80 32.77 19.08
C PRO D 73 35.53 31.37 19.64
N ALA D 74 34.36 31.15 20.26
CA ALA D 74 33.96 29.87 20.90
C ALA D 74 33.34 28.89 19.88
N ALA D 75 33.09 29.35 18.64
CA ALA D 75 32.49 28.52 17.57
C ALA D 75 33.60 27.75 16.83
N GLY D 76 33.26 26.62 16.25
CA GLY D 76 34.25 25.65 15.72
C GLY D 76 34.97 26.16 14.48
N ALA D 77 34.22 26.38 13.40
CA ALA D 77 32.77 26.33 13.39
C ALA D 77 32.32 25.55 12.17
N MET D 78 31.15 24.94 12.28
CA MET D 78 30.51 24.21 11.16
C MET D 78 29.80 25.22 10.26
N LEU D 79 29.95 25.04 8.95
CA LEU D 79 29.08 25.70 7.94
C LEU D 79 27.81 24.85 7.80
N GLY D 80 26.99 24.87 8.85
CA GLY D 80 25.84 23.98 9.05
C GLY D 80 24.65 24.43 8.24
N ALA D 81 24.15 23.55 7.38
CA ALA D 81 22.91 23.72 6.61
C ALA D 81 22.05 22.47 6.82
N PHE D 82 22.39 21.37 6.18
CA PHE D 82 21.65 20.08 6.30
C PHE D 82 21.87 19.50 7.70
N GLY D 83 23.10 19.55 8.22
CA GLY D 83 23.43 19.11 9.59
C GLY D 83 22.56 19.76 10.66
N GLU D 84 22.08 21.00 10.44
CA GLU D 84 21.30 21.78 11.44
C GLU D 84 19.82 21.43 11.39
N VAL D 85 19.38 20.66 10.39
CA VAL D 85 17.95 20.30 10.21
C VAL D 85 17.48 19.48 11.42
N THR D 86 16.30 19.82 11.92
CA THR D 86 15.53 19.00 12.91
C THR D 86 14.10 18.83 12.38
N ALA D 87 13.37 17.80 12.83
CA ALA D 87 11.95 17.58 12.52
C ALA D 87 11.13 18.82 12.94
N HIS D 88 11.41 19.36 14.11
CA HIS D 88 10.73 20.54 14.73
C HIS D 88 10.87 21.78 13.82
N ALA D 89 12.09 22.06 13.34
CA ALA D 89 12.41 23.18 12.42
C ALA D 89 11.59 23.05 11.12
N LEU D 90 11.67 21.88 10.47
CA LEU D 90 11.02 21.61 9.15
C LEU D 90 9.49 21.54 9.27
N ALA D 91 8.91 21.62 10.47
CA ALA D 91 7.46 21.48 10.72
C ALA D 91 6.80 22.87 10.78
N SER D 92 7.56 23.96 10.74
CA SER D 92 7.04 25.35 10.66
C SER D 92 7.45 26.01 9.33
N GLU D 93 6.67 26.98 8.88
CA GLU D 93 7.00 27.84 7.71
C GLU D 93 8.33 28.56 8.01
N HIS D 94 8.43 29.17 9.19
CA HIS D 94 9.57 29.99 9.68
C HIS D 94 10.86 29.15 9.64
N GLY D 95 10.78 27.88 10.09
CA GLY D 95 11.91 26.92 10.05
C GLY D 95 12.35 26.56 8.63
N ARG D 96 11.41 26.31 7.72
CA ARG D 96 11.73 25.98 6.30
C ARG D 96 12.40 27.18 5.62
N LYS D 97 12.01 28.41 5.97
CA LYS D 97 12.65 29.65 5.43
C LYS D 97 14.11 29.73 5.92
N LYS D 98 14.34 29.51 7.23
CA LYS D 98 15.71 29.54 7.83
C LYS D 98 16.58 28.53 7.07
N HIS D 99 16.08 27.32 6.86
CA HIS D 99 16.86 26.25 6.21
C HIS D 99 17.23 26.69 4.78
N ALA D 100 16.27 27.26 4.04
CA ALA D 100 16.48 27.76 2.66
C ALA D 100 17.59 28.82 2.65
N LEU D 101 17.56 29.75 3.62
CA LEU D 101 18.61 30.81 3.72
C LEU D 101 19.97 30.15 4.00
N ALA D 102 20.01 29.07 4.78
CA ALA D 102 21.26 28.38 5.14
C ALA D 102 21.84 27.70 3.89
N VAL D 103 20.98 27.15 3.04
CA VAL D 103 21.40 26.53 1.76
C VAL D 103 22.00 27.62 0.86
N GLN D 104 21.37 28.81 0.85
CA GLN D 104 21.84 29.97 0.03
C GLN D 104 23.19 30.45 0.54
N ALA D 105 23.33 30.58 1.87
CA ALA D 105 24.59 31.01 2.52
C ALA D 105 25.72 30.04 2.15
N GLN D 106 25.44 28.72 2.14
CA GLN D 106 26.45 27.68 1.80
C GLN D 106 27.11 28.00 0.46
N ARG D 107 26.32 28.46 -0.52
CA ARG D 107 26.79 28.68 -1.91
C ARG D 107 27.77 29.85 -1.96
N LEU D 108 27.74 30.78 -1.00
CA LEU D 108 28.64 31.97 -0.98
C LEU D 108 30.02 31.65 -0.38
N TRP D 109 30.16 30.59 0.40
CA TRP D 109 31.37 30.43 1.25
C TRP D 109 32.65 30.26 0.44
N PRO D 110 32.70 29.43 -0.64
CA PRO D 110 33.95 29.24 -1.38
C PRO D 110 34.60 30.54 -1.89
N GLU D 111 33.82 31.45 -2.49
CA GLU D 111 34.32 32.73 -3.05
C GLU D 111 34.66 33.70 -1.91
N TRP D 112 33.82 33.74 -0.88
CA TRP D 112 34.01 34.61 0.32
C TRP D 112 35.36 34.29 0.98
N ILE D 113 35.67 33.00 1.16
CA ILE D 113 36.97 32.53 1.74
C ILE D 113 38.11 32.94 0.79
N GLU D 114 37.97 32.68 -0.50
CA GLU D 114 38.97 33.03 -1.53
C GLU D 114 39.27 34.54 -1.42
N SER D 115 38.23 35.36 -1.32
CA SER D 115 38.33 36.84 -1.27
C SER D 115 39.02 37.28 0.03
N LEU D 116 38.92 36.51 1.13
CA LEU D 116 39.51 36.89 2.44
C LEU D 116 40.96 36.38 2.54
N GLU D 117 41.25 35.19 2.00
CA GLU D 117 42.62 34.63 2.02
C GLU D 117 43.52 35.43 1.06
N ALA D 118 42.93 36.05 0.03
CA ALA D 118 43.65 36.81 -1.03
C ALA D 118 44.35 38.06 -0.43
N THR D 119 43.89 38.60 0.70
CA THR D 119 44.49 39.78 1.37
C THR D 119 45.63 39.36 2.29
N GLY D 120 45.95 38.06 2.36
CA GLY D 120 46.99 37.51 3.26
C GLY D 120 48.00 36.69 2.48
N THR D 121 48.82 35.90 3.18
CA THR D 121 49.91 35.05 2.62
C THR D 121 49.78 33.62 3.17
N ALA D 122 50.55 32.67 2.64
CA ALA D 122 50.54 31.24 3.06
C ALA D 122 50.61 31.11 4.59
N ALA D 123 51.43 31.94 5.25
CA ALA D 123 51.76 31.82 6.68
C ALA D 123 50.58 32.22 7.58
N ASP D 124 49.51 32.79 7.02
CA ASP D 124 48.36 33.32 7.80
C ASP D 124 47.41 32.17 8.19
N GLY D 125 47.52 31.03 7.51
CA GLY D 125 46.73 29.83 7.80
C GLY D 125 45.48 29.74 6.93
N ARG D 126 44.90 28.55 6.80
CA ARG D 126 43.72 28.27 5.95
C ARG D 126 42.45 28.47 6.78
N ILE D 127 41.47 29.18 6.23
CA ILE D 127 40.14 29.40 6.86
C ILE D 127 39.37 28.08 6.86
N LYS D 128 39.33 27.39 5.72
CA LYS D 128 38.58 26.12 5.54
C LYS D 128 39.37 25.01 6.21
N THR D 129 38.72 24.22 7.08
CA THR D 129 39.36 23.09 7.80
C THR D 129 38.80 21.75 7.33
N ALA D 130 37.59 21.71 6.75
CA ALA D 130 37.02 20.48 6.14
C ALA D 130 36.00 20.85 5.06
N ASP D 131 35.83 19.98 4.07
CA ASP D 131 34.86 20.16 2.96
C ASP D 131 33.56 19.42 3.25
N ASP D 132 33.65 18.27 3.95
CA ASP D 132 32.53 17.32 4.15
C ASP D 132 32.22 17.12 5.64
N THR D 133 31.04 16.57 5.91
CA THR D 133 30.48 16.33 7.26
C THR D 133 29.93 14.91 7.30
N VAL D 134 30.18 14.18 8.39
CA VAL D 134 29.50 12.89 8.66
C VAL D 134 28.58 13.08 9.87
N VAL D 135 27.29 12.82 9.69
CA VAL D 135 26.27 12.81 10.78
C VAL D 135 26.16 11.37 11.29
N LEU D 136 26.30 11.19 12.59
CA LEU D 136 26.25 9.86 13.25
C LEU D 136 24.96 9.75 14.06
N LEU D 137 24.34 8.59 14.02
CA LEU D 137 23.16 8.26 14.86
C LEU D 137 23.57 7.15 15.84
N ASN D 138 23.48 7.44 17.13
CA ASN D 138 23.75 6.50 18.25
C ASN D 138 22.56 6.55 19.18
N THR D 139 22.55 5.74 20.24
CA THR D 139 21.37 5.58 21.13
C THR D 139 21.62 6.35 22.42
N VAL D 140 22.62 7.23 22.44
CA VAL D 140 22.93 8.03 23.65
C VAL D 140 22.11 9.32 23.57
N GLY D 141 20.79 9.16 23.55
CA GLY D 141 19.86 10.30 23.43
C GLY D 141 18.43 9.81 23.32
N HIS D 142 17.51 10.75 23.24
CA HIS D 142 16.06 10.49 23.09
C HIS D 142 15.77 10.06 21.65
N SER D 143 15.03 8.97 21.45
CA SER D 143 14.50 8.55 20.12
C SER D 143 13.65 9.68 19.53
N ALA D 144 12.90 10.38 20.37
CA ALA D 144 11.96 11.43 19.93
C ALA D 144 12.71 12.64 19.32
N LEU D 145 14.00 12.82 19.61
CA LEU D 145 14.84 13.86 18.96
C LEU D 145 15.74 13.23 17.90
N ASP D 146 16.62 12.31 18.29
CA ASP D 146 17.71 11.81 17.43
C ASP D 146 17.13 11.04 16.23
N ASP D 147 16.15 10.16 16.41
CA ASP D 147 15.58 9.33 15.29
C ASP D 147 14.79 10.26 14.35
N ALA D 148 13.95 11.13 14.89
CA ALA D 148 13.16 12.12 14.11
C ALA D 148 14.12 13.02 13.32
N ASN D 149 15.20 13.48 13.94
CA ASN D 149 16.10 14.50 13.33
C ASN D 149 16.94 13.85 12.23
N PHE D 150 17.37 12.61 12.40
CA PHE D 150 18.17 11.90 11.38
C PHE D 150 17.32 11.71 10.11
N ALA D 151 16.08 11.24 10.26
CA ALA D 151 15.08 11.11 9.17
C ALA D 151 14.87 12.49 8.50
N ALA D 152 14.68 13.56 9.26
CA ALA D 152 14.47 14.93 8.74
C ALA D 152 15.67 15.39 7.90
N VAL D 153 16.90 15.09 8.34
CA VAL D 153 18.15 15.48 7.61
C VAL D 153 18.18 14.75 6.26
N LEU D 154 17.92 13.45 6.27
CA LEU D 154 17.91 12.57 5.07
C LEU D 154 16.87 13.12 4.09
N THR D 155 15.68 13.46 4.58
CA THR D 155 14.56 14.00 3.77
C THR D 155 14.99 15.31 3.11
N ALA D 156 15.53 16.25 3.88
CA ALA D 156 15.94 17.59 3.41
C ALA D 156 17.04 17.46 2.35
N LEU D 157 17.98 16.53 2.53
CA LEU D 157 19.06 16.29 1.54
C LEU D 157 18.46 15.82 0.21
N LYS D 158 17.53 14.86 0.27
CA LYS D 158 16.87 14.27 -0.92
C LYS D 158 16.04 15.36 -1.62
N GLU D 159 15.26 16.17 -0.89
CA GLU D 159 14.41 17.26 -1.45
C GLU D 159 15.29 18.29 -2.19
N ALA D 160 16.50 18.58 -1.71
CA ALA D 160 17.38 19.62 -2.28
C ALA D 160 18.33 19.01 -3.32
N ASN D 161 18.25 17.70 -3.55
CA ASN D 161 19.14 17.01 -4.51
C ASN D 161 20.61 17.27 -4.12
N ALA D 162 20.90 17.38 -2.82
CA ALA D 162 22.28 17.61 -2.31
C ALA D 162 23.08 16.32 -2.41
N PRO D 163 24.38 16.37 -2.77
CA PRO D 163 25.21 15.17 -2.84
C PRO D 163 25.47 14.64 -1.41
N HIS D 164 25.12 13.39 -1.16
CA HIS D 164 25.12 12.76 0.17
C HIS D 164 25.03 11.26 -0.02
N GLU D 165 25.39 10.47 0.99
CA GLU D 165 25.23 9.00 0.98
C GLU D 165 25.06 8.54 2.43
N GLU D 166 24.05 7.72 2.71
CA GLU D 166 24.01 6.89 3.93
C GLU D 166 25.13 5.85 3.75
N ILE D 167 26.07 5.74 4.69
CA ILE D 167 27.24 4.84 4.59
C ILE D 167 27.29 3.88 5.77
N ALA D 168 28.01 2.79 5.60
CA ALA D 168 28.33 1.85 6.69
C ALA D 168 29.19 2.59 7.71
N VAL D 169 28.87 2.42 8.99
CA VAL D 169 29.63 3.05 10.11
C VAL D 169 31.08 2.58 10.06
N GLU D 170 31.33 1.33 9.66
CA GLU D 170 32.69 0.72 9.53
C GLU D 170 33.55 1.57 8.57
N SER D 171 32.93 2.24 7.60
CA SER D 171 33.64 3.06 6.59
C SER D 171 33.91 4.49 7.09
N VAL D 172 33.45 4.90 8.27
CA VAL D 172 33.74 6.25 8.80
C VAL D 172 35.19 6.24 9.32
N ASP D 173 36.04 7.11 8.78
CA ASP D 173 37.47 7.14 9.14
C ASP D 173 37.58 7.73 10.54
N TRP D 174 38.56 7.21 11.29
CA TRP D 174 39.19 7.86 12.47
C TRP D 174 38.42 7.50 13.75
N ILE D 175 37.10 7.65 13.79
CA ILE D 175 36.29 7.45 15.04
C ILE D 175 36.66 6.12 15.71
N ASP D 176 36.64 6.10 17.04
CA ASP D 176 36.90 4.91 17.87
C ASP D 176 36.01 5.00 19.10
N PRO D 177 34.68 4.87 18.92
CA PRO D 177 33.76 5.04 20.06
C PRO D 177 33.79 3.83 21.00
N ASP D 178 33.34 4.05 22.23
CA ASP D 178 32.87 2.97 23.14
C ASP D 178 31.80 2.18 22.38
N PRO D 179 31.95 0.85 22.18
CA PRO D 179 30.89 0.03 21.59
C PRO D 179 29.47 0.30 22.10
N ASN D 180 29.29 0.51 23.40
CA ASN D 180 27.94 0.78 23.97
C ASN D 180 27.46 2.18 23.55
N SER D 181 28.33 3.05 23.06
CA SER D 181 27.94 4.43 22.64
C SER D 181 28.10 4.62 21.11
N ARG D 182 28.30 3.53 20.36
CA ARG D 182 28.72 3.62 18.94
C ARG D 182 27.52 4.00 18.08
N PRO D 183 27.78 4.59 16.90
CA PRO D 183 26.74 4.85 15.93
C PRO D 183 26.40 3.54 15.20
N LEU D 184 25.13 3.38 14.82
CA LEU D 184 24.67 2.25 13.96
C LEU D 184 24.28 2.77 12.56
N ARG D 185 24.12 4.09 12.41
CA ARG D 185 23.90 4.70 11.08
C ARG D 185 24.77 5.95 10.97
N ALA D 186 25.19 6.24 9.74
CA ALA D 186 26.09 7.36 9.38
C ALA D 186 25.68 7.90 8.01
N LEU D 187 25.91 9.19 7.83
CA LEU D 187 25.41 10.00 6.71
C LEU D 187 26.55 10.95 6.29
N HIS D 188 27.13 10.74 5.11
CA HIS D 188 28.18 11.59 4.51
C HIS D 188 27.51 12.72 3.71
N ILE D 189 27.78 13.97 4.04
CA ILE D 189 27.26 15.17 3.32
C ILE D 189 28.44 15.86 2.63
N GLU D 190 28.47 15.88 1.30
CA GLU D 190 29.55 16.56 0.49
C GLU D 190 29.30 18.07 0.50
N GLY D 191 30.35 18.87 0.65
CA GLY D 191 30.26 20.33 0.46
C GLY D 191 29.60 21.02 1.64
N GLU D 192 29.46 20.33 2.77
CA GLU D 192 29.09 20.93 4.08
C GLU D 192 30.28 20.71 5.01
N GLY D 193 31.03 21.76 5.29
CA GLY D 193 32.32 21.64 5.99
C GLY D 193 32.42 22.58 7.19
N SER D 194 33.60 23.14 7.41
CA SER D 194 33.93 23.90 8.63
C SER D 194 35.04 24.90 8.33
N VAL D 195 35.14 25.91 9.18
CA VAL D 195 36.22 26.93 9.16
C VAL D 195 36.83 27.03 10.57
N ASP D 196 38.08 27.47 10.65
CA ASP D 196 38.72 27.89 11.91
C ASP D 196 38.24 29.31 12.19
N SER D 197 37.39 29.48 13.20
CA SER D 197 36.72 30.76 13.51
C SER D 197 37.80 31.81 13.83
N GLY D 198 38.93 31.39 14.39
CA GLY D 198 40.00 32.32 14.82
C GLY D 198 40.73 32.88 13.61
N ILE D 199 41.03 32.01 12.65
CA ILE D 199 41.70 32.43 11.38
C ILE D 199 40.71 33.25 10.53
N LEU D 200 39.40 32.95 10.59
CA LEU D 200 38.38 33.76 9.90
C LEU D 200 38.36 35.18 10.47
N LEU D 201 38.35 35.33 11.80
CA LEU D 201 38.36 36.66 12.46
C LEU D 201 39.61 37.46 12.04
N ALA D 202 40.79 36.83 12.07
CA ALA D 202 42.07 37.47 11.69
C ALA D 202 41.99 37.91 10.22
N ALA D 203 41.44 37.07 9.33
CA ALA D 203 41.31 37.35 7.90
C ALA D 203 40.29 38.47 7.66
N LEU D 204 39.23 38.54 8.46
CA LEU D 204 38.20 39.60 8.35
C LEU D 204 38.83 40.93 8.74
N GLU D 205 39.50 41.01 9.89
CA GLU D 205 40.20 42.25 10.36
C GLU D 205 41.15 42.73 9.25
N ARG D 206 42.02 41.83 8.79
CA ARG D 206 43.05 42.12 7.77
C ARG D 206 42.35 42.64 6.51
N SER D 207 41.27 41.99 6.06
CA SER D 207 40.57 42.36 4.80
C SER D 207 39.84 43.69 4.98
N PHE D 208 39.40 43.98 6.20
CA PHE D 208 38.72 45.24 6.56
C PHE D 208 39.72 46.41 6.43
N LEU D 209 40.90 46.27 7.05
CA LEU D 209 41.99 47.28 6.99
C LEU D 209 42.38 47.49 5.52
N GLN D 210 42.58 46.41 4.77
CA GLN D 210 43.04 46.42 3.35
C GLN D 210 42.04 47.19 2.47
N ALA D 211 40.77 47.26 2.83
CA ALA D 211 39.72 47.93 2.02
C ALA D 211 39.43 49.33 2.56
N GLY D 212 40.19 49.82 3.55
CA GLY D 212 40.13 51.21 4.04
C GLY D 212 39.39 51.36 5.36
N GLY D 213 39.02 50.26 6.02
CA GLY D 213 38.28 50.31 7.30
C GLY D 213 39.17 50.76 8.45
N ARG D 214 38.56 51.31 9.50
CA ARG D 214 39.29 51.79 10.73
C ARG D 214 38.77 51.00 11.94
N LEU D 215 39.67 50.36 12.66
CA LEU D 215 39.35 49.63 13.92
C LEU D 215 39.62 50.57 15.10
N HIS D 216 38.57 50.96 15.83
CA HIS D 216 38.68 51.76 17.07
C HIS D 216 38.33 50.83 18.24
N PRO D 217 39.34 50.33 18.99
CA PRO D 217 39.12 49.29 20.00
C PRO D 217 38.53 49.82 21.31
N VAL D 218 37.30 50.30 21.25
CA VAL D 218 36.49 50.70 22.44
C VAL D 218 35.05 50.20 22.23
N ASP D 219 34.27 50.19 23.31
CA ASP D 219 32.84 49.75 23.30
C ASP D 219 31.93 50.98 23.17
N ALA D 220 30.81 50.85 22.47
CA ALA D 220 29.70 51.83 22.49
C ALA D 220 28.98 51.72 23.83
N THR D 221 28.61 52.85 24.45
CA THR D 221 27.73 52.90 25.65
C THR D 221 26.32 53.34 25.26
N GLU D 222 26.16 54.11 24.18
CA GLU D 222 24.89 54.79 23.85
C GLU D 222 24.87 55.11 22.35
N ILE D 223 23.71 54.91 21.71
CA ILE D 223 23.43 55.40 20.34
C ILE D 223 22.68 56.72 20.48
N ARG D 224 23.11 57.79 19.78
CA ARG D 224 22.43 59.10 19.85
C ARG D 224 21.62 59.31 18.55
N ALA D 225 20.36 59.71 18.72
CA ALA D 225 19.39 59.98 17.64
C ALA D 225 18.42 61.08 18.09
N SER D 226 17.95 61.89 17.14
CA SER D 226 16.93 62.95 17.36
C SER D 226 16.26 63.28 16.03
N HIS D 227 15.00 63.71 16.07
CA HIS D 227 14.16 63.97 14.88
C HIS D 227 14.18 62.71 13.98
N GLY D 228 14.16 61.52 14.60
CA GLY D 228 14.06 60.20 13.95
C GLY D 228 15.27 59.82 13.10
N ARG D 229 16.47 60.30 13.45
CA ARG D 229 17.70 60.09 12.64
C ARG D 229 18.89 59.82 13.58
N VAL D 230 19.78 58.89 13.22
CA VAL D 230 21.03 58.61 13.99
C VAL D 230 22.01 59.78 13.81
N GLU D 231 22.64 60.20 14.91
CA GLU D 231 23.70 61.25 14.94
C GLU D 231 25.08 60.59 15.11
N GLY D 232 25.17 59.54 15.93
CA GLY D 232 26.41 58.80 16.15
C GLY D 232 26.37 57.96 17.42
N VAL D 233 27.54 57.75 18.03
CA VAL D 233 27.75 56.76 19.11
C VAL D 233 28.69 57.35 20.17
N VAL D 234 28.25 57.39 21.43
CA VAL D 234 29.12 57.65 22.62
C VAL D 234 29.89 56.37 22.94
N THR D 235 31.21 56.46 23.13
CA THR D 235 32.10 55.33 23.49
C THR D 235 32.35 55.33 24.99
N ASP D 236 32.92 54.23 25.52
CA ASP D 236 33.09 53.99 26.98
C ASP D 236 34.32 54.73 27.51
N ASP D 237 35.06 55.43 26.65
CA ASP D 237 36.17 56.34 27.05
C ASP D 237 35.65 57.79 27.10
N GLY D 238 34.33 58.03 26.95
CA GLY D 238 33.70 59.35 27.07
C GLY D 238 33.56 60.09 25.75
N ASP D 239 34.27 59.66 24.69
CA ASP D 239 34.29 60.32 23.35
C ASP D 239 32.90 60.21 22.69
N PHE D 240 32.66 61.00 21.63
CA PHE D 240 31.46 60.90 20.76
C PHE D 240 31.91 60.79 19.31
N LEU D 241 31.41 59.80 18.57
CA LEU D 241 31.76 59.59 17.14
C LEU D 241 30.50 59.90 16.31
N PRO D 242 30.57 60.89 15.40
CA PRO D 242 29.41 61.22 14.57
C PRO D 242 29.29 60.26 13.39
N ALA D 243 28.06 59.96 12.94
CA ALA D 243 27.79 59.19 11.71
C ALA D 243 26.32 59.29 11.30
N GLY D 244 26.04 59.14 10.00
CA GLY D 244 24.68 59.07 9.44
C GLY D 244 24.21 57.63 9.26
N HIS D 245 25.08 56.65 9.54
CA HIS D 245 24.75 55.20 9.49
C HIS D 245 25.42 54.49 10.68
N VAL D 246 24.62 53.80 11.48
CA VAL D 246 25.08 52.92 12.59
C VAL D 246 24.50 51.52 12.39
N VAL D 247 25.38 50.51 12.29
CA VAL D 247 25.01 49.06 12.22
C VAL D 247 25.35 48.42 13.56
N VAL D 248 24.33 47.96 14.28
CA VAL D 248 24.52 47.27 15.59
C VAL D 248 24.62 45.77 15.32
N ALA D 249 25.81 45.22 15.55
CA ALA D 249 26.14 43.77 15.49
C ALA D 249 26.99 43.42 16.72
N ALA D 250 26.44 43.73 17.89
CA ALA D 250 27.09 43.59 19.22
C ALA D 250 26.64 42.28 19.89
N GLY D 251 26.27 41.27 19.09
CA GLY D 251 25.78 39.98 19.60
C GLY D 251 24.68 40.19 20.63
N ALA D 252 24.80 39.54 21.78
CA ALA D 252 23.74 39.48 22.82
C ALA D 252 23.52 40.84 23.47
N ARG D 253 24.36 41.85 23.22
CA ARG D 253 24.19 43.21 23.81
C ARG D 253 23.39 44.12 22.84
N SER D 254 23.08 43.65 21.63
CA SER D 254 22.51 44.46 20.52
C SER D 254 21.18 45.13 20.91
N GLN D 255 20.23 44.37 21.47
CA GLN D 255 18.89 44.92 21.83
C GLN D 255 19.03 45.91 22.98
N ARG D 256 19.78 45.57 24.03
CA ARG D 256 19.91 46.44 25.24
C ARG D 256 20.38 47.83 24.79
N LEU D 257 21.15 47.90 23.70
CA LEU D 257 21.78 49.15 23.19
C LEU D 257 20.76 50.00 22.41
N VAL D 258 19.97 49.37 21.54
CA VAL D 258 18.97 50.06 20.67
C VAL D 258 17.70 50.38 21.49
N ALA D 259 17.34 49.54 22.47
CA ALA D 259 16.08 49.62 23.24
C ALA D 259 16.04 50.87 24.14
N ALA D 260 17.19 51.49 24.40
CA ALA D 260 17.33 52.72 25.21
C ALA D 260 16.73 53.92 24.48
N LEU D 261 16.68 53.88 23.14
CA LEU D 261 16.12 54.95 22.26
C LEU D 261 14.60 55.04 22.46
N PRO D 262 13.99 56.25 22.27
CA PRO D 262 12.59 56.49 22.63
C PRO D 262 11.57 55.54 21.99
N GLY D 263 10.75 54.88 22.82
CA GLY D 263 9.60 54.07 22.40
C GLY D 263 9.99 52.74 21.75
N LEU D 264 11.27 52.37 21.78
CA LEU D 264 11.80 51.15 21.12
C LEU D 264 11.92 49.97 22.11
N ALA D 265 11.73 50.22 23.40
CA ALA D 265 11.93 49.23 24.49
C ALA D 265 11.12 47.95 24.20
N HIS D 266 9.94 48.10 23.57
CA HIS D 266 8.93 47.02 23.38
C HIS D 266 8.66 46.81 21.88
N ARG D 267 9.56 47.31 21.02
CA ARG D 267 9.42 47.21 19.54
C ARG D 267 10.51 46.33 18.95
N ILE D 268 11.68 46.26 19.62
CA ILE D 268 12.82 45.34 19.30
C ILE D 268 12.76 44.14 20.24
N PRO D 269 12.53 42.91 19.72
CA PRO D 269 12.55 41.72 20.56
C PRO D 269 13.85 41.55 21.37
N ARG D 270 13.71 41.32 22.67
CA ARG D 270 14.83 41.00 23.59
C ARG D 270 15.72 39.91 23.01
N ILE D 271 17.02 40.04 23.29
CA ILE D 271 18.06 39.02 23.01
C ILE D 271 18.70 38.62 24.33
N TYR D 272 18.72 37.32 24.65
CA TYR D 272 19.35 36.75 25.87
C TYR D 272 20.69 36.11 25.48
N ASP D 273 21.45 35.62 26.47
CA ASP D 273 22.75 34.94 26.26
C ASP D 273 22.55 33.41 26.15
N GLY D 274 22.77 32.86 24.96
CA GLY D 274 22.95 31.41 24.76
C GLY D 274 24.37 31.01 25.10
N VAL D 275 24.64 30.75 26.39
CA VAL D 275 26.01 30.46 26.86
C VAL D 275 26.44 29.08 26.34
N GLY D 276 27.48 29.05 25.52
CA GLY D 276 27.97 27.83 24.87
C GLY D 276 29.41 27.53 25.25
N VAL D 277 29.69 26.28 25.56
CA VAL D 277 31.04 25.81 25.95
C VAL D 277 31.56 24.88 24.86
N SER D 278 32.83 25.06 24.51
CA SER D 278 33.57 24.19 23.59
C SER D 278 35.00 24.04 24.11
N ALA D 279 35.84 23.27 23.43
CA ALA D 279 37.21 23.02 23.89
C ALA D 279 38.11 22.76 22.68
N LEU D 280 39.37 23.14 22.83
CA LEU D 280 40.48 22.80 21.92
C LEU D 280 41.29 21.71 22.62
N VAL D 281 41.57 20.64 21.90
CA VAL D 281 42.28 19.44 22.42
C VAL D 281 43.42 19.14 21.46
N ASP D 282 44.62 18.88 21.98
CA ASP D 282 45.75 18.30 21.19
C ASP D 282 45.63 16.79 21.27
N THR D 283 45.40 16.14 20.13
CA THR D 283 45.18 14.68 20.05
C THR D 283 46.45 13.94 20.46
N TRP D 284 46.27 12.81 21.15
CA TRP D 284 47.32 11.88 21.65
C TRP D 284 48.41 11.68 20.59
N ASP D 285 48.06 11.57 19.30
CA ASP D 285 49.01 11.17 18.23
C ASP D 285 49.14 12.24 17.15
N GLY D 286 48.56 13.44 17.34
CA GLY D 286 48.62 14.53 16.35
C GLY D 286 47.63 14.34 15.21
N SER D 287 46.85 13.26 15.19
CA SER D 287 45.89 12.97 14.08
C SER D 287 44.58 13.73 14.31
N GLY D 288 43.70 13.71 13.31
CA GLY D 288 42.36 14.30 13.37
C GLY D 288 41.50 13.73 12.25
N PRO D 289 40.18 13.91 12.31
CA PRO D 289 39.33 13.41 11.22
C PRO D 289 39.45 14.34 10.01
N ALA D 290 39.20 13.79 8.83
CA ALA D 290 39.22 14.53 7.55
C ALA D 290 37.92 15.32 7.37
N THR D 291 36.84 14.89 8.01
CA THR D 291 35.51 15.53 7.91
C THR D 291 35.12 16.09 9.27
N VAL D 292 34.14 16.98 9.29
CA VAL D 292 33.35 17.26 10.51
C VAL D 292 32.69 15.93 10.91
N LEU D 293 32.60 15.65 12.21
CA LEU D 293 31.82 14.54 12.79
C LEU D 293 30.80 15.17 13.72
N ARG D 294 29.52 14.84 13.57
CA ARG D 294 28.46 15.45 14.40
C ARG D 294 27.29 14.50 14.56
N THR D 295 26.52 14.77 15.60
CA THR D 295 25.12 14.30 15.77
C THR D 295 24.21 15.40 15.24
N SER D 296 22.92 15.10 15.12
CA SER D 296 21.88 16.14 14.95
C SER D 296 21.84 16.97 16.23
N ASN D 297 21.19 18.12 16.20
CA ASN D 297 20.95 18.96 17.40
C ASN D 297 20.16 18.15 18.42
N ARG D 298 20.50 18.33 19.70
CA ARG D 298 20.01 17.56 20.86
C ARG D 298 19.39 18.52 21.89
N ALA D 299 19.22 18.08 23.13
CA ALA D 299 18.42 18.79 24.15
C ALA D 299 18.82 20.26 24.21
N PHE D 300 17.84 21.14 24.05
CA PHE D 300 17.94 22.61 24.20
C PHE D 300 19.08 23.14 23.34
N ALA D 301 19.17 22.63 22.11
CA ALA D 301 20.12 23.09 21.07
C ALA D 301 21.58 22.76 21.45
N CYS D 302 21.84 21.99 22.50
CA CYS D 302 23.17 21.34 22.68
C CYS D 302 23.40 20.49 21.43
N GLY D 303 24.66 20.22 21.10
CA GLY D 303 24.99 19.28 20.03
C GLY D 303 26.35 18.71 20.28
N LEU D 304 26.66 17.55 19.71
CA LEU D 304 28.01 16.98 19.82
C LEU D 304 28.68 17.08 18.47
N HIS D 305 29.83 17.72 18.39
CA HIS D 305 30.61 17.73 17.13
C HIS D 305 32.10 17.91 17.38
N LEU D 306 32.84 17.44 16.40
CA LEU D 306 34.29 17.54 16.29
C LEU D 306 34.60 18.23 14.96
N VAL D 307 35.23 19.40 15.03
CA VAL D 307 35.66 20.18 13.84
C VAL D 307 37.17 20.06 13.74
N PRO D 308 37.70 19.60 12.59
CA PRO D 308 39.15 19.53 12.40
C PRO D 308 39.80 20.91 12.44
N ARG D 309 41.05 20.94 12.90
CA ARG D 309 41.92 22.15 12.99
C ARG D 309 43.32 21.71 12.52
N ALA D 310 44.17 22.65 12.11
CA ALA D 310 45.58 22.40 11.74
C ALA D 310 46.42 22.13 13.00
N GLY D 311 47.54 21.42 12.85
CA GLY D 311 48.62 21.33 13.85
C GLY D 311 48.32 20.38 15.00
N GLY D 312 47.61 19.28 14.74
CA GLY D 312 47.33 18.23 15.73
C GLY D 312 46.33 18.68 16.81
N SER D 313 45.51 19.69 16.52
CA SER D 313 44.40 20.17 17.37
C SER D 313 43.06 19.73 16.77
N VAL D 314 42.04 19.54 17.60
CA VAL D 314 40.62 19.41 17.20
C VAL D 314 39.80 20.31 18.10
N TYR D 315 38.70 20.82 17.56
CA TYR D 315 37.65 21.55 18.30
C TYR D 315 36.55 20.55 18.66
N ILE D 316 36.10 20.54 19.91
CA ILE D 316 34.89 19.78 20.31
C ILE D 316 33.90 20.77 20.92
N GLY D 317 32.64 20.62 20.53
CA GLY D 317 31.54 21.40 21.09
C GLY D 317 30.26 20.59 21.01
N ALA D 318 29.15 21.18 21.44
CA ALA D 318 29.09 22.49 22.06
C ALA D 318 27.84 22.50 22.93
N THR D 319 27.97 22.83 24.20
CA THR D 319 26.81 22.94 25.11
C THR D 319 26.08 24.22 24.75
N ASN D 320 24.84 24.32 25.16
CA ASN D 320 24.06 25.56 25.04
C ASN D 320 23.15 25.68 26.26
N ALA D 321 23.06 26.86 26.85
CA ALA D 321 22.12 27.16 27.94
C ALA D 321 21.74 28.62 27.83
N VAL D 322 20.45 28.90 27.69
CA VAL D 322 19.95 30.29 27.76
C VAL D 322 20.03 30.73 29.23
N CYS D 323 20.74 31.84 29.46
CA CYS D 323 20.85 32.52 30.76
C CYS D 323 20.23 33.90 30.63
N LEU D 324 19.50 34.33 31.67
CA LEU D 324 18.80 35.63 31.72
C LEU D 324 19.82 36.73 32.04
N GLU D 325 20.96 36.37 32.63
CA GLU D 325 22.11 37.27 32.88
C GLU D 325 23.33 36.69 32.17
N PRO D 326 24.28 37.51 31.68
CA PRO D 326 25.47 36.97 31.02
C PRO D 326 26.36 36.19 32.01
N ARG D 327 27.15 35.27 31.47
CA ARG D 327 28.09 34.42 32.22
C ARG D 327 29.30 34.19 31.32
N GLY D 328 30.51 34.38 31.86
CA GLY D 328 31.75 34.40 31.08
C GLY D 328 32.58 33.15 31.30
N ALA D 329 32.11 32.22 32.14
CA ALA D 329 32.88 30.99 32.48
C ALA D 329 32.00 29.75 32.37
N ALA D 330 32.59 28.66 31.90
CA ALA D 330 31.98 27.32 31.84
C ALA D 330 31.68 26.86 33.25
N SER D 331 30.55 26.17 33.43
CA SER D 331 30.25 25.37 34.63
C SER D 331 30.98 24.02 34.55
N ILE D 332 31.17 23.38 35.70
CA ILE D 332 31.76 22.02 35.83
C ILE D 332 30.91 21.08 34.96
N GLU D 333 29.58 21.13 35.12
CA GLU D 333 28.59 20.25 34.43
C GLU D 333 28.81 20.32 32.91
N GLU D 334 28.94 21.52 32.36
CA GLU D 334 29.10 21.75 30.90
C GLU D 334 30.38 21.06 30.43
N THR D 335 31.50 21.23 31.12
CA THR D 335 32.81 20.66 30.71
C THR D 335 32.72 19.13 30.79
N VAL D 336 32.14 18.60 31.86
CA VAL D 336 32.06 17.13 32.07
C VAL D 336 31.21 16.54 30.96
N PHE D 337 30.04 17.12 30.69
CA PHE D 337 29.09 16.61 29.68
C PHE D 337 29.76 16.64 28.31
N LEU D 338 30.37 17.76 27.92
CA LEU D 338 31.03 17.88 26.62
C LEU D 338 32.10 16.78 26.45
N PHE D 339 33.01 16.65 27.42
CA PHE D 339 34.17 15.72 27.35
C PHE D 339 33.68 14.27 27.36
N ASN D 340 32.69 13.97 28.20
CA ASN D 340 32.13 12.61 28.34
C ASN D 340 31.51 12.15 27.03
N CYS D 341 30.74 13.00 26.37
CA CYS D 341 30.11 12.71 25.06
C CYS D 341 31.18 12.47 23.99
N ALA D 342 32.17 13.33 23.89
CA ALA D 342 33.19 13.24 22.82
C ALA D 342 34.01 11.96 22.98
N THR D 343 34.44 11.63 24.19
CA THR D 343 35.32 10.46 24.44
C THR D 343 34.54 9.16 24.19
N HIS D 344 33.24 9.11 24.48
CA HIS D 344 32.45 7.86 24.36
C HIS D 344 31.89 7.71 22.94
N GLN D 345 31.38 8.80 22.36
CA GLN D 345 30.57 8.73 21.11
C GLN D 345 31.44 8.92 19.87
N LEU D 346 32.60 9.60 19.98
CA LEU D 346 33.46 9.95 18.82
C LEU D 346 34.79 9.18 18.89
N HIS D 347 35.63 9.43 19.89
CA HIS D 347 36.98 8.79 19.95
C HIS D 347 37.48 8.65 21.40
N ARG D 348 37.69 7.42 21.84
CA ARG D 348 38.24 7.12 23.19
C ARG D 348 39.65 7.68 23.36
N GLY D 349 40.40 7.85 22.26
CA GLY D 349 41.74 8.47 22.28
C GLY D 349 41.70 9.88 22.85
N LEU D 350 40.56 10.58 22.76
CA LEU D 350 40.44 11.96 23.29
C LEU D 350 40.60 11.93 24.81
N ASN D 351 40.37 10.79 25.45
CA ASN D 351 40.46 10.65 26.94
C ASN D 351 41.88 11.02 27.40
N GLY D 352 42.89 10.51 26.71
CA GLY D 352 44.31 10.72 27.01
C GLY D 352 44.90 11.92 26.29
N SER D 353 44.08 12.72 25.62
CA SER D 353 44.55 13.88 24.85
C SER D 353 44.63 15.10 25.78
N GLU D 354 45.43 16.08 25.40
CA GLU D 354 45.72 17.24 26.27
C GLU D 354 44.68 18.33 26.03
N LEU D 355 44.05 18.79 27.09
CA LEU D 355 43.15 19.96 27.08
C LEU D 355 43.98 21.22 26.90
N ARG D 356 43.84 21.92 25.77
CA ARG D 356 44.54 23.20 25.51
C ARG D 356 43.68 24.38 25.98
N LYS D 357 42.35 24.34 25.82
CA LYS D 357 41.51 25.52 26.14
C LYS D 357 40.05 25.12 26.25
N VAL D 358 39.37 25.61 27.29
CA VAL D 358 37.89 25.60 27.43
C VAL D 358 37.40 26.98 26.99
N GLN D 359 36.53 27.02 25.98
CA GLN D 359 36.03 28.28 25.37
C GLN D 359 34.58 28.48 25.80
N VAL D 360 34.21 29.71 26.14
CA VAL D 360 32.81 30.12 26.45
C VAL D 360 32.44 31.32 25.58
N GLY D 361 31.28 31.28 24.94
CA GLY D 361 30.70 32.40 24.18
C GLY D 361 29.19 32.50 24.38
N SER D 362 28.61 33.67 24.08
CA SER D 362 27.15 33.94 24.15
C SER D 362 26.56 33.92 22.74
N ALA D 363 25.92 32.82 22.36
CA ALA D 363 25.00 32.79 21.19
C ALA D 363 23.87 33.78 21.46
N PRO D 364 23.70 34.84 20.65
CA PRO D 364 22.61 35.80 20.86
C PRO D 364 21.26 35.10 20.65
N ALA D 365 20.49 34.94 21.73
CA ALA D 365 19.26 34.13 21.78
C ALA D 365 18.03 35.05 21.77
N PRO D 366 17.41 35.26 20.59
CA PRO D 366 16.25 36.15 20.49
C PRO D 366 15.03 35.53 21.18
N ILE D 367 14.27 36.32 21.93
CA ILE D 367 13.12 35.81 22.75
C ILE D 367 12.06 35.12 21.88
N ASP D 368 11.95 35.43 20.58
CA ASP D 368 10.93 34.80 19.69
C ASP D 368 11.60 33.76 18.77
N GLY D 369 12.89 33.52 18.92
CA GLY D 369 13.60 32.42 18.23
C GLY D 369 14.01 32.77 16.82
N PHE D 370 13.95 34.04 16.42
CA PHE D 370 14.31 34.45 15.03
C PHE D 370 15.23 35.65 15.04
N PRO D 371 16.12 35.76 14.03
CA PRO D 371 17.14 36.81 14.01
C PRO D 371 16.52 38.21 13.90
N LEU D 372 17.33 39.23 14.19
CA LEU D 372 17.01 40.67 14.02
C LEU D 372 17.96 41.22 12.95
N ILE D 373 17.47 41.34 11.71
CA ILE D 373 18.26 41.74 10.51
C ILE D 373 17.49 42.83 9.76
N GLY D 374 18.09 44.03 9.69
CA GLY D 374 17.67 45.07 8.75
C GLY D 374 17.42 46.40 9.43
N GLY D 375 16.52 47.19 8.85
CA GLY D 375 16.28 48.61 9.20
C GLY D 375 15.35 48.76 10.38
N THR D 376 15.46 49.89 11.04
CA THR D 376 14.58 50.35 12.15
C THR D 376 13.72 51.52 11.64
N SER D 377 12.82 52.01 12.49
CA SER D 377 12.01 53.24 12.28
C SER D 377 12.92 54.47 12.38
N VAL D 378 14.12 54.34 12.93
CA VAL D 378 15.14 55.42 13.00
C VAL D 378 16.02 55.37 11.76
N GLU D 379 16.09 56.48 11.02
CA GLU D 379 16.82 56.58 9.73
C GLU D 379 18.32 56.38 10.00
N GLY D 380 18.96 55.49 9.23
CA GLY D 380 20.41 55.21 9.33
C GLY D 380 20.75 54.18 10.40
N LEU D 381 19.77 53.66 11.17
CA LEU D 381 20.00 52.67 12.24
C LEU D 381 19.67 51.27 11.72
N TRP D 382 20.69 50.42 11.62
CA TRP D 382 20.56 49.01 11.18
C TRP D 382 20.95 48.09 12.33
N MET D 383 20.41 46.88 12.33
CA MET D 383 20.67 45.84 13.36
C MET D 383 20.97 44.54 12.65
N LEU D 384 21.98 43.81 13.13
CA LEU D 384 22.37 42.49 12.60
C LEU D 384 22.73 41.59 13.79
N SER D 385 21.77 40.81 14.28
CA SER D 385 21.90 40.10 15.58
C SER D 385 20.83 39.03 15.75
N GLY D 386 20.83 38.37 16.92
CA GLY D 386 19.89 37.30 17.29
C GLY D 386 20.06 36.07 16.42
N THR D 387 21.28 35.83 15.92
CA THR D 387 21.56 34.69 15.01
C THR D 387 21.81 33.38 15.79
N TYR D 388 21.68 33.38 17.11
CA TYR D 388 21.72 32.17 17.97
C TYR D 388 22.86 31.25 17.53
N ARG D 389 22.57 30.08 16.97
CA ARG D 389 23.56 28.99 16.80
C ARG D 389 24.01 28.79 15.35
N ASP D 390 23.69 29.71 14.44
CA ASP D 390 24.03 29.54 13.00
C ASP D 390 24.51 30.86 12.37
N GLY D 391 24.76 31.90 13.16
CA GLY D 391 25.12 33.25 12.67
C GLY D 391 26.41 33.28 11.90
N LEU D 392 27.38 32.44 12.27
CA LEU D 392 28.69 32.42 11.58
C LEU D 392 28.45 31.93 10.15
N HIS D 393 27.70 30.85 10.00
CA HIS D 393 27.39 30.25 8.69
C HIS D 393 26.63 31.28 7.82
N MET D 394 25.67 32.00 8.39
CA MET D 394 24.81 32.96 7.65
C MET D 394 25.60 34.23 7.28
N SER D 395 26.73 34.49 7.94
CA SER D 395 27.41 35.81 7.97
C SER D 395 27.55 36.41 6.56
N PRO D 396 28.08 35.70 5.53
CA PRO D 396 28.25 36.33 4.22
C PRO D 396 26.91 36.74 3.57
N LEU D 397 25.87 35.94 3.74
CA LEU D 397 24.52 36.26 3.21
C LEU D 397 23.95 37.46 3.98
N LEU D 398 24.07 37.48 5.31
CA LEU D 398 23.46 38.55 6.14
C LEU D 398 24.18 39.88 5.86
N ALA D 399 25.49 39.84 5.67
CA ALA D 399 26.34 41.01 5.36
C ALA D 399 25.86 41.62 4.03
N ARG D 400 25.80 40.81 2.97
CA ARG D 400 25.36 41.22 1.61
C ARG D 400 23.95 41.81 1.69
N HIS D 401 23.07 41.22 2.49
CA HIS D 401 21.66 41.68 2.62
C HIS D 401 21.65 43.10 3.19
N VAL D 402 22.33 43.33 4.31
CA VAL D 402 22.27 44.64 5.02
C VAL D 402 22.93 45.70 4.13
N VAL D 403 24.01 45.35 3.43
CA VAL D 403 24.77 46.27 2.52
C VAL D 403 23.89 46.68 1.35
N SER D 404 23.13 45.74 0.78
CA SER D 404 22.16 46.03 -0.30
C SER D 404 21.08 46.99 0.22
N LEU D 405 20.51 46.74 1.42
CA LEU D 405 19.48 47.63 2.01
C LEU D 405 20.06 49.05 2.17
N MET D 406 21.28 49.17 2.69
CA MET D 406 21.91 50.48 2.99
C MET D 406 22.15 51.27 1.69
N ASP D 407 22.25 50.58 0.56
CA ASP D 407 22.55 51.12 -0.79
C ASP D 407 21.26 51.41 -1.56
N GLY D 408 20.08 51.19 -0.97
CA GLY D 408 18.77 51.43 -1.61
C GLY D 408 18.20 50.19 -2.28
N GLY D 409 18.88 49.04 -2.20
CA GLY D 409 18.43 47.75 -2.76
C GLY D 409 17.39 47.07 -1.88
N THR D 410 16.97 45.85 -2.25
CA THR D 410 15.96 45.04 -1.52
C THR D 410 16.64 43.87 -0.78
N GLY D 411 17.93 43.65 -1.03
CA GLY D 411 18.71 42.57 -0.38
C GLY D 411 18.20 41.20 -0.79
N VAL D 412 18.16 40.27 0.16
CA VAL D 412 17.74 38.85 -0.04
C VAL D 412 16.27 38.73 0.34
N ASP D 413 15.48 38.04 -0.49
CA ASP D 413 13.99 38.07 -0.47
C ASP D 413 13.35 37.57 0.84
N GLY D 414 13.71 36.42 1.44
CA GLY D 414 12.98 35.86 2.58
C GLY D 414 13.59 36.24 3.92
N LEU D 415 14.44 37.27 3.96
CA LEU D 415 14.98 37.87 5.21
C LEU D 415 14.00 38.95 5.73
N ARG D 416 12.88 39.13 5.03
CA ARG D 416 11.92 40.24 5.28
C ARG D 416 11.22 40.01 6.63
N GLU D 417 10.86 38.77 6.97
CA GLU D 417 10.09 38.46 8.21
C GLU D 417 10.93 38.78 9.46
N PHE D 418 12.26 38.94 9.30
CA PHE D 418 13.23 39.01 10.43
C PHE D 418 13.66 40.46 10.65
N ARG D 419 12.95 41.43 10.06
CA ARG D 419 13.20 42.87 10.32
C ARG D 419 13.23 43.08 11.83
N PRO D 420 14.16 43.89 12.36
CA PRO D 420 14.38 43.96 13.81
C PRO D 420 13.22 44.57 14.59
N GLU D 421 12.45 45.46 13.97
CA GLU D 421 11.36 46.19 14.67
C GLU D 421 10.05 45.48 14.33
N ARG D 422 9.55 44.70 15.28
CA ARG D 422 8.44 43.74 15.03
C ARG D 422 7.80 43.34 16.36
N ASP D 423 6.52 42.95 16.27
CA ASP D 423 5.83 42.11 17.27
C ASP D 423 6.61 40.79 17.35
N LEU D 424 6.64 40.16 18.52
CA LEU D 424 7.23 38.81 18.72
C LEU D 424 6.53 37.84 17.76
N ILE D 425 7.29 37.15 16.91
CA ILE D 425 6.82 36.05 16.02
C ILE D 425 6.31 34.89 16.89
N SER D 426 5.24 34.23 16.44
CA SER D 426 4.68 32.98 17.02
C SER D 426 4.74 31.89 15.95
N ALA D 427 5.84 31.16 15.86
CA ALA D 427 6.09 30.16 14.79
C ALA D 427 5.44 28.82 15.14
N TRP D 428 5.12 28.61 16.42
CA TRP D 428 4.59 27.33 16.95
C TRP D 428 3.42 27.60 17.91
N SER D 429 2.44 26.71 17.93
CA SER D 429 1.36 26.70 18.96
C SER D 429 1.99 26.47 20.33
N ARG D 430 1.38 27.01 21.37
CA ARG D 430 1.67 26.71 22.79
C ARG D 430 1.76 25.19 22.99
N GLU D 431 0.83 24.44 22.40
CA GLU D 431 0.75 22.96 22.53
C GLU D 431 2.03 22.33 21.95
N GLU D 432 2.47 22.75 20.76
CA GLU D 432 3.71 22.24 20.11
C GLU D 432 4.92 22.51 21.01
N ILE D 433 4.97 23.69 21.65
CA ILE D 433 6.15 24.11 22.45
C ILE D 433 6.16 23.32 23.76
N LEU D 434 5.01 23.08 24.36
CA LEU D 434 4.90 22.31 25.63
C LEU D 434 5.31 20.85 25.38
N ASP D 435 4.93 20.26 24.25
CA ASP D 435 5.44 18.91 23.85
C ASP D 435 6.96 18.97 23.67
N ASP D 436 7.50 20.03 23.06
CA ASP D 436 8.95 20.16 22.74
C ASP D 436 9.73 20.28 24.08
N VAL D 437 9.29 21.12 25.02
CA VAL D 437 10.03 21.42 26.27
C VAL D 437 10.10 20.15 27.14
N VAL D 438 9.03 19.35 27.15
CA VAL D 438 8.98 18.09 27.94
C VAL D 438 9.92 17.09 27.26
N ARG D 439 9.86 16.99 25.94
CA ARG D 439 10.73 16.07 25.15
C ARG D 439 12.20 16.40 25.43
N HIS D 440 12.58 17.67 25.30
CA HIS D 440 13.98 18.15 25.48
C HIS D 440 14.40 17.92 26.95
N THR D 441 13.52 18.15 27.92
CA THR D 441 13.80 17.89 29.34
C THR D 441 14.14 16.41 29.51
N MET D 442 13.30 15.52 28.98
CA MET D 442 13.54 14.06 29.09
C MET D 442 14.87 13.74 28.38
N ALA D 443 15.18 14.42 27.29
CA ALA D 443 16.40 14.16 26.50
C ALA D 443 17.66 14.49 27.31
N THR D 444 17.63 15.45 28.24
CA THR D 444 18.80 15.73 29.12
C THR D 444 19.15 14.46 29.90
N GLY D 445 18.15 13.63 30.22
CA GLY D 445 18.35 12.36 30.90
C GLY D 445 18.98 11.33 29.97
N TYR D 446 18.42 11.13 28.79
CA TYR D 446 18.82 10.05 27.85
C TYR D 446 20.20 10.36 27.26
N GLU D 447 20.57 11.63 27.21
CA GLU D 447 21.86 12.09 26.62
C GLU D 447 23.00 11.94 27.64
N PHE D 448 22.68 11.76 28.92
CA PHE D 448 23.69 11.75 30.00
C PHE D 448 24.72 10.63 29.79
N PRO D 449 24.37 9.35 29.50
CA PRO D 449 23.01 8.80 29.62
C PRO D 449 22.74 8.33 31.05
N TRP D 450 21.51 8.47 31.52
CA TRP D 450 21.13 8.06 32.90
C TRP D 450 20.84 6.55 32.93
N ARG D 451 20.87 5.96 34.12
CA ARG D 451 20.37 4.59 34.35
C ARG D 451 19.40 4.70 35.53
N LEU D 452 18.11 4.45 35.28
CA LEU D 452 17.08 4.56 36.34
C LEU D 452 16.10 3.40 36.22
N PRO D 453 15.27 3.19 37.27
CA PRO D 453 14.22 2.20 37.19
C PRO D 453 13.30 2.58 36.03
N LEU D 454 12.78 1.57 35.33
CA LEU D 454 12.03 1.75 34.07
C LEU D 454 10.71 2.48 34.29
N GLU D 455 10.15 2.54 35.50
CA GLU D 455 8.89 3.27 35.75
C GLU D 455 9.15 4.78 35.83
N TRP D 456 10.37 5.20 36.10
CA TRP D 456 10.68 6.60 36.49
C TRP D 456 10.49 7.54 35.31
N PRO D 457 11.01 7.25 34.10
CA PRO D 457 10.78 8.10 32.93
C PRO D 457 9.31 8.45 32.64
N HIS D 458 8.41 7.46 32.68
CA HIS D 458 6.95 7.72 32.46
C HIS D 458 6.43 8.63 33.60
N MET D 459 6.82 8.34 34.85
CA MET D 459 6.46 9.20 36.01
C MET D 459 6.84 10.65 35.71
N MET D 460 8.09 10.89 35.30
N MET D 460 8.08 10.89 35.29
CA MET D 460 8.63 12.27 35.13
CA MET D 460 8.58 12.27 35.16
C MET D 460 7.91 12.95 33.95
C MET D 460 7.91 12.95 33.95
N GLU D 461 7.70 12.25 32.83
CA GLU D 461 6.93 12.80 31.67
C GLU D 461 5.58 13.33 32.19
N THR D 462 4.83 12.53 32.94
CA THR D 462 3.48 12.91 33.44
C THR D 462 3.58 14.15 34.34
N PHE D 463 4.53 14.21 35.28
CA PHE D 463 4.58 15.25 36.35
C PHE D 463 5.25 16.54 35.86
N LEU D 464 5.89 16.54 34.70
CA LEU D 464 6.53 17.73 34.08
C LEU D 464 5.49 18.55 33.31
N GLN D 465 4.47 17.89 32.74
CA GLN D 465 3.48 18.49 31.81
C GLN D 465 2.73 19.62 32.51
N GLY D 466 2.19 19.35 33.70
CA GLY D 466 1.41 20.32 34.49
C GLY D 466 2.18 21.62 34.73
N PRO D 467 3.32 21.56 35.44
CA PRO D 467 4.07 22.78 35.78
C PRO D 467 4.51 23.63 34.57
N PHE D 468 4.84 23.03 33.44
CA PHE D 468 5.23 23.76 32.21
C PHE D 468 3.99 24.41 31.57
N ALA D 469 2.86 23.69 31.52
CA ALA D 469 1.55 24.21 31.05
C ALA D 469 1.12 25.40 31.91
N GLU D 470 1.31 25.31 33.23
CA GLU D 470 0.94 26.38 34.20
C GLU D 470 1.84 27.60 33.96
N LEU D 471 3.12 27.40 33.68
CA LEU D 471 4.09 28.51 33.44
C LEU D 471 3.70 29.24 32.15
N ALA D 472 3.44 28.52 31.06
CA ALA D 472 3.09 29.09 29.75
C ALA D 472 1.81 29.95 29.87
N ASP D 473 0.80 29.48 30.59
CA ASP D 473 -0.51 30.18 30.79
C ASP D 473 -0.29 31.45 31.61
N ARG D 474 0.55 31.38 32.64
CA ARG D 474 0.82 32.48 33.58
C ARG D 474 1.64 33.59 32.90
N LEU D 475 2.46 33.27 31.89
CA LEU D 475 3.45 34.20 31.30
C LEU D 475 2.73 35.24 30.42
N SER D 476 1.75 34.81 29.64
CA SER D 476 1.06 35.63 28.62
C SER D 476 -0.10 34.82 28.04
N ASP D 477 -1.15 35.52 27.61
CA ASP D 477 -2.35 34.93 26.96
C ASP D 477 -2.03 34.66 25.48
N THR D 478 -0.95 35.26 24.95
CA THR D 478 -0.74 35.32 23.48
C THR D 478 0.66 34.79 23.12
N TYR D 479 1.73 35.22 23.80
CA TYR D 479 3.12 34.82 23.47
C TYR D 479 3.55 33.62 24.31
N THR D 480 4.27 32.70 23.66
CA THR D 480 4.90 31.52 24.30
C THR D 480 6.39 31.52 23.95
N PRO D 481 7.30 31.55 24.95
CA PRO D 481 8.74 31.44 24.68
C PRO D 481 9.06 30.08 24.10
N PRO D 482 10.02 29.99 23.14
CA PRO D 482 10.48 28.69 22.65
C PRO D 482 11.12 27.89 23.80
N ALA D 483 11.22 26.56 23.62
CA ALA D 483 11.62 25.59 24.67
C ALA D 483 12.92 26.01 25.36
N ASP D 484 13.96 26.37 24.59
CA ASP D 484 15.30 26.72 25.10
C ASP D 484 15.15 27.79 26.18
N LEU D 485 14.30 28.77 25.93
CA LEU D 485 14.09 29.91 26.85
C LEU D 485 13.09 29.50 27.93
N MET D 486 12.09 28.70 27.61
CA MET D 486 11.06 28.31 28.61
C MET D 486 11.71 27.59 29.80
N THR D 487 12.67 26.68 29.57
CA THR D 487 13.33 25.92 30.66
C THR D 487 14.13 26.90 31.52
N ALA D 488 14.86 27.85 30.94
CA ALA D 488 15.58 28.88 31.71
C ALA D 488 14.59 29.69 32.58
N ILE D 489 13.42 30.01 32.05
CA ILE D 489 12.38 30.78 32.82
C ILE D 489 11.82 29.90 33.93
N MET D 490 11.50 28.63 33.65
CA MET D 490 10.97 27.66 34.65
C MET D 490 11.85 27.66 35.90
N PHE D 491 13.18 27.75 35.77
CA PHE D 491 14.13 27.55 36.88
C PHE D 491 14.79 28.87 37.28
N SER D 492 14.21 29.99 36.89
CA SER D 492 14.66 31.35 37.27
C SER D 492 13.94 31.76 38.55
N GLU D 493 14.32 32.90 39.15
CA GLU D 493 13.66 33.45 40.36
C GLU D 493 12.23 33.91 40.02
N ARG D 494 11.35 33.93 41.00
CA ARG D 494 9.97 34.48 40.90
C ARG D 494 10.02 35.91 40.31
N GLU D 495 10.93 36.77 40.77
CA GLU D 495 11.07 38.19 40.31
C GLU D 495 11.33 38.23 38.81
N GLN D 496 12.19 37.33 38.31
CA GLN D 496 12.60 37.26 36.88
C GLN D 496 11.41 36.82 36.03
N GLN D 497 10.61 35.88 36.54
CA GLN D 497 9.35 35.44 35.87
C GLN D 497 8.37 36.61 35.79
N ASP D 498 8.19 37.34 36.91
CA ASP D 498 7.26 38.50 37.01
C ASP D 498 7.69 39.60 36.04
N GLU D 499 8.99 39.91 35.97
CA GLU D 499 9.54 40.93 35.05
C GLU D 499 9.22 40.54 33.59
N LEU D 500 9.26 39.24 33.26
CA LEU D 500 8.94 38.74 31.90
C LEU D 500 7.43 38.83 31.62
N ILE D 501 6.57 38.63 32.61
CA ILE D 501 5.09 38.79 32.43
C ILE D 501 4.82 40.24 32.04
N ALA D 502 5.45 41.20 32.75
CA ALA D 502 5.35 42.66 32.49
C ALA D 502 5.86 42.95 31.07
N TYR D 503 7.03 42.40 30.70
CA TYR D 503 7.63 42.63 29.36
C TYR D 503 6.64 42.17 28.28
N TYR D 504 6.12 40.94 28.40
CA TYR D 504 5.20 40.34 27.40
C TYR D 504 3.92 41.18 27.28
N ALA D 505 3.41 41.69 28.40
CA ALA D 505 2.20 42.53 28.49
C ALA D 505 2.45 43.86 27.76
N ASP D 506 3.58 44.54 28.05
CA ASP D 506 3.98 45.81 27.38
C ASP D 506 4.13 45.61 25.87
N VAL D 507 4.61 44.44 25.42
CA VAL D 507 4.78 44.16 23.96
C VAL D 507 3.39 43.99 23.33
N HIS D 508 2.42 43.35 24.02
CA HIS D 508 1.03 43.17 23.54
C HIS D 508 0.36 44.53 23.34
N ARG D 509 0.49 45.42 24.33
CA ARG D 509 -0.03 46.82 24.33
C ARG D 509 0.50 47.54 23.08
N GLU D 510 1.83 47.50 22.87
CA GLU D 510 2.56 48.25 21.81
C GLU D 510 2.07 47.83 20.41
N TRP D 511 1.72 46.56 20.20
CA TRP D 511 1.54 45.97 18.84
C TRP D 511 0.08 45.58 18.52
N HIS D 512 -0.78 45.41 19.53
CA HIS D 512 -2.22 45.06 19.35
C HIS D 512 -3.08 46.22 19.86
N GLN E 31 -1.22 41.76 -80.64
CA GLN E 31 -1.87 40.59 -80.00
C GLN E 31 -3.32 40.90 -79.66
N THR E 32 -4.17 39.87 -79.67
CA THR E 32 -5.64 39.93 -79.38
C THR E 32 -5.85 39.32 -77.96
N ASP E 33 -6.66 39.98 -77.11
CA ASP E 33 -6.85 39.59 -75.68
C ASP E 33 -7.95 38.52 -75.50
N VAL E 34 -7.54 37.42 -74.85
CA VAL E 34 -8.43 36.33 -74.35
C VAL E 34 -8.38 36.30 -72.82
N ILE E 35 -9.54 36.32 -72.17
CA ILE E 35 -9.67 36.14 -70.69
C ILE E 35 -10.33 34.78 -70.41
N VAL E 36 -9.64 33.91 -69.68
CA VAL E 36 -10.22 32.65 -69.11
C VAL E 36 -10.65 32.95 -67.69
N VAL E 37 -11.93 32.82 -67.38
CA VAL E 37 -12.49 33.03 -66.00
C VAL E 37 -12.54 31.66 -65.32
N GLY E 38 -11.61 31.40 -64.41
CA GLY E 38 -11.60 30.20 -63.57
C GLY E 38 -10.28 29.47 -63.65
N ASN E 39 -9.79 29.01 -62.50
CA ASN E 39 -8.44 28.45 -62.36
C ASN E 39 -8.53 27.00 -61.85
N GLY E 40 -9.61 26.31 -62.18
CA GLY E 40 -9.70 24.84 -62.01
C GLY E 40 -8.95 24.16 -63.12
N VAL E 41 -9.04 22.83 -63.22
CA VAL E 41 -8.39 22.06 -64.31
C VAL E 41 -8.91 22.52 -65.67
N LEU E 42 -10.19 22.89 -65.80
CA LEU E 42 -10.74 23.19 -67.16
C LEU E 42 -10.19 24.55 -67.61
N GLY E 43 -10.32 25.59 -66.79
CA GLY E 43 -9.74 26.92 -67.08
C GLY E 43 -8.27 26.81 -67.48
N LEU E 44 -7.45 26.22 -66.62
CA LEU E 44 -5.99 26.15 -66.83
C LEU E 44 -5.67 25.26 -68.03
N SER E 45 -6.43 24.21 -68.28
CA SER E 45 -6.16 23.30 -69.42
C SER E 45 -6.41 24.09 -70.71
N VAL E 46 -7.49 24.86 -70.76
CA VAL E 46 -7.85 25.68 -71.95
C VAL E 46 -6.81 26.82 -72.07
N GLY E 47 -6.46 27.47 -70.95
CA GLY E 47 -5.41 28.49 -70.87
C GLY E 47 -4.12 27.99 -71.49
N VAL E 48 -3.68 26.81 -71.07
CA VAL E 48 -2.41 26.21 -71.55
C VAL E 48 -2.51 25.96 -73.06
N GLU E 49 -3.62 25.40 -73.55
CA GLU E 49 -3.74 25.01 -74.98
C GLU E 49 -3.82 26.28 -75.84
N ILE E 50 -4.47 27.35 -75.38
CA ILE E 50 -4.54 28.64 -76.11
C ILE E 50 -3.13 29.24 -76.20
N ALA E 51 -2.46 29.43 -75.05
CA ALA E 51 -1.13 30.06 -74.97
C ALA E 51 -0.12 29.32 -75.87
N ARG E 52 -0.18 27.99 -75.93
CA ARG E 52 0.78 27.17 -76.70
C ARG E 52 0.49 27.21 -78.21
N THR E 53 -0.78 27.36 -78.59
CA THR E 53 -1.30 27.16 -79.98
C THR E 53 -1.38 28.49 -80.72
N ARG E 54 -1.52 29.60 -80.00
CA ARG E 54 -1.85 30.94 -80.54
C ARG E 54 -0.84 31.95 -80.00
N PRO E 55 0.41 32.00 -80.51
CA PRO E 55 1.41 32.98 -80.05
C PRO E 55 0.97 34.43 -80.33
N ASP E 56 0.03 34.62 -81.27
CA ASP E 56 -0.63 35.91 -81.64
C ASP E 56 -1.41 36.49 -80.45
N VAL E 57 -2.12 35.67 -79.66
CA VAL E 57 -3.12 36.17 -78.66
C VAL E 57 -2.49 36.30 -77.26
N ARG E 58 -2.94 37.28 -76.50
CA ARG E 58 -2.54 37.51 -75.08
C ARG E 58 -3.63 36.90 -74.19
N VAL E 59 -3.28 35.87 -73.40
CA VAL E 59 -4.25 35.09 -72.58
C VAL E 59 -4.03 35.40 -71.09
N THR E 60 -5.08 35.92 -70.44
CA THR E 60 -5.14 36.20 -68.98
C THR E 60 -6.14 35.25 -68.33
N LEU E 61 -5.73 34.58 -67.26
CA LEU E 61 -6.57 33.60 -66.49
C LEU E 61 -6.83 34.16 -65.09
N LEU E 62 -8.11 34.34 -64.74
CA LEU E 62 -8.61 34.89 -63.45
C LEU E 62 -8.90 33.74 -62.47
N GLY E 63 -8.99 34.05 -61.17
CA GLY E 63 -9.22 33.10 -60.08
C GLY E 63 -8.12 33.16 -59.03
N LYS E 64 -8.45 32.87 -57.76
CA LYS E 64 -7.57 33.05 -56.58
C LYS E 64 -6.96 31.74 -56.14
N PRO E 65 -5.80 31.74 -55.45
CA PRO E 65 -5.19 30.49 -54.97
C PRO E 65 -6.06 29.70 -53.96
N ALA E 66 -7.02 30.36 -53.28
CA ALA E 66 -7.96 29.73 -52.33
C ALA E 66 -8.84 28.70 -53.05
N ARG E 67 -9.16 28.90 -54.32
CA ARG E 67 -10.01 28.00 -55.16
C ARG E 67 -11.26 27.68 -54.38
N GLN E 68 -12.01 28.70 -53.98
CA GLN E 68 -13.28 28.55 -53.23
C GLN E 68 -14.25 27.66 -54.03
N TYR E 69 -14.80 26.62 -53.39
CA TYR E 69 -15.74 25.62 -53.93
C TYR E 69 -15.08 24.77 -55.03
N GLY E 70 -13.77 24.89 -55.22
CA GLY E 70 -13.08 24.22 -56.34
C GLY E 70 -13.23 22.71 -56.27
N ALA E 71 -13.84 22.09 -57.27
CA ALA E 71 -13.89 20.62 -57.43
C ALA E 71 -12.46 20.06 -57.57
N THR E 72 -11.63 20.66 -58.41
CA THR E 72 -10.33 20.08 -58.85
C THR E 72 -9.47 19.73 -57.64
N PRO E 73 -9.22 20.64 -56.67
CA PRO E 73 -8.38 20.32 -55.51
C PRO E 73 -8.93 19.16 -54.65
N ALA E 74 -10.25 18.96 -54.64
CA ALA E 74 -10.95 17.94 -53.85
C ALA E 74 -10.98 16.59 -54.57
N ALA E 75 -10.57 16.53 -55.85
CA ALA E 75 -10.57 15.29 -56.65
C ALA E 75 -9.25 14.53 -56.45
N GLY E 76 -9.27 13.23 -56.64
CA GLY E 76 -8.16 12.34 -56.23
C GLY E 76 -6.91 12.53 -57.08
N ALA E 77 -7.00 12.22 -58.38
CA ALA E 77 -8.24 11.92 -59.06
C ALA E 77 -8.01 10.71 -59.96
N MET E 78 -9.08 9.95 -60.20
CA MET E 78 -9.06 8.79 -61.09
C MET E 78 -9.24 9.27 -62.55
N LEU E 79 -8.44 8.73 -63.46
CA LEU E 79 -8.65 8.87 -64.92
C LEU E 79 -9.66 7.79 -65.35
N GLY E 80 -10.92 7.96 -64.95
CA GLY E 80 -11.96 6.93 -65.10
C GLY E 80 -12.52 6.82 -66.51
N ALA E 81 -12.48 5.61 -67.07
CA ALA E 81 -13.18 5.22 -68.31
C ALA E 81 -14.05 3.97 -68.04
N PHE E 82 -13.43 2.80 -67.97
CA PHE E 82 -14.14 1.52 -67.70
C PHE E 82 -14.68 1.53 -66.26
N GLY E 83 -13.90 1.98 -65.28
CA GLY E 83 -14.33 2.12 -63.86
C GLY E 83 -15.61 2.92 -63.69
N GLU E 84 -15.89 3.88 -64.58
CA GLU E 84 -17.06 4.80 -64.47
C GLU E 84 -18.31 4.16 -65.09
N VAL E 85 -18.17 3.02 -65.78
CA VAL E 85 -19.30 2.34 -66.47
C VAL E 85 -20.31 1.88 -65.41
N THR E 86 -21.59 2.10 -65.71
CA THR E 86 -22.77 1.60 -64.96
C THR E 86 -23.73 0.95 -65.95
N ALA E 87 -24.62 0.06 -65.48
CA ALA E 87 -25.70 -0.54 -66.30
C ALA E 87 -26.56 0.57 -66.93
N HIS E 88 -26.91 1.60 -66.15
CA HIS E 88 -27.76 2.75 -66.55
C HIS E 88 -27.10 3.50 -67.72
N ALA E 89 -25.80 3.80 -67.63
CA ALA E 89 -25.01 4.51 -68.67
C ALA E 89 -25.05 3.71 -69.98
N LEU E 90 -24.69 2.42 -69.93
CA LEU E 90 -24.58 1.55 -71.13
C LEU E 90 -25.95 1.26 -71.78
N ALA E 91 -27.05 1.67 -71.15
CA ALA E 91 -28.41 1.35 -71.63
C ALA E 91 -28.99 2.50 -72.47
N SER E 92 -28.29 3.65 -72.55
CA SER E 92 -28.72 4.83 -73.35
C SER E 92 -27.68 5.12 -74.44
N GLU E 93 -28.11 5.73 -75.54
CA GLU E 93 -27.23 6.25 -76.60
C GLU E 93 -26.30 7.31 -75.98
N HIS E 94 -26.86 8.26 -75.21
CA HIS E 94 -26.14 9.38 -74.53
C HIS E 94 -24.98 8.80 -73.67
N GLY E 95 -25.24 7.74 -72.91
CA GLY E 95 -24.26 7.06 -72.05
C GLY E 95 -23.15 6.39 -72.83
N ARG E 96 -23.47 5.71 -73.94
CA ARG E 96 -22.46 5.01 -74.80
C ARG E 96 -21.54 6.06 -75.44
N LYS E 97 -22.07 7.24 -75.79
CA LYS E 97 -21.25 8.36 -76.34
C LYS E 97 -20.29 8.87 -75.26
N LYS E 98 -20.76 9.10 -74.03
CA LYS E 98 -19.92 9.56 -72.89
C LYS E 98 -18.78 8.57 -72.68
N HIS E 99 -19.07 7.28 -72.67
CA HIS E 99 -18.04 6.23 -72.45
C HIS E 99 -16.98 6.31 -73.57
N ALA E 100 -17.41 6.45 -74.82
CA ALA E 100 -16.52 6.56 -76.00
C ALA E 100 -15.61 7.79 -75.85
N LEU E 101 -16.15 8.93 -75.42
CA LEU E 101 -15.35 10.15 -75.19
C LEU E 101 -14.33 9.91 -74.08
N ALA E 102 -14.69 9.14 -73.06
CA ALA E 102 -13.79 8.86 -71.91
C ALA E 102 -12.63 7.99 -72.40
N VAL E 103 -12.90 7.05 -73.30
CA VAL E 103 -11.85 6.18 -73.90
C VAL E 103 -10.91 7.07 -74.72
N GLN E 104 -11.46 8.04 -75.46
CA GLN E 104 -10.69 8.98 -76.31
C GLN E 104 -9.80 9.87 -75.41
N ALA E 105 -10.37 10.41 -74.32
CA ALA E 105 -9.63 11.24 -73.36
C ALA E 105 -8.46 10.43 -72.77
N GLN E 106 -8.67 9.16 -72.44
CA GLN E 106 -7.62 8.27 -71.84
C GLN E 106 -6.38 8.29 -72.75
N ARG E 107 -6.57 8.26 -74.07
CA ARG E 107 -5.46 8.16 -75.06
C ARG E 107 -4.61 9.43 -75.05
N LEU E 108 -5.14 10.58 -74.62
CA LEU E 108 -4.40 11.87 -74.59
C LEU E 108 -3.51 11.99 -73.34
N TRP E 109 -3.79 11.28 -72.26
CA TRP E 109 -3.20 11.60 -70.94
C TRP E 109 -1.68 11.41 -70.92
N PRO E 110 -1.09 10.30 -71.44
CA PRO E 110 0.36 10.12 -71.37
C PRO E 110 1.19 11.28 -71.95
N GLU E 111 0.83 11.78 -73.15
CA GLU E 111 1.55 12.89 -73.85
C GLU E 111 1.26 14.21 -73.12
N TRP E 112 0.02 14.44 -72.69
CA TRP E 112 -0.40 15.66 -71.97
C TRP E 112 0.43 15.82 -70.69
N ILE E 113 0.58 14.73 -69.93
CA ILE E 113 1.39 14.71 -68.67
C ILE E 113 2.86 14.99 -69.04
N GLU E 114 3.40 14.29 -70.04
CA GLU E 114 4.79 14.46 -70.53
C GLU E 114 5.00 15.95 -70.85
N SER E 115 4.06 16.57 -71.56
CA SER E 115 4.15 17.99 -72.01
C SER E 115 4.07 18.93 -70.81
N LEU E 116 3.42 18.54 -69.70
CA LEU E 116 3.29 19.43 -68.49
C LEU E 116 4.49 19.23 -67.55
N GLU E 117 4.99 18.01 -67.41
CA GLU E 117 6.17 17.74 -66.53
C GLU E 117 7.43 18.31 -67.17
N ALA E 118 7.45 18.46 -68.50
CA ALA E 118 8.62 18.95 -69.29
C ALA E 118 8.95 20.42 -68.94
N THR E 119 7.99 21.21 -68.45
CA THR E 119 8.18 22.63 -68.06
C THR E 119 8.70 22.74 -66.62
N GLY E 120 8.92 21.61 -65.94
CA GLY E 120 9.36 21.56 -64.54
C GLY E 120 10.62 20.72 -64.39
N THR E 121 10.96 20.36 -63.15
CA THR E 121 12.17 19.58 -62.77
C THR E 121 11.76 18.42 -61.85
N ALA E 122 12.69 17.50 -61.55
CA ALA E 122 12.46 16.31 -60.68
C ALA E 122 11.75 16.71 -59.38
N ALA E 123 12.11 17.85 -58.78
CA ALA E 123 11.65 18.27 -57.43
C ALA E 123 10.17 18.70 -57.44
N ASP E 124 9.56 18.85 -58.61
CA ASP E 124 8.17 19.39 -58.75
C ASP E 124 7.14 18.29 -58.49
N GLY E 125 7.56 17.02 -58.56
CA GLY E 125 6.71 15.86 -58.26
C GLY E 125 6.06 15.29 -59.50
N ARG E 126 5.61 14.04 -59.41
CA ARG E 126 5.01 13.29 -60.55
C ARG E 126 3.50 13.52 -60.55
N ILE E 127 2.92 13.81 -61.71
CA ILE E 127 1.47 13.98 -61.90
C ILE E 127 0.81 12.60 -61.76
N LYS E 128 1.34 11.59 -62.43
CA LYS E 128 0.77 10.21 -62.45
C LYS E 128 1.09 9.55 -61.11
N THR E 129 0.09 8.99 -60.43
CA THR E 129 0.29 8.28 -59.13
C THR E 129 0.01 6.79 -59.27
N ALA E 130 -0.75 6.36 -60.28
CA ALA E 130 -0.94 4.92 -60.60
C ALA E 130 -1.27 4.73 -62.08
N ASP E 131 -0.93 3.57 -62.63
CA ASP E 131 -1.21 3.19 -64.03
C ASP E 131 -2.48 2.34 -64.09
N ASP E 132 -2.76 1.56 -63.05
CA ASP E 132 -3.84 0.53 -63.06
C ASP E 132 -4.87 0.79 -61.95
N THR E 133 -6.03 0.14 -62.06
CA THR E 133 -7.20 0.28 -61.18
C THR E 133 -7.70 -1.12 -60.83
N VAL E 134 -8.05 -1.36 -59.57
CA VAL E 134 -8.78 -2.60 -59.17
C VAL E 134 -10.18 -2.19 -58.71
N VAL E 135 -11.20 -2.75 -59.36
CA VAL E 135 -12.62 -2.57 -58.98
C VAL E 135 -13.00 -3.73 -58.06
N LEU E 136 -13.55 -3.41 -56.89
CA LEU E 136 -13.93 -4.41 -55.86
C LEU E 136 -15.46 -4.48 -55.79
N LEU E 137 -15.99 -5.69 -55.65
CA LEU E 137 -17.43 -5.93 -55.40
C LEU E 137 -17.59 -6.51 -54.00
N ASN E 138 -18.31 -5.80 -53.13
CA ASN E 138 -18.67 -6.22 -51.76
C ASN E 138 -20.18 -6.08 -51.61
N THR E 139 -20.74 -6.47 -50.47
CA THR E 139 -22.21 -6.53 -50.27
C THR E 139 -22.63 -5.33 -49.42
N VAL E 140 -21.77 -4.34 -49.27
CA VAL E 140 -22.12 -3.13 -48.49
C VAL E 140 -22.77 -2.13 -49.45
N GLY E 141 -23.91 -2.52 -50.03
CA GLY E 141 -24.60 -1.71 -51.02
C GLY E 141 -25.79 -2.44 -51.60
N HIS E 142 -26.51 -1.77 -52.48
CA HIS E 142 -27.71 -2.33 -53.17
C HIS E 142 -27.22 -3.29 -54.27
N SER E 143 -27.80 -4.49 -54.36
CA SER E 143 -27.58 -5.45 -55.48
C SER E 143 -27.95 -4.77 -56.80
N ALA E 144 -29.02 -3.97 -56.79
CA ALA E 144 -29.56 -3.32 -58.01
C ALA E 144 -28.57 -2.31 -58.62
N LEU E 145 -27.59 -1.81 -57.82
CA LEU E 145 -26.53 -0.92 -58.35
C LEU E 145 -25.23 -1.71 -58.51
N ASP E 146 -24.70 -2.25 -57.41
CA ASP E 146 -23.33 -2.80 -57.35
C ASP E 146 -23.23 -4.03 -58.26
N ASP E 147 -24.19 -4.97 -58.22
CA ASP E 147 -24.11 -6.23 -59.01
C ASP E 147 -24.29 -5.87 -60.50
N ALA E 148 -25.28 -5.05 -60.83
CA ALA E 148 -25.54 -4.62 -62.23
C ALA E 148 -24.30 -3.89 -62.76
N ASN E 149 -23.67 -3.03 -61.97
CA ASN E 149 -22.58 -2.14 -62.45
C ASN E 149 -21.30 -2.96 -62.65
N PHE E 150 -21.05 -3.94 -61.80
CA PHE E 150 -19.85 -4.79 -61.93
C PHE E 150 -19.93 -5.60 -63.23
N ALA E 151 -21.08 -6.23 -63.50
CA ALA E 151 -21.38 -6.94 -64.76
C ALA E 151 -21.20 -5.98 -65.95
N ALA E 152 -21.75 -4.77 -65.90
CA ALA E 152 -21.64 -3.78 -66.99
C ALA E 152 -20.17 -3.42 -67.28
N VAL E 153 -19.34 -3.28 -66.25
CA VAL E 153 -17.88 -2.96 -66.39
C VAL E 153 -17.19 -4.10 -67.13
N LEU E 154 -17.44 -5.34 -66.68
CA LEU E 154 -16.87 -6.57 -67.28
C LEU E 154 -17.27 -6.64 -68.76
N THR E 155 -18.54 -6.38 -69.06
CA THR E 155 -19.10 -6.42 -70.43
C THR E 155 -18.37 -5.38 -71.31
N ALA E 156 -18.28 -4.13 -70.85
CA ALA E 156 -17.66 -3.01 -71.59
C ALA E 156 -16.18 -3.32 -71.86
N LEU E 157 -15.47 -3.91 -70.90
CA LEU E 157 -14.04 -4.26 -71.08
C LEU E 157 -13.90 -5.33 -72.18
N LYS E 158 -14.74 -6.36 -72.15
CA LYS E 158 -14.74 -7.48 -73.12
C LYS E 158 -15.10 -6.94 -74.52
N GLU E 159 -16.11 -6.08 -74.64
CA GLU E 159 -16.53 -5.47 -75.94
C GLU E 159 -15.40 -4.64 -76.55
N ALA E 160 -14.58 -3.97 -75.74
CA ALA E 160 -13.49 -3.08 -76.21
C ALA E 160 -12.18 -3.87 -76.37
N ASN E 161 -12.18 -5.15 -76.00
CA ASN E 161 -10.95 -5.97 -75.98
C ASN E 161 -9.85 -5.27 -75.15
N ALA E 162 -10.24 -4.58 -74.08
CA ALA E 162 -9.34 -3.82 -73.18
C ALA E 162 -8.57 -4.79 -72.29
N PRO E 163 -7.28 -4.54 -72.00
CA PRO E 163 -6.52 -5.43 -71.12
C PRO E 163 -7.06 -5.34 -69.67
N HIS E 164 -7.45 -6.48 -69.13
CA HIS E 164 -8.13 -6.59 -67.82
C HIS E 164 -8.10 -8.05 -67.40
N GLU E 165 -8.30 -8.32 -66.12
CA GLU E 165 -8.45 -9.70 -65.61
C GLU E 165 -9.38 -9.66 -64.39
N GLU E 166 -10.39 -10.53 -64.34
CA GLU E 166 -11.08 -10.86 -63.07
C GLU E 166 -10.06 -11.66 -62.25
N ILE E 167 -9.75 -11.23 -61.03
CA ILE E 167 -8.69 -11.86 -60.19
C ILE E 167 -9.28 -12.31 -58.86
N ALA E 168 -8.59 -13.23 -58.21
CA ALA E 168 -8.89 -13.64 -56.83
C ALA E 168 -8.66 -12.42 -55.93
N VAL E 169 -9.60 -12.19 -55.00
CA VAL E 169 -9.51 -11.07 -54.03
C VAL E 169 -8.24 -11.23 -53.19
N GLU E 170 -7.84 -12.47 -52.88
CA GLU E 170 -6.61 -12.83 -52.12
C GLU E 170 -5.38 -12.21 -52.79
N SER E 171 -5.39 -12.05 -54.11
CA SER E 171 -4.26 -11.53 -54.90
C SER E 171 -4.26 -9.99 -54.96
N VAL E 172 -5.26 -9.29 -54.41
CA VAL E 172 -5.27 -7.80 -54.42
C VAL E 172 -4.29 -7.33 -53.33
N ASP E 173 -3.29 -6.55 -53.72
CA ASP E 173 -2.22 -6.11 -52.80
C ASP E 173 -2.82 -5.07 -51.85
N TRP E 174 -2.37 -5.11 -50.60
CA TRP E 174 -2.43 -4.01 -49.62
C TRP E 174 -3.74 -4.05 -48.82
N ILE E 175 -4.90 -4.15 -49.47
CA ILE E 175 -6.24 -4.07 -48.78
C ILE E 175 -6.25 -5.00 -47.56
N ASP E 176 -6.95 -4.57 -46.51
CA ASP E 176 -7.14 -5.35 -45.25
C ASP E 176 -8.52 -5.03 -44.72
N PRO E 177 -9.59 -5.44 -45.43
CA PRO E 177 -10.95 -5.07 -45.02
C PRO E 177 -11.42 -5.85 -43.79
N ASP E 178 -12.41 -5.31 -43.10
CA ASP E 178 -13.29 -6.06 -42.19
C ASP E 178 -13.87 -7.24 -42.98
N PRO E 179 -13.66 -8.51 -42.56
CA PRO E 179 -14.29 -9.66 -43.21
C PRO E 179 -15.77 -9.49 -43.56
N ASN E 180 -16.57 -8.88 -42.69
CA ASN E 180 -18.03 -8.70 -42.97
C ASN E 180 -18.23 -7.64 -44.06
N SER E 181 -17.21 -6.85 -44.40
CA SER E 181 -17.33 -5.80 -45.45
C SER E 181 -16.42 -6.12 -46.66
N ARG E 182 -15.90 -7.33 -46.76
CA ARG E 182 -14.80 -7.65 -47.71
C ARG E 182 -15.38 -7.83 -49.10
N PRO E 183 -14.55 -7.62 -50.15
CA PRO E 183 -14.96 -7.94 -51.52
C PRO E 183 -14.85 -9.45 -51.74
N LEU E 184 -15.73 -10.00 -52.56
CA LEU E 184 -15.70 -11.43 -52.99
C LEU E 184 -15.35 -11.53 -54.47
N ARG E 185 -15.40 -10.42 -55.21
CA ARG E 185 -14.91 -10.37 -56.60
C ARG E 185 -14.08 -9.09 -56.79
N ALA E 186 -13.10 -9.18 -57.68
CA ALA E 186 -12.14 -8.10 -57.99
C ALA E 186 -11.77 -8.17 -59.47
N LEU E 187 -11.49 -7.00 -60.02
CA LEU E 187 -11.32 -6.75 -61.46
C LEU E 187 -10.13 -5.79 -61.65
N HIS E 188 -9.01 -6.27 -62.22
CA HIS E 188 -7.80 -5.48 -62.53
C HIS E 188 -7.96 -4.87 -63.91
N ILE E 189 -7.89 -3.55 -64.03
CA ILE E 189 -7.98 -2.81 -65.33
C ILE E 189 -6.62 -2.16 -65.59
N GLU E 190 -5.90 -2.59 -66.63
CA GLU E 190 -4.58 -2.03 -67.02
C GLU E 190 -4.79 -0.69 -67.74
N GLY E 191 -3.94 0.30 -67.47
CA GLY E 191 -3.91 1.55 -68.26
C GLY E 191 -5.05 2.47 -67.90
N GLU E 192 -5.73 2.21 -66.78
CA GLU E 192 -6.70 3.16 -66.16
C GLU E 192 -6.16 3.49 -64.77
N GLY E 193 -5.65 4.71 -64.60
CA GLY E 193 -4.89 5.10 -63.41
C GLY E 193 -5.40 6.36 -62.74
N SER E 194 -4.51 7.17 -62.19
CA SER E 194 -4.84 8.35 -61.37
C SER E 194 -3.71 9.37 -61.46
N VAL E 195 -4.05 10.61 -61.12
CA VAL E 195 -3.11 11.75 -61.01
C VAL E 195 -3.30 12.40 -59.63
N ASP E 196 -2.26 13.06 -59.14
CA ASP E 196 -2.33 13.96 -57.97
C ASP E 196 -2.88 15.29 -58.50
N SER E 197 -4.11 15.61 -58.13
CA SER E 197 -4.83 16.78 -58.70
C SER E 197 -4.05 18.05 -58.34
N GLY E 198 -3.37 18.06 -57.19
CA GLY E 198 -2.65 19.25 -56.69
C GLY E 198 -1.40 19.50 -57.52
N ILE E 199 -0.66 18.44 -57.84
CA ILE E 199 0.56 18.53 -58.68
C ILE E 199 0.15 18.84 -60.12
N LEU E 200 -1.01 18.34 -60.59
CA LEU E 200 -1.53 18.69 -61.94
C LEU E 200 -1.82 20.20 -62.00
N LEU E 201 -2.49 20.76 -61.00
CA LEU E 201 -2.79 22.22 -60.97
C LEU E 201 -1.50 23.04 -61.00
N ALA E 202 -0.51 22.68 -60.17
CA ALA E 202 0.80 23.38 -60.09
C ALA E 202 1.49 23.29 -61.46
N ALA E 203 1.45 22.13 -62.12
CA ALA E 203 2.10 21.90 -63.43
C ALA E 203 1.37 22.68 -64.52
N LEU E 204 0.04 22.83 -64.42
CA LEU E 204 -0.77 23.60 -65.39
C LEU E 204 -0.40 25.08 -65.26
N GLU E 205 -0.40 25.64 -64.05
CA GLU E 205 -0.03 27.05 -63.79
C GLU E 205 1.36 27.31 -64.37
N ARG E 206 2.33 26.47 -64.00
CA ARG E 206 3.73 26.60 -64.44
C ARG E 206 3.80 26.55 -65.98
N SER E 207 3.07 25.62 -66.61
CA SER E 207 3.10 25.43 -68.09
C SER E 207 2.43 26.62 -68.78
N PHE E 208 1.44 27.20 -68.11
CA PHE E 208 0.71 28.38 -68.61
C PHE E 208 1.65 29.58 -68.66
N LEU E 209 2.36 29.87 -67.55
CA LEU E 209 3.38 30.94 -67.44
C LEU E 209 4.44 30.74 -68.52
N GLN E 210 4.96 29.51 -68.63
CA GLN E 210 6.07 29.14 -69.56
C GLN E 210 5.66 29.43 -71.01
N ALA E 211 4.38 29.39 -71.35
CA ALA E 211 3.90 29.57 -72.74
C ALA E 211 3.41 31.01 -72.97
N GLY E 212 3.58 31.90 -71.99
CA GLY E 212 3.31 33.34 -72.12
C GLY E 212 2.01 33.79 -71.47
N GLY E 213 1.32 32.91 -70.73
CA GLY E 213 0.05 33.24 -70.08
C GLY E 213 0.26 34.17 -68.88
N ARG E 214 -0.77 34.93 -68.51
CA ARG E 214 -0.73 35.85 -67.35
C ARG E 214 -1.79 35.42 -66.33
N LEU E 215 -1.36 35.17 -65.10
CA LEU E 215 -2.24 34.86 -63.95
C LEU E 215 -2.57 36.15 -63.22
N HIS E 216 -3.84 36.57 -63.24
CA HIS E 216 -4.33 37.72 -62.44
C HIS E 216 -5.21 37.15 -61.33
N PRO E 217 -4.69 37.06 -60.08
CA PRO E 217 -5.39 36.37 -59.00
C PRO E 217 -6.53 37.19 -58.37
N VAL E 218 -7.58 37.44 -59.17
CA VAL E 218 -8.85 38.06 -58.72
C VAL E 218 -10.01 37.28 -59.37
N ASP E 219 -11.22 37.49 -58.85
CA ASP E 219 -12.46 36.85 -59.38
C ASP E 219 -13.16 37.85 -60.32
N ALA E 220 -13.82 37.36 -61.37
CA ALA E 220 -14.79 38.13 -62.19
C ALA E 220 -16.06 38.34 -61.37
N THR E 221 -16.65 39.53 -61.41
CA THR E 221 -18.00 39.79 -60.83
C THR E 221 -19.05 39.90 -61.94
N GLU E 222 -18.65 40.29 -63.15
CA GLU E 222 -19.59 40.65 -64.25
C GLU E 222 -18.88 40.49 -65.59
N ILE E 223 -19.56 39.93 -66.57
CA ILE E 223 -19.13 39.94 -68.01
C ILE E 223 -19.83 41.12 -68.68
N ARG E 224 -19.07 41.96 -69.41
CA ARG E 224 -19.64 43.16 -70.08
C ARG E 224 -19.73 42.87 -71.58
N ALA E 225 -20.91 43.15 -72.15
CA ALA E 225 -21.24 42.93 -73.57
C ALA E 225 -22.24 44.00 -74.02
N SER E 226 -22.16 44.40 -75.29
CA SER E 226 -23.13 45.32 -75.95
C SER E 226 -23.07 45.09 -77.46
N HIS E 227 -24.19 45.34 -78.16
CA HIS E 227 -24.34 45.07 -79.61
C HIS E 227 -23.94 43.61 -79.87
N GLY E 228 -24.31 42.70 -78.96
CA GLY E 228 -24.13 41.23 -79.06
C GLY E 228 -22.68 40.75 -79.07
N ARG E 229 -21.78 41.47 -78.41
CA ARG E 229 -20.31 41.20 -78.45
C ARG E 229 -19.73 41.40 -77.04
N VAL E 230 -18.79 40.54 -76.61
CA VAL E 230 -18.08 40.69 -75.31
C VAL E 230 -17.09 41.86 -75.44
N GLU E 231 -17.04 42.71 -74.41
CA GLU E 231 -16.10 43.85 -74.27
C GLU E 231 -15.00 43.48 -73.27
N GLY E 232 -15.35 42.73 -72.22
CA GLY E 232 -14.40 42.27 -71.21
C GLY E 232 -15.08 41.85 -69.93
N VAL E 233 -14.38 42.02 -68.80
CA VAL E 233 -14.75 41.45 -67.48
C VAL E 233 -14.44 42.47 -66.40
N VAL E 234 -15.43 42.84 -65.58
CA VAL E 234 -15.24 43.58 -64.30
C VAL E 234 -14.76 42.59 -63.24
N THR E 235 -13.68 42.92 -62.52
CA THR E 235 -13.10 42.08 -61.45
C THR E 235 -13.61 42.58 -60.09
N ASP E 236 -13.39 41.77 -59.04
CA ASP E 236 -13.94 42.02 -57.68
C ASP E 236 -13.10 43.06 -56.92
N ASP E 237 -12.01 43.55 -57.53
CA ASP E 237 -11.21 44.68 -57.01
C ASP E 237 -11.65 46.00 -57.66
N GLY E 238 -12.72 46.00 -58.47
CA GLY E 238 -13.31 47.21 -59.09
C GLY E 238 -12.77 47.49 -60.49
N ASP E 239 -11.67 46.86 -60.89
CA ASP E 239 -10.99 47.07 -62.20
C ASP E 239 -11.91 46.58 -63.33
N PHE E 240 -11.59 46.94 -64.58
CA PHE E 240 -12.22 46.40 -65.81
C PHE E 240 -11.12 45.91 -66.76
N LEU E 241 -11.21 44.68 -67.25
CA LEU E 241 -10.23 44.09 -68.20
C LEU E 241 -10.88 43.94 -69.55
N PRO E 242 -10.37 44.61 -70.60
CA PRO E 242 -10.95 44.52 -71.93
C PRO E 242 -10.50 43.23 -72.63
N ALA E 243 -11.36 42.63 -73.46
CA ALA E 243 -11.01 41.47 -74.33
C ALA E 243 -12.11 41.25 -75.37
N GLY E 244 -11.74 40.65 -76.51
CA GLY E 244 -12.70 40.22 -77.55
C GLY E 244 -13.09 38.76 -77.41
N HIS E 245 -12.47 38.04 -76.46
CA HIS E 245 -12.74 36.61 -76.18
C HIS E 245 -12.72 36.37 -74.66
N VAL E 246 -13.82 35.84 -74.12
CA VAL E 246 -13.97 35.42 -72.69
C VAL E 246 -14.42 33.95 -72.67
N VAL E 247 -13.65 33.08 -72.01
CA VAL E 247 -13.98 31.67 -71.73
C VAL E 247 -14.34 31.54 -70.26
N VAL E 248 -15.59 31.18 -69.97
CA VAL E 248 -16.08 30.95 -68.59
C VAL E 248 -15.89 29.46 -68.27
N ALA E 249 -14.97 29.17 -67.35
CA ALA E 249 -14.68 27.85 -66.78
C ALA E 249 -14.54 28.01 -65.26
N ALA E 250 -15.60 28.56 -64.65
CA ALA E 250 -15.68 28.92 -63.23
C ALA E 250 -16.42 27.82 -62.46
N GLY E 251 -16.37 26.58 -62.93
CA GLY E 251 -17.07 25.45 -62.32
C GLY E 251 -18.54 25.81 -62.06
N ALA E 252 -19.02 25.56 -60.85
CA ALA E 252 -20.44 25.68 -60.47
C ALA E 252 -20.89 27.15 -60.47
N ARG E 253 -20.02 28.13 -60.64
CA ARG E 253 -20.40 29.58 -60.72
C ARG E 253 -20.61 30.01 -62.18
N SER E 254 -20.34 29.14 -63.16
CA SER E 254 -20.25 29.50 -64.60
C SER E 254 -21.58 30.10 -65.13
N GLN E 255 -22.69 29.43 -64.88
CA GLN E 255 -24.02 29.88 -65.36
C GLN E 255 -24.42 31.17 -64.65
N ARG E 256 -24.30 31.26 -63.32
CA ARG E 256 -24.73 32.46 -62.55
C ARG E 256 -24.05 33.71 -63.14
N LEU E 257 -22.86 33.55 -63.71
CA LEU E 257 -22.02 34.65 -64.25
C LEU E 257 -22.52 35.08 -65.63
N VAL E 258 -22.82 34.14 -66.51
CA VAL E 258 -23.27 34.39 -67.91
C VAL E 258 -24.77 34.76 -67.92
N ALA E 259 -25.57 34.23 -67.00
CA ALA E 259 -27.05 34.37 -66.93
C ALA E 259 -27.47 35.81 -66.62
N ALA E 260 -26.56 36.64 -66.09
CA ALA E 260 -26.79 38.06 -65.78
C ALA E 260 -26.94 38.88 -67.07
N LEU E 261 -26.36 38.42 -68.19
CA LEU E 261 -26.43 39.08 -69.52
C LEU E 261 -27.85 39.01 -70.07
N PRO E 262 -28.27 39.98 -70.92
CA PRO E 262 -29.68 40.12 -71.31
C PRO E 262 -30.31 38.89 -71.97
N GLY E 263 -31.43 38.41 -71.40
CA GLY E 263 -32.26 37.32 -71.96
C GLY E 263 -31.62 35.94 -71.86
N LEU E 264 -30.51 35.79 -71.14
CA LEU E 264 -29.74 34.52 -71.06
C LEU E 264 -30.11 33.71 -69.81
N ALA E 265 -30.90 34.27 -68.89
CA ALA E 265 -31.27 33.65 -67.61
C ALA E 265 -31.91 32.28 -67.86
N HIS E 266 -32.62 32.11 -68.97
CA HIS E 266 -33.45 30.92 -69.29
C HIS E 266 -32.94 30.24 -70.58
N ARG E 267 -31.73 30.58 -71.02
CA ARG E 267 -31.14 30.05 -72.28
C ARG E 267 -29.91 29.19 -72.00
N ILE E 268 -29.20 29.47 -70.90
CA ILE E 268 -28.07 28.67 -70.33
C ILE E 268 -28.61 27.82 -69.20
N PRO E 269 -28.61 26.47 -69.32
CA PRO E 269 -29.05 25.60 -68.25
C PRO E 269 -28.32 25.87 -66.93
N ARG E 270 -29.07 26.03 -65.84
CA ARG E 270 -28.55 26.14 -64.47
C ARG E 270 -27.51 25.07 -64.19
N ILE E 271 -26.51 25.45 -63.42
CA ILE E 271 -25.48 24.56 -62.85
C ILE E 271 -25.57 24.69 -61.34
N TYR E 272 -25.78 23.57 -60.66
CA TYR E 272 -25.87 23.49 -59.18
C TYR E 272 -24.55 22.95 -58.66
N ASP E 273 -24.39 22.93 -57.34
CA ASP E 273 -23.16 22.44 -56.65
C ASP E 273 -23.33 20.97 -56.28
N GLY E 274 -22.58 20.09 -56.94
CA GLY E 274 -22.36 18.70 -56.48
C GLY E 274 -21.30 18.69 -55.38
N VAL E 275 -21.72 18.93 -54.14
CA VAL E 275 -20.77 19.08 -53.00
C VAL E 275 -20.16 17.71 -52.71
N GLY E 276 -18.85 17.59 -52.86
CA GLY E 276 -18.11 16.34 -52.67
C GLY E 276 -17.07 16.48 -51.56
N VAL E 277 -17.01 15.48 -50.71
CA VAL E 277 -16.04 15.42 -49.59
C VAL E 277 -15.04 14.30 -49.85
N SER E 278 -13.77 14.60 -49.62
CA SER E 278 -12.67 13.62 -49.68
C SER E 278 -11.69 13.93 -48.56
N ALA E 279 -10.65 13.14 -48.41
CA ALA E 279 -9.69 13.32 -47.31
C ALA E 279 -8.32 12.86 -47.75
N LEU E 280 -7.31 13.53 -47.20
CA LEU E 280 -5.89 13.08 -47.26
C LEU E 280 -5.56 12.50 -45.91
N VAL E 281 -4.99 11.30 -45.93
CA VAL E 281 -4.67 10.53 -44.71
C VAL E 281 -3.20 10.13 -44.79
N ASP E 282 -2.45 10.32 -43.71
CA ASP E 282 -1.09 9.76 -43.57
C ASP E 282 -1.23 8.37 -42.97
N THR E 283 -0.85 7.35 -43.73
CA THR E 283 -1.05 5.95 -43.34
C THR E 283 -0.16 5.63 -42.13
N TRP E 284 -0.70 4.78 -41.23
CA TRP E 284 -0.04 4.27 -39.99
C TRP E 284 1.44 3.93 -40.26
N ASP E 285 1.78 3.34 -41.41
CA ASP E 285 3.13 2.78 -41.68
C ASP E 285 3.80 3.45 -42.89
N GLY E 286 3.23 4.53 -43.44
CA GLY E 286 3.79 5.22 -44.61
C GLY E 286 3.50 4.50 -45.93
N SER E 287 2.83 3.35 -45.92
CA SER E 287 2.56 2.55 -47.14
C SER E 287 1.33 3.09 -47.87
N GLY E 288 1.07 2.56 -49.07
CA GLY E 288 -0.12 2.84 -49.88
C GLY E 288 -0.27 1.77 -50.95
N PRO E 289 -1.43 1.68 -51.61
CA PRO E 289 -1.60 0.70 -52.68
C PRO E 289 -0.87 1.16 -53.94
N ALA E 290 -0.51 0.21 -54.79
CA ALA E 290 0.19 0.46 -56.08
C ALA E 290 -0.85 0.83 -57.14
N THR E 291 -2.11 0.43 -56.97
CA THR E 291 -3.19 0.72 -57.94
C THR E 291 -4.23 1.62 -57.28
N VAL E 292 -5.06 2.27 -58.09
CA VAL E 292 -6.36 2.79 -57.60
C VAL E 292 -7.14 1.59 -57.08
N LEU E 293 -7.88 1.76 -55.98
CA LEU E 293 -8.86 0.78 -55.46
C LEU E 293 -10.21 1.49 -55.45
N ARG E 294 -11.23 0.90 -56.06
CA ARG E 294 -12.55 1.55 -56.13
C ARG E 294 -13.67 0.51 -56.16
N THR E 295 -14.85 0.96 -55.81
CA THR E 295 -16.15 0.33 -56.15
C THR E 295 -16.64 1.01 -57.43
N SER E 296 -17.66 0.45 -58.05
CA SER E 296 -18.45 1.17 -59.07
C SER E 296 -19.17 2.34 -58.38
N ASN E 297 -19.70 3.28 -59.17
CA ASN E 297 -20.48 4.43 -58.67
C ASN E 297 -21.69 3.89 -57.92
N ARG E 298 -22.06 4.55 -56.83
CA ARG E 298 -23.08 4.13 -55.85
C ARG E 298 -24.13 5.24 -55.72
N ALA E 299 -24.91 5.24 -54.62
CA ALA E 299 -26.10 6.08 -54.46
C ALA E 299 -25.77 7.53 -54.81
N PHE E 300 -26.54 8.10 -55.75
CA PHE E 300 -26.51 9.53 -56.13
C PHE E 300 -25.08 9.95 -56.50
N ALA E 301 -24.39 9.08 -57.23
CA ALA E 301 -23.03 9.34 -57.79
C ALA E 301 -21.97 9.43 -56.68
N CYS E 302 -22.28 9.11 -55.41
CA CYS E 302 -21.22 8.87 -54.40
C CYS E 302 -20.40 7.69 -54.93
N GLY E 303 -19.16 7.55 -54.49
CA GLY E 303 -18.31 6.39 -54.84
C GLY E 303 -17.29 6.16 -53.75
N LEU E 304 -16.77 4.96 -53.60
CA LEU E 304 -15.68 4.72 -52.62
C LEU E 304 -14.41 4.45 -53.40
N HIS E 305 -13.36 5.23 -53.16
CA HIS E 305 -12.06 4.95 -53.80
C HIS E 305 -10.91 5.47 -52.95
N LEU E 306 -9.78 4.84 -53.21
CA LEU E 306 -8.47 5.15 -52.65
C LEU E 306 -7.53 5.42 -53.83
N VAL E 307 -7.01 6.65 -53.91
CA VAL E 307 -6.02 7.06 -54.94
C VAL E 307 -4.66 7.17 -54.27
N PRO E 308 -3.63 6.44 -54.76
CA PRO E 308 -2.29 6.56 -54.20
C PRO E 308 -1.72 7.98 -54.35
N ARG E 309 -0.88 8.36 -53.40
CA ARG E 309 -0.17 9.66 -53.37
C ARG E 309 1.26 9.37 -52.94
N ALA E 310 2.21 10.25 -53.27
CA ALA E 310 3.61 10.23 -52.80
C ALA E 310 3.67 10.62 -51.31
N GLY E 311 4.72 10.17 -50.61
CA GLY E 311 5.13 10.67 -49.29
C GLY E 311 4.28 10.13 -48.13
N GLY E 312 3.82 8.89 -48.21
CA GLY E 312 3.09 8.22 -47.12
C GLY E 312 1.68 8.75 -46.92
N SER E 313 1.11 9.38 -47.95
CA SER E 313 -0.27 9.90 -47.97
C SER E 313 -1.11 9.00 -48.90
N VAL E 314 -2.43 8.92 -48.64
CA VAL E 314 -3.45 8.38 -49.59
C VAL E 314 -4.59 9.37 -49.64
N TYR E 315 -5.27 9.43 -50.78
CA TYR E 315 -6.54 10.15 -50.97
C TYR E 315 -7.68 9.13 -50.81
N ILE E 316 -8.70 9.48 -50.03
CA ILE E 316 -9.97 8.69 -49.98
C ILE E 316 -11.12 9.61 -50.34
N GLY E 317 -12.00 9.11 -51.19
CA GLY E 317 -13.21 9.84 -51.60
C GLY E 317 -14.28 8.84 -51.99
N ALA E 318 -15.43 9.33 -52.41
CA ALA E 318 -15.78 10.74 -52.42
C ALA E 318 -17.30 10.80 -52.32
N THR E 319 -17.83 11.55 -51.36
CA THR E 319 -19.28 11.73 -51.22
C THR E 319 -19.74 12.65 -52.34
N ASN E 320 -21.02 12.63 -52.62
CA ASN E 320 -21.62 13.59 -53.58
C ASN E 320 -23.02 13.94 -53.08
N ALA E 321 -23.37 15.21 -53.09
CA ALA E 321 -24.73 15.68 -52.72
C ALA E 321 -25.01 16.97 -53.47
N VAL E 322 -26.05 16.96 -54.30
CA VAL E 322 -26.44 18.20 -55.03
C VAL E 322 -27.10 19.13 -54.01
N CYS E 323 -26.58 20.35 -53.90
CA CYS E 323 -27.10 21.45 -53.06
C CYS E 323 -27.56 22.59 -53.98
N LEU E 324 -28.68 23.21 -53.63
CA LEU E 324 -29.30 24.31 -54.42
C LEU E 324 -28.57 25.61 -54.12
N GLU E 325 -27.87 25.68 -52.99
CA GLU E 325 -27.00 26.82 -52.60
C GLU E 325 -25.59 26.26 -52.38
N PRO E 326 -24.52 27.04 -52.65
CA PRO E 326 -23.17 26.57 -52.40
C PRO E 326 -22.87 26.33 -50.92
N ARG E 327 -21.94 25.41 -50.67
CA ARG E 327 -21.51 25.01 -49.31
C ARG E 327 -20.03 24.69 -49.39
N GLY E 328 -19.24 25.26 -48.49
CA GLY E 328 -17.77 25.21 -48.55
C GLY E 328 -17.18 24.32 -47.48
N ALA E 329 -18.04 23.66 -46.69
CA ALA E 329 -17.62 22.81 -45.55
C ALA E 329 -18.35 21.47 -45.60
N ALA E 330 -17.62 20.41 -45.26
CA ALA E 330 -18.15 19.04 -45.08
C ALA E 330 -19.17 19.06 -43.93
N SER E 331 -20.23 18.28 -44.07
CA SER E 331 -21.13 17.90 -42.96
C SER E 331 -20.50 16.78 -42.14
N ILE E 332 -20.94 16.63 -40.88
CA ILE E 332 -20.53 15.52 -40.00
C ILE E 332 -20.82 14.20 -40.71
N GLU E 333 -22.03 14.06 -41.24
CA GLU E 333 -22.54 12.82 -41.90
C GLU E 333 -21.60 12.40 -43.02
N GLU E 334 -21.19 13.33 -43.88
CA GLU E 334 -20.32 13.07 -45.04
C GLU E 334 -18.98 12.53 -44.55
N THR E 335 -18.36 13.15 -43.54
CA THR E 335 -17.02 12.73 -43.06
C THR E 335 -17.16 11.35 -42.41
N VAL E 336 -18.21 11.11 -41.63
CA VAL E 336 -18.40 9.81 -40.93
C VAL E 336 -18.58 8.72 -41.99
N PHE E 337 -19.45 8.95 -42.98
CA PHE E 337 -19.77 7.94 -44.02
C PHE E 337 -18.49 7.63 -44.81
N LEU E 338 -17.77 8.65 -45.26
CA LEU E 338 -16.53 8.45 -46.05
C LEU E 338 -15.53 7.60 -45.25
N PHE E 339 -15.25 7.97 -44.00
CA PHE E 339 -14.22 7.30 -43.16
C PHE E 339 -14.67 5.87 -42.82
N ASN E 340 -15.94 5.70 -42.49
CA ASN E 340 -16.51 4.38 -42.13
C ASN E 340 -16.38 3.40 -43.29
N CYS E 341 -16.71 3.82 -44.51
CA CYS E 341 -16.61 2.99 -45.73
C CYS E 341 -15.15 2.61 -46.00
N ALA E 342 -14.23 3.57 -45.96
CA ALA E 342 -12.81 3.31 -46.30
C ALA E 342 -12.19 2.33 -45.28
N THR E 343 -12.45 2.51 -43.99
CA THR E 343 -11.82 1.68 -42.93
C THR E 343 -12.38 0.27 -42.99
N HIS E 344 -13.65 0.07 -43.35
CA HIS E 344 -14.28 -1.27 -43.35
C HIS E 344 -14.03 -1.98 -44.68
N GLN E 345 -14.18 -1.27 -45.81
CA GLN E 345 -14.24 -1.90 -47.14
C GLN E 345 -12.83 -1.98 -47.78
N LEU E 346 -11.91 -1.10 -47.42
CA LEU E 346 -10.56 -1.00 -48.06
C LEU E 346 -9.45 -1.44 -47.09
N HIS E 347 -9.25 -0.73 -45.98
CA HIS E 347 -8.13 -1.05 -45.05
C HIS E 347 -8.44 -0.61 -43.62
N ARG E 348 -8.48 -1.55 -42.70
CA ARG E 348 -8.70 -1.28 -41.25
C ARG E 348 -7.56 -0.44 -40.66
N GLY E 349 -6.38 -0.50 -41.25
CA GLY E 349 -5.22 0.32 -40.84
C GLY E 349 -5.52 1.81 -40.95
N LEU E 350 -6.44 2.21 -41.81
CA LEU E 350 -6.80 3.64 -41.97
C LEU E 350 -7.44 4.15 -40.69
N ASN E 351 -8.00 3.26 -39.85
CA ASN E 351 -8.69 3.63 -38.59
C ASN E 351 -7.71 4.37 -37.69
N GLY E 352 -6.50 3.85 -37.56
CA GLY E 352 -5.44 4.43 -36.70
C GLY E 352 -4.55 5.41 -37.45
N SER E 353 -4.88 5.77 -38.67
CA SER E 353 -4.05 6.68 -39.50
C SER E 353 -4.44 8.13 -39.19
N GLU E 354 -3.55 9.07 -39.46
CA GLU E 354 -3.72 10.49 -39.12
C GLU E 354 -4.48 11.19 -40.25
N LEU E 355 -5.56 11.87 -39.89
CA LEU E 355 -6.31 12.76 -40.80
C LEU E 355 -5.48 14.01 -41.02
N ARG E 356 -5.02 14.25 -42.25
CA ARG E 356 -4.26 15.48 -42.57
C ARG E 356 -5.22 16.57 -43.07
N LYS E 357 -6.24 16.23 -43.86
CA LYS E 357 -7.12 17.26 -44.48
C LYS E 357 -8.43 16.63 -44.93
N VAL E 358 -9.52 17.32 -44.61
CA VAL E 358 -10.87 17.08 -45.16
C VAL E 358 -11.06 18.10 -46.29
N GLN E 359 -11.31 17.62 -47.50
CA GLN E 359 -11.40 18.47 -48.72
C GLN E 359 -12.86 18.51 -49.12
N VAL E 360 -13.35 19.70 -49.47
CA VAL E 360 -14.71 19.92 -50.03
C VAL E 360 -14.57 20.67 -51.35
N GLY E 361 -15.25 20.17 -52.38
CA GLY E 361 -15.35 20.84 -53.69
C GLY E 361 -16.74 20.70 -54.28
N SER E 362 -17.08 21.57 -55.22
CA SER E 362 -18.38 21.60 -55.95
C SER E 362 -18.19 21.01 -57.34
N ALA E 363 -18.57 19.76 -57.54
CA ALA E 363 -18.76 19.18 -58.89
C ALA E 363 -19.87 19.98 -59.58
N PRO E 364 -19.58 20.66 -60.71
CA PRO E 364 -20.59 21.48 -61.38
C PRO E 364 -21.69 20.58 -61.95
N ALA E 365 -22.89 20.66 -61.38
CA ALA E 365 -24.01 19.72 -61.63
C ALA E 365 -25.04 20.41 -62.53
N PRO E 366 -25.01 20.15 -63.85
CA PRO E 366 -25.94 20.81 -64.77
C PRO E 366 -27.37 20.28 -64.57
N ILE E 367 -28.37 21.15 -64.57
CA ILE E 367 -29.78 20.76 -64.25
C ILE E 367 -30.32 19.72 -65.23
N ASP E 368 -29.79 19.60 -66.45
CA ASP E 368 -30.28 18.61 -67.45
C ASP E 368 -29.29 17.44 -67.57
N GLY E 369 -28.22 17.43 -66.77
CA GLY E 369 -27.31 16.27 -66.67
C GLY E 369 -26.27 16.22 -67.80
N PHE E 370 -26.09 17.31 -68.54
CA PHE E 370 -25.09 17.34 -69.64
C PHE E 370 -24.23 18.59 -69.54
N PRO E 371 -22.96 18.49 -69.95
CA PRO E 371 -22.02 19.59 -69.85
C PRO E 371 -22.44 20.80 -70.69
N LEU E 372 -21.83 21.96 -70.41
CA LEU E 372 -21.97 23.22 -71.16
C LEU E 372 -20.62 23.53 -71.78
N ILE E 373 -20.46 23.24 -73.07
CA ILE E 373 -19.18 23.33 -73.84
C ILE E 373 -19.45 24.04 -75.16
N GLY E 374 -18.86 25.22 -75.33
CA GLY E 374 -18.76 25.87 -76.64
C GLY E 374 -19.26 27.29 -76.62
N GLY E 375 -19.75 27.75 -77.77
CA GLY E 375 -20.06 29.15 -78.08
C GLY E 375 -21.46 29.51 -77.61
N THR E 376 -21.69 30.79 -77.35
CA THR E 376 -22.99 31.41 -77.00
C THR E 376 -23.47 32.28 -78.17
N SER E 377 -24.64 32.89 -78.04
CA SER E 377 -25.24 33.87 -78.96
C SER E 377 -24.47 35.18 -78.88
N VAL E 378 -23.66 35.37 -77.84
CA VAL E 378 -22.78 36.57 -77.67
C VAL E 378 -21.42 36.28 -78.29
N GLU E 379 -21.00 37.10 -79.25
CA GLU E 379 -19.75 36.94 -80.03
C GLU E 379 -18.56 37.02 -79.06
N GLY E 380 -17.65 36.06 -79.12
CA GLY E 380 -16.45 35.97 -78.27
C GLY E 380 -16.68 35.36 -76.89
N LEU E 381 -17.91 34.99 -76.53
CA LEU E 381 -18.25 34.39 -75.20
C LEU E 381 -18.34 32.87 -75.33
N TRP E 382 -17.42 32.17 -74.67
CA TRP E 382 -17.35 30.68 -74.61
C TRP E 382 -17.60 30.24 -73.17
N MET E 383 -18.05 28.99 -73.01
CA MET E 383 -18.33 28.34 -71.72
C MET E 383 -17.71 26.95 -71.75
N LEU E 384 -17.06 26.55 -70.67
CA LEU E 384 -16.53 25.18 -70.47
C LEU E 384 -16.83 24.76 -69.03
N SER E 385 -17.93 24.06 -68.80
CA SER E 385 -18.45 23.78 -67.44
C SER E 385 -19.48 22.62 -67.46
N GLY E 386 -20.06 22.36 -66.29
CA GLY E 386 -21.10 21.34 -66.08
C GLY E 386 -20.58 19.94 -66.28
N THR E 387 -19.30 19.71 -66.02
CA THR E 387 -18.65 18.38 -66.20
C THR E 387 -18.87 17.45 -64.99
N TYR E 388 -19.63 17.89 -63.99
CA TYR E 388 -20.02 17.06 -62.81
C TYR E 388 -18.82 16.24 -62.28
N ARG E 389 -18.84 14.92 -62.42
CA ARG E 389 -17.96 14.00 -61.68
C ARG E 389 -16.90 13.35 -62.58
N ASP E 390 -16.67 13.86 -63.80
CA ASP E 390 -15.65 13.25 -64.71
C ASP E 390 -14.85 14.32 -65.45
N GLY E 391 -15.01 15.61 -65.11
CA GLY E 391 -14.42 16.73 -65.85
C GLY E 391 -12.90 16.70 -65.83
N LEU E 392 -12.27 16.19 -64.76
CA LEU E 392 -10.81 16.19 -64.66
C LEU E 392 -10.28 15.23 -65.72
N HIS E 393 -10.87 14.03 -65.81
CA HIS E 393 -10.45 13.00 -66.79
C HIS E 393 -10.62 13.55 -68.22
N MET E 394 -11.73 14.23 -68.49
CA MET E 394 -12.10 14.72 -69.83
C MET E 394 -11.23 15.94 -70.22
N SER E 395 -10.60 16.60 -69.25
CA SER E 395 -10.05 17.98 -69.37
C SER E 395 -9.20 18.12 -70.65
N PRO E 396 -8.22 17.24 -70.98
CA PRO E 396 -7.42 17.46 -72.17
C PRO E 396 -8.25 17.41 -73.47
N LEU E 397 -9.22 16.51 -73.56
CA LEU E 397 -10.14 16.41 -74.73
C LEU E 397 -11.02 17.66 -74.80
N LEU E 398 -11.61 18.10 -73.69
CA LEU E 398 -12.54 19.25 -73.67
C LEU E 398 -11.78 20.55 -74.01
N ALA E 399 -10.55 20.68 -73.53
CA ALA E 399 -9.69 21.85 -73.76
C ALA E 399 -9.38 21.93 -75.26
N ARG E 400 -8.90 20.85 -75.87
CA ARG E 400 -8.58 20.76 -77.32
C ARG E 400 -9.82 21.10 -78.14
N HIS E 401 -11.00 20.62 -77.72
CA HIS E 401 -12.26 20.87 -78.45
C HIS E 401 -12.55 22.37 -78.48
N VAL E 402 -12.53 23.03 -77.32
CA VAL E 402 -12.94 24.45 -77.22
C VAL E 402 -11.92 25.31 -77.98
N VAL E 403 -10.64 24.97 -77.91
CA VAL E 403 -9.53 25.70 -78.59
C VAL E 403 -9.69 25.58 -80.12
N SER E 404 -10.04 24.40 -80.60
CA SER E 404 -10.36 24.17 -82.05
C SER E 404 -11.55 25.04 -82.46
N LEU E 405 -12.63 25.08 -81.68
CA LEU E 405 -13.83 25.92 -81.98
C LEU E 405 -13.41 27.39 -82.07
N MET E 406 -12.61 27.87 -81.12
CA MET E 406 -12.19 29.30 -81.03
C MET E 406 -11.34 29.68 -82.25
N ASP E 407 -10.68 28.70 -82.88
CA ASP E 407 -9.77 28.86 -84.04
C ASP E 407 -10.51 28.67 -85.38
N GLY E 408 -11.82 28.43 -85.36
CA GLY E 408 -12.65 28.24 -86.56
C GLY E 408 -12.81 26.77 -86.95
N GLY E 409 -12.24 25.84 -86.16
CA GLY E 409 -12.35 24.39 -86.38
C GLY E 409 -13.69 23.83 -85.90
N THR E 410 -13.85 22.51 -85.98
CA THR E 410 -15.09 21.78 -85.59
C THR E 410 -14.88 21.02 -84.27
N GLY E 411 -13.65 20.97 -83.77
CA GLY E 411 -13.29 20.28 -82.53
C GLY E 411 -13.55 18.77 -82.63
N VAL E 412 -14.07 18.17 -81.57
CA VAL E 412 -14.36 16.72 -81.46
C VAL E 412 -15.83 16.50 -81.81
N ASP E 413 -16.14 15.51 -82.66
CA ASP E 413 -17.54 15.22 -83.07
C ASP E 413 -18.27 14.63 -81.88
N GLY E 414 -19.50 15.07 -81.66
CA GLY E 414 -20.38 14.52 -80.60
C GLY E 414 -20.33 15.35 -79.32
N LEU E 415 -19.35 16.25 -79.19
CA LEU E 415 -19.34 17.28 -78.10
C LEU E 415 -20.13 18.51 -78.55
N ARG E 416 -20.62 18.50 -79.80
CA ARG E 416 -21.34 19.64 -80.42
C ARG E 416 -22.73 19.76 -79.77
N GLU E 417 -23.36 18.64 -79.43
CA GLU E 417 -24.72 18.58 -78.81
C GLU E 417 -24.73 19.25 -77.43
N PHE E 418 -23.58 19.55 -76.83
CA PHE E 418 -23.49 20.10 -75.44
C PHE E 418 -23.26 21.60 -75.45
N ARG E 419 -23.55 22.26 -76.57
CA ARG E 419 -23.47 23.74 -76.71
C ARG E 419 -24.19 24.35 -75.52
N PRO E 420 -23.62 25.41 -74.90
CA PRO E 420 -24.12 25.91 -73.64
C PRO E 420 -25.49 26.56 -73.73
N GLU E 421 -25.85 27.11 -74.88
CA GLU E 421 -27.10 27.89 -75.05
C GLU E 421 -28.11 26.97 -75.72
N ARG E 422 -29.05 26.43 -74.94
CA ARG E 422 -29.93 25.32 -75.35
C ARG E 422 -31.14 25.25 -74.44
N ASP E 423 -32.22 24.70 -74.97
CA ASP E 423 -33.35 24.11 -74.18
C ASP E 423 -32.73 23.00 -73.32
N LEU E 424 -33.28 22.76 -72.14
CA LEU E 424 -32.91 21.62 -71.28
C LEU E 424 -33.10 20.33 -72.08
N ILE E 425 -32.06 19.51 -72.18
CA ILE E 425 -32.10 18.13 -72.75
C ILE E 425 -32.99 17.25 -71.86
N SER E 426 -33.77 16.35 -72.47
CA SER E 426 -34.56 15.28 -71.79
C SER E 426 -34.05 13.92 -72.29
N ALA E 427 -33.03 13.36 -71.65
CA ALA E 427 -32.35 12.13 -72.09
C ALA E 427 -33.06 10.89 -71.55
N TRP E 428 -33.92 11.05 -70.54
CA TRP E 428 -34.58 9.92 -69.83
C TRP E 428 -36.06 10.22 -69.64
N SER E 429 -36.90 9.21 -69.75
CA SER E 429 -38.35 9.31 -69.41
C SER E 429 -38.46 9.61 -67.91
N ARG E 430 -39.52 10.32 -67.54
CA ARG E 430 -39.93 10.53 -66.14
C ARG E 430 -39.96 9.19 -65.40
N GLU E 431 -40.49 8.15 -66.03
CA GLU E 431 -40.64 6.80 -65.46
C GLU E 431 -39.25 6.22 -65.12
N GLU E 432 -38.28 6.33 -66.03
CA GLU E 432 -36.89 5.82 -65.81
C GLU E 432 -36.28 6.55 -64.60
N ILE E 433 -36.52 7.85 -64.47
CA ILE E 433 -35.88 8.70 -63.43
C ILE E 433 -36.52 8.37 -62.07
N LEU E 434 -37.83 8.16 -62.04
CA LEU E 434 -38.56 7.82 -60.80
C LEU E 434 -38.11 6.45 -60.29
N ASP E 435 -37.91 5.47 -61.18
CA ASP E 435 -37.34 4.16 -60.78
C ASP E 435 -35.93 4.38 -60.22
N ASP E 436 -35.11 5.22 -60.87
CA ASP E 436 -33.69 5.45 -60.47
C ASP E 436 -33.64 6.10 -59.07
N VAL E 437 -34.46 7.13 -58.82
CA VAL E 437 -34.41 7.93 -57.56
C VAL E 437 -34.83 7.05 -56.38
N VAL E 438 -35.79 6.15 -56.57
CA VAL E 438 -36.25 5.22 -55.50
C VAL E 438 -35.13 4.20 -55.25
N ARG E 439 -34.53 3.66 -56.32
CA ARG E 439 -33.43 2.67 -56.22
C ARG E 439 -32.27 3.30 -55.41
N HIS E 440 -31.85 4.50 -55.80
CA HIS E 440 -30.69 5.21 -55.19
C HIS E 440 -31.03 5.57 -53.74
N THR E 441 -32.28 5.96 -53.45
CA THR E 441 -32.73 6.25 -52.07
C THR E 441 -32.55 4.97 -51.24
N MET E 442 -33.03 3.84 -51.72
CA MET E 442 -32.90 2.55 -50.99
C MET E 442 -31.41 2.24 -50.82
N ALA E 443 -30.58 2.56 -51.81
CA ALA E 443 -29.13 2.26 -51.77
C ALA E 443 -28.43 3.05 -50.66
N THR E 444 -28.90 4.26 -50.31
CA THR E 444 -28.31 5.02 -49.17
C THR E 444 -28.44 4.18 -47.89
N GLY E 445 -29.47 3.34 -47.78
CA GLY E 445 -29.65 2.44 -46.64
C GLY E 445 -28.68 1.31 -46.68
N TYR E 446 -28.56 0.61 -47.80
CA TYR E 446 -27.75 -0.63 -47.92
C TYR E 446 -26.26 -0.27 -47.87
N GLU E 447 -25.91 0.96 -48.24
CA GLU E 447 -24.50 1.43 -48.27
C GLU E 447 -24.03 1.85 -46.87
N PHE E 448 -24.93 2.07 -45.93
CA PHE E 448 -24.62 2.62 -44.60
C PHE E 448 -23.64 1.71 -43.85
N PRO E 449 -23.81 0.38 -43.73
CA PRO E 449 -25.04 -0.34 -44.06
C PRO E 449 -26.00 -0.33 -42.87
N TRP E 450 -27.31 -0.27 -43.12
CA TRP E 450 -28.32 -0.30 -42.05
C TRP E 450 -28.57 -1.74 -41.57
N ARG E 451 -29.14 -1.88 -40.39
CA ARG E 451 -29.67 -3.16 -39.89
C ARG E 451 -31.10 -2.89 -39.44
N LEU E 452 -32.09 -3.46 -40.13
CA LEU E 452 -33.52 -3.20 -39.81
C LEU E 452 -34.30 -4.50 -39.90
N PRO E 453 -35.53 -4.52 -39.36
CA PRO E 453 -36.42 -5.68 -39.54
C PRO E 453 -36.62 -5.88 -41.04
N LEU E 454 -36.74 -7.15 -41.44
CA LEU E 454 -36.71 -7.58 -42.85
C LEU E 454 -37.94 -7.05 -43.62
N GLU E 455 -39.03 -6.67 -42.97
CA GLU E 455 -40.25 -6.18 -43.68
C GLU E 455 -40.04 -4.71 -44.09
N TRP E 456 -39.12 -4.00 -43.45
CA TRP E 456 -39.06 -2.52 -43.52
C TRP E 456 -38.63 -2.06 -44.90
N PRO E 457 -37.57 -2.62 -45.52
CA PRO E 457 -37.15 -2.20 -46.87
C PRO E 457 -38.27 -2.27 -47.93
N HIS E 458 -39.07 -3.33 -47.97
CA HIS E 458 -40.22 -3.42 -48.91
C HIS E 458 -41.25 -2.31 -48.59
N MET E 459 -41.55 -2.09 -47.31
CA MET E 459 -42.42 -0.98 -46.86
C MET E 459 -41.91 0.35 -47.45
N MET E 460 -40.62 0.64 -47.30
CA MET E 460 -40.06 1.96 -47.68
C MET E 460 -40.08 2.09 -49.23
N GLU E 461 -39.73 1.03 -49.97
CA GLU E 461 -39.81 1.02 -51.46
C GLU E 461 -41.22 1.45 -51.87
N THR E 462 -42.26 0.82 -51.31
CA THR E 462 -43.67 1.10 -51.68
C THR E 462 -44.01 2.57 -51.38
N PHE E 463 -43.66 3.11 -50.21
CA PHE E 463 -44.14 4.43 -49.73
C PHE E 463 -43.32 5.60 -50.30
N LEU E 464 -42.18 5.32 -50.95
CA LEU E 464 -41.31 6.35 -51.58
C LEU E 464 -41.82 6.71 -52.98
N GLN E 465 -42.46 5.76 -53.67
CA GLN E 465 -42.87 5.89 -55.10
C GLN E 465 -43.83 7.06 -55.29
N GLY E 466 -44.88 7.11 -54.48
CA GLY E 466 -45.94 8.14 -54.54
C GLY E 466 -45.36 9.54 -54.43
N PRO E 467 -44.69 9.89 -53.31
CA PRO E 467 -44.19 11.25 -53.10
C PRO E 467 -43.24 11.77 -54.20
N PHE E 468 -42.40 10.90 -54.76
CA PHE E 468 -41.46 11.27 -55.85
C PHE E 468 -42.24 11.49 -57.16
N ALA E 469 -43.21 10.62 -57.46
CA ALA E 469 -44.13 10.75 -58.62
C ALA E 469 -44.91 12.07 -58.53
N GLU E 470 -45.38 12.44 -57.33
CA GLU E 470 -46.15 13.69 -57.09
C GLU E 470 -45.24 14.90 -57.31
N LEU E 471 -43.98 14.83 -56.87
CA LEU E 471 -43.01 15.95 -57.05
C LEU E 471 -42.71 16.15 -58.54
N ALA E 472 -42.42 15.09 -59.28
CA ALA E 472 -42.08 15.16 -60.71
C ALA E 472 -43.23 15.82 -61.50
N ASP E 473 -44.48 15.43 -61.21
CA ASP E 473 -45.70 15.94 -61.90
C ASP E 473 -45.88 17.43 -61.58
N ARG E 474 -45.65 17.82 -60.34
CA ARG E 474 -45.86 19.21 -59.85
C ARG E 474 -44.79 20.15 -60.41
N LEU E 475 -43.59 19.64 -60.72
CA LEU E 475 -42.41 20.48 -61.07
C LEU E 475 -42.58 21.07 -62.47
N SER E 476 -43.07 20.28 -63.42
CA SER E 476 -43.17 20.65 -64.85
C SER E 476 -43.91 19.53 -65.59
N ASP E 477 -44.62 19.91 -66.66
CA ASP E 477 -45.33 18.98 -67.58
C ASP E 477 -44.34 18.38 -68.56
N THR E 478 -43.15 18.96 -68.70
CA THR E 478 -42.23 18.63 -69.82
C THR E 478 -40.85 18.19 -69.29
N TYR E 479 -40.24 18.95 -68.37
CA TYR E 479 -38.87 18.66 -67.87
C TYR E 479 -38.94 17.81 -66.58
N THR E 480 -38.02 16.85 -66.49
CA THR E 480 -37.78 16.03 -65.27
C THR E 480 -36.31 16.15 -64.86
N PRO E 481 -36.00 16.62 -63.63
CA PRO E 481 -34.62 16.64 -63.16
C PRO E 481 -34.07 15.23 -63.02
N PRO E 482 -32.78 14.99 -63.34
CA PRO E 482 -32.16 13.69 -63.08
C PRO E 482 -32.16 13.38 -61.57
N ALA E 483 -31.99 12.11 -61.22
CA ALA E 483 -32.21 11.56 -59.85
C ALA E 483 -31.41 12.36 -58.80
N ASP E 484 -30.12 12.60 -59.06
CA ASP E 484 -29.19 13.28 -58.12
C ASP E 484 -29.82 14.62 -57.70
N LEU E 485 -30.41 15.33 -58.64
CA LEU E 485 -31.03 16.65 -58.41
C LEU E 485 -32.44 16.47 -57.84
N MET E 486 -33.18 15.46 -58.29
CA MET E 486 -34.57 15.27 -57.81
C MET E 486 -34.60 15.07 -56.28
N THR E 487 -33.68 14.28 -55.71
CA THR E 487 -33.64 14.04 -54.24
C THR E 487 -33.35 15.36 -53.52
N ALA E 488 -32.41 16.17 -54.00
CA ALA E 488 -32.13 17.51 -53.42
C ALA E 488 -33.40 18.38 -53.45
N ILE E 489 -34.18 18.33 -54.54
CA ILE E 489 -35.42 19.14 -54.66
C ILE E 489 -36.48 18.60 -53.70
N MET E 490 -36.63 17.27 -53.63
CA MET E 490 -37.60 16.61 -52.71
C MET E 490 -37.43 17.15 -51.28
N PHE E 491 -36.21 17.38 -50.81
CA PHE E 491 -35.90 17.70 -49.39
C PHE E 491 -35.49 19.16 -49.23
N SER E 492 -35.79 20.00 -50.23
CA SER E 492 -35.55 21.45 -50.19
C SER E 492 -36.79 22.14 -49.59
N GLU E 493 -36.71 23.44 -49.33
CA GLU E 493 -37.84 24.24 -48.79
C GLU E 493 -38.94 24.35 -49.86
N ARG E 494 -40.20 24.53 -49.45
CA ARG E 494 -41.35 24.82 -50.35
C ARG E 494 -40.99 25.97 -51.32
N GLU E 495 -40.41 27.06 -50.81
CA GLU E 495 -40.06 28.27 -51.61
C GLU E 495 -39.10 27.89 -52.73
N GLN E 496 -38.10 27.05 -52.43
CA GLN E 496 -37.06 26.60 -53.40
C GLN E 496 -37.68 25.72 -54.48
N GLN E 497 -38.65 24.88 -54.11
CA GLN E 497 -39.41 24.05 -55.08
C GLN E 497 -40.22 24.97 -56.00
N ASP E 498 -40.92 25.97 -55.44
CA ASP E 498 -41.77 26.94 -56.18
C ASP E 498 -40.89 27.73 -57.16
N GLU E 499 -39.73 28.20 -56.72
CA GLU E 499 -38.78 28.96 -57.59
C GLU E 499 -38.35 28.09 -58.77
N LEU E 500 -38.17 26.77 -58.57
CA LEU E 500 -37.79 25.82 -59.65
C LEU E 500 -38.98 25.58 -60.61
N ILE E 501 -40.22 25.57 -60.12
CA ILE E 501 -41.41 25.43 -61.00
C ILE E 501 -41.44 26.64 -61.95
N ALA E 502 -41.21 27.84 -61.42
CA ALA E 502 -41.14 29.12 -62.16
C ALA E 502 -39.99 29.05 -63.17
N TYR E 503 -38.82 28.60 -62.77
CA TYR E 503 -37.63 28.47 -63.66
C TYR E 503 -37.98 27.56 -64.83
N TYR E 504 -38.52 26.37 -64.57
CA TYR E 504 -38.86 25.36 -65.60
C TYR E 504 -39.89 25.94 -66.58
N ALA E 505 -40.87 26.68 -66.05
CA ALA E 505 -41.95 27.34 -66.84
C ALA E 505 -41.34 28.41 -67.75
N ASP E 506 -40.48 29.30 -67.22
CA ASP E 506 -39.78 30.36 -67.99
C ASP E 506 -38.90 29.74 -69.08
N VAL E 507 -38.29 28.58 -68.85
CA VAL E 507 -37.44 27.89 -69.88
C VAL E 507 -38.36 27.35 -70.98
N HIS E 508 -39.54 26.82 -70.65
CA HIS E 508 -40.53 26.30 -71.65
C HIS E 508 -40.97 27.45 -72.57
N ARG E 509 -41.34 28.60 -71.98
CA ARG E 509 -41.74 29.85 -72.67
C ARG E 509 -40.64 30.25 -73.67
N GLU E 510 -39.39 30.33 -73.21
CA GLU E 510 -38.22 30.82 -73.99
C GLU E 510 -37.96 29.94 -75.21
N TRP E 511 -38.22 28.63 -75.16
CA TRP E 511 -37.73 27.66 -76.17
C TRP E 511 -38.87 27.03 -76.98
N HIS E 512 -40.12 27.19 -76.56
CA HIS E 512 -41.33 26.69 -77.26
C HIS E 512 -42.30 27.86 -77.52
N GLN F 31 19.45 39.33 -12.02
CA GLN F 31 18.13 39.87 -12.44
C GLN F 31 17.07 39.49 -11.40
N THR F 32 16.03 40.33 -11.26
CA THR F 32 14.71 39.98 -10.67
C THR F 32 13.70 39.63 -11.78
N ASP F 33 14.09 39.74 -13.05
CA ASP F 33 13.38 39.33 -14.29
C ASP F 33 12.75 37.94 -14.14
N VAL F 34 11.51 37.76 -14.61
CA VAL F 34 10.76 36.47 -14.60
C VAL F 34 10.50 36.05 -16.05
N ILE F 35 10.84 34.80 -16.40
CA ILE F 35 10.45 34.18 -17.69
C ILE F 35 9.42 33.07 -17.44
N VAL F 36 8.24 33.19 -18.05
CA VAL F 36 7.22 32.11 -18.10
C VAL F 36 7.41 31.39 -19.43
N VAL F 37 7.73 30.09 -19.40
CA VAL F 37 7.88 29.26 -20.63
C VAL F 37 6.54 28.57 -20.91
N GLY F 38 5.78 29.06 -21.89
CA GLY F 38 4.53 28.42 -22.35
C GLY F 38 3.39 29.41 -22.36
N ASN F 39 2.57 29.36 -23.40
CA ASN F 39 1.52 30.38 -23.65
C ASN F 39 0.15 29.69 -23.68
N GLY F 40 0.00 28.58 -22.96
CA GLY F 40 -1.32 27.98 -22.67
C GLY F 40 -2.03 28.76 -21.60
N VAL F 41 -3.18 28.28 -21.13
CA VAL F 41 -3.94 28.94 -20.03
C VAL F 41 -3.05 29.02 -18.77
N LEU F 42 -2.22 28.03 -18.50
CA LEU F 42 -1.47 28.02 -17.21
C LEU F 42 -0.36 29.06 -17.26
N GLY F 43 0.47 29.05 -18.31
CA GLY F 43 1.51 30.08 -18.54
C GLY F 43 0.93 31.47 -18.42
N LEU F 44 -0.08 31.78 -19.22
CA LEU F 44 -0.67 33.14 -19.28
C LEU F 44 -1.34 33.49 -17.97
N SER F 45 -1.96 32.55 -17.29
CA SER F 45 -2.66 32.82 -16.01
C SER F 45 -1.61 33.21 -14.97
N VAL F 46 -0.50 32.47 -14.92
CA VAL F 46 0.59 32.73 -13.95
C VAL F 46 1.29 34.04 -14.36
N GLY F 47 1.51 34.26 -15.66
CA GLY F 47 2.06 35.51 -16.20
C GLY F 47 1.24 36.70 -15.74
N VAL F 48 -0.08 36.62 -15.89
CA VAL F 48 -1.00 37.72 -15.50
C VAL F 48 -0.88 37.97 -13.99
N GLU F 49 -0.88 36.92 -13.16
CA GLU F 49 -0.89 37.08 -11.67
C GLU F 49 0.46 37.63 -11.21
N ILE F 50 1.57 37.25 -11.83
CA ILE F 50 2.93 37.77 -11.49
C ILE F 50 2.97 39.26 -11.85
N ALA F 51 2.66 39.61 -13.09
CA ALA F 51 2.71 40.99 -13.59
C ALA F 51 1.84 41.92 -12.72
N ARG F 52 0.68 41.46 -12.26
CA ARG F 52 -0.30 42.29 -11.49
C ARG F 52 0.18 42.44 -10.04
N THR F 53 0.92 41.46 -9.48
CA THR F 53 1.31 41.42 -8.04
C THR F 53 2.70 42.04 -7.82
N ARG F 54 3.54 42.06 -8.85
CA ARG F 54 4.94 42.60 -8.82
C ARG F 54 5.12 43.59 -9.99
N PRO F 55 4.53 44.81 -9.92
CA PRO F 55 4.67 45.79 -11.00
C PRO F 55 6.13 46.25 -11.21
N ASP F 56 6.97 46.04 -10.19
CA ASP F 56 8.44 46.32 -10.17
C ASP F 56 9.17 45.44 -11.21
N VAL F 57 8.78 44.16 -11.38
CA VAL F 57 9.61 43.16 -12.13
C VAL F 57 9.16 43.08 -13.59
N ARG F 58 10.10 42.73 -14.48
CA ARG F 58 9.88 42.41 -15.90
C ARG F 58 9.51 40.92 -16.05
N VAL F 59 8.31 40.64 -16.54
CA VAL F 59 7.79 39.27 -16.83
C VAL F 59 7.72 39.10 -18.36
N THR F 60 8.47 38.15 -18.90
CA THR F 60 8.49 37.76 -20.32
C THR F 60 7.89 36.35 -20.46
N LEU F 61 6.92 36.18 -21.37
CA LEU F 61 6.22 34.91 -21.63
C LEU F 61 6.55 34.43 -23.04
N LEU F 62 7.13 33.24 -23.16
CA LEU F 62 7.58 32.59 -24.42
C LEU F 62 6.49 31.65 -24.94
N GLY F 63 6.56 31.28 -26.23
CA GLY F 63 5.57 30.46 -26.94
C GLY F 63 5.01 31.16 -28.16
N LYS F 64 4.63 30.40 -29.19
CA LYS F 64 4.25 30.91 -30.53
C LYS F 64 2.73 30.90 -30.70
N PRO F 65 2.16 31.74 -31.59
CA PRO F 65 0.71 31.74 -31.81
C PRO F 65 0.13 30.40 -32.35
N ALA F 66 0.96 29.56 -32.98
CA ALA F 66 0.58 28.22 -33.48
C ALA F 66 0.10 27.31 -32.33
N ARG F 67 0.67 27.47 -31.13
CA ARG F 67 0.37 26.66 -29.90
C ARG F 67 0.39 25.19 -30.30
N GLN F 68 1.51 24.71 -30.86
CA GLN F 68 1.66 23.30 -31.28
C GLN F 68 1.40 22.37 -30.08
N TYR F 69 0.53 21.37 -30.25
CA TYR F 69 0.10 20.37 -29.25
C TYR F 69 -0.66 21.02 -28.08
N GLY F 70 -1.01 22.30 -28.18
CA GLY F 70 -1.66 23.04 -27.10
C GLY F 70 -2.99 22.40 -26.72
N ALA F 71 -3.14 21.96 -25.48
CA ALA F 71 -4.42 21.50 -24.92
C ALA F 71 -5.46 22.64 -24.91
N THR F 72 -5.06 23.83 -24.47
CA THR F 72 -5.99 24.95 -24.17
C THR F 72 -6.88 25.25 -25.38
N PRO F 73 -6.34 25.47 -26.61
CA PRO F 73 -7.17 25.81 -27.77
C PRO F 73 -8.17 24.69 -28.13
N ALA F 74 -7.85 23.43 -27.82
CA ALA F 74 -8.65 22.24 -28.13
C ALA F 74 -9.72 21.98 -27.05
N ALA F 75 -9.68 22.70 -25.93
CA ALA F 75 -10.65 22.56 -24.82
C ALA F 75 -11.87 23.47 -25.08
N GLY F 76 -13.01 23.11 -24.52
CA GLY F 76 -14.30 23.70 -24.86
C GLY F 76 -14.45 25.15 -24.36
N ALA F 77 -14.44 25.35 -23.05
CA ALA F 77 -14.08 24.34 -22.08
C ALA F 77 -15.06 24.44 -20.91
N MET F 78 -15.26 23.32 -20.25
CA MET F 78 -16.15 23.19 -19.08
C MET F 78 -15.38 23.64 -17.83
N LEU F 79 -16.03 24.45 -16.98
CA LEU F 79 -15.55 24.74 -15.61
C LEU F 79 -16.07 23.61 -14.70
N GLY F 80 -15.52 22.40 -14.88
CA GLY F 80 -16.01 21.18 -14.24
C GLY F 80 -15.59 21.06 -12.78
N ALA F 81 -16.58 20.90 -11.90
CA ALA F 81 -16.40 20.53 -10.48
C ALA F 81 -17.23 19.28 -10.16
N PHE F 82 -18.55 19.44 -10.03
CA PHE F 82 -19.46 18.31 -9.74
C PHE F 82 -19.54 17.39 -10.97
N GLY F 83 -19.62 17.95 -12.18
CA GLY F 83 -19.63 17.18 -13.46
C GLY F 83 -18.44 16.23 -13.58
N GLU F 84 -17.29 16.57 -12.98
CA GLU F 84 -16.04 15.76 -13.12
C GLU F 84 -16.00 14.63 -12.09
N VAL F 85 -16.92 14.60 -11.13
CA VAL F 85 -16.99 13.55 -10.08
C VAL F 85 -17.21 12.17 -10.72
N THR F 86 -16.44 11.20 -10.26
CA THR F 86 -16.58 9.75 -10.57
C THR F 86 -16.59 8.97 -9.25
N ALA F 87 -17.16 7.76 -9.24
CA ALA F 87 -17.12 6.83 -8.08
C ALA F 87 -15.66 6.57 -7.67
N HIS F 88 -14.78 6.35 -8.65
CA HIS F 88 -13.33 6.06 -8.46
C HIS F 88 -12.65 7.22 -7.72
N ALA F 89 -12.89 8.47 -8.14
CA ALA F 89 -12.34 9.70 -7.54
C ALA F 89 -12.78 9.79 -6.07
N LEU F 90 -14.08 9.69 -5.80
CA LEU F 90 -14.66 9.85 -4.43
C LEU F 90 -14.26 8.70 -3.50
N ALA F 91 -13.60 7.65 -3.99
CA ALA F 91 -13.24 6.46 -3.19
C ALA F 91 -11.82 6.56 -2.65
N SER F 92 -11.04 7.57 -3.03
CA SER F 92 -9.66 7.82 -2.54
C SER F 92 -9.59 9.16 -1.80
N GLU F 93 -8.65 9.28 -0.88
CA GLU F 93 -8.33 10.57 -0.18
C GLU F 93 -7.88 11.58 -1.25
N HIS F 94 -6.96 11.18 -2.15
CA HIS F 94 -6.38 12.01 -3.23
C HIS F 94 -7.52 12.60 -4.09
N GLY F 95 -8.52 11.78 -4.46
CA GLY F 95 -9.67 12.20 -5.27
C GLY F 95 -10.57 13.20 -4.55
N ARG F 96 -10.84 13.00 -3.24
CA ARG F 96 -11.71 13.90 -2.45
C ARG F 96 -11.01 15.27 -2.33
N LYS F 97 -9.68 15.31 -2.23
CA LYS F 97 -8.90 16.56 -2.21
C LYS F 97 -9.04 17.29 -3.56
N LYS F 98 -8.87 16.58 -4.68
CA LYS F 98 -9.00 17.15 -6.06
C LYS F 98 -10.39 17.80 -6.19
N HIS F 99 -11.43 17.10 -5.76
CA HIS F 99 -12.82 17.61 -5.89
C HIS F 99 -12.95 18.91 -5.08
N ALA F 100 -12.43 18.93 -3.85
CA ALA F 100 -12.47 20.12 -2.95
C ALA F 100 -11.75 21.30 -3.63
N LEU F 101 -10.60 21.06 -4.24
CA LEU F 101 -9.84 22.11 -4.96
C LEU F 101 -10.66 22.63 -6.15
N ALA F 102 -11.42 21.76 -6.82
CA ALA F 102 -12.23 22.14 -7.99
C ALA F 102 -13.36 23.04 -7.52
N VAL F 103 -13.95 22.74 -6.36
CA VAL F 103 -15.03 23.58 -5.77
C VAL F 103 -14.44 24.95 -5.43
N GLN F 104 -13.22 24.99 -4.91
CA GLN F 104 -12.51 26.24 -4.53
C GLN F 104 -12.22 27.06 -5.80
N ALA F 105 -11.71 26.42 -6.85
CA ALA F 105 -11.42 27.06 -8.14
C ALA F 105 -12.71 27.68 -8.71
N GLN F 106 -13.84 26.98 -8.62
CA GLN F 106 -15.15 27.47 -9.14
C GLN F 106 -15.46 28.84 -8.53
N ARG F 107 -15.16 29.05 -7.25
CA ARG F 107 -15.50 30.30 -6.52
C ARG F 107 -14.69 31.49 -7.06
N LEU F 108 -13.53 31.25 -7.68
CA LEU F 108 -12.67 32.33 -8.23
C LEU F 108 -13.14 32.79 -9.62
N TRP F 109 -13.88 31.99 -10.37
CA TRP F 109 -14.07 32.25 -11.82
C TRP F 109 -14.83 33.55 -12.09
N PRO F 110 -15.94 33.88 -11.41
CA PRO F 110 -16.67 35.12 -11.71
C PRO F 110 -15.83 36.40 -11.66
N GLU F 111 -15.01 36.58 -10.61
CA GLU F 111 -14.14 37.77 -10.41
C GLU F 111 -12.97 37.72 -11.40
N TRP F 112 -12.38 36.54 -11.62
CA TRP F 112 -11.26 36.34 -12.57
C TRP F 112 -11.69 36.76 -13.97
N ILE F 113 -12.86 36.35 -14.42
CA ILE F 113 -13.44 36.73 -15.74
C ILE F 113 -13.67 38.24 -15.76
N GLU F 114 -14.31 38.81 -14.73
CA GLU F 114 -14.57 40.26 -14.60
C GLU F 114 -13.23 41.01 -14.77
N SER F 115 -12.18 40.56 -14.10
CA SER F 115 -10.85 41.20 -14.09
C SER F 115 -10.20 41.08 -15.47
N LEU F 116 -10.53 40.06 -16.27
CA LEU F 116 -9.93 39.85 -17.62
C LEU F 116 -10.73 40.60 -18.69
N GLU F 117 -12.05 40.64 -18.58
CA GLU F 117 -12.91 41.37 -19.55
C GLU F 117 -12.73 42.89 -19.37
N ALA F 118 -12.34 43.32 -18.16
CA ALA F 118 -12.16 44.76 -17.81
C ALA F 118 -11.02 45.41 -18.61
N THR F 119 -10.05 44.63 -19.10
CA THR F 119 -8.90 45.12 -19.92
C THR F 119 -9.28 45.22 -21.41
N GLY F 120 -10.53 44.88 -21.76
CA GLY F 120 -11.01 44.87 -23.16
C GLY F 120 -12.24 45.74 -23.32
N THR F 121 -12.93 45.62 -24.46
CA THR F 121 -14.14 46.42 -24.83
C THR F 121 -15.27 45.47 -25.27
N ALA F 122 -16.49 45.98 -25.47
CA ALA F 122 -17.69 45.19 -25.86
C ALA F 122 -17.37 44.24 -27.02
N ALA F 123 -16.59 44.71 -28.01
CA ALA F 123 -16.39 44.00 -29.29
C ALA F 123 -15.48 42.78 -29.12
N ASP F 124 -14.83 42.60 -27.95
CA ASP F 124 -13.81 41.54 -27.74
C ASP F 124 -14.47 40.18 -27.50
N GLY F 125 -15.75 40.20 -27.10
CA GLY F 125 -16.51 38.96 -26.90
C GLY F 125 -16.47 38.49 -25.46
N ARG F 126 -17.43 37.66 -25.09
CA ARG F 126 -17.66 37.19 -23.70
C ARG F 126 -16.86 35.89 -23.50
N ILE F 127 -16.13 35.81 -22.39
CA ILE F 127 -15.38 34.59 -21.98
C ILE F 127 -16.40 33.52 -21.58
N LYS F 128 -17.40 33.87 -20.77
CA LYS F 128 -18.42 32.93 -20.25
C LYS F 128 -19.39 32.61 -21.37
N THR F 129 -19.65 31.33 -21.64
CA THR F 129 -20.63 30.91 -22.68
C THR F 129 -21.84 30.22 -22.05
N ALA F 130 -21.75 29.70 -20.82
CA ALA F 130 -22.90 29.18 -20.07
C ALA F 130 -22.65 29.29 -18.56
N ASP F 131 -23.73 29.40 -17.79
CA ASP F 131 -23.69 29.41 -16.30
C ASP F 131 -23.95 28.01 -15.75
N ASP F 132 -24.75 27.20 -16.45
CA ASP F 132 -25.27 25.90 -15.92
C ASP F 132 -24.84 24.72 -16.83
N THR F 133 -24.94 23.52 -16.27
CA THR F 133 -24.54 22.25 -16.91
C THR F 133 -25.69 21.25 -16.70
N VAL F 134 -26.02 20.49 -17.74
CA VAL F 134 -26.95 19.32 -17.59
C VAL F 134 -26.12 18.05 -17.83
N VAL F 135 -26.09 17.17 -16.84
CA VAL F 135 -25.46 15.82 -16.95
C VAL F 135 -26.54 14.82 -17.39
N LEU F 136 -26.27 14.08 -18.46
CA LEU F 136 -27.23 13.14 -19.07
C LEU F 136 -26.75 11.72 -18.83
N LEU F 137 -27.68 10.82 -18.51
CA LEU F 137 -27.40 9.39 -18.37
C LEU F 137 -28.15 8.64 -19.48
N ASN F 138 -27.39 7.94 -20.33
CA ASN F 138 -27.94 7.09 -21.43
C ASN F 138 -27.27 5.73 -21.32
N THR F 139 -27.64 4.77 -22.18
CA THR F 139 -27.19 3.36 -22.05
C THR F 139 -26.09 3.09 -23.07
N VAL F 140 -25.52 4.14 -23.67
CA VAL F 140 -24.47 3.97 -24.69
C VAL F 140 -23.13 3.97 -23.97
N GLY F 141 -22.94 3.02 -23.07
CA GLY F 141 -21.74 2.93 -22.24
C GLY F 141 -21.84 1.79 -21.25
N HIS F 142 -20.78 1.60 -20.47
CA HIS F 142 -20.69 0.57 -19.42
C HIS F 142 -21.50 1.02 -18.20
N SER F 143 -22.36 0.17 -17.65
CA SER F 143 -23.09 0.40 -16.37
C SER F 143 -22.07 0.64 -15.26
N ALA F 144 -20.95 -0.09 -15.29
CA ALA F 144 -19.91 -0.03 -14.22
C ALA F 144 -19.25 1.37 -14.15
N LEU F 145 -19.32 2.18 -15.22
CA LEU F 145 -18.79 3.57 -15.20
C LEU F 145 -19.96 4.55 -15.10
N ASP F 146 -20.87 4.53 -16.09
CA ASP F 146 -21.88 5.60 -16.26
C ASP F 146 -22.86 5.58 -15.07
N ASP F 147 -23.35 4.40 -14.63
CA ASP F 147 -24.34 4.33 -13.53
C ASP F 147 -23.66 4.74 -12.21
N ALA F 148 -22.48 4.20 -11.93
CA ALA F 148 -21.70 4.50 -10.71
C ALA F 148 -21.40 6.00 -10.68
N ASN F 149 -21.02 6.60 -11.82
CA ASN F 149 -20.54 8.01 -11.86
C ASN F 149 -21.72 8.96 -11.67
N PHE F 150 -22.89 8.63 -12.23
CA PHE F 150 -24.09 9.49 -12.11
C PHE F 150 -24.52 9.53 -10.63
N ALA F 151 -24.58 8.38 -9.96
CA ALA F 151 -24.84 8.25 -8.50
C ALA F 151 -23.82 9.07 -7.70
N ALA F 152 -22.52 8.95 -8.00
CA ALA F 152 -21.45 9.68 -7.30
C ALA F 152 -21.64 11.20 -7.44
N VAL F 153 -22.04 11.70 -8.62
CA VAL F 153 -22.27 13.13 -8.87
C VAL F 153 -23.42 13.62 -7.98
N LEU F 154 -24.52 12.87 -7.97
CA LEU F 154 -25.74 13.17 -7.18
C LEU F 154 -25.35 13.22 -5.70
N THR F 155 -24.58 12.26 -5.23
CA THR F 155 -24.11 12.15 -3.83
C THR F 155 -23.28 13.39 -3.47
N ALA F 156 -22.29 13.74 -4.29
CA ALA F 156 -21.38 14.88 -4.04
C ALA F 156 -22.17 16.19 -4.01
N LEU F 157 -23.17 16.36 -4.88
CA LEU F 157 -24.01 17.58 -4.91
C LEU F 157 -24.80 17.69 -3.59
N LYS F 158 -25.41 16.58 -3.15
CA LYS F 158 -26.24 16.52 -1.91
C LYS F 158 -25.33 16.79 -0.69
N GLU F 159 -24.14 16.19 -0.61
CA GLU F 159 -23.17 16.38 0.51
C GLU F 159 -22.74 17.86 0.60
N ALA F 160 -22.61 18.56 -0.51
CA ALA F 160 -22.11 19.96 -0.54
C ALA F 160 -23.30 20.94 -0.44
N ASN F 161 -24.53 20.44 -0.43
CA ASN F 161 -25.75 21.28 -0.46
C ASN F 161 -25.68 22.25 -1.66
N ALA F 162 -25.10 21.80 -2.78
CA ALA F 162 -24.92 22.58 -4.03
C ALA F 162 -26.27 22.70 -4.74
N PRO F 163 -26.58 23.86 -5.36
CA PRO F 163 -27.86 24.02 -6.06
C PRO F 163 -27.89 23.13 -7.31
N HIS F 164 -28.89 22.26 -7.40
CA HIS F 164 -29.01 21.22 -8.45
C HIS F 164 -30.42 20.68 -8.42
N GLU F 165 -30.87 20.03 -9.49
CA GLU F 165 -32.17 19.34 -9.55
C GLU F 165 -32.03 18.17 -10.52
N GLU F 166 -32.46 16.97 -10.12
CA GLU F 166 -32.75 15.89 -11.08
C GLU F 166 -34.02 16.33 -11.83
N ILE F 167 -33.98 16.38 -13.16
CA ILE F 167 -35.12 16.90 -13.99
C ILE F 167 -35.57 15.83 -14.98
N ALA F 168 -36.79 15.99 -15.46
CA ALA F 168 -37.34 15.19 -16.58
C ALA F 168 -36.48 15.48 -17.81
N VAL F 169 -36.10 14.44 -18.55
CA VAL F 169 -35.30 14.57 -19.80
C VAL F 169 -36.07 15.42 -20.81
N GLU F 170 -37.40 15.29 -20.83
CA GLU F 170 -38.33 16.06 -21.72
C GLU F 170 -38.13 17.56 -21.51
N SER F 171 -37.73 17.99 -20.31
CA SER F 171 -37.55 19.42 -19.96
C SER F 171 -36.14 19.92 -20.34
N VAL F 172 -35.23 19.08 -20.85
CA VAL F 172 -33.88 19.53 -21.27
C VAL F 172 -34.03 20.25 -22.61
N ASP F 173 -33.61 21.51 -22.68
CA ASP F 173 -33.79 22.33 -23.90
C ASP F 173 -32.83 21.81 -24.97
N TRP F 174 -33.32 21.82 -26.21
CA TRP F 174 -32.51 21.79 -27.44
C TRP F 174 -32.22 20.35 -27.88
N ILE F 175 -31.73 19.47 -27.00
CA ILE F 175 -31.30 18.09 -27.39
C ILE F 175 -32.38 17.42 -28.26
N ASP F 176 -31.94 16.61 -29.23
CA ASP F 176 -32.84 15.82 -30.11
C ASP F 176 -32.12 14.51 -30.43
N PRO F 177 -31.94 13.63 -29.42
CA PRO F 177 -31.18 12.40 -29.63
C PRO F 177 -31.96 11.36 -30.45
N ASP F 178 -31.22 10.44 -31.06
CA ASP F 178 -31.74 9.12 -31.50
C ASP F 178 -32.43 8.48 -30.31
N PRO F 179 -33.74 8.14 -30.38
CA PRO F 179 -34.41 7.39 -29.29
C PRO F 179 -33.62 6.22 -28.72
N ASN F 180 -32.93 5.43 -29.55
CA ASN F 180 -32.16 4.26 -29.04
C ASN F 180 -30.92 4.75 -28.28
N SER F 181 -30.51 6.02 -28.41
CA SER F 181 -29.32 6.55 -27.70
C SER F 181 -29.70 7.63 -26.68
N ARG F 182 -30.99 7.77 -26.35
CA ARG F 182 -31.50 8.94 -25.59
C ARG F 182 -31.16 8.79 -24.11
N PRO F 183 -31.09 9.91 -23.37
CA PRO F 183 -30.93 9.85 -21.92
C PRO F 183 -32.31 9.54 -21.29
N LEU F 184 -32.31 8.82 -20.18
CA LEU F 184 -33.52 8.55 -19.37
C LEU F 184 -33.44 9.30 -18.04
N ARG F 185 -32.26 9.80 -17.68
CA ARG F 185 -32.09 10.65 -16.47
C ARG F 185 -31.22 11.86 -16.82
N ALA F 186 -31.51 12.97 -16.16
CA ALA F 186 -30.85 14.28 -16.39
C ALA F 186 -30.76 15.02 -15.06
N LEU F 187 -29.68 15.78 -14.93
CA LEU F 187 -29.24 16.44 -13.69
C LEU F 187 -28.79 17.86 -14.05
N HIS F 188 -29.54 18.88 -13.62
CA HIS F 188 -29.23 20.32 -13.82
C HIS F 188 -28.34 20.77 -12.66
N ILE F 189 -27.15 21.29 -12.96
CA ILE F 189 -26.20 21.83 -11.95
C ILE F 189 -26.08 23.33 -12.17
N GLU F 190 -26.55 24.16 -11.22
CA GLU F 190 -26.47 25.63 -11.29
C GLU F 190 -25.04 26.10 -10.99
N GLY F 191 -24.55 27.09 -11.73
CA GLY F 191 -23.28 27.77 -11.39
C GLY F 191 -22.07 26.94 -11.76
N GLU F 192 -22.26 25.89 -12.55
CA GLU F 192 -21.18 25.09 -13.19
C GLU F 192 -21.35 25.27 -14.72
N GLY F 193 -20.47 26.05 -15.33
CA GLY F 193 -20.67 26.50 -16.71
C GLY F 193 -19.47 26.23 -17.60
N SER F 194 -19.22 27.14 -18.54
CA SER F 194 -18.18 26.96 -19.57
C SER F 194 -17.66 28.33 -20.02
N VAL F 195 -16.49 28.32 -20.62
CA VAL F 195 -15.84 29.50 -21.25
C VAL F 195 -15.46 29.11 -22.68
N ASP F 196 -15.38 30.11 -23.55
CA ASP F 196 -14.75 29.99 -24.89
C ASP F 196 -13.25 30.07 -24.66
N SER F 197 -12.54 28.96 -24.84
CA SER F 197 -11.10 28.85 -24.51
C SER F 197 -10.31 29.83 -25.37
N GLY F 198 -10.79 30.11 -26.59
CA GLY F 198 -10.10 31.01 -27.54
C GLY F 198 -10.19 32.46 -27.08
N ILE F 199 -11.37 32.88 -26.63
CA ILE F 199 -11.60 34.25 -26.10
C ILE F 199 -10.89 34.40 -24.75
N LEU F 200 -10.80 33.33 -23.95
CA LEU F 200 -10.04 33.35 -22.67
C LEU F 200 -8.56 33.60 -22.97
N LEU F 201 -7.98 32.89 -23.94
CA LEU F 201 -6.55 33.07 -24.32
C LEU F 201 -6.29 34.51 -24.78
N ALA F 202 -7.15 35.06 -25.65
CA ALA F 202 -7.03 36.44 -26.16
C ALA F 202 -7.11 37.42 -24.98
N ALA F 203 -8.02 37.19 -24.03
CA ALA F 203 -8.23 38.09 -22.87
C ALA F 203 -7.05 37.97 -21.91
N LEU F 204 -6.44 36.78 -21.80
CA LEU F 204 -5.25 36.57 -20.94
C LEU F 204 -4.06 37.33 -21.53
N GLU F 205 -3.81 37.20 -22.83
CA GLU F 205 -2.71 37.92 -23.53
C GLU F 205 -2.87 39.42 -23.30
N ARG F 206 -4.07 39.93 -23.59
CA ARG F 206 -4.40 41.35 -23.47
C ARG F 206 -4.19 41.80 -22.02
N SER F 207 -4.63 41.02 -21.04
CA SER F 207 -4.54 41.36 -19.60
C SER F 207 -3.08 41.31 -19.14
N PHE F 208 -2.30 40.45 -19.75
CA PHE F 208 -0.86 40.30 -19.47
C PHE F 208 -0.13 41.57 -19.92
N LEU F 209 -0.37 42.01 -21.16
CA LEU F 209 0.19 43.27 -21.73
C LEU F 209 -0.21 44.45 -20.82
N GLN F 210 -1.49 44.54 -20.46
CA GLN F 210 -2.08 45.63 -19.64
C GLN F 210 -1.39 45.73 -18.28
N ALA F 211 -0.85 44.64 -17.76
CA ALA F 211 -0.21 44.63 -16.42
C ALA F 211 1.33 44.76 -16.54
N GLY F 212 1.87 44.95 -17.74
CA GLY F 212 3.31 45.20 -17.95
C GLY F 212 4.08 44.00 -18.50
N GLY F 213 3.39 42.93 -18.88
CA GLY F 213 4.04 41.72 -19.43
C GLY F 213 4.55 41.92 -20.84
N ARG F 214 5.52 41.12 -21.26
CA ARG F 214 6.12 41.13 -22.62
C ARG F 214 5.93 39.75 -23.25
N LEU F 215 5.32 39.69 -24.43
CA LEU F 215 5.15 38.44 -25.21
C LEU F 215 6.30 38.34 -26.21
N HIS F 216 7.17 37.36 -26.06
CA HIS F 216 8.26 37.06 -27.03
C HIS F 216 7.89 35.76 -27.73
N PRO F 217 7.40 35.81 -28.99
CA PRO F 217 6.83 34.65 -29.66
C PRO F 217 7.90 33.69 -30.24
N VAL F 218 8.68 33.08 -29.35
CA VAL F 218 9.65 32.00 -29.68
C VAL F 218 9.54 30.91 -28.62
N ASP F 219 10.10 29.74 -28.89
CA ASP F 219 10.11 28.58 -27.97
C ASP F 219 11.44 28.56 -27.21
N ALA F 220 11.41 28.16 -25.94
CA ALA F 220 12.62 27.81 -25.16
C ALA F 220 13.16 26.48 -25.66
N THR F 221 14.48 26.34 -25.84
CA THR F 221 15.13 25.06 -26.18
C THR F 221 15.85 24.48 -24.96
N GLU F 222 16.27 25.33 -24.03
CA GLU F 222 17.16 24.93 -22.90
C GLU F 222 16.98 25.91 -21.74
N ILE F 223 16.92 25.38 -20.52
CA ILE F 223 17.02 26.19 -19.27
C ILE F 223 18.47 26.16 -18.82
N ARG F 224 19.05 27.32 -18.52
CA ARG F 224 20.47 27.41 -18.07
C ARG F 224 20.50 27.67 -16.56
N ALA F 225 21.29 26.87 -15.85
CA ALA F 225 21.51 26.95 -14.38
C ALA F 225 22.93 26.52 -14.05
N SER F 226 23.49 27.08 -13.00
CA SER F 226 24.82 26.70 -12.43
C SER F 226 24.86 27.09 -10.95
N HIS F 227 25.63 26.34 -10.16
CA HIS F 227 25.74 26.53 -8.69
C HIS F 227 24.32 26.52 -8.09
N GLY F 228 23.43 25.66 -8.63
CA GLY F 228 22.06 25.40 -8.13
C GLY F 228 21.10 26.58 -8.28
N ARG F 229 21.29 27.42 -9.29
CA ARG F 229 20.48 28.66 -9.50
C ARG F 229 20.19 28.84 -11.00
N VAL F 230 18.97 29.27 -11.36
CA VAL F 230 18.61 29.57 -12.78
C VAL F 230 19.31 30.86 -13.20
N GLU F 231 19.85 30.87 -14.42
CA GLU F 231 20.48 32.04 -15.07
C GLU F 231 19.52 32.60 -16.14
N GLY F 232 18.81 31.73 -16.85
CA GLY F 232 17.84 32.14 -17.88
C GLY F 232 17.51 31.03 -18.85
N VAL F 233 17.19 31.39 -20.09
CA VAL F 233 16.58 30.49 -21.11
C VAL F 233 17.19 30.79 -22.47
N VAL F 234 17.76 29.78 -23.13
CA VAL F 234 18.11 29.82 -24.58
C VAL F 234 16.83 29.60 -25.39
N THR F 235 16.58 30.45 -26.40
CA THR F 235 15.42 30.38 -27.31
C THR F 235 15.82 29.70 -28.62
N ASP F 236 14.84 29.31 -29.44
CA ASP F 236 15.04 28.48 -30.66
C ASP F 236 15.51 29.38 -31.82
N ASP F 237 15.62 30.69 -31.61
CA ASP F 237 16.25 31.64 -32.58
C ASP F 237 17.73 31.87 -32.21
N GLY F 238 18.28 31.15 -31.23
CA GLY F 238 19.71 31.22 -30.83
C GLY F 238 19.99 32.20 -29.70
N ASP F 239 19.04 33.10 -29.39
CA ASP F 239 19.19 34.17 -28.37
C ASP F 239 19.29 33.53 -26.97
N PHE F 240 19.73 34.30 -25.97
CA PHE F 240 19.72 33.93 -24.53
C PHE F 240 19.02 35.03 -23.74
N LEU F 241 18.03 34.66 -22.91
CA LEU F 241 17.28 35.63 -22.06
C LEU F 241 17.67 35.37 -20.62
N PRO F 242 18.24 36.37 -19.90
CA PRO F 242 18.61 36.19 -18.50
C PRO F 242 17.39 36.36 -17.60
N ALA F 243 17.35 35.63 -16.48
CA ALA F 243 16.34 35.82 -15.40
C ALA F 243 16.76 35.08 -14.13
N GLY F 244 16.27 35.55 -12.98
CA GLY F 244 16.43 34.87 -11.68
C GLY F 244 15.22 34.02 -11.32
N HIS F 245 14.19 34.04 -12.15
CA HIS F 245 12.94 33.23 -11.98
C HIS F 245 12.49 32.72 -13.36
N VAL F 246 12.37 31.40 -13.50
CA VAL F 246 11.81 30.70 -14.68
C VAL F 246 10.66 29.79 -14.23
N VAL F 247 9.46 30.03 -14.75
CA VAL F 247 8.24 29.19 -14.53
C VAL F 247 7.98 28.40 -15.81
N VAL F 248 8.08 27.07 -15.73
CA VAL F 248 7.83 26.15 -16.88
C VAL F 248 6.36 25.73 -16.83
N ALA F 249 5.59 26.20 -17.81
CA ALA F 249 4.17 25.86 -18.05
C ALA F 249 3.98 25.59 -19.54
N ALA F 250 4.79 24.65 -20.04
CA ALA F 250 4.87 24.26 -21.47
C ALA F 250 4.02 23.02 -21.72
N GLY F 251 2.98 22.79 -20.91
CA GLY F 251 2.11 21.61 -21.04
C GLY F 251 2.94 20.34 -21.08
N ALA F 252 2.67 19.46 -22.04
CA ALA F 252 3.27 18.12 -22.15
C ALA F 252 4.77 18.17 -22.46
N ARG F 253 5.34 19.34 -22.76
CA ARG F 253 6.82 19.47 -23.02
C ARG F 253 7.57 19.86 -21.73
N SER F 254 6.86 20.13 -20.63
CA SER F 254 7.42 20.73 -19.39
C SER F 254 8.55 19.88 -18.79
N GLN F 255 8.34 18.57 -18.62
CA GLN F 255 9.35 17.67 -18.01
C GLN F 255 10.55 17.53 -18.94
N ARG F 256 10.36 17.30 -20.24
CA ARG F 256 11.48 17.08 -21.20
C ARG F 256 12.44 18.27 -21.11
N LEU F 257 11.93 19.45 -20.78
CA LEU F 257 12.70 20.72 -20.76
C LEU F 257 13.53 20.83 -19.47
N VAL F 258 12.94 20.51 -18.31
CA VAL F 258 13.60 20.61 -16.98
C VAL F 258 14.52 19.39 -16.74
N ALA F 259 14.17 18.22 -17.28
CA ALA F 259 14.86 16.93 -17.05
C ALA F 259 16.26 16.91 -17.68
N ALA F 260 16.54 17.82 -18.60
CA ALA F 260 17.85 17.96 -19.30
C ALA F 260 18.90 18.51 -18.32
N LEU F 261 18.49 19.22 -17.26
CA LEU F 261 19.38 19.75 -16.19
C LEU F 261 20.01 18.61 -15.38
N PRO F 262 21.23 18.79 -14.84
CA PRO F 262 21.98 17.70 -14.20
C PRO F 262 21.26 16.98 -13.05
N GLY F 263 21.13 15.65 -13.16
CA GLY F 263 20.61 14.76 -12.11
C GLY F 263 19.10 14.87 -11.92
N LEU F 264 18.38 15.58 -12.79
CA LEU F 264 16.92 15.82 -12.67
C LEU F 264 16.13 14.83 -13.55
N ALA F 265 16.79 14.05 -14.38
CA ALA F 265 16.16 13.13 -15.36
C ALA F 265 15.17 12.19 -14.66
N HIS F 266 15.48 11.82 -13.40
CA HIS F 266 14.75 10.79 -12.63
C HIS F 266 14.16 11.38 -11.35
N ARG F 267 14.08 12.71 -11.28
CA ARG F 267 13.58 13.43 -10.07
C ARG F 267 12.27 14.16 -10.38
N ILE F 268 12.05 14.54 -11.65
CA ILE F 268 10.78 15.12 -12.19
C ILE F 268 9.99 14.01 -12.89
N PRO F 269 8.81 13.62 -12.39
CA PRO F 269 7.97 12.62 -13.06
C PRO F 269 7.67 12.99 -14.52
N ARG F 270 7.90 12.05 -15.42
CA ARG F 270 7.55 12.14 -16.86
C ARG F 270 6.12 12.66 -17.05
N ILE F 271 5.95 13.45 -18.09
CA ILE F 271 4.63 13.93 -18.59
C ILE F 271 4.49 13.43 -20.02
N TYR F 272 3.43 12.68 -20.29
CA TYR F 272 3.11 12.14 -21.63
C TYR F 272 2.00 13.01 -22.25
N ASP F 273 1.67 12.74 -23.51
CA ASP F 273 0.62 13.47 -24.27
C ASP F 273 -0.72 12.74 -24.15
N GLY F 274 -1.68 13.33 -23.43
CA GLY F 274 -3.09 12.97 -23.52
C GLY F 274 -3.72 13.59 -24.76
N VAL F 275 -3.60 12.93 -25.91
CA VAL F 275 -4.05 13.50 -27.21
C VAL F 275 -5.58 13.53 -27.22
N GLY F 276 -6.15 14.72 -27.30
CA GLY F 276 -7.60 14.94 -27.27
C GLY F 276 -8.10 15.58 -28.55
N VAL F 277 -9.19 15.06 -29.08
CA VAL F 277 -9.83 15.57 -30.31
C VAL F 277 -11.18 16.19 -29.95
N SER F 278 -11.44 17.36 -30.49
CA SER F 278 -12.74 18.06 -30.40
C SER F 278 -13.04 18.69 -31.75
N ALA F 279 -14.18 19.35 -31.88
CA ALA F 279 -14.59 19.95 -33.16
C ALA F 279 -15.45 21.18 -32.89
N LEU F 280 -15.35 22.12 -33.83
CA LEU F 280 -16.26 23.28 -33.92
C LEU F 280 -17.20 22.99 -35.09
N VAL F 281 -18.48 23.16 -34.84
CA VAL F 281 -19.55 22.83 -35.80
C VAL F 281 -20.44 24.07 -35.90
N ASP F 282 -20.77 24.48 -37.12
CA ASP F 282 -21.83 25.50 -37.38
C ASP F 282 -23.14 24.75 -37.50
N THR F 283 -24.06 25.00 -36.58
CA THR F 283 -25.34 24.28 -36.49
C THR F 283 -26.20 24.61 -37.72
N TRP F 284 -26.93 23.61 -38.21
CA TRP F 284 -27.88 23.66 -39.35
C TRP F 284 -28.69 24.97 -39.30
N ASP F 285 -29.14 25.42 -38.13
CA ASP F 285 -30.11 26.56 -38.01
C ASP F 285 -29.52 27.73 -37.21
N GLY F 286 -28.24 27.72 -36.87
CA GLY F 286 -27.61 28.79 -36.08
C GLY F 286 -27.89 28.68 -34.59
N SER F 287 -28.65 27.69 -34.13
CA SER F 287 -29.05 27.57 -32.71
C SER F 287 -27.95 26.86 -31.92
N GLY F 288 -28.09 26.82 -30.60
CA GLY F 288 -27.20 26.08 -29.67
C GLY F 288 -27.89 25.93 -28.33
N PRO F 289 -27.39 25.06 -27.45
CA PRO F 289 -27.99 24.91 -26.13
C PRO F 289 -27.59 26.09 -25.24
N ALA F 290 -28.43 26.39 -24.25
CA ALA F 290 -28.18 27.46 -23.27
C ALA F 290 -27.28 26.95 -22.16
N THR F 291 -27.20 25.63 -21.95
CA THR F 291 -26.32 25.05 -20.89
C THR F 291 -25.26 24.19 -21.57
N VAL F 292 -24.20 23.87 -20.84
CA VAL F 292 -23.33 22.72 -21.18
C VAL F 292 -24.23 21.48 -21.15
N LEU F 293 -24.01 20.54 -22.06
CA LEU F 293 -24.62 19.19 -22.05
C LEU F 293 -23.48 18.20 -21.99
N ARG F 294 -23.49 17.28 -21.03
CA ARG F 294 -22.37 16.31 -20.89
C ARG F 294 -22.87 14.99 -20.31
N THR F 295 -22.08 13.96 -20.56
CA THR F 295 -22.09 12.69 -19.79
C THR F 295 -21.04 12.83 -18.70
N SER F 296 -21.04 11.92 -17.74
CA SER F 296 -19.90 11.73 -16.80
C SER F 296 -18.70 11.25 -17.65
N ASN F 297 -17.50 11.30 -17.07
CA ASN F 297 -16.26 10.80 -17.69
C ASN F 297 -16.44 9.32 -18.00
N ARG F 298 -15.91 8.89 -19.13
CA ARG F 298 -16.10 7.54 -19.75
C ARG F 298 -14.72 6.89 -19.98
N ALA F 299 -14.65 5.88 -20.83
CA ALA F 299 -13.47 5.01 -20.99
C ALA F 299 -12.22 5.86 -21.15
N PHE F 300 -11.23 5.63 -20.28
CA PHE F 300 -9.87 6.22 -20.35
C PHE F 300 -9.96 7.74 -20.45
N ALA F 301 -10.86 8.32 -19.66
CA ALA F 301 -11.04 9.79 -19.49
C ALA F 301 -11.58 10.43 -20.79
N CYS F 302 -12.02 9.67 -21.79
CA CYS F 302 -12.89 10.22 -22.88
C CYS F 302 -14.13 10.81 -22.18
N GLY F 303 -14.81 11.75 -22.79
CA GLY F 303 -16.11 12.25 -22.32
C GLY F 303 -16.90 12.76 -23.50
N LEU F 304 -18.21 12.82 -23.40
CA LEU F 304 -19.03 13.44 -24.46
C LEU F 304 -19.60 14.73 -23.91
N HIS F 305 -19.35 15.84 -24.59
CA HIS F 305 -19.97 17.13 -24.18
C HIS F 305 -20.11 18.09 -25.36
N LEU F 306 -21.06 18.98 -25.16
CA LEU F 306 -21.36 20.10 -26.04
C LEU F 306 -21.25 21.37 -25.21
N VAL F 307 -20.33 22.25 -25.60
CA VAL F 307 -20.14 23.57 -24.95
C VAL F 307 -20.68 24.64 -25.90
N PRO F 308 -21.63 25.49 -25.44
CA PRO F 308 -22.13 26.58 -26.27
C PRO F 308 -21.03 27.57 -26.65
N ARG F 309 -21.18 28.17 -27.82
CA ARG F 309 -20.28 29.22 -28.37
C ARG F 309 -21.18 30.30 -28.98
N ALA F 310 -20.69 31.53 -29.12
CA ALA F 310 -21.38 32.64 -29.83
C ALA F 310 -21.37 32.38 -31.35
N GLY F 311 -22.35 32.96 -32.07
CA GLY F 311 -22.32 33.10 -33.54
C GLY F 311 -22.69 31.83 -34.31
N GLY F 312 -23.59 31.02 -33.78
CA GLY F 312 -24.12 29.84 -34.50
C GLY F 312 -23.14 28.69 -34.53
N SER F 313 -22.15 28.68 -33.64
CA SER F 313 -21.16 27.60 -33.47
C SER F 313 -21.46 26.83 -32.17
N VAL F 314 -21.07 25.55 -32.12
CA VAL F 314 -20.98 24.76 -30.86
C VAL F 314 -19.65 24.02 -30.87
N TYR F 315 -19.13 23.77 -29.68
CA TYR F 315 -17.95 22.90 -29.46
C TYR F 315 -18.47 21.51 -29.09
N ILE F 316 -17.92 20.46 -29.70
CA ILE F 316 -18.17 19.06 -29.25
C ILE F 316 -16.80 18.44 -28.94
N GLY F 317 -16.75 17.73 -27.82
CA GLY F 317 -15.55 16.98 -27.41
C GLY F 317 -15.98 15.81 -26.55
N ALA F 318 -15.01 15.05 -26.06
CA ALA F 318 -13.60 15.18 -26.37
C ALA F 318 -12.99 13.79 -26.16
N THR F 319 -12.31 13.26 -27.16
CA THR F 319 -11.63 11.96 -27.06
C THR F 319 -10.38 12.19 -26.19
N ASN F 320 -9.84 11.12 -25.64
CA ASN F 320 -8.56 11.17 -24.92
C ASN F 320 -7.81 9.88 -25.19
N ALA F 321 -6.52 9.96 -25.49
CA ALA F 321 -5.66 8.79 -25.69
C ALA F 321 -4.24 9.17 -25.29
N VAL F 322 -3.68 8.47 -24.31
CA VAL F 322 -2.28 8.70 -23.91
C VAL F 322 -1.39 8.10 -25.00
N CYS F 323 -0.51 8.91 -25.55
CA CYS F 323 0.53 8.55 -26.55
C CYS F 323 1.91 8.78 -25.93
N LEU F 324 2.83 7.87 -26.20
CA LEU F 324 4.20 7.90 -25.64
C LEU F 324 5.04 8.88 -26.46
N GLU F 325 4.62 9.18 -27.69
CA GLU F 325 5.24 10.22 -28.56
C GLU F 325 4.14 11.24 -28.88
N PRO F 326 4.47 12.53 -29.05
CA PRO F 326 3.47 13.52 -29.43
C PRO F 326 2.87 13.25 -30.81
N ARG F 327 1.62 13.70 -31.00
CA ARG F 327 0.86 13.53 -32.26
C ARG F 327 0.01 14.79 -32.40
N GLY F 328 0.04 15.41 -33.58
CA GLY F 328 -0.56 16.74 -33.80
C GLY F 328 -1.80 16.67 -34.65
N ALA F 329 -2.24 15.47 -35.02
CA ALA F 329 -3.40 15.26 -35.91
C ALA F 329 -4.33 14.19 -35.32
N ALA F 330 -5.63 14.38 -35.50
CA ALA F 330 -6.68 13.42 -35.15
C ALA F 330 -6.50 12.18 -36.02
N SER F 331 -6.77 11.02 -35.45
CA SER F 331 -6.97 9.75 -36.18
C SER F 331 -8.41 9.71 -36.73
N ILE F 332 -8.62 8.92 -37.77
CA ILE F 332 -9.97 8.66 -38.36
C ILE F 332 -10.90 8.20 -37.24
N GLU F 333 -10.45 7.21 -36.45
CA GLU F 333 -11.25 6.56 -35.37
C GLU F 333 -11.76 7.62 -34.39
N GLU F 334 -10.90 8.54 -33.96
CA GLU F 334 -11.24 9.61 -32.98
C GLU F 334 -12.34 10.49 -33.57
N THR F 335 -12.22 10.93 -34.83
CA THR F 335 -13.21 11.86 -35.43
C THR F 335 -14.54 11.10 -35.60
N VAL F 336 -14.51 9.85 -36.05
CA VAL F 336 -15.75 9.06 -36.28
C VAL F 336 -16.46 8.88 -34.93
N PHE F 337 -15.72 8.48 -33.89
CA PHE F 337 -16.28 8.19 -32.56
C PHE F 337 -16.90 9.47 -31.99
N LEU F 338 -16.15 10.59 -32.01
CA LEU F 338 -16.65 11.87 -31.48
C LEU F 338 -17.97 12.24 -32.18
N PHE F 339 -17.98 12.26 -33.52
CA PHE F 339 -19.15 12.73 -34.31
C PHE F 339 -20.33 11.79 -34.13
N ASN F 340 -20.08 10.49 -34.12
CA ASN F 340 -21.13 9.46 -33.96
C ASN F 340 -21.83 9.62 -32.62
N CYS F 341 -21.08 9.81 -31.54
CA CYS F 341 -21.62 10.01 -30.18
C CYS F 341 -22.47 11.30 -30.12
N ALA F 342 -21.97 12.41 -30.64
CA ALA F 342 -22.66 13.71 -30.53
C ALA F 342 -23.98 13.67 -31.33
N THR F 343 -23.97 13.11 -32.52
CA THR F 343 -25.17 13.10 -33.40
C THR F 343 -26.24 12.17 -32.82
N HIS F 344 -25.86 11.08 -32.16
CA HIS F 344 -26.83 10.09 -31.64
C HIS F 344 -27.30 10.50 -30.24
N GLN F 345 -26.37 10.91 -29.37
CA GLN F 345 -26.64 11.06 -27.91
C GLN F 345 -27.11 12.48 -27.57
N LEU F 346 -26.75 13.49 -28.35
CA LEU F 346 -27.06 14.93 -28.07
C LEU F 346 -28.05 15.49 -29.08
N HIS F 347 -27.71 15.57 -30.36
CA HIS F 347 -28.61 16.21 -31.37
C HIS F 347 -28.38 15.64 -32.77
N ARG F 348 -29.40 15.03 -33.35
CA ARG F 348 -29.37 14.49 -34.73
C ARG F 348 -29.15 15.60 -35.75
N GLY F 349 -29.55 16.83 -35.45
CA GLY F 349 -29.33 17.99 -36.32
C GLY F 349 -27.86 18.22 -36.58
N LEU F 350 -26.97 17.77 -35.69
CA LEU F 350 -25.50 17.94 -35.89
C LEU F 350 -25.06 17.14 -37.11
N ASN F 351 -25.82 16.12 -37.52
CA ASN F 351 -25.45 15.24 -38.65
C ASN F 351 -25.34 16.10 -39.94
N GLY F 352 -26.29 16.99 -40.15
CA GLY F 352 -26.37 17.88 -41.32
C GLY F 352 -25.68 19.21 -41.10
N SER F 353 -24.97 19.38 -39.98
CA SER F 353 -24.31 20.65 -39.65
C SER F 353 -22.91 20.66 -40.27
N GLU F 354 -22.34 21.83 -40.45
CA GLU F 354 -21.05 22.01 -41.16
C GLU F 354 -19.91 21.88 -40.16
N LEU F 355 -18.98 20.99 -40.45
CA LEU F 355 -17.70 20.87 -39.73
C LEU F 355 -16.83 22.07 -40.07
N ARG F 356 -16.55 22.92 -39.10
CA ARG F 356 -15.67 24.10 -39.31
C ARG F 356 -14.22 23.74 -38.96
N LYS F 357 -13.98 22.93 -37.92
CA LYS F 357 -12.58 22.64 -37.48
C LYS F 357 -12.56 21.39 -36.61
N VAL F 358 -11.59 20.51 -36.89
CA VAL F 358 -11.17 19.40 -36.01
C VAL F 358 -9.96 19.88 -35.21
N GLN F 359 -10.06 19.88 -33.88
CA GLN F 359 -9.03 20.43 -32.98
C GLN F 359 -8.35 19.27 -32.30
N VAL F 360 -7.03 19.31 -32.20
CA VAL F 360 -6.20 18.32 -31.47
C VAL F 360 -5.31 19.07 -30.47
N GLY F 361 -5.29 18.62 -29.24
CA GLY F 361 -4.40 19.15 -28.18
C GLY F 361 -3.88 18.03 -27.29
N SER F 362 -2.77 18.28 -26.58
CA SER F 362 -2.10 17.33 -25.66
C SER F 362 -2.43 17.72 -24.22
N ALA F 363 -3.38 17.02 -23.60
CA ALA F 363 -3.57 17.07 -22.12
C ALA F 363 -2.28 16.53 -21.50
N PRO F 364 -1.56 17.35 -20.69
CA PRO F 364 -0.31 16.90 -20.10
C PRO F 364 -0.59 15.79 -19.08
N ALA F 365 -0.17 14.56 -19.38
CA ALA F 365 -0.53 13.33 -18.65
C ALA F 365 0.66 12.90 -17.80
N PRO F 366 0.67 13.23 -16.50
CA PRO F 366 1.79 12.88 -15.62
C PRO F 366 1.81 11.37 -15.37
N ILE F 367 2.98 10.74 -15.42
CA ILE F 367 3.12 9.26 -15.33
C ILE F 367 2.56 8.72 -14.00
N ASP F 368 2.48 9.52 -12.94
CA ASP F 368 1.96 9.06 -11.62
C ASP F 368 0.55 9.61 -11.39
N GLY F 369 -0.02 10.33 -12.34
CA GLY F 369 -1.44 10.74 -12.31
C GLY F 369 -1.68 11.99 -11.47
N PHE F 370 -0.63 12.73 -11.12
CA PHE F 370 -0.79 13.96 -10.29
C PHE F 370 -0.01 15.10 -10.90
N PRO F 371 -0.52 16.34 -10.75
CA PRO F 371 0.11 17.51 -11.35
C PRO F 371 1.52 17.76 -10.82
N LEU F 372 2.28 18.59 -11.53
CA LEU F 372 3.61 19.11 -11.15
C LEU F 372 3.47 20.62 -10.92
N ILE F 373 3.39 21.03 -9.66
CA ILE F 373 3.12 22.43 -9.23
C ILE F 373 4.11 22.80 -8.12
N GLY F 374 4.99 23.75 -8.40
CA GLY F 374 5.78 24.45 -7.38
C GLY F 374 7.25 24.43 -7.69
N GLY F 375 8.05 24.47 -6.63
CA GLY F 375 9.50 24.70 -6.64
C GLY F 375 10.27 23.43 -6.94
N THR F 376 11.47 23.58 -7.50
CA THR F 376 12.48 22.53 -7.72
C THR F 376 13.65 22.74 -6.73
N SER F 377 14.64 21.85 -6.76
CA SER F 377 15.91 21.92 -6.02
C SER F 377 16.78 23.05 -6.58
N VAL F 378 16.45 23.54 -7.79
CA VAL F 378 17.17 24.67 -8.44
C VAL F 378 16.45 25.97 -8.05
N GLU F 379 17.18 26.91 -7.47
CA GLU F 379 16.65 28.19 -6.95
C GLU F 379 16.11 29.00 -8.14
N GLY F 380 14.87 29.50 -8.02
CA GLY F 380 14.22 30.31 -9.05
C GLY F 380 13.54 29.50 -10.16
N LEU F 381 13.63 28.17 -10.15
CA LEU F 381 13.00 27.27 -11.16
C LEU F 381 11.68 26.72 -10.60
N TRP F 382 10.58 27.11 -11.22
CA TRP F 382 9.21 26.68 -10.89
C TRP F 382 8.63 25.89 -12.07
N MET F 383 7.65 25.04 -11.79
CA MET F 383 6.94 24.19 -12.77
C MET F 383 5.45 24.29 -12.49
N LEU F 384 4.63 24.41 -13.55
CA LEU F 384 3.16 24.44 -13.46
C LEU F 384 2.62 23.61 -14.62
N SER F 385 2.33 22.34 -14.40
CA SER F 385 2.06 21.36 -15.49
C SER F 385 1.42 20.07 -14.95
N GLY F 386 1.24 19.10 -15.83
CA GLY F 386 0.65 17.78 -15.54
C GLY F 386 -0.79 17.85 -15.08
N THR F 387 -1.54 18.87 -15.50
CA THR F 387 -2.94 19.10 -15.08
C THR F 387 -3.93 18.25 -15.91
N TYR F 388 -3.45 17.39 -16.81
CA TYR F 388 -4.27 16.43 -17.60
C TYR F 388 -5.55 17.12 -18.12
N ARG F 389 -6.73 16.74 -17.60
CA ARG F 389 -8.04 17.04 -18.21
C ARG F 389 -8.85 18.04 -17.39
N ASP F 390 -8.25 18.76 -16.45
CA ASP F 390 -9.00 19.75 -15.63
C ASP F 390 -8.18 21.04 -15.41
N GLY F 391 -7.03 21.20 -16.08
CA GLY F 391 -6.10 22.31 -15.84
C GLY F 391 -6.72 23.67 -16.16
N LEU F 392 -7.63 23.76 -17.14
CA LEU F 392 -8.21 25.06 -17.51
C LEU F 392 -9.07 25.53 -16.34
N HIS F 393 -9.90 24.64 -15.79
CA HIS F 393 -10.79 24.96 -14.65
C HIS F 393 -9.95 25.40 -13.44
N MET F 394 -8.86 24.69 -13.16
CA MET F 394 -8.00 24.92 -11.97
C MET F 394 -7.17 26.20 -12.14
N SER F 395 -7.00 26.70 -13.36
CA SER F 395 -5.96 27.69 -13.75
C SER F 395 -5.91 28.87 -12.77
N PRO F 396 -7.01 29.54 -12.39
CA PRO F 396 -6.90 30.70 -11.50
C PRO F 396 -6.39 30.32 -10.10
N LEU F 397 -6.80 29.17 -9.58
CA LEU F 397 -6.32 28.67 -8.27
C LEU F 397 -4.83 28.29 -8.38
N LEU F 398 -4.42 27.60 -9.44
CA LEU F 398 -3.02 27.11 -9.59
C LEU F 398 -2.08 28.30 -9.79
N ALA F 399 -2.52 29.33 -10.50
CA ALA F 399 -1.77 30.57 -10.76
C ALA F 399 -1.51 31.27 -9.43
N ARG F 400 -2.56 31.53 -8.65
CA ARG F 400 -2.51 32.18 -7.31
C ARG F 400 -1.57 31.38 -6.39
N HIS F 401 -1.63 30.05 -6.44
CA HIS F 401 -0.80 29.17 -5.59
C HIS F 401 0.67 29.39 -5.90
N VAL F 402 1.05 29.31 -7.17
CA VAL F 402 2.49 29.37 -7.57
C VAL F 402 3.02 30.78 -7.26
N VAL F 403 2.20 31.82 -7.47
CA VAL F 403 2.57 33.24 -7.23
C VAL F 403 2.78 33.47 -5.72
N SER F 404 1.94 32.89 -4.87
CA SER F 404 2.11 32.94 -3.40
C SER F 404 3.42 32.25 -3.01
N LEU F 405 3.73 31.07 -3.55
CA LEU F 405 5.00 30.35 -3.26
C LEU F 405 6.20 31.23 -3.66
N MET F 406 6.15 31.84 -4.84
CA MET F 406 7.26 32.68 -5.38
C MET F 406 7.52 33.90 -4.48
N ASP F 407 6.49 34.34 -3.76
CA ASP F 407 6.46 35.57 -2.92
C ASP F 407 6.80 35.22 -1.45
N GLY F 408 7.12 33.96 -1.14
CA GLY F 408 7.47 33.51 0.21
C GLY F 408 6.28 32.96 1.00
N GLY F 409 5.09 32.92 0.41
CA GLY F 409 3.85 32.40 1.04
C GLY F 409 3.79 30.87 0.99
N THR F 410 2.68 30.31 1.44
CA THR F 410 2.43 28.84 1.49
C THR F 410 1.41 28.43 0.41
N GLY F 411 0.81 29.41 -0.27
CA GLY F 411 -0.17 29.16 -1.34
C GLY F 411 -1.42 28.52 -0.79
N VAL F 412 -1.97 27.57 -1.54
CA VAL F 412 -3.23 26.83 -1.21
C VAL F 412 -2.84 25.51 -0.55
N ASP F 413 -3.48 25.15 0.57
CA ASP F 413 -3.14 23.94 1.33
C ASP F 413 -3.61 22.73 0.52
N GLY F 414 -2.78 21.69 0.47
CA GLY F 414 -3.12 20.42 -0.18
C GLY F 414 -2.59 20.33 -1.59
N LEU F 415 -2.17 21.45 -2.19
CA LEU F 415 -1.43 21.49 -3.48
C LEU F 415 0.07 21.32 -3.21
N ARG F 416 0.46 21.22 -1.93
CA ARG F 416 1.89 21.08 -1.53
C ARG F 416 2.39 19.68 -1.93
N GLU F 417 1.55 18.65 -1.83
CA GLU F 417 1.91 17.24 -2.14
C GLU F 417 2.25 17.06 -3.63
N PHE F 418 1.96 18.05 -4.49
CA PHE F 418 2.17 17.94 -5.97
C PHE F 418 3.44 18.65 -6.41
N ARG F 419 4.35 18.92 -5.48
CA ARG F 419 5.68 19.54 -5.79
C ARG F 419 6.29 18.74 -6.93
N PRO F 420 6.90 19.42 -7.92
CA PRO F 420 7.33 18.75 -9.14
C PRO F 420 8.48 17.76 -8.95
N GLU F 421 9.33 17.99 -7.95
CA GLU F 421 10.56 17.18 -7.73
C GLU F 421 10.24 16.16 -6.63
N ARG F 422 9.97 14.92 -7.04
CA ARG F 422 9.36 13.89 -6.15
C ARG F 422 9.61 12.51 -6.73
N ASP F 423 9.62 11.51 -5.85
CA ASP F 423 9.38 10.09 -6.18
C ASP F 423 7.97 10.02 -6.80
N LEU F 424 7.75 9.10 -7.73
CA LEU F 424 6.40 8.81 -8.29
C LEU F 424 5.46 8.47 -7.14
N ILE F 425 4.34 9.18 -7.03
CA ILE F 425 3.23 8.87 -6.09
C ILE F 425 2.60 7.53 -6.48
N SER F 426 2.20 6.72 -5.49
CA SER F 426 1.38 5.49 -5.68
C SER F 426 0.06 5.66 -4.94
N ALA F 427 -0.96 6.21 -5.60
CA ALA F 427 -2.27 6.54 -4.99
C ALA F 427 -3.20 5.33 -4.98
N TRP F 428 -2.92 4.32 -5.77
CA TRP F 428 -3.81 3.13 -5.95
C TRP F 428 -3.00 1.84 -5.91
N SER F 429 -3.57 0.79 -5.34
CA SER F 429 -3.01 -0.58 -5.40
C SER F 429 -2.98 -1.02 -6.86
N ARG F 430 -2.00 -1.86 -7.19
CA ARG F 430 -1.92 -2.58 -8.48
C ARG F 430 -3.26 -3.25 -8.77
N GLU F 431 -3.88 -3.87 -7.77
CA GLU F 431 -5.15 -4.61 -7.88
C GLU F 431 -6.26 -3.63 -8.32
N GLU F 432 -6.36 -2.45 -7.69
CA GLU F 432 -7.39 -1.44 -8.05
C GLU F 432 -7.21 -1.01 -9.53
N ILE F 433 -5.96 -0.85 -9.97
CA ILE F 433 -5.64 -0.33 -11.33
C ILE F 433 -5.96 -1.41 -12.37
N LEU F 434 -5.65 -2.67 -12.06
CA LEU F 434 -5.91 -3.81 -12.98
C LEU F 434 -7.43 -3.99 -13.15
N ASP F 435 -8.22 -3.84 -12.10
CA ASP F 435 -9.69 -3.85 -12.20
C ASP F 435 -10.14 -2.68 -13.09
N ASP F 436 -9.56 -1.49 -12.89
CA ASP F 436 -9.96 -0.25 -13.61
C ASP F 436 -9.67 -0.42 -15.12
N VAL F 437 -8.47 -0.91 -15.49
CA VAL F 437 -8.02 -0.96 -16.90
C VAL F 437 -8.89 -1.96 -17.67
N VAL F 438 -9.28 -3.06 -17.04
CA VAL F 438 -10.15 -4.08 -17.68
C VAL F 438 -11.55 -3.48 -17.85
N ARG F 439 -12.07 -2.82 -16.83
CA ARG F 439 -13.40 -2.15 -16.86
C ARG F 439 -13.43 -1.14 -18.02
N HIS F 440 -12.44 -0.25 -18.09
CA HIS F 440 -12.34 0.82 -19.11
C HIS F 440 -12.18 0.20 -20.49
N THR F 441 -11.41 -0.88 -20.62
CA THR F 441 -11.25 -1.61 -21.92
C THR F 441 -12.62 -2.09 -22.36
N MET F 442 -13.37 -2.74 -21.49
CA MET F 442 -14.72 -3.25 -21.83
C MET F 442 -15.61 -2.06 -22.20
N ALA F 443 -15.42 -0.91 -21.53
CA ALA F 443 -16.27 0.28 -21.76
C ALA F 443 -16.05 0.84 -23.18
N THR F 444 -14.87 0.68 -23.78
CA THR F 444 -14.64 1.11 -25.19
C THR F 444 -15.62 0.36 -26.10
N GLY F 445 -15.99 -0.87 -25.73
CA GLY F 445 -16.96 -1.68 -26.50
C GLY F 445 -18.35 -1.13 -26.32
N TYR F 446 -18.80 -0.92 -25.10
CA TYR F 446 -20.20 -0.53 -24.79
C TYR F 446 -20.47 0.89 -25.26
N GLU F 447 -19.43 1.73 -25.34
CA GLU F 447 -19.52 3.15 -25.75
C GLU F 447 -19.62 3.27 -27.28
N PHE F 448 -19.26 2.24 -28.03
CA PHE F 448 -19.16 2.31 -29.50
C PHE F 448 -20.52 2.68 -30.12
N PRO F 449 -21.68 2.06 -29.81
CA PRO F 449 -21.78 0.83 -29.03
C PRO F 449 -21.65 -0.40 -29.93
N TRP F 450 -21.05 -1.48 -29.43
CA TRP F 450 -20.90 -2.73 -30.22
C TRP F 450 -22.19 -3.55 -30.16
N ARG F 451 -22.35 -4.45 -31.11
CA ARG F 451 -23.38 -5.51 -31.08
C ARG F 451 -22.63 -6.82 -31.31
N LEU F 452 -22.61 -7.68 -30.30
CA LEU F 452 -21.89 -8.98 -30.40
C LEU F 452 -22.72 -10.07 -29.75
N PRO F 453 -22.36 -11.35 -29.96
CA PRO F 453 -23.00 -12.45 -29.27
C PRO F 453 -22.80 -12.25 -27.76
N LEU F 454 -23.80 -12.62 -26.98
CA LEU F 454 -23.88 -12.31 -25.54
C LEU F 454 -22.79 -13.03 -24.74
N GLU F 455 -22.17 -14.10 -25.26
CA GLU F 455 -21.11 -14.82 -24.50
C GLU F 455 -19.79 -14.06 -24.61
N TRP F 456 -19.64 -13.19 -25.62
CA TRP F 456 -18.32 -12.65 -26.01
C TRP F 456 -17.80 -11.70 -24.95
N PRO F 457 -18.58 -10.74 -24.43
CA PRO F 457 -18.10 -9.85 -23.36
C PRO F 457 -17.52 -10.56 -22.13
N HIS F 458 -18.16 -11.62 -21.62
CA HIS F 458 -17.60 -12.41 -20.49
C HIS F 458 -16.27 -13.07 -20.91
N MET F 459 -16.21 -13.64 -22.12
CA MET F 459 -14.96 -14.19 -22.69
C MET F 459 -13.85 -13.14 -22.65
N MET F 460 -14.12 -11.93 -23.11
CA MET F 460 -13.08 -10.87 -23.24
C MET F 460 -12.64 -10.40 -21.84
N GLU F 461 -13.59 -10.23 -20.90
CA GLU F 461 -13.27 -9.89 -19.49
C GLU F 461 -12.25 -10.90 -18.96
N THR F 462 -12.52 -12.20 -19.10
CA THR F 462 -11.65 -13.28 -18.58
C THR F 462 -10.26 -13.19 -19.23
N PHE F 463 -10.14 -13.01 -20.55
CA PHE F 463 -8.87 -13.15 -21.30
C PHE F 463 -8.03 -11.86 -21.26
N LEU F 464 -8.59 -10.75 -20.78
CA LEU F 464 -7.89 -9.45 -20.64
C LEU F 464 -7.10 -9.41 -19.32
N GLN F 465 -7.59 -10.10 -18.28
CA GLN F 465 -7.06 -10.00 -16.89
C GLN F 465 -5.59 -10.44 -16.84
N GLY F 466 -5.29 -11.61 -17.41
CA GLY F 466 -3.95 -12.22 -17.42
C GLY F 466 -2.92 -11.27 -18.03
N PRO F 467 -3.07 -10.88 -19.31
CA PRO F 467 -2.05 -10.06 -19.98
C PRO F 467 -1.77 -8.71 -19.30
N PHE F 468 -2.78 -8.07 -18.70
CA PHE F 468 -2.62 -6.78 -17.98
C PHE F 468 -1.88 -7.02 -16.65
N ALA F 469 -2.23 -8.08 -15.93
CA ALA F 469 -1.55 -8.52 -14.69
C ALA F 469 -0.07 -8.82 -14.97
N GLU F 470 0.23 -9.48 -16.09
CA GLU F 470 1.60 -9.86 -16.50
C GLU F 470 2.39 -8.58 -16.84
N LEU F 471 1.76 -7.59 -17.49
CA LEU F 471 2.44 -6.31 -17.87
C LEU F 471 2.79 -5.53 -16.61
N ALA F 472 1.86 -5.38 -15.67
CA ALA F 472 2.06 -4.62 -14.42
C ALA F 472 3.24 -5.22 -13.62
N ASP F 473 3.32 -6.55 -13.52
CA ASP F 473 4.38 -7.28 -12.77
C ASP F 473 5.74 -7.06 -13.45
N ARG F 474 5.76 -7.10 -14.78
CA ARG F 474 7.00 -7.01 -15.60
C ARG F 474 7.56 -5.57 -15.57
N LEU F 475 6.70 -4.56 -15.37
CA LEU F 475 7.09 -3.13 -15.53
C LEU F 475 7.95 -2.67 -14.34
N SER F 476 7.58 -3.07 -13.13
CA SER F 476 8.22 -2.62 -11.87
C SER F 476 7.64 -3.42 -10.71
N ASP F 477 8.46 -3.62 -9.66
CA ASP F 477 8.07 -4.31 -8.40
C ASP F 477 7.32 -3.31 -7.51
N THR F 478 7.41 -2.01 -7.79
CA THR F 478 7.00 -0.96 -6.82
C THR F 478 5.99 0.00 -7.48
N TYR F 479 6.25 0.51 -8.68
CA TYR F 479 5.36 1.51 -9.35
C TYR F 479 4.35 0.80 -10.28
N THR F 480 3.13 1.28 -10.30
CA THR F 480 2.07 0.87 -11.29
C THR F 480 1.54 2.09 -12.02
N PRO F 481 1.63 2.16 -13.36
CA PRO F 481 1.02 3.27 -14.12
C PRO F 481 -0.50 3.25 -13.98
N PRO F 482 -1.15 4.43 -13.88
CA PRO F 482 -2.61 4.48 -13.87
C PRO F 482 -3.18 3.95 -15.20
N ALA F 483 -4.46 3.58 -15.21
CA ALA F 483 -5.13 2.81 -16.29
C ALA F 483 -4.92 3.48 -17.66
N ASP F 484 -5.14 4.79 -17.76
CA ASP F 484 -5.06 5.57 -19.03
C ASP F 484 -3.70 5.30 -19.66
N LEU F 485 -2.65 5.28 -18.85
CA LEU F 485 -1.25 5.08 -19.32
C LEU F 485 -0.99 3.58 -19.51
N MET F 486 -1.55 2.72 -18.66
CA MET F 486 -1.28 1.28 -18.75
C MET F 486 -1.74 0.73 -20.12
N THR F 487 -2.89 1.15 -20.63
CA THR F 487 -3.41 0.65 -21.93
C THR F 487 -2.47 1.12 -23.04
N ALA F 488 -2.02 2.37 -23.02
CA ALA F 488 -1.02 2.87 -24.01
C ALA F 488 0.25 2.02 -23.96
N ILE F 489 0.72 1.65 -22.77
CA ILE F 489 1.95 0.82 -22.63
C ILE F 489 1.68 -0.60 -23.16
N MET F 490 0.53 -1.18 -22.80
CA MET F 490 0.13 -2.53 -23.29
C MET F 490 0.28 -2.64 -24.81
N PHE F 491 -0.08 -1.60 -25.56
CA PHE F 491 -0.18 -1.65 -27.06
C PHE F 491 0.94 -0.83 -27.70
N SER F 492 2.01 -0.55 -26.95
CA SER F 492 3.22 0.12 -27.45
C SER F 492 4.19 -0.94 -27.96
N GLU F 493 5.30 -0.52 -28.58
CA GLU F 493 6.37 -1.44 -29.08
C GLU F 493 7.08 -2.08 -27.88
N ARG F 494 7.65 -3.27 -28.07
CA ARG F 494 8.54 -3.97 -27.08
C ARG F 494 9.63 -3.00 -26.56
N GLU F 495 10.29 -2.24 -27.46
CA GLU F 495 11.40 -1.30 -27.12
C GLU F 495 10.87 -0.25 -26.13
N GLN F 496 9.67 0.28 -26.37
CA GLN F 496 9.04 1.35 -25.54
C GLN F 496 8.71 0.80 -24.15
N GLN F 497 8.26 -0.45 -24.06
CA GLN F 497 8.00 -1.14 -22.78
C GLN F 497 9.32 -1.30 -22.02
N ASP F 498 10.37 -1.75 -22.70
CA ASP F 498 11.73 -1.97 -22.12
C ASP F 498 12.27 -0.64 -21.59
N GLU F 499 12.16 0.43 -22.36
CA GLU F 499 12.63 1.79 -21.98
C GLU F 499 11.90 2.23 -20.70
N LEU F 500 10.61 1.91 -20.55
CA LEU F 500 9.82 2.25 -19.33
C LEU F 500 10.25 1.40 -18.12
N ILE F 501 10.64 0.14 -18.32
CA ILE F 501 11.15 -0.71 -17.20
C ILE F 501 12.43 -0.05 -16.66
N ALA F 502 13.32 0.39 -17.55
CA ALA F 502 14.59 1.09 -17.24
C ALA F 502 14.27 2.40 -16.52
N TYR F 503 13.32 3.18 -17.03
CA TYR F 503 12.94 4.49 -16.41
C TYR F 503 12.48 4.23 -14.97
N TYR F 504 11.56 3.28 -14.77
CA TYR F 504 10.98 2.98 -13.43
C TYR F 504 12.09 2.53 -12.46
N ALA F 505 13.04 1.73 -12.96
CA ALA F 505 14.20 1.21 -12.20
C ALA F 505 15.11 2.39 -11.78
N ASP F 506 15.46 3.28 -12.71
CA ASP F 506 16.31 4.48 -12.43
C ASP F 506 15.61 5.40 -11.42
N VAL F 507 14.28 5.49 -11.42
CA VAL F 507 13.54 6.34 -10.45
C VAL F 507 13.61 5.68 -9.06
N HIS F 508 13.54 4.35 -8.98
CA HIS F 508 13.63 3.59 -7.69
C HIS F 508 15.02 3.81 -7.07
N ARG F 509 16.08 3.69 -7.88
CA ARG F 509 17.49 3.94 -7.50
C ARG F 509 17.62 5.35 -6.89
N GLU F 510 17.12 6.36 -7.59
CA GLU F 510 17.27 7.80 -7.25
C GLU F 510 16.60 8.10 -5.90
N TRP F 511 15.50 7.44 -5.54
CA TRP F 511 14.62 7.87 -4.41
C TRP F 511 14.64 6.88 -3.23
N HIS F 512 15.19 5.67 -3.43
CA HIS F 512 15.32 4.63 -2.37
C HIS F 512 16.81 4.22 -2.28
N GLN G 31 -86.72 -24.94 -19.64
CA GLN G 31 -85.62 -25.24 -18.70
C GLN G 31 -85.21 -23.96 -17.94
N THR G 32 -84.66 -24.11 -16.75
CA THR G 32 -83.79 -23.11 -16.05
C THR G 32 -82.31 -23.45 -16.25
N ASP G 33 -82.00 -24.55 -16.94
CA ASP G 33 -80.66 -25.04 -17.36
C ASP G 33 -79.82 -23.92 -17.96
N VAL G 34 -78.52 -23.87 -17.61
CA VAL G 34 -77.55 -22.86 -18.14
C VAL G 34 -76.46 -23.60 -18.93
N ILE G 35 -76.22 -23.16 -20.17
CA ILE G 35 -75.07 -23.67 -20.99
C ILE G 35 -74.04 -22.55 -21.15
N VAL G 36 -72.80 -22.80 -20.71
CA VAL G 36 -71.62 -21.93 -20.98
C VAL G 36 -70.92 -22.53 -22.20
N VAL G 37 -70.80 -21.75 -23.28
CA VAL G 37 -70.07 -22.17 -24.52
C VAL G 37 -68.63 -21.63 -24.41
N GLY G 38 -67.68 -22.51 -24.13
CA GLY G 38 -66.24 -22.16 -24.13
C GLY G 38 -65.57 -22.54 -22.82
N ASN G 39 -64.37 -23.13 -22.88
CA ASN G 39 -63.69 -23.70 -21.70
C ASN G 39 -62.37 -22.99 -21.46
N GLY G 40 -62.25 -21.73 -21.87
CA GLY G 40 -61.10 -20.89 -21.47
C GLY G 40 -61.28 -20.39 -20.05
N VAL G 41 -60.43 -19.47 -19.60
CA VAL G 41 -60.59 -18.84 -18.26
C VAL G 41 -61.96 -18.15 -18.15
N LEU G 42 -62.48 -17.53 -19.20
CA LEU G 42 -63.74 -16.75 -19.07
C LEU G 42 -64.92 -17.72 -18.90
N GLY G 43 -65.07 -18.69 -19.79
CA GLY G 43 -66.09 -19.72 -19.69
C GLY G 43 -66.09 -20.36 -18.30
N LEU G 44 -64.95 -20.91 -17.88
CA LEU G 44 -64.85 -21.64 -16.58
C LEU G 44 -65.11 -20.69 -15.42
N SER G 45 -64.66 -19.45 -15.50
CA SER G 45 -64.86 -18.48 -14.40
C SER G 45 -66.36 -18.21 -14.22
N VAL G 46 -67.07 -18.02 -15.33
CA VAL G 46 -68.52 -17.76 -15.33
C VAL G 46 -69.26 -19.05 -14.91
N GLY G 47 -68.83 -20.20 -15.42
CA GLY G 47 -69.32 -21.53 -15.01
C GLY G 47 -69.24 -21.70 -13.51
N VAL G 48 -68.08 -21.39 -12.92
CA VAL G 48 -67.87 -21.54 -11.46
C VAL G 48 -68.81 -20.61 -10.71
N GLU G 49 -68.96 -19.35 -11.12
CA GLU G 49 -69.77 -18.35 -10.38
C GLU G 49 -71.26 -18.75 -10.49
N ILE G 50 -71.71 -19.25 -11.63
CA ILE G 50 -73.13 -19.68 -11.83
C ILE G 50 -73.40 -20.91 -10.94
N ALA G 51 -72.59 -21.94 -11.05
CA ALA G 51 -72.74 -23.20 -10.28
C ALA G 51 -72.78 -22.93 -8.78
N ARG G 52 -71.97 -21.99 -8.28
CA ARG G 52 -71.85 -21.69 -6.82
C ARG G 52 -73.04 -20.86 -6.35
N THR G 53 -73.64 -20.03 -7.22
CA THR G 53 -74.66 -19.02 -6.85
C THR G 53 -76.08 -19.60 -7.04
N ARG G 54 -76.24 -20.59 -7.93
CA ARG G 54 -77.51 -21.28 -8.22
C ARG G 54 -77.32 -22.80 -8.10
N PRO G 55 -77.19 -23.37 -6.88
CA PRO G 55 -77.04 -24.83 -6.73
C PRO G 55 -78.28 -25.60 -7.21
N ASP G 56 -79.42 -24.90 -7.32
CA ASP G 56 -80.72 -25.41 -7.84
C ASP G 56 -80.60 -25.79 -9.32
N VAL G 57 -79.86 -25.04 -10.14
CA VAL G 57 -79.89 -25.17 -11.63
C VAL G 57 -78.76 -26.08 -12.11
N ARG G 58 -78.95 -26.72 -13.27
CA ARG G 58 -77.94 -27.48 -14.04
C ARG G 58 -77.12 -26.54 -14.94
N VAL G 59 -75.82 -26.46 -14.69
CA VAL G 59 -74.84 -25.66 -15.48
C VAL G 59 -73.94 -26.64 -16.23
N THR G 60 -73.99 -26.58 -17.57
CA THR G 60 -73.17 -27.41 -18.47
C THR G 60 -72.20 -26.48 -19.23
N LEU G 61 -70.91 -26.85 -19.25
CA LEU G 61 -69.86 -26.08 -19.97
C LEU G 61 -69.32 -26.92 -21.13
N LEU G 62 -69.39 -26.39 -22.35
CA LEU G 62 -68.93 -27.03 -23.62
C LEU G 62 -67.50 -26.60 -23.96
N GLY G 63 -66.80 -27.37 -24.80
CA GLY G 63 -65.41 -27.13 -25.22
C GLY G 63 -64.53 -28.34 -25.00
N LYS G 64 -63.50 -28.53 -25.82
CA LYS G 64 -62.64 -29.75 -25.86
C LYS G 64 -61.30 -29.48 -25.19
N PRO G 65 -60.63 -30.52 -24.65
CA PRO G 65 -59.35 -30.33 -23.95
C PRO G 65 -58.22 -29.77 -24.84
N ALA G 66 -58.31 -29.89 -26.17
CA ALA G 66 -57.31 -29.35 -27.14
C ALA G 66 -57.23 -27.81 -27.02
N ARG G 67 -58.34 -27.14 -26.70
CA ARG G 67 -58.42 -25.65 -26.57
C ARG G 67 -57.73 -24.99 -27.79
N GLN G 68 -58.18 -25.34 -29.01
CA GLN G 68 -57.57 -24.84 -30.27
C GLN G 68 -57.59 -23.30 -30.29
N TYR G 69 -56.44 -22.68 -30.57
CA TYR G 69 -56.21 -21.20 -30.64
C TYR G 69 -56.41 -20.54 -29.27
N GLY G 70 -56.51 -21.34 -28.20
CA GLY G 70 -56.78 -20.81 -26.86
C GLY G 70 -55.74 -19.79 -26.44
N ALA G 71 -56.20 -18.57 -26.14
CA ALA G 71 -55.38 -17.51 -25.50
C ALA G 71 -54.93 -17.98 -24.11
N THR G 72 -55.83 -18.56 -23.30
CA THR G 72 -55.58 -18.84 -21.85
C THR G 72 -54.28 -19.62 -21.68
N PRO G 73 -54.06 -20.79 -22.36
CA PRO G 73 -52.84 -21.58 -22.15
C PRO G 73 -51.55 -20.83 -22.51
N ALA G 74 -51.64 -19.89 -23.46
CA ALA G 74 -50.48 -19.11 -23.99
C ALA G 74 -50.20 -17.87 -23.12
N ALA G 75 -51.07 -17.56 -22.16
CA ALA G 75 -50.92 -16.41 -21.24
C ALA G 75 -50.05 -16.84 -20.06
N GLY G 76 -49.36 -15.86 -19.46
CA GLY G 76 -48.28 -16.11 -18.49
C GLY G 76 -48.79 -16.65 -17.18
N ALA G 77 -49.56 -15.82 -16.48
CA ALA G 77 -50.14 -14.59 -17.00
C ALA G 77 -49.98 -13.51 -15.97
N MET G 78 -49.86 -12.27 -16.42
CA MET G 78 -49.86 -11.08 -15.56
C MET G 78 -51.30 -10.71 -15.21
N LEU G 79 -51.53 -10.38 -13.94
CA LEU G 79 -52.78 -9.67 -13.50
C LEU G 79 -52.55 -8.18 -13.72
N GLY G 80 -52.50 -7.79 -15.00
CA GLY G 80 -52.09 -6.45 -15.46
C GLY G 80 -53.20 -5.44 -15.26
N ALA G 81 -52.91 -4.39 -14.52
CA ALA G 81 -53.82 -3.25 -14.28
C ALA G 81 -53.00 -1.98 -14.54
N PHE G 82 -52.13 -1.63 -13.63
CA PHE G 82 -51.27 -0.42 -13.75
C PHE G 82 -50.22 -0.67 -14.85
N GLY G 83 -49.63 -1.88 -14.87
CA GLY G 83 -48.68 -2.27 -15.93
C GLY G 83 -49.23 -2.10 -17.35
N GLU G 84 -50.55 -2.21 -17.55
CA GLU G 84 -51.20 -2.16 -18.89
C GLU G 84 -51.48 -0.71 -19.31
N VAL G 85 -51.28 0.26 -18.43
CA VAL G 85 -51.57 1.69 -18.71
C VAL G 85 -50.68 2.18 -19.86
N THR G 86 -51.29 2.90 -20.81
CA THR G 86 -50.57 3.71 -21.83
C THR G 86 -51.14 5.13 -21.81
N ALA G 87 -50.35 6.11 -22.25
CA ALA G 87 -50.79 7.52 -22.45
C ALA G 87 -52.03 7.54 -23.37
N HIS G 88 -51.99 6.79 -24.46
CA HIS G 88 -53.05 6.70 -25.50
C HIS G 88 -54.39 6.21 -24.89
N ALA G 89 -54.34 5.15 -24.09
CA ALA G 89 -55.53 4.57 -23.39
C ALA G 89 -56.16 5.64 -22.46
N LEU G 90 -55.35 6.25 -21.61
CA LEU G 90 -55.80 7.23 -20.57
C LEU G 90 -56.25 8.56 -21.22
N ALA G 91 -56.12 8.74 -22.53
CA ALA G 91 -56.45 9.99 -23.26
C ALA G 91 -57.86 9.92 -23.84
N SER G 92 -58.56 8.78 -23.73
CA SER G 92 -59.99 8.63 -24.09
C SER G 92 -60.84 8.34 -22.85
N GLU G 93 -62.12 8.68 -22.90
CA GLU G 93 -63.12 8.33 -21.85
C GLU G 93 -63.18 6.79 -21.77
N HIS G 94 -63.32 6.12 -22.92
CA HIS G 94 -63.47 4.63 -23.02
C HIS G 94 -62.26 3.94 -22.40
N GLY G 95 -61.04 4.45 -22.62
CA GLY G 95 -59.79 3.94 -22.03
C GLY G 95 -59.76 4.10 -20.51
N ARG G 96 -60.17 5.26 -19.98
CA ARG G 96 -60.22 5.52 -18.50
C ARG G 96 -61.23 4.57 -17.84
N LYS G 97 -62.34 4.25 -18.49
CA LYS G 97 -63.33 3.27 -17.98
C LYS G 97 -62.71 1.86 -17.91
N LYS G 98 -62.02 1.43 -18.99
CA LYS G 98 -61.34 0.10 -19.05
C LYS G 98 -60.35 0.01 -17.88
N HIS G 99 -59.56 1.06 -17.67
CA HIS G 99 -58.51 1.08 -16.62
C HIS G 99 -59.20 0.92 -15.26
N ALA G 100 -60.28 1.66 -15.01
CA ALA G 100 -61.08 1.61 -13.75
C ALA G 100 -61.58 0.18 -13.52
N LEU G 101 -62.09 -0.49 -14.54
CA LEU G 101 -62.55 -1.89 -14.44
C LEU G 101 -61.37 -2.81 -14.08
N ALA G 102 -60.17 -2.54 -14.61
CA ALA G 102 -58.98 -3.36 -14.35
C ALA G 102 -58.57 -3.19 -12.89
N VAL G 103 -58.69 -1.97 -12.36
CA VAL G 103 -58.36 -1.67 -10.93
C VAL G 103 -59.36 -2.43 -10.06
N GLN G 104 -60.63 -2.48 -10.46
CA GLN G 104 -61.73 -3.17 -9.72
C GLN G 104 -61.46 -4.67 -9.75
N ALA G 105 -61.10 -5.22 -10.91
CA ALA G 105 -60.77 -6.66 -11.07
C ALA G 105 -59.60 -7.01 -10.13
N GLN G 106 -58.57 -6.17 -10.05
CA GLN G 106 -57.37 -6.40 -9.21
C GLN G 106 -57.81 -6.69 -7.77
N ARG G 107 -58.80 -5.95 -7.27
CA ARG G 107 -59.25 -6.03 -5.85
C ARG G 107 -59.90 -7.40 -5.57
N LEU G 108 -60.43 -8.09 -6.58
CA LEU G 108 -61.12 -9.39 -6.42
C LEU G 108 -60.12 -10.56 -6.38
N TRP G 109 -58.90 -10.42 -6.90
CA TRP G 109 -58.04 -11.59 -7.20
C TRP G 109 -57.64 -12.35 -5.93
N PRO G 110 -57.22 -11.70 -4.81
CA PRO G 110 -56.83 -12.43 -3.60
C PRO G 110 -57.90 -13.41 -3.08
N GLU G 111 -59.16 -12.98 -2.98
CA GLU G 111 -60.30 -13.82 -2.47
C GLU G 111 -60.66 -14.88 -3.51
N TRP G 112 -60.67 -14.52 -4.80
CA TRP G 112 -60.98 -15.43 -5.93
C TRP G 112 -60.00 -16.62 -5.91
N ILE G 113 -58.72 -16.34 -5.77
CA ILE G 113 -57.65 -17.39 -5.69
C ILE G 113 -57.88 -18.23 -4.44
N GLU G 114 -58.09 -17.60 -3.28
CA GLU G 114 -58.37 -18.29 -1.99
C GLU G 114 -59.55 -19.27 -2.22
N SER G 115 -60.61 -18.82 -2.86
CA SER G 115 -61.85 -19.60 -3.08
C SER G 115 -61.58 -20.75 -4.05
N LEU G 116 -60.60 -20.64 -4.96
CA LEU G 116 -60.29 -21.71 -5.96
C LEU G 116 -59.28 -22.70 -5.38
N GLU G 117 -58.31 -22.24 -4.61
CA GLU G 117 -57.29 -23.13 -3.96
C GLU G 117 -57.97 -23.92 -2.83
N ALA G 118 -59.05 -23.43 -2.24
CA ALA G 118 -59.81 -24.05 -1.13
C ALA G 118 -60.46 -25.38 -1.57
N THR G 119 -60.72 -25.58 -2.87
CA THR G 119 -61.30 -26.86 -3.41
C THR G 119 -60.19 -27.87 -3.71
N GLY G 120 -58.93 -27.53 -3.45
CA GLY G 120 -57.76 -28.37 -3.74
C GLY G 120 -56.91 -28.58 -2.48
N THR G 121 -55.68 -29.06 -2.63
CA THR G 121 -54.70 -29.32 -1.53
C THR G 121 -53.35 -28.70 -1.90
N ALA G 122 -52.39 -28.66 -0.96
CA ALA G 122 -51.02 -28.11 -1.17
C ALA G 122 -50.40 -28.66 -2.46
N ALA G 123 -50.59 -29.95 -2.75
CA ALA G 123 -49.90 -30.70 -3.83
C ALA G 123 -50.43 -30.31 -5.21
N ASP G 124 -51.49 -29.50 -5.30
CA ASP G 124 -52.13 -29.11 -6.59
C ASP G 124 -51.33 -28.02 -7.30
N GLY G 125 -50.47 -27.34 -6.54
CA GLY G 125 -49.65 -26.21 -7.00
C GLY G 125 -50.36 -24.92 -6.66
N ARG G 126 -49.58 -23.83 -6.61
CA ARG G 126 -50.09 -22.47 -6.29
C ARG G 126 -50.49 -21.79 -7.60
N ILE G 127 -51.66 -21.14 -7.61
CA ILE G 127 -52.12 -20.32 -8.76
C ILE G 127 -51.22 -19.09 -8.87
N LYS G 128 -50.97 -18.41 -7.75
CA LYS G 128 -50.16 -17.19 -7.67
C LYS G 128 -48.69 -17.56 -7.83
N THR G 129 -47.98 -16.90 -8.74
CA THR G 129 -46.51 -17.11 -8.94
C THR G 129 -45.70 -15.89 -8.50
N ALA G 130 -46.32 -14.70 -8.44
CA ALA G 130 -45.70 -13.49 -7.88
C ALA G 130 -46.79 -12.54 -7.37
N ASP G 131 -46.44 -11.75 -6.36
CA ASP G 131 -47.34 -10.74 -5.74
C ASP G 131 -47.14 -9.37 -6.39
N ASP G 132 -45.89 -9.09 -6.78
CA ASP G 132 -45.42 -7.75 -7.21
C ASP G 132 -44.90 -7.79 -8.65
N THR G 133 -44.79 -6.60 -9.24
CA THR G 133 -44.37 -6.36 -10.63
C THR G 133 -43.34 -5.24 -10.61
N VAL G 134 -42.27 -5.38 -11.36
CA VAL G 134 -41.32 -4.28 -11.63
C VAL G 134 -41.45 -3.90 -13.10
N VAL G 135 -41.80 -2.64 -13.36
CA VAL G 135 -41.80 -2.04 -14.72
C VAL G 135 -40.43 -1.41 -14.95
N LEU G 136 -39.78 -1.77 -16.04
CA LEU G 136 -38.43 -1.32 -16.41
C LEU G 136 -38.55 -0.38 -17.60
N LEU G 137 -37.77 0.68 -17.56
CA LEU G 137 -37.64 1.65 -18.68
C LEU G 137 -36.22 1.55 -19.21
N ASN G 138 -36.08 1.18 -20.48
CA ASN G 138 -34.82 1.09 -21.23
C ASN G 138 -35.02 1.86 -22.54
N THR G 139 -33.97 1.96 -23.36
CA THR G 139 -33.97 2.81 -24.56
C THR G 139 -34.15 1.94 -25.79
N VAL G 140 -34.55 0.68 -25.61
CA VAL G 140 -34.75 -0.24 -26.76
C VAL G 140 -36.20 -0.10 -27.20
N GLY G 141 -36.56 1.11 -27.65
CA GLY G 141 -37.94 1.42 -28.05
C GLY G 141 -38.08 2.87 -28.40
N HIS G 142 -39.29 3.25 -28.80
CA HIS G 142 -39.63 4.65 -29.16
C HIS G 142 -39.80 5.45 -27.87
N SER G 143 -39.20 6.62 -27.73
CA SER G 143 -39.45 7.60 -26.64
C SER G 143 -40.93 7.96 -26.62
N ALA G 144 -41.55 8.09 -27.78
CA ALA G 144 -42.97 8.51 -27.92
C ALA G 144 -43.93 7.46 -27.36
N LEU G 145 -43.51 6.21 -27.18
CA LEU G 145 -44.32 5.17 -26.49
C LEU G 145 -43.79 4.95 -25.08
N ASP G 146 -42.54 4.53 -24.93
CA ASP G 146 -41.98 4.04 -23.65
C ASP G 146 -41.93 5.19 -22.62
N ASP G 147 -41.47 6.39 -22.98
CA ASP G 147 -41.34 7.53 -22.03
C ASP G 147 -42.76 8.01 -21.64
N ALA G 148 -43.64 8.19 -22.61
CA ALA G 148 -45.04 8.62 -22.39
C ALA G 148 -45.74 7.58 -21.50
N ASN G 149 -45.53 6.29 -21.75
CA ASN G 149 -46.28 5.22 -21.06
C ASN G 149 -45.77 5.07 -19.63
N PHE G 150 -44.49 5.24 -19.38
CA PHE G 150 -43.91 5.14 -18.02
C PHE G 150 -44.48 6.26 -17.13
N ALA G 151 -44.50 7.50 -17.65
CA ALA G 151 -45.14 8.66 -16.99
C ALA G 151 -46.64 8.38 -16.73
N ALA G 152 -47.36 7.86 -17.72
CA ALA G 152 -48.81 7.53 -17.58
C ALA G 152 -49.04 6.49 -16.46
N VAL G 153 -48.19 5.48 -16.36
CA VAL G 153 -48.28 4.41 -15.32
C VAL G 153 -48.09 5.06 -13.93
N LEU G 154 -47.07 5.89 -13.77
CA LEU G 154 -46.73 6.61 -12.52
C LEU G 154 -47.92 7.46 -12.11
N THR G 155 -48.51 8.18 -13.05
CA THR G 155 -49.66 9.07 -12.83
C THR G 155 -50.86 8.24 -12.34
N ALA G 156 -51.20 7.16 -13.05
CA ALA G 156 -52.35 6.28 -12.73
C ALA G 156 -52.17 5.64 -11.35
N LEU G 157 -50.95 5.25 -10.98
CA LEU G 157 -50.67 4.67 -9.65
C LEU G 157 -50.96 5.71 -8.55
N LYS G 158 -50.48 6.93 -8.74
CA LYS G 158 -50.65 8.04 -7.77
C LYS G 158 -52.15 8.39 -7.65
N GLU G 159 -52.88 8.50 -8.77
CA GLU G 159 -54.34 8.81 -8.79
C GLU G 159 -55.14 7.76 -8.04
N ALA G 160 -54.76 6.50 -8.10
CA ALA G 160 -55.51 5.37 -7.50
C ALA G 160 -54.99 5.08 -6.09
N ASN G 161 -53.99 5.82 -5.62
CA ASN G 161 -53.41 5.59 -4.28
C ASN G 161 -52.90 4.14 -4.16
N ALA G 162 -52.39 3.57 -5.24
CA ALA G 162 -51.83 2.19 -5.25
C ALA G 162 -50.44 2.20 -4.61
N PRO G 163 -50.09 1.17 -3.81
CA PRO G 163 -48.78 1.10 -3.19
C PRO G 163 -47.72 0.79 -4.27
N HIS G 164 -46.70 1.64 -4.39
CA HIS G 164 -45.70 1.59 -5.48
C HIS G 164 -44.52 2.44 -5.06
N GLU G 165 -43.38 2.26 -5.70
CA GLU G 165 -42.14 3.05 -5.46
C GLU G 165 -41.32 3.03 -6.75
N GLU G 166 -40.87 4.19 -7.21
CA GLU G 166 -39.73 4.27 -8.16
C GLU G 166 -38.49 3.83 -7.37
N ILE G 167 -37.76 2.83 -7.86
CA ILE G 167 -36.58 2.24 -7.16
C ILE G 167 -35.33 2.36 -8.04
N ALA G 168 -34.18 2.25 -7.42
CA ALA G 168 -32.88 2.14 -8.11
C ALA G 168 -32.90 0.84 -8.90
N VAL G 169 -32.43 0.89 -10.15
CA VAL G 169 -32.30 -0.32 -11.02
C VAL G 169 -31.38 -1.33 -10.34
N GLU G 170 -30.35 -0.85 -9.63
CA GLU G 170 -29.36 -1.66 -8.87
C GLU G 170 -30.08 -2.57 -7.87
N SER G 171 -31.23 -2.15 -7.36
CA SER G 171 -32.00 -2.90 -6.34
C SER G 171 -32.97 -3.92 -6.99
N VAL G 172 -33.08 -3.99 -8.31
CA VAL G 172 -33.96 -5.00 -8.97
C VAL G 172 -33.22 -6.34 -8.91
N ASP G 173 -33.81 -7.35 -8.28
CA ASP G 173 -33.11 -8.65 -8.09
C ASP G 173 -33.13 -9.37 -9.43
N TRP G 174 -32.06 -10.12 -9.68
CA TRP G 174 -32.00 -11.24 -10.66
C TRP G 174 -31.59 -10.72 -12.04
N ILE G 175 -32.21 -9.65 -12.57
CA ILE G 175 -31.93 -9.19 -13.97
C ILE G 175 -30.41 -9.07 -14.20
N ASP G 176 -29.99 -9.39 -15.43
CA ASP G 176 -28.57 -9.27 -15.86
C ASP G 176 -28.58 -8.87 -17.33
N PRO G 177 -29.05 -7.66 -17.65
CA PRO G 177 -29.17 -7.24 -19.04
C PRO G 177 -27.81 -6.94 -19.67
N ASP G 178 -27.78 -6.97 -21.00
CA ASP G 178 -26.75 -6.30 -21.82
C ASP G 178 -26.70 -4.83 -21.38
N PRO G 179 -25.55 -4.30 -20.92
CA PRO G 179 -25.44 -2.87 -20.60
C PRO G 179 -26.05 -1.91 -21.64
N ASN G 180 -25.89 -2.19 -22.93
CA ASN G 180 -26.45 -1.30 -23.99
C ASN G 180 -27.97 -1.44 -24.03
N SER G 181 -28.57 -2.45 -23.41
CA SER G 181 -30.04 -2.65 -23.40
C SER G 181 -30.63 -2.48 -21.99
N ARG G 182 -29.86 -1.97 -21.04
CA ARG G 182 -30.24 -2.03 -19.60
C ARG G 182 -31.29 -0.97 -19.29
N PRO G 183 -32.09 -1.19 -18.22
CA PRO G 183 -33.01 -0.16 -17.76
C PRO G 183 -32.24 0.89 -16.94
N LEU G 184 -32.69 2.14 -17.00
CA LEU G 184 -32.14 3.25 -16.15
C LEU G 184 -33.21 3.70 -15.15
N ARG G 185 -34.46 3.29 -15.32
CA ARG G 185 -35.53 3.54 -14.32
C ARG G 185 -36.32 2.25 -14.11
N ALA G 186 -36.82 2.09 -12.89
CA ALA G 186 -37.59 0.93 -12.44
C ALA G 186 -38.66 1.38 -11.46
N LEU G 187 -39.78 0.69 -11.50
CA LEU G 187 -41.04 1.01 -10.81
C LEU G 187 -41.58 -0.29 -10.20
N HIS G 188 -41.56 -0.39 -8.86
CA HIS G 188 -42.08 -1.55 -8.09
C HIS G 188 -43.56 -1.29 -7.80
N ILE G 189 -44.44 -2.20 -8.24
CA ILE G 189 -45.90 -2.13 -7.99
C ILE G 189 -46.27 -3.28 -7.08
N GLU G 190 -46.72 -2.99 -5.84
CA GLU G 190 -47.15 -4.00 -4.85
C GLU G 190 -48.54 -4.51 -5.21
N GLY G 191 -48.79 -5.81 -5.11
CA GLY G 191 -50.13 -6.39 -5.25
C GLY G 191 -50.60 -6.42 -6.69
N GLU G 192 -49.68 -6.24 -7.65
CA GLU G 192 -49.90 -6.53 -9.09
C GLU G 192 -48.94 -7.67 -9.44
N GLY G 193 -49.49 -8.87 -9.60
CA GLY G 193 -48.67 -10.08 -9.73
C GLY G 193 -49.02 -10.90 -10.96
N SER G 194 -48.89 -12.19 -10.82
CA SER G 194 -49.05 -13.15 -11.92
C SER G 194 -49.57 -14.47 -11.40
N VAL G 195 -50.14 -15.26 -12.30
CA VAL G 195 -50.66 -16.63 -12.05
C VAL G 195 -50.04 -17.57 -13.06
N ASP G 196 -49.93 -18.85 -12.72
CA ASP G 196 -49.70 -19.95 -13.68
C ASP G 196 -51.04 -20.24 -14.34
N SER G 197 -51.20 -19.90 -15.61
CA SER G 197 -52.52 -20.00 -16.30
C SER G 197 -52.96 -21.46 -16.32
N GLY G 198 -52.02 -22.40 -16.35
CA GLY G 198 -52.32 -23.85 -16.42
C GLY G 198 -52.89 -24.36 -15.10
N ILE G 199 -52.30 -23.94 -13.99
CA ILE G 199 -52.78 -24.30 -12.63
C ILE G 199 -54.12 -23.57 -12.37
N LEU G 200 -54.31 -22.36 -12.90
CA LEU G 200 -55.61 -21.64 -12.78
C LEU G 200 -56.70 -22.45 -13.51
N LEU G 201 -56.44 -22.91 -14.74
CA LEU G 201 -57.44 -23.73 -15.51
C LEU G 201 -57.79 -25.00 -14.72
N ALA G 202 -56.81 -25.72 -14.19
CA ALA G 202 -57.00 -26.96 -13.41
C ALA G 202 -57.86 -26.64 -12.17
N ALA G 203 -57.57 -25.53 -11.48
CA ALA G 203 -58.30 -25.12 -10.25
C ALA G 203 -59.72 -24.69 -10.60
N LEU G 204 -59.93 -24.08 -11.77
CA LEU G 204 -61.27 -23.66 -12.24
C LEU G 204 -62.12 -24.90 -12.54
N GLU G 205 -61.59 -25.85 -13.31
CA GLU G 205 -62.29 -27.12 -13.63
C GLU G 205 -62.67 -27.82 -12.33
N ARG G 206 -61.71 -27.99 -11.42
CA ARG G 206 -61.89 -28.67 -10.11
C ARG G 206 -63.00 -27.94 -9.34
N SER G 207 -62.96 -26.61 -9.28
CA SER G 207 -63.94 -25.82 -8.49
C SER G 207 -65.32 -25.88 -9.16
N PHE G 208 -65.35 -26.00 -10.47
CA PHE G 208 -66.61 -26.12 -11.26
C PHE G 208 -67.30 -27.46 -10.91
N LEU G 209 -66.55 -28.56 -10.98
CA LEU G 209 -67.05 -29.92 -10.64
C LEU G 209 -67.54 -29.91 -9.18
N GLN G 210 -66.75 -29.34 -8.26
CA GLN G 210 -67.03 -29.30 -6.81
C GLN G 210 -68.36 -28.58 -6.54
N ALA G 211 -68.78 -27.64 -7.39
CA ALA G 211 -70.00 -26.84 -7.16
C ALA G 211 -71.18 -27.41 -7.98
N GLY G 212 -71.00 -28.56 -8.63
CA GLY G 212 -72.09 -29.29 -9.30
C GLY G 212 -72.09 -29.11 -10.82
N GLY G 213 -71.06 -28.50 -11.40
CA GLY G 213 -71.01 -28.24 -12.84
C GLY G 213 -70.76 -29.52 -13.62
N ARG G 214 -71.18 -29.55 -14.89
CA ARG G 214 -71.02 -30.71 -15.80
C ARG G 214 -70.19 -30.27 -17.01
N LEU G 215 -69.10 -30.98 -17.27
CA LEU G 215 -68.22 -30.75 -18.44
C LEU G 215 -68.66 -31.69 -19.56
N HIS G 216 -69.19 -31.16 -20.66
CA HIS G 216 -69.52 -31.93 -21.89
C HIS G 216 -68.49 -31.57 -22.97
N PRO G 217 -67.47 -32.43 -23.21
CA PRO G 217 -66.33 -32.07 -24.05
C PRO G 217 -66.62 -32.14 -25.55
N VAL G 218 -67.52 -31.29 -26.03
CA VAL G 218 -67.84 -31.09 -27.48
C VAL G 218 -67.96 -29.58 -27.73
N ASP G 219 -67.94 -29.18 -29.00
CA ASP G 219 -68.06 -27.77 -29.42
C ASP G 219 -69.53 -27.48 -29.79
N ALA G 220 -70.01 -26.28 -29.47
CA ALA G 220 -71.29 -25.74 -29.99
C ALA G 220 -71.07 -25.35 -31.46
N THR G 221 -72.02 -25.67 -32.35
CA THR G 221 -72.00 -25.24 -33.77
C THR G 221 -73.02 -24.12 -34.00
N GLU G 222 -74.08 -24.05 -33.19
CA GLU G 222 -75.24 -23.16 -33.45
C GLU G 222 -75.97 -22.88 -32.14
N ILE G 223 -76.40 -21.64 -31.93
CA ILE G 223 -77.35 -21.24 -30.86
C ILE G 223 -78.75 -21.24 -31.48
N ARG G 224 -79.73 -21.87 -30.83
CA ARG G 224 -81.13 -21.88 -31.32
C ARG G 224 -81.97 -20.93 -30.47
N ALA G 225 -82.72 -20.06 -31.14
CA ALA G 225 -83.63 -19.07 -30.54
C ALA G 225 -84.82 -18.83 -31.48
N SER G 226 -85.98 -18.52 -30.91
CA SER G 226 -87.21 -18.16 -31.65
C SER G 226 -88.12 -17.33 -30.74
N HIS G 227 -88.90 -16.44 -31.34
CA HIS G 227 -89.78 -15.49 -30.61
C HIS G 227 -88.95 -14.74 -29.57
N GLY G 228 -87.70 -14.39 -29.93
CA GLY G 228 -86.76 -13.55 -29.12
C GLY G 228 -86.29 -14.22 -27.83
N ARG G 229 -86.19 -15.55 -27.79
CA ARG G 229 -85.79 -16.31 -26.59
C ARG G 229 -84.85 -17.46 -26.98
N VAL G 230 -83.80 -17.72 -26.18
CA VAL G 230 -82.88 -18.89 -26.40
C VAL G 230 -83.61 -20.18 -26.04
N GLU G 231 -83.46 -21.21 -26.87
CA GLU G 231 -83.98 -22.58 -26.66
C GLU G 231 -82.85 -23.52 -26.21
N GLY G 232 -81.65 -23.34 -26.78
CA GLY G 232 -80.49 -24.16 -26.43
C GLY G 232 -79.40 -24.10 -27.50
N VAL G 233 -78.63 -25.18 -27.64
CA VAL G 233 -77.35 -25.23 -28.40
C VAL G 233 -77.25 -26.57 -29.13
N VAL G 234 -77.06 -26.53 -30.45
CA VAL G 234 -76.63 -27.71 -31.26
C VAL G 234 -75.13 -27.91 -31.08
N THR G 235 -74.69 -29.13 -30.79
CA THR G 235 -73.27 -29.53 -30.66
C THR G 235 -72.76 -30.13 -31.97
N ASP G 236 -71.45 -30.32 -32.10
CA ASP G 236 -70.76 -30.75 -33.35
C ASP G 236 -70.85 -32.27 -33.52
N ASP G 237 -71.47 -32.98 -32.57
CA ASP G 237 -71.84 -34.42 -32.72
C ASP G 237 -73.28 -34.56 -33.23
N GLY G 238 -73.98 -33.45 -33.54
CA GLY G 238 -75.37 -33.46 -34.05
C GLY G 238 -76.43 -33.33 -32.96
N ASP G 239 -76.06 -33.52 -31.68
CA ASP G 239 -76.99 -33.51 -30.52
C ASP G 239 -77.57 -32.09 -30.34
N PHE G 240 -78.65 -31.95 -29.55
CA PHE G 240 -79.25 -30.65 -29.17
C PHE G 240 -79.39 -30.61 -27.64
N LEU G 241 -78.88 -29.55 -27.01
CA LEU G 241 -78.97 -29.36 -25.54
C LEU G 241 -79.92 -28.21 -25.27
N PRO G 242 -81.03 -28.44 -24.54
CA PRO G 242 -81.98 -27.37 -24.24
C PRO G 242 -81.48 -26.51 -23.07
N ALA G 243 -81.80 -25.22 -23.06
CA ALA G 243 -81.54 -24.31 -21.93
C ALA G 243 -82.29 -22.98 -22.09
N GLY G 244 -82.58 -22.31 -20.98
CA GLY G 244 -83.16 -20.96 -20.92
C GLY G 244 -82.10 -19.89 -20.75
N HIS G 245 -80.83 -20.28 -20.59
CA HIS G 245 -79.68 -19.35 -20.47
C HIS G 245 -78.47 -19.95 -21.23
N VAL G 246 -77.94 -19.18 -22.18
CA VAL G 246 -76.67 -19.52 -22.91
C VAL G 246 -75.69 -18.34 -22.74
N VAL G 247 -74.51 -18.64 -22.16
CA VAL G 247 -73.39 -17.66 -22.03
C VAL G 247 -72.30 -18.05 -23.03
N VAL G 248 -72.05 -17.17 -24.00
CA VAL G 248 -71.02 -17.40 -25.05
C VAL G 248 -69.72 -16.75 -24.57
N ALA G 249 -68.71 -17.59 -24.27
CA ALA G 249 -67.32 -17.22 -23.91
C ALA G 249 -66.37 -18.14 -24.69
N ALA G 250 -66.53 -18.11 -26.02
CA ALA G 250 -65.81 -18.95 -26.99
C ALA G 250 -64.63 -18.16 -27.61
N GLY G 251 -64.09 -17.21 -26.86
CA GLY G 251 -63.01 -16.32 -27.36
C GLY G 251 -63.33 -15.75 -28.72
N ALA G 252 -62.40 -15.85 -29.67
CA ALA G 252 -62.48 -15.16 -30.98
C ALA G 252 -63.61 -15.75 -31.84
N ARG G 253 -64.23 -16.87 -31.44
CA ARG G 253 -65.34 -17.48 -32.25
C ARG G 253 -66.71 -16.99 -31.73
N SER G 254 -66.73 -16.20 -30.65
CA SER G 254 -67.96 -15.76 -29.94
C SER G 254 -68.90 -14.95 -30.87
N GLN G 255 -68.40 -13.98 -31.64
CA GLN G 255 -69.23 -13.15 -32.54
C GLN G 255 -69.81 -14.02 -33.66
N ARG G 256 -68.96 -14.82 -34.34
CA ARG G 256 -69.38 -15.65 -35.50
C ARG G 256 -70.59 -16.51 -35.08
N LEU G 257 -70.67 -16.87 -33.81
CA LEU G 257 -71.68 -17.82 -33.26
C LEU G 257 -73.01 -17.09 -33.02
N VAL G 258 -72.98 -15.90 -32.43
CA VAL G 258 -74.19 -15.10 -32.10
C VAL G 258 -74.69 -14.36 -33.35
N ALA G 259 -73.81 -13.96 -34.26
CA ALA G 259 -74.13 -13.12 -35.44
C ALA G 259 -74.99 -13.88 -36.47
N ALA G 260 -75.04 -15.21 -36.38
CA ALA G 260 -75.83 -16.10 -37.26
C ALA G 260 -77.33 -15.94 -36.96
N LEU G 261 -77.69 -15.49 -35.76
CA LEU G 261 -79.09 -15.27 -35.31
C LEU G 261 -79.70 -14.09 -36.05
N PRO G 262 -81.04 -14.05 -36.26
CA PRO G 262 -81.66 -13.09 -37.18
C PRO G 262 -81.39 -11.60 -36.88
N GLY G 263 -80.88 -10.88 -37.88
CA GLY G 263 -80.68 -9.41 -37.83
C GLY G 263 -79.55 -8.97 -36.94
N LEU G 264 -78.71 -9.90 -36.44
CA LEU G 264 -77.61 -9.60 -35.47
C LEU G 264 -76.26 -9.43 -36.19
N ALA G 265 -76.18 -9.71 -37.49
CA ALA G 265 -74.91 -9.80 -38.26
C ALA G 265 -74.10 -8.49 -38.11
N HIS G 266 -74.80 -7.36 -38.00
CA HIS G 266 -74.25 -5.99 -38.01
C HIS G 266 -74.60 -5.26 -36.72
N ARG G 267 -74.99 -6.00 -35.68
CA ARG G 267 -75.37 -5.44 -34.36
C ARG G 267 -74.35 -5.86 -33.28
N ILE G 268 -73.67 -7.00 -33.48
CA ILE G 268 -72.53 -7.49 -32.64
C ILE G 268 -71.23 -7.14 -33.36
N PRO G 269 -70.37 -6.27 -32.78
CA PRO G 269 -69.07 -5.97 -33.38
C PRO G 269 -68.21 -7.22 -33.62
N ARG G 270 -67.68 -7.34 -34.83
CA ARG G 270 -66.71 -8.39 -35.25
C ARG G 270 -65.59 -8.50 -34.21
N ILE G 271 -65.12 -9.73 -34.02
CA ILE G 271 -63.91 -10.09 -33.25
C ILE G 271 -62.92 -10.77 -34.20
N TYR G 272 -61.66 -10.32 -34.26
CA TYR G 272 -60.57 -10.96 -35.03
C TYR G 272 -59.65 -11.74 -34.08
N ASP G 273 -58.64 -12.44 -34.62
CA ASP G 273 -57.64 -13.20 -33.83
C ASP G 273 -56.38 -12.36 -33.55
N GLY G 274 -56.19 -11.98 -32.28
CA GLY G 274 -54.93 -11.38 -31.78
C GLY G 274 -53.91 -12.48 -31.49
N VAL G 275 -53.19 -12.93 -32.51
CA VAL G 275 -52.21 -14.05 -32.39
C VAL G 275 -51.04 -13.60 -31.51
N GLY G 276 -50.87 -14.25 -30.38
CA GLY G 276 -49.81 -13.96 -29.40
C GLY G 276 -48.86 -15.14 -29.24
N VAL G 277 -47.56 -14.86 -29.22
CA VAL G 277 -46.52 -15.88 -29.03
C VAL G 277 -45.84 -15.63 -27.68
N SER G 278 -45.61 -16.71 -26.94
CA SER G 278 -44.86 -16.71 -25.69
C SER G 278 -44.02 -17.99 -25.65
N ALA G 279 -43.22 -18.17 -24.61
CA ALA G 279 -42.31 -19.33 -24.50
C ALA G 279 -42.09 -19.68 -23.04
N LEU G 280 -41.90 -20.96 -22.79
CA LEU G 280 -41.46 -21.52 -21.48
C LEU G 280 -40.00 -21.88 -21.64
N VAL G 281 -39.18 -21.43 -20.71
CA VAL G 281 -37.71 -21.60 -20.74
C VAL G 281 -37.30 -22.19 -19.39
N ASP G 282 -36.47 -23.24 -19.40
CA ASP G 282 -35.81 -23.73 -18.17
C ASP G 282 -34.50 -22.95 -18.02
N THR G 283 -34.39 -22.18 -16.94
CA THR G 283 -33.23 -21.29 -16.71
C THR G 283 -31.99 -22.15 -16.48
N TRP G 284 -30.84 -21.67 -16.99
CA TRP G 284 -29.49 -22.27 -16.88
C TRP G 284 -29.25 -22.83 -15.47
N ASP G 285 -29.69 -22.15 -14.42
CA ASP G 285 -29.33 -22.52 -13.01
C ASP G 285 -30.58 -22.83 -12.17
N GLY G 286 -31.76 -22.93 -12.77
CA GLY G 286 -33.01 -23.23 -12.04
C GLY G 286 -33.59 -22.03 -11.33
N SER G 287 -32.96 -20.86 -11.41
CA SER G 287 -33.41 -19.64 -10.68
C SER G 287 -34.50 -18.92 -11.49
N GLY G 288 -35.11 -17.92 -10.88
CA GLY G 288 -36.12 -17.06 -11.51
C GLY G 288 -36.31 -15.79 -10.68
N PRO G 289 -36.93 -14.74 -11.24
CA PRO G 289 -37.15 -13.52 -10.46
C PRO G 289 -38.29 -13.73 -9.46
N ALA G 290 -38.27 -12.96 -8.38
CA ALA G 290 -39.31 -12.98 -7.33
C ALA G 290 -40.52 -12.15 -7.77
N THR G 291 -40.34 -11.21 -8.69
CA THR G 291 -41.47 -10.39 -9.21
C THR G 291 -41.68 -10.67 -10.69
N VAL G 292 -42.82 -10.28 -11.23
CA VAL G 292 -42.98 -10.05 -12.68
C VAL G 292 -41.98 -8.97 -13.06
N LEU G 293 -41.36 -9.08 -14.23
CA LEU G 293 -40.51 -8.05 -14.86
C LEU G 293 -41.17 -7.72 -16.19
N ARG G 294 -41.45 -6.45 -16.45
CA ARG G 294 -42.10 -6.05 -17.71
C ARG G 294 -41.68 -4.63 -18.10
N THR G 295 -41.86 -4.35 -19.38
CA THR G 295 -41.91 -2.99 -19.95
C THR G 295 -43.37 -2.57 -19.99
N SER G 296 -43.63 -1.31 -20.27
CA SER G 296 -44.96 -0.84 -20.69
C SER G 296 -45.30 -1.50 -22.03
N ASN G 297 -46.57 -1.46 -22.43
CA ASN G 297 -47.00 -1.92 -23.79
C ASN G 297 -46.25 -1.15 -24.85
N ARG G 298 -45.88 -1.86 -25.91
CA ARG G 298 -45.01 -1.39 -27.01
C ARG G 298 -45.76 -1.56 -28.34
N ALA G 299 -45.05 -1.55 -29.46
CA ALA G 299 -45.66 -1.42 -30.80
C ALA G 299 -46.78 -2.46 -30.97
N PHE G 300 -47.98 -1.98 -31.31
CA PHE G 300 -49.17 -2.79 -31.66
C PHE G 300 -49.46 -3.81 -30.56
N ALA G 301 -49.35 -3.35 -29.31
CA ALA G 301 -49.72 -4.11 -28.10
C ALA G 301 -48.76 -5.29 -27.88
N CYS G 302 -47.66 -5.41 -28.62
CA CYS G 302 -46.53 -6.27 -28.22
C CYS G 302 -46.06 -5.77 -26.84
N GLY G 303 -45.40 -6.61 -26.08
CA GLY G 303 -44.83 -6.22 -24.78
C GLY G 303 -43.73 -7.18 -24.44
N LEU G 304 -42.80 -6.77 -23.60
CA LEU G 304 -41.79 -7.70 -23.07
C LEU G 304 -42.10 -7.97 -21.61
N HIS G 305 -42.24 -9.23 -21.24
CA HIS G 305 -42.35 -9.61 -19.82
C HIS G 305 -41.84 -11.01 -19.54
N LEU G 306 -41.47 -11.18 -18.30
CA LEU G 306 -41.04 -12.44 -17.68
C LEU G 306 -41.96 -12.68 -16.48
N VAL G 307 -42.70 -13.78 -16.50
CA VAL G 307 -43.57 -14.21 -15.38
C VAL G 307 -42.89 -15.40 -14.71
N PRO G 308 -42.63 -15.35 -13.39
CA PRO G 308 -42.06 -16.50 -12.69
C PRO G 308 -43.02 -17.71 -12.72
N ARG G 309 -42.47 -18.91 -12.67
CA ARG G 309 -43.14 -20.22 -12.60
C ARG G 309 -42.37 -21.07 -11.59
N ALA G 310 -42.99 -22.11 -11.05
CA ALA G 310 -42.35 -23.12 -10.17
C ALA G 310 -41.46 -24.06 -11.03
N GLY G 311 -40.46 -24.67 -10.39
CA GLY G 311 -39.68 -25.80 -10.94
C GLY G 311 -38.62 -25.38 -11.95
N GLY G 312 -38.00 -24.20 -11.75
CA GLY G 312 -36.88 -23.74 -12.59
C GLY G 312 -37.31 -23.31 -13.99
N SER G 313 -38.58 -22.97 -14.16
CA SER G 313 -39.15 -22.48 -15.44
C SER G 313 -39.45 -20.97 -15.32
N VAL G 314 -39.39 -20.24 -16.42
CA VAL G 314 -39.94 -18.87 -16.56
C VAL G 314 -40.77 -18.82 -17.82
N TYR G 315 -41.82 -18.00 -17.80
CA TYR G 315 -42.63 -17.65 -18.99
C TYR G 315 -42.09 -16.33 -19.54
N ILE G 316 -41.86 -16.25 -20.85
CA ILE G 316 -41.51 -14.98 -21.52
C ILE G 316 -42.56 -14.74 -22.60
N GLY G 317 -43.04 -13.51 -22.68
CA GLY G 317 -43.93 -13.06 -23.74
C GLY G 317 -43.67 -11.58 -24.02
N ALA G 318 -44.44 -11.01 -24.93
CA ALA G 318 -45.46 -11.68 -25.71
C ALA G 318 -45.67 -10.84 -26.96
N THR G 319 -45.56 -11.45 -28.13
CA THR G 319 -45.87 -10.75 -29.39
C THR G 319 -47.40 -10.65 -29.49
N ASN G 320 -47.85 -9.74 -30.31
CA ASN G 320 -49.27 -9.61 -30.67
C ASN G 320 -49.35 -9.24 -32.15
N ALA G 321 -50.25 -9.87 -32.89
CA ALA G 321 -50.56 -9.48 -34.26
C ALA G 321 -52.04 -9.79 -34.48
N VAL G 322 -52.81 -8.81 -34.86
CA VAL G 322 -54.19 -9.02 -35.34
C VAL G 322 -54.06 -9.66 -36.73
N CYS G 323 -54.68 -10.81 -36.90
CA CYS G 323 -54.77 -11.56 -38.17
C CYS G 323 -56.24 -11.64 -38.56
N LEU G 324 -56.50 -11.47 -39.86
CA LEU G 324 -57.87 -11.45 -40.42
C LEU G 324 -58.36 -12.90 -40.57
N GLU G 325 -57.44 -13.88 -40.59
CA GLU G 325 -57.75 -15.33 -40.51
C GLU G 325 -57.01 -15.91 -39.30
N PRO G 326 -57.53 -16.95 -38.61
CA PRO G 326 -56.84 -17.53 -37.47
C PRO G 326 -55.50 -18.19 -37.90
N ARG G 327 -54.56 -18.28 -36.96
CA ARG G 327 -53.21 -18.85 -37.18
C ARG G 327 -52.83 -19.62 -35.91
N GLY G 328 -52.34 -20.85 -36.07
CA GLY G 328 -52.08 -21.78 -34.97
C GLY G 328 -50.62 -21.94 -34.66
N ALA G 329 -49.75 -21.26 -35.41
CA ALA G 329 -48.28 -21.41 -35.27
C ALA G 329 -47.58 -20.05 -35.21
N ALA G 330 -46.54 -19.96 -34.40
CA ALA G 330 -45.62 -18.81 -34.32
C ALA G 330 -44.91 -18.66 -35.67
N SER G 331 -44.68 -17.44 -36.10
CA SER G 331 -43.74 -17.10 -37.19
C SER G 331 -42.30 -17.08 -36.62
N ILE G 332 -41.33 -17.25 -37.50
CA ILE G 332 -39.88 -17.14 -37.21
C ILE G 332 -39.65 -15.77 -36.55
N GLU G 333 -40.16 -14.71 -37.18
CA GLU G 333 -39.93 -13.30 -36.75
C GLU G 333 -40.38 -13.12 -35.29
N GLU G 334 -41.56 -13.64 -34.94
CA GLU G 334 -42.14 -13.53 -33.59
C GLU G 334 -41.19 -14.18 -32.57
N THR G 335 -40.70 -15.39 -32.84
CA THR G 335 -39.85 -16.14 -31.88
C THR G 335 -38.51 -15.42 -31.76
N VAL G 336 -37.94 -14.95 -32.86
CA VAL G 336 -36.61 -14.27 -32.84
C VAL G 336 -36.74 -12.98 -32.02
N PHE G 337 -37.79 -12.19 -32.27
CA PHE G 337 -38.00 -10.89 -31.60
C PHE G 337 -38.20 -11.14 -30.10
N LEU G 338 -39.06 -12.07 -29.72
CA LEU G 338 -39.31 -12.41 -28.30
C LEU G 338 -38.00 -12.77 -27.60
N PHE G 339 -37.24 -13.71 -28.15
CA PHE G 339 -35.99 -14.25 -27.52
C PHE G 339 -34.92 -13.17 -27.46
N ASN G 340 -34.79 -12.39 -28.52
CA ASN G 340 -33.77 -11.32 -28.61
C ASN G 340 -34.02 -10.26 -27.53
N CYS G 341 -35.27 -9.85 -27.34
CA CYS G 341 -35.64 -8.86 -26.31
C CYS G 341 -35.36 -9.40 -24.91
N ALA G 342 -35.75 -10.62 -24.61
CA ALA G 342 -35.62 -11.20 -23.26
C ALA G 342 -34.15 -11.35 -22.89
N THR G 343 -33.33 -11.85 -23.81
CA THR G 343 -31.89 -12.13 -23.51
C THR G 343 -31.13 -10.82 -23.34
N HIS G 344 -31.51 -9.75 -24.05
CA HIS G 344 -30.76 -8.46 -23.98
C HIS G 344 -31.30 -7.60 -22.83
N GLN G 345 -32.62 -7.51 -22.68
CA GLN G 345 -33.27 -6.49 -21.81
C GLN G 345 -33.51 -7.01 -20.40
N LEU G 346 -33.61 -8.33 -20.21
CA LEU G 346 -33.94 -8.96 -18.90
C LEU G 346 -32.76 -9.74 -18.34
N HIS G 347 -32.28 -10.78 -19.03
CA HIS G 347 -31.21 -11.66 -18.49
C HIS G 347 -30.44 -12.35 -19.61
N ARG G 348 -29.15 -12.07 -19.72
CA ARG G 348 -28.25 -12.72 -20.69
C ARG G 348 -28.15 -14.23 -20.46
N GLY G 349 -28.37 -14.69 -19.23
CA GLY G 349 -28.39 -16.11 -18.87
C GLY G 349 -29.43 -16.87 -19.67
N LEU G 350 -30.50 -16.20 -20.12
CA LEU G 350 -31.57 -16.88 -20.90
C LEU G 350 -30.99 -17.36 -22.24
N ASN G 351 -29.89 -16.78 -22.70
CA ASN G 351 -29.27 -17.14 -24.00
C ASN G 351 -28.89 -18.63 -23.99
N GLY G 352 -28.29 -19.09 -22.91
CA GLY G 352 -27.84 -20.49 -22.73
C GLY G 352 -28.90 -21.37 -22.07
N SER G 353 -30.11 -20.87 -21.88
CA SER G 353 -31.19 -21.62 -21.20
C SER G 353 -31.94 -22.48 -22.23
N GLU G 354 -32.60 -23.52 -21.77
CA GLU G 354 -33.26 -24.50 -22.66
C GLU G 354 -34.68 -24.03 -22.98
N LEU G 355 -34.99 -23.95 -24.27
CA LEU G 355 -36.37 -23.73 -24.78
C LEU G 355 -37.19 -24.98 -24.52
N ARG G 356 -38.21 -24.91 -23.67
CA ARG G 356 -39.11 -26.06 -23.43
C ARG G 356 -40.31 -25.98 -24.38
N LYS G 357 -40.86 -24.80 -24.69
CA LYS G 357 -42.10 -24.70 -25.49
C LYS G 357 -42.28 -23.28 -26.02
N VAL G 358 -42.65 -23.18 -27.30
CA VAL G 358 -43.19 -21.95 -27.95
C VAL G 358 -44.70 -22.08 -27.95
N GLN G 359 -45.41 -21.14 -27.32
CA GLN G 359 -46.88 -21.17 -27.17
C GLN G 359 -47.50 -20.13 -28.09
N VAL G 360 -48.62 -20.48 -28.72
CA VAL G 360 -49.43 -19.55 -29.57
C VAL G 360 -50.87 -19.58 -29.09
N GLY G 361 -51.47 -18.40 -28.89
CA GLY G 361 -52.91 -18.25 -28.57
C GLY G 361 -53.55 -17.08 -29.34
N SER G 362 -54.88 -17.07 -29.45
CA SER G 362 -55.66 -15.98 -30.09
C SER G 362 -56.32 -15.12 -29.01
N ALA G 363 -55.75 -13.96 -28.74
CA ALA G 363 -56.45 -12.87 -28.03
C ALA G 363 -57.66 -12.47 -28.88
N PRO G 364 -58.91 -12.58 -28.38
CA PRO G 364 -60.07 -12.09 -29.11
C PRO G 364 -59.99 -10.56 -29.29
N ALA G 365 -59.80 -10.10 -30.53
CA ALA G 365 -59.50 -8.69 -30.89
C ALA G 365 -60.76 -8.02 -31.47
N PRO G 366 -61.53 -7.28 -30.65
CA PRO G 366 -62.77 -6.66 -31.11
C PRO G 366 -62.48 -5.50 -32.08
N ILE G 367 -63.22 -5.40 -33.18
CA ILE G 367 -62.96 -4.39 -34.25
C ILE G 367 -63.00 -2.95 -33.71
N ASP G 368 -63.70 -2.67 -32.61
CA ASP G 368 -63.78 -1.28 -32.06
C ASP G 368 -62.90 -1.15 -30.82
N GLY G 369 -62.17 -2.20 -30.44
CA GLY G 369 -61.12 -2.11 -29.40
C GLY G 369 -61.69 -2.27 -28.00
N PHE G 370 -62.95 -2.69 -27.86
CA PHE G 370 -63.57 -2.81 -26.52
C PHE G 370 -64.30 -4.13 -26.39
N PRO G 371 -64.34 -4.68 -25.16
CA PRO G 371 -64.92 -6.00 -24.92
C PRO G 371 -66.42 -6.05 -25.23
N LEU G 372 -66.96 -7.25 -25.37
CA LEU G 372 -68.39 -7.57 -25.55
C LEU G 372 -68.85 -8.34 -24.30
N ILE G 373 -69.49 -7.63 -23.37
CA ILE G 373 -69.89 -8.15 -22.03
C ILE G 373 -71.35 -7.80 -21.77
N GLY G 374 -72.19 -8.82 -21.66
CA GLY G 374 -73.54 -8.66 -21.11
C GLY G 374 -74.61 -9.23 -22.00
N GLY G 375 -75.80 -8.60 -21.92
CA GLY G 375 -77.04 -9.07 -22.55
C GLY G 375 -77.16 -8.71 -23.98
N THR G 376 -77.95 -9.51 -24.70
CA THR G 376 -78.38 -9.29 -26.10
C THR G 376 -79.87 -8.91 -26.09
N SER G 377 -80.42 -8.59 -27.27
CA SER G 377 -81.86 -8.38 -27.51
C SER G 377 -82.61 -9.72 -27.40
N VAL G 378 -81.90 -10.84 -27.44
CA VAL G 378 -82.47 -12.21 -27.25
C VAL G 378 -82.41 -12.57 -25.76
N GLU G 379 -83.58 -12.88 -25.18
CA GLU G 379 -83.75 -13.20 -23.75
C GLU G 379 -82.94 -14.48 -23.43
N GLY G 380 -82.13 -14.43 -22.38
CA GLY G 380 -81.32 -15.59 -21.90
C GLY G 380 -79.98 -15.73 -22.65
N LEU G 381 -79.69 -14.87 -23.64
CA LEU G 381 -78.42 -14.94 -24.42
C LEU G 381 -77.43 -13.91 -23.88
N TRP G 382 -76.33 -14.39 -23.30
CA TRP G 382 -75.25 -13.53 -22.74
C TRP G 382 -73.96 -13.79 -23.52
N MET G 383 -73.08 -12.79 -23.54
CA MET G 383 -71.78 -12.85 -24.26
C MET G 383 -70.70 -12.33 -23.31
N LEU G 384 -69.55 -13.00 -23.32
CA LEU G 384 -68.38 -12.58 -22.52
C LEU G 384 -67.15 -12.83 -23.40
N SER G 385 -66.69 -11.78 -24.10
CA SER G 385 -65.67 -11.92 -25.17
C SER G 385 -65.07 -10.58 -25.55
N GLY G 386 -64.13 -10.62 -26.51
CA GLY G 386 -63.42 -9.44 -27.03
C GLY G 386 -62.52 -8.82 -26.00
N THR G 387 -62.02 -9.63 -25.07
CA THR G 387 -61.18 -9.17 -23.94
C THR G 387 -59.71 -9.01 -24.35
N TYR G 388 -59.36 -9.23 -25.63
CA TYR G 388 -58.04 -8.91 -26.21
C TYR G 388 -56.92 -9.38 -25.25
N ARG G 389 -56.17 -8.47 -24.65
CA ARG G 389 -54.89 -8.86 -23.99
C ARG G 389 -54.96 -8.91 -22.45
N ASP G 390 -56.16 -8.76 -21.87
CA ASP G 390 -56.34 -8.60 -20.39
C ASP G 390 -57.58 -9.35 -19.89
N GLY G 391 -58.16 -10.23 -20.69
CA GLY G 391 -59.36 -11.03 -20.35
C GLY G 391 -59.19 -11.95 -19.16
N LEU G 392 -57.98 -12.48 -19.00
CA LEU G 392 -57.68 -13.37 -17.85
C LEU G 392 -57.78 -12.53 -16.58
N HIS G 393 -57.17 -11.35 -16.58
CA HIS G 393 -57.18 -10.40 -15.44
C HIS G 393 -58.62 -10.00 -15.10
N MET G 394 -59.44 -9.70 -16.09
CA MET G 394 -60.83 -9.22 -15.92
C MET G 394 -61.77 -10.35 -15.44
N SER G 395 -61.36 -11.61 -15.63
CA SER G 395 -62.25 -12.80 -15.57
C SER G 395 -63.16 -12.79 -14.31
N PRO G 396 -62.64 -12.60 -13.08
CA PRO G 396 -63.51 -12.65 -11.90
C PRO G 396 -64.56 -11.51 -11.88
N LEU G 397 -64.20 -10.32 -12.33
CA LEU G 397 -65.13 -9.18 -12.43
C LEU G 397 -66.19 -9.47 -13.51
N LEU G 398 -65.79 -9.98 -14.67
CA LEU G 398 -66.71 -10.21 -15.81
C LEU G 398 -67.70 -11.32 -15.45
N ALA G 399 -67.22 -12.34 -14.74
CA ALA G 399 -68.04 -13.48 -14.28
C ALA G 399 -69.15 -12.96 -13.33
N ARG G 400 -68.76 -12.22 -12.29
CA ARG G 400 -69.67 -11.63 -11.28
C ARG G 400 -70.68 -10.72 -11.98
N HIS G 401 -70.27 -9.96 -12.98
CA HIS G 401 -71.15 -9.00 -13.70
C HIS G 401 -72.24 -9.79 -14.41
N VAL G 402 -71.87 -10.79 -15.19
CA VAL G 402 -72.85 -11.54 -16.03
C VAL G 402 -73.82 -12.31 -15.13
N VAL G 403 -73.32 -12.85 -14.01
CA VAL G 403 -74.12 -13.64 -13.02
C VAL G 403 -75.14 -12.71 -12.35
N SER G 404 -74.74 -11.49 -12.00
CA SER G 404 -75.67 -10.48 -11.43
C SER G 404 -76.75 -10.13 -12.46
N LEU G 405 -76.38 -9.90 -13.73
CA LEU G 405 -77.37 -9.60 -14.79
C LEU G 405 -78.38 -10.75 -14.93
N MET G 406 -77.90 -11.99 -14.97
CA MET G 406 -78.74 -13.21 -15.15
C MET G 406 -79.75 -13.36 -14.00
N ASP G 407 -79.42 -12.80 -12.84
CA ASP G 407 -80.17 -12.94 -11.55
C ASP G 407 -81.12 -11.73 -11.38
N GLY G 408 -81.19 -10.81 -12.35
CA GLY G 408 -82.07 -9.62 -12.31
C GLY G 408 -81.38 -8.40 -11.74
N GLY G 409 -80.09 -8.49 -11.39
CA GLY G 409 -79.27 -7.36 -10.89
C GLY G 409 -78.80 -6.44 -12.01
N THR G 410 -78.00 -5.43 -11.66
CA THR G 410 -77.43 -4.43 -12.60
C THR G 410 -75.93 -4.70 -12.83
N GLY G 411 -75.35 -5.64 -12.08
CA GLY G 411 -73.94 -6.04 -12.23
C GLY G 411 -73.04 -4.92 -11.79
N VAL G 412 -71.93 -4.73 -12.50
CA VAL G 412 -70.86 -3.75 -12.19
C VAL G 412 -71.13 -2.47 -13.00
N ASP G 413 -71.02 -1.32 -12.33
CA ASP G 413 -71.25 0.01 -12.97
C ASP G 413 -70.09 0.25 -13.92
N GLY G 414 -70.37 0.75 -15.11
CA GLY G 414 -69.30 1.16 -16.05
C GLY G 414 -68.96 0.08 -17.05
N LEU G 415 -69.52 -1.15 -16.89
CA LEU G 415 -69.51 -2.21 -17.93
C LEU G 415 -70.68 -2.00 -18.90
N ARG G 416 -71.45 -0.93 -18.73
CA ARG G 416 -72.67 -0.65 -19.53
C ARG G 416 -72.27 -0.29 -20.98
N GLU G 417 -71.17 0.45 -21.18
CA GLU G 417 -70.80 0.90 -22.57
C GLU G 417 -70.32 -0.30 -23.40
N PHE G 418 -70.03 -1.44 -22.77
CA PHE G 418 -69.39 -2.62 -23.42
C PHE G 418 -70.44 -3.71 -23.69
N ARG G 419 -71.72 -3.38 -23.59
CA ARG G 419 -72.83 -4.32 -23.92
C ARG G 419 -72.54 -4.85 -25.31
N PRO G 420 -72.76 -6.15 -25.57
CA PRO G 420 -72.34 -6.76 -26.83
C PRO G 420 -73.09 -6.26 -28.07
N GLU G 421 -74.34 -5.82 -27.91
CA GLU G 421 -75.19 -5.39 -29.04
C GLU G 421 -75.14 -3.86 -29.10
N ARG G 422 -74.36 -3.33 -30.04
CA ARG G 422 -73.99 -1.89 -30.05
C ARG G 422 -73.50 -1.50 -31.45
N ASP G 423 -73.65 -0.21 -31.77
CA ASP G 423 -72.87 0.49 -32.81
C ASP G 423 -71.41 0.36 -32.41
N LEU G 424 -70.50 0.31 -33.40
CA LEU G 424 -69.04 0.36 -33.14
C LEU G 424 -68.73 1.64 -32.36
N ILE G 425 -68.06 1.50 -31.22
CA ILE G 425 -67.54 2.64 -30.42
C ILE G 425 -66.47 3.37 -31.23
N SER G 426 -66.43 4.71 -31.10
CA SER G 426 -65.39 5.62 -31.62
C SER G 426 -64.77 6.33 -30.44
N ALA G 427 -63.73 5.74 -29.82
CA ALA G 427 -63.14 6.20 -28.54
C ALA G 427 -62.12 7.31 -28.79
N TRP G 428 -61.66 7.43 -30.04
CA TRP G 428 -60.59 8.36 -30.46
C TRP G 428 -61.00 9.00 -31.80
N SER G 429 -60.58 10.25 -32.02
CA SER G 429 -60.65 10.91 -33.34
C SER G 429 -59.78 10.12 -34.34
N ARG G 430 -60.17 10.15 -35.61
CA ARG G 430 -59.36 9.69 -36.76
C ARG G 430 -57.94 10.26 -36.64
N GLU G 431 -57.80 11.54 -36.31
CA GLU G 431 -56.50 12.24 -36.20
C GLU G 431 -55.65 11.58 -35.10
N GLU G 432 -56.23 11.30 -33.93
CA GLU G 432 -55.52 10.64 -32.80
C GLU G 432 -55.02 9.26 -33.24
N ILE G 433 -55.82 8.52 -34.01
CA ILE G 433 -55.50 7.13 -34.40
C ILE G 433 -54.40 7.15 -35.47
N LEU G 434 -54.44 8.10 -36.39
CA LEU G 434 -53.42 8.24 -37.46
C LEU G 434 -52.07 8.60 -36.84
N ASP G 435 -52.05 9.47 -35.83
CA ASP G 435 -50.81 9.76 -35.07
C ASP G 435 -50.33 8.48 -34.37
N ASP G 436 -51.24 7.69 -33.78
CA ASP G 436 -50.89 6.47 -33.01
C ASP G 436 -50.29 5.43 -33.98
N VAL G 437 -50.90 5.18 -35.14
CA VAL G 437 -50.48 4.10 -36.07
C VAL G 437 -49.10 4.40 -36.63
N VAL G 438 -48.80 5.68 -36.89
CA VAL G 438 -47.47 6.11 -37.41
C VAL G 438 -46.46 5.94 -36.28
N ARG G 439 -46.79 6.35 -35.07
CA ARG G 439 -45.91 6.21 -33.87
C ARG G 439 -45.56 4.74 -33.68
N HIS G 440 -46.56 3.85 -33.64
CA HIS G 440 -46.38 2.40 -33.42
C HIS G 440 -45.57 1.78 -34.56
N THR G 441 -45.81 2.21 -35.81
CA THR G 441 -45.03 1.74 -36.99
C THR G 441 -43.57 2.09 -36.76
N MET G 442 -43.27 3.33 -36.40
CA MET G 442 -41.88 3.76 -36.18
C MET G 442 -41.30 2.96 -35.01
N ALA G 443 -42.11 2.64 -34.02
CA ALA G 443 -41.66 1.91 -32.81
C ALA G 443 -41.22 0.48 -33.17
N THR G 444 -41.78 -0.14 -34.21
CA THR G 444 -41.30 -1.48 -34.67
C THR G 444 -39.81 -1.39 -35.02
N GLY G 445 -39.37 -0.23 -35.51
CA GLY G 445 -37.96 0.03 -35.81
C GLY G 445 -37.12 0.16 -34.57
N TYR G 446 -37.54 1.01 -33.64
CA TYR G 446 -36.73 1.38 -32.45
C TYR G 446 -36.68 0.22 -31.46
N GLU G 447 -37.67 -0.67 -31.52
CA GLU G 447 -37.76 -1.85 -30.61
C GLU G 447 -36.88 -2.99 -31.10
N PHE G 448 -36.43 -2.95 -32.35
CA PHE G 448 -35.70 -4.07 -32.98
C PHE G 448 -34.41 -4.36 -32.21
N PRO G 449 -33.52 -3.42 -31.86
CA PRO G 449 -33.52 -2.04 -32.35
C PRO G 449 -32.75 -1.93 -33.67
N TRP G 450 -33.18 -1.05 -34.57
CA TRP G 450 -32.52 -0.85 -35.88
C TRP G 450 -31.32 0.06 -35.76
N ARG G 451 -30.42 0.02 -36.73
CA ARG G 451 -29.34 1.00 -36.90
C ARG G 451 -29.44 1.53 -38.34
N LEU G 452 -29.78 2.80 -38.51
CA LEU G 452 -29.96 3.40 -39.86
C LEU G 452 -29.36 4.80 -39.89
N PRO G 453 -29.19 5.38 -41.08
CA PRO G 453 -28.77 6.77 -41.18
C PRO G 453 -29.81 7.63 -40.47
N LEU G 454 -29.36 8.69 -39.84
CA LEU G 454 -30.19 9.55 -38.95
C LEU G 454 -31.25 10.31 -39.75
N GLU G 455 -31.13 10.47 -41.07
CA GLU G 455 -32.17 11.18 -41.87
C GLU G 455 -33.36 10.25 -42.13
N TRP G 456 -33.18 8.93 -42.04
CA TRP G 456 -34.16 7.96 -42.56
C TRP G 456 -35.42 7.95 -41.71
N PRO G 457 -35.34 7.90 -40.37
CA PRO G 457 -36.54 7.96 -39.53
C PRO G 457 -37.48 9.14 -39.81
N HIS G 458 -36.95 10.37 -39.97
CA HIS G 458 -37.78 11.56 -40.30
C HIS G 458 -38.42 11.35 -41.69
N MET G 459 -37.66 10.87 -42.67
CA MET G 459 -38.17 10.52 -44.02
C MET G 459 -39.38 9.60 -43.87
N MET G 460 -39.25 8.51 -43.11
CA MET G 460 -40.31 7.47 -43.02
C MET G 460 -41.53 8.03 -42.28
N GLU G 461 -41.35 8.79 -41.21
CA GLU G 461 -42.46 9.47 -40.50
C GLU G 461 -43.28 10.26 -41.51
N THR G 462 -42.65 11.10 -42.32
CA THR G 462 -43.35 11.97 -43.32
C THR G 462 -44.09 11.09 -44.34
N PHE G 463 -43.49 10.05 -44.88
CA PHE G 463 -44.04 9.28 -46.04
C PHE G 463 -45.05 8.21 -45.61
N LEU G 464 -45.17 7.94 -44.31
CA LEU G 464 -46.15 6.97 -43.75
C LEU G 464 -47.50 7.65 -43.55
N GLN G 465 -47.50 8.96 -43.28
CA GLN G 465 -48.72 9.73 -42.89
C GLN G 465 -49.74 9.69 -44.01
N GLY G 466 -49.33 9.98 -45.25
CA GLY G 466 -50.22 10.02 -46.43
C GLY G 466 -50.97 8.71 -46.61
N PRO G 467 -50.26 7.59 -46.85
CA PRO G 467 -50.92 6.30 -47.11
C PRO G 467 -51.89 5.81 -46.01
N PHE G 468 -51.60 6.09 -44.75
CA PHE G 468 -52.49 5.72 -43.60
C PHE G 468 -53.72 6.63 -43.59
N ALA G 469 -53.54 7.94 -43.80
CA ALA G 469 -54.63 8.93 -43.94
C ALA G 469 -55.56 8.55 -45.10
N GLU G 470 -55.01 8.09 -46.23
CA GLU G 470 -55.76 7.69 -47.43
C GLU G 470 -56.57 6.42 -47.12
N LEU G 471 -55.99 5.47 -46.36
CA LEU G 471 -56.66 4.21 -45.99
C LEU G 471 -57.86 4.52 -45.07
N ALA G 472 -57.67 5.33 -44.04
CA ALA G 472 -58.72 5.69 -43.06
C ALA G 472 -59.91 6.35 -43.77
N ASP G 473 -59.66 7.27 -44.70
CA ASP G 473 -60.69 8.02 -45.48
C ASP G 473 -61.46 7.04 -46.37
N ARG G 474 -60.77 6.10 -47.00
CA ARG G 474 -61.35 5.14 -47.97
C ARG G 474 -62.21 4.10 -47.24
N LEU G 475 -61.92 3.80 -45.97
CA LEU G 475 -62.56 2.67 -45.22
C LEU G 475 -64.01 3.03 -44.86
N SER G 476 -64.25 4.26 -44.41
CA SER G 476 -65.54 4.73 -43.88
C SER G 476 -65.46 6.23 -43.60
N ASP G 477 -66.58 6.94 -43.68
CA ASP G 477 -66.68 8.39 -43.36
C ASP G 477 -66.79 8.57 -41.84
N THR G 478 -67.09 7.50 -41.10
CA THR G 478 -67.53 7.62 -39.68
C THR G 478 -66.66 6.73 -38.78
N TYR G 479 -66.41 5.46 -39.12
CA TYR G 479 -65.63 4.53 -38.27
C TYR G 479 -64.16 4.53 -38.70
N THR G 480 -63.28 4.47 -37.69
CA THR G 480 -61.82 4.32 -37.85
C THR G 480 -61.37 3.13 -37.00
N PRO G 481 -60.72 2.10 -37.59
CA PRO G 481 -60.18 1.00 -36.81
C PRO G 481 -59.05 1.48 -35.91
N PRO G 482 -58.91 0.94 -34.68
CA PRO G 482 -57.75 1.26 -33.84
C PRO G 482 -56.45 0.80 -34.53
N ALA G 483 -55.31 1.36 -34.10
CA ALA G 483 -54.00 1.20 -34.75
C ALA G 483 -53.66 -0.29 -35.00
N ASP G 484 -53.82 -1.14 -33.99
CA ASP G 484 -53.47 -2.59 -34.04
C ASP G 484 -54.12 -3.21 -35.28
N LEU G 485 -55.39 -2.86 -35.51
CA LEU G 485 -56.17 -3.41 -36.64
C LEU G 485 -55.85 -2.64 -37.91
N MET G 486 -55.62 -1.33 -37.83
CA MET G 486 -55.37 -0.52 -39.04
C MET G 486 -54.11 -1.04 -39.78
N THR G 487 -53.04 -1.40 -39.07
CA THR G 487 -51.80 -1.89 -39.70
C THR G 487 -52.08 -3.21 -40.38
N ALA G 488 -52.82 -4.13 -39.76
CA ALA G 488 -53.21 -5.41 -40.39
C ALA G 488 -54.01 -5.13 -41.68
N ILE G 489 -54.90 -4.14 -41.67
CA ILE G 489 -55.71 -3.79 -42.86
C ILE G 489 -54.81 -3.18 -43.93
N MET G 490 -53.93 -2.25 -43.56
CA MET G 490 -52.97 -1.59 -44.49
C MET G 490 -52.23 -2.64 -45.33
N PHE G 491 -51.84 -3.78 -44.76
CA PHE G 491 -50.95 -4.77 -45.41
C PHE G 491 -51.73 -6.04 -45.77
N SER G 492 -53.05 -5.97 -45.81
CA SER G 492 -53.93 -7.08 -46.24
C SER G 492 -54.16 -6.95 -47.75
N GLU G 493 -54.83 -7.94 -48.35
CA GLU G 493 -55.17 -7.93 -49.81
C GLU G 493 -56.24 -6.85 -50.06
N ARG G 494 -56.28 -6.33 -51.29
CA ARG G 494 -57.34 -5.39 -51.78
C ARG G 494 -58.74 -5.94 -51.45
N GLU G 495 -59.00 -7.24 -51.71
CA GLU G 495 -60.32 -7.90 -51.47
C GLU G 495 -60.72 -7.77 -49.99
N GLN G 496 -59.77 -7.97 -49.09
CA GLN G 496 -59.99 -7.95 -47.61
C GLN G 496 -60.31 -6.51 -47.17
N GLN G 497 -59.65 -5.51 -47.77
CA GLN G 497 -59.95 -4.08 -47.53
C GLN G 497 -61.37 -3.77 -48.00
N ASP G 498 -61.74 -4.22 -49.21
CA ASP G 498 -63.07 -3.99 -49.84
C ASP G 498 -64.17 -4.62 -48.96
N GLU G 499 -63.95 -5.85 -48.49
CA GLU G 499 -64.91 -6.57 -47.62
C GLU G 499 -65.14 -5.76 -46.33
N LEU G 500 -64.10 -5.11 -45.79
CA LEU G 500 -64.21 -4.27 -44.57
C LEU G 500 -64.95 -2.96 -44.87
N ILE G 501 -64.80 -2.38 -46.05
CA ILE G 501 -65.56 -1.15 -46.43
C ILE G 501 -67.07 -1.51 -46.41
N ALA G 502 -67.43 -2.65 -46.99
CA ALA G 502 -68.80 -3.19 -47.04
C ALA G 502 -69.31 -3.42 -45.60
N TYR G 503 -68.50 -4.06 -44.76
CA TYR G 503 -68.87 -4.35 -43.35
C TYR G 503 -69.19 -3.03 -42.63
N TYR G 504 -68.29 -2.05 -42.73
CA TYR G 504 -68.44 -0.73 -42.03
C TYR G 504 -69.70 -0.01 -42.52
N ALA G 505 -69.99 -0.10 -43.82
CA ALA G 505 -71.18 0.51 -44.48
C ALA G 505 -72.46 -0.16 -43.94
N ASP G 506 -72.51 -1.50 -43.90
CA ASP G 506 -73.66 -2.27 -43.35
C ASP G 506 -73.92 -1.91 -41.88
N VAL G 507 -72.87 -1.64 -41.10
CA VAL G 507 -73.01 -1.28 -39.67
C VAL G 507 -73.58 0.14 -39.57
N HIS G 508 -73.18 1.06 -40.45
CA HIS G 508 -73.69 2.46 -40.48
C HIS G 508 -75.21 2.45 -40.77
N ARG G 509 -75.62 1.69 -41.78
CA ARG G 509 -77.03 1.47 -42.19
C ARG G 509 -77.85 1.02 -40.97
N GLU G 510 -77.38 -0.04 -40.28
CA GLU G 510 -78.08 -0.71 -39.17
C GLU G 510 -78.33 0.27 -38.00
N TRP G 511 -77.43 1.20 -37.72
CA TRP G 511 -77.41 1.98 -36.45
C TRP G 511 -77.73 3.48 -36.66
N HIS G 512 -77.73 3.95 -37.91
CA HIS G 512 -78.10 5.35 -38.27
C HIS G 512 -79.23 5.33 -39.29
N ASP H 33 -27.95 -65.95 -34.28
CA ASP H 33 -28.60 -64.79 -33.56
C ASP H 33 -27.71 -63.52 -33.61
N VAL H 34 -28.21 -62.44 -34.24
CA VAL H 34 -27.54 -61.11 -34.31
C VAL H 34 -28.42 -60.09 -33.59
N ILE H 35 -27.82 -59.31 -32.67
CA ILE H 35 -28.50 -58.14 -32.05
C ILE H 35 -27.84 -56.84 -32.52
N VAL H 36 -28.61 -55.96 -33.14
CA VAL H 36 -28.17 -54.57 -33.47
C VAL H 36 -28.69 -53.67 -32.34
N VAL H 37 -27.78 -53.00 -31.62
CA VAL H 37 -28.16 -52.06 -30.53
C VAL H 37 -28.21 -50.65 -31.12
N GLY H 38 -29.41 -50.11 -31.34
CA GLY H 38 -29.62 -48.73 -31.80
C GLY H 38 -30.49 -48.68 -33.04
N ASN H 39 -31.42 -47.73 -33.08
CA ASN H 39 -32.45 -47.67 -34.15
C ASN H 39 -32.33 -46.36 -34.93
N GLY H 40 -31.13 -45.79 -34.98
CA GLY H 40 -30.82 -44.66 -35.88
C GLY H 40 -30.66 -45.15 -37.30
N VAL H 41 -30.24 -44.30 -38.22
CA VAL H 41 -29.97 -44.70 -39.63
C VAL H 41 -28.89 -45.81 -39.65
N LEU H 42 -27.89 -45.78 -38.77
CA LEU H 42 -26.77 -46.74 -38.89
C LEU H 42 -27.25 -48.13 -38.45
N GLY H 43 -27.85 -48.23 -37.25
CA GLY H 43 -28.46 -49.48 -36.78
C GLY H 43 -29.37 -50.11 -37.83
N LEU H 44 -30.37 -49.36 -38.29
CA LEU H 44 -31.39 -49.88 -39.23
C LEU H 44 -30.75 -50.20 -40.58
N SER H 45 -29.76 -49.44 -41.02
CA SER H 45 -29.12 -49.69 -42.34
C SER H 45 -28.37 -51.03 -42.25
N VAL H 46 -27.66 -51.26 -41.14
CA VAL H 46 -26.89 -52.52 -40.94
C VAL H 46 -27.90 -53.66 -40.73
N GLY H 47 -28.96 -53.44 -39.94
CA GLY H 47 -30.06 -54.39 -39.75
C GLY H 47 -30.63 -54.85 -41.08
N VAL H 48 -30.94 -53.91 -41.97
CA VAL H 48 -31.54 -54.21 -43.29
C VAL H 48 -30.55 -55.05 -44.11
N GLU H 49 -29.26 -54.68 -44.13
CA GLU H 49 -28.26 -55.38 -44.99
C GLU H 49 -28.02 -56.79 -44.44
N ILE H 50 -28.01 -56.99 -43.11
CA ILE H 50 -27.83 -58.32 -42.48
C ILE H 50 -29.03 -59.20 -42.84
N ALA H 51 -30.26 -58.73 -42.56
CA ALA H 51 -31.50 -59.48 -42.79
C ALA H 51 -31.62 -59.93 -44.26
N ARG H 52 -31.21 -59.06 -45.21
CA ARG H 52 -31.35 -59.34 -46.66
C ARG H 52 -30.27 -60.30 -47.15
N THR H 53 -29.08 -60.31 -46.52
CA THR H 53 -27.87 -61.03 -47.01
C THR H 53 -27.76 -62.40 -46.34
N ARG H 54 -28.33 -62.57 -45.15
CA ARG H 54 -28.29 -63.83 -44.34
C ARG H 54 -29.74 -64.17 -43.93
N PRO H 55 -30.60 -64.68 -44.85
CA PRO H 55 -31.97 -65.05 -44.49
C PRO H 55 -32.02 -66.18 -43.44
N ASP H 56 -30.91 -66.93 -43.31
CA ASP H 56 -30.70 -68.02 -42.31
C ASP H 56 -30.72 -67.47 -40.88
N VAL H 57 -30.14 -66.29 -40.62
CA VAL H 57 -29.86 -65.81 -39.23
C VAL H 57 -31.00 -64.91 -38.72
N ARG H 58 -31.21 -64.93 -37.40
CA ARG H 58 -32.26 -64.12 -36.73
C ARG H 58 -31.66 -62.80 -36.25
N VAL H 59 -32.13 -61.67 -36.78
CA VAL H 59 -31.60 -60.31 -36.47
C VAL H 59 -32.66 -59.55 -35.68
N THR H 60 -32.31 -59.16 -34.45
CA THR H 60 -33.14 -58.32 -33.55
C THR H 60 -32.48 -56.94 -33.39
N LEU H 61 -33.25 -55.87 -33.57
CA LEU H 61 -32.79 -54.46 -33.46
C LEU H 61 -33.48 -53.81 -32.25
N LEU H 62 -32.68 -53.31 -31.28
CA LEU H 62 -33.13 -52.66 -30.03
C LEU H 62 -33.19 -51.13 -30.22
N GLY H 63 -33.92 -50.42 -29.34
CA GLY H 63 -34.12 -48.97 -29.38
C GLY H 63 -35.59 -48.59 -29.41
N LYS H 64 -35.96 -47.43 -28.86
CA LYS H 64 -37.37 -47.02 -28.63
C LYS H 64 -37.81 -46.01 -29.69
N PRO H 65 -39.13 -45.91 -29.98
CA PRO H 65 -39.61 -44.96 -31.00
C PRO H 65 -39.35 -43.47 -30.67
N ALA H 66 -39.14 -43.13 -29.40
CA ALA H 66 -38.83 -41.76 -28.93
C ALA H 66 -37.50 -41.28 -29.52
N ARG H 67 -36.55 -42.18 -29.77
CA ARG H 67 -35.19 -41.88 -30.31
C ARG H 67 -34.61 -40.70 -29.53
N GLN H 68 -34.51 -40.84 -28.21
CA GLN H 68 -33.92 -39.81 -27.31
C GLN H 68 -32.50 -39.48 -27.79
N TYR H 69 -32.21 -38.18 -27.97
CA TYR H 69 -30.90 -37.62 -28.44
C TYR H 69 -30.59 -38.04 -29.88
N GLY H 70 -31.54 -38.66 -30.59
CA GLY H 70 -31.30 -39.18 -31.94
C GLY H 70 -30.85 -38.09 -32.90
N ALA H 71 -29.65 -38.21 -33.47
CA ALA H 71 -29.16 -37.34 -34.57
C ALA H 71 -30.06 -37.49 -35.81
N THR H 72 -30.40 -38.72 -36.18
CA THR H 72 -31.04 -39.04 -37.50
C THR H 72 -32.31 -38.19 -37.68
N PRO H 73 -33.28 -38.17 -36.73
CA PRO H 73 -34.51 -37.40 -36.91
C PRO H 73 -34.28 -35.88 -37.07
N ALA H 74 -33.19 -35.36 -36.49
CA ALA H 74 -32.82 -33.92 -36.50
C ALA H 74 -32.05 -33.54 -37.76
N ALA H 75 -31.64 -34.53 -38.58
CA ALA H 75 -30.88 -34.29 -39.83
C ALA H 75 -31.85 -34.03 -40.99
N GLY H 76 -31.38 -33.31 -42.00
CA GLY H 76 -32.26 -32.75 -43.06
C GLY H 76 -32.83 -33.82 -43.98
N ALA H 77 -31.95 -34.52 -44.71
CA ALA H 77 -30.51 -34.44 -44.53
C ALA H 77 -29.87 -34.32 -45.90
N MET H 78 -28.69 -33.70 -45.93
CA MET H 78 -27.88 -33.57 -47.17
C MET H 78 -27.09 -34.87 -47.36
N LEU H 79 -27.05 -35.35 -48.61
CA LEU H 79 -26.08 -36.38 -49.05
C LEU H 79 -24.78 -35.66 -49.40
N GLY H 80 -24.11 -35.14 -48.38
CA GLY H 80 -22.96 -34.23 -48.48
C GLY H 80 -21.69 -34.98 -48.81
N ALA H 81 -21.05 -34.61 -49.90
CA ALA H 81 -19.72 -35.08 -50.31
C ALA H 81 -18.85 -33.86 -50.61
N PHE H 82 -19.06 -33.23 -51.74
CA PHE H 82 -18.30 -32.02 -52.16
C PHE H 82 -18.68 -30.84 -51.27
N GLY H 83 -19.97 -30.67 -50.96
CA GLY H 83 -20.47 -29.62 -50.04
C GLY H 83 -19.78 -29.65 -48.68
N GLU H 84 -19.32 -30.82 -48.21
CA GLU H 84 -18.73 -30.99 -46.85
C GLU H 84 -17.23 -30.67 -46.86
N VAL H 85 -16.65 -30.45 -48.03
CA VAL H 85 -15.19 -30.16 -48.18
C VAL H 85 -14.86 -28.85 -47.46
N THR H 86 -13.77 -28.86 -46.69
CA THR H 86 -13.10 -27.65 -46.13
C THR H 86 -11.61 -27.70 -46.48
N ALA H 87 -10.93 -26.54 -46.51
CA ALA H 87 -9.46 -26.45 -46.68
C ALA H 87 -8.75 -27.30 -45.62
N HIS H 88 -9.19 -27.22 -44.37
CA HIS H 88 -8.63 -27.93 -43.18
C HIS H 88 -8.70 -29.46 -43.39
N ALA H 89 -9.85 -29.98 -43.84
CA ALA H 89 -10.08 -31.42 -44.12
C ALA H 89 -9.10 -31.89 -45.20
N LEU H 90 -9.04 -31.20 -46.34
CA LEU H 90 -8.23 -31.59 -47.53
C LEU H 90 -6.72 -31.41 -47.26
N ALA H 91 -6.32 -30.86 -46.11
CA ALA H 91 -4.90 -30.58 -45.78
C ALA H 91 -4.29 -31.73 -44.96
N SER H 92 -5.09 -32.73 -44.56
CA SER H 92 -4.60 -33.96 -43.87
C SER H 92 -4.85 -35.19 -44.75
N GLU H 93 -4.05 -36.25 -44.56
CA GLU H 93 -4.26 -37.57 -45.19
C GLU H 93 -5.63 -38.11 -44.75
N HIS H 94 -5.91 -38.07 -43.45
CA HIS H 94 -7.14 -38.60 -42.80
C HIS H 94 -8.38 -37.91 -43.41
N GLY H 95 -8.32 -36.59 -43.64
CA GLY H 95 -9.39 -35.81 -44.29
C GLY H 95 -9.64 -36.20 -45.74
N ARG H 96 -8.57 -36.41 -46.52
CA ARG H 96 -8.67 -36.80 -47.96
C ARG H 96 -9.28 -38.21 -48.05
N LYS H 97 -9.00 -39.11 -47.10
CA LYS H 97 -9.60 -40.47 -47.04
C LYS H 97 -11.12 -40.35 -46.78
N LYS H 98 -11.52 -39.53 -45.80
CA LYS H 98 -12.96 -39.30 -45.46
C LYS H 98 -13.68 -38.82 -46.72
N HIS H 99 -13.11 -37.85 -47.42
CA HIS H 99 -13.74 -37.26 -48.62
C HIS H 99 -13.93 -38.36 -49.69
N ALA H 100 -12.91 -39.18 -49.92
CA ALA H 100 -12.93 -40.31 -50.89
C ALA H 100 -14.07 -41.27 -50.54
N LEU H 101 -14.21 -41.62 -49.25
CA LEU H 101 -15.31 -42.52 -48.79
C LEU H 101 -16.67 -41.86 -49.06
N ALA H 102 -16.77 -40.53 -48.92
CA ALA H 102 -18.05 -39.80 -49.12
C ALA H 102 -18.41 -39.84 -50.60
N VAL H 103 -17.42 -39.74 -51.48
CA VAL H 103 -17.64 -39.83 -52.95
C VAL H 103 -18.16 -41.24 -53.27
N GLN H 104 -17.59 -42.27 -52.63
CA GLN H 104 -17.97 -43.69 -52.84
C GLN H 104 -19.40 -43.91 -52.34
N ALA H 105 -19.72 -43.38 -51.15
CA ALA H 105 -21.08 -43.49 -50.56
C ALA H 105 -22.11 -42.85 -51.51
N GLN H 106 -21.78 -41.70 -52.11
CA GLN H 106 -22.70 -40.98 -53.05
C GLN H 106 -23.18 -41.95 -54.14
N ARG H 107 -22.27 -42.78 -54.66
CA ARG H 107 -22.56 -43.67 -55.81
C ARG H 107 -23.58 -44.76 -55.43
N LEU H 108 -23.70 -45.10 -54.14
CA LEU H 108 -24.63 -46.16 -53.67
C LEU H 108 -26.07 -45.65 -53.50
N TRP H 109 -26.28 -44.34 -53.36
CA TRP H 109 -27.59 -43.83 -52.86
C TRP H 109 -28.74 -44.13 -53.83
N PRO H 110 -28.61 -43.93 -55.17
CA PRO H 110 -29.73 -44.18 -56.08
C PRO H 110 -30.36 -45.58 -55.97
N GLU H 111 -29.54 -46.64 -55.94
CA GLU H 111 -29.99 -48.06 -55.88
C GLU H 111 -30.53 -48.35 -54.46
N TRP H 112 -29.85 -47.84 -53.43
CA TRP H 112 -30.23 -48.04 -52.01
C TRP H 112 -31.65 -47.49 -51.78
N ILE H 113 -31.92 -46.29 -52.29
CA ILE H 113 -33.27 -45.65 -52.20
C ILE H 113 -34.29 -46.51 -52.98
N GLU H 114 -33.96 -46.89 -54.20
CA GLU H 114 -34.82 -47.74 -55.06
C GLU H 114 -35.19 -49.01 -54.28
N SER H 115 -34.19 -49.64 -53.64
CA SER H 115 -34.37 -50.91 -52.90
C SER H 115 -35.22 -50.69 -51.65
N LEU H 116 -35.26 -49.48 -51.06
CA LEU H 116 -36.05 -49.20 -49.83
C LEU H 116 -37.47 -48.76 -50.19
N GLU H 117 -37.64 -47.99 -51.27
CA GLU H 117 -38.99 -47.54 -51.72
C GLU H 117 -39.76 -48.73 -52.29
N ALA H 118 -39.07 -49.75 -52.79
CA ALA H 118 -39.66 -50.96 -53.42
C ALA H 118 -40.48 -51.79 -52.41
N THR H 119 -40.19 -51.69 -51.11
CA THR H 119 -40.92 -52.42 -50.04
C THR H 119 -42.18 -51.64 -49.60
N GLY H 120 -42.44 -50.48 -50.21
CA GLY H 120 -43.58 -49.61 -49.84
C GLY H 120 -44.44 -49.30 -51.05
N THR H 121 -45.32 -48.29 -50.94
CA THR H 121 -46.29 -47.86 -51.98
C THR H 121 -46.18 -46.34 -52.17
N ALA H 122 -46.83 -45.78 -53.19
CA ALA H 122 -46.83 -44.34 -53.54
C ALA H 122 -47.11 -43.47 -52.28
N ALA H 123 -48.04 -43.92 -51.42
CA ALA H 123 -48.56 -43.14 -50.29
C ALA H 123 -47.53 -43.01 -49.16
N ASP H 124 -46.42 -43.75 -49.22
CA ASP H 124 -45.40 -43.79 -48.12
C ASP H 124 -44.48 -42.57 -48.20
N GLY H 125 -44.45 -41.90 -49.35
CA GLY H 125 -43.66 -40.67 -49.58
C GLY H 125 -42.33 -40.98 -50.22
N ARG H 126 -41.70 -39.98 -50.82
CA ARG H 126 -40.40 -40.11 -51.54
C ARG H 126 -39.27 -39.83 -50.55
N ILE H 127 -38.24 -40.68 -50.55
CA ILE H 127 -37.02 -40.52 -49.71
C ILE H 127 -36.22 -39.32 -50.26
N LYS H 128 -36.01 -39.27 -51.56
CA LYS H 128 -35.20 -38.22 -52.23
C LYS H 128 -36.04 -36.94 -52.28
N THR H 129 -35.48 -35.81 -51.83
CA THR H 129 -36.17 -34.49 -51.89
C THR H 129 -35.49 -33.53 -52.86
N ALA H 130 -34.22 -33.75 -53.20
CA ALA H 130 -33.51 -32.97 -54.24
C ALA H 130 -32.36 -33.80 -54.84
N ASP H 131 -32.03 -33.52 -56.10
CA ASP H 131 -30.91 -34.19 -56.83
C ASP H 131 -29.64 -33.32 -56.73
N ASP H 132 -29.80 -32.00 -56.69
CA ASP H 132 -28.68 -31.02 -56.84
C ASP H 132 -28.57 -30.12 -55.60
N THR H 133 -27.43 -29.46 -55.47
CA THR H 133 -27.05 -28.58 -54.34
C THR H 133 -26.46 -27.30 -54.93
N VAL H 134 -26.83 -26.14 -54.38
CA VAL H 134 -26.15 -24.86 -54.68
C VAL H 134 -25.41 -24.41 -53.43
N VAL H 135 -24.10 -24.22 -53.53
CA VAL H 135 -23.24 -23.65 -52.46
C VAL H 135 -23.14 -22.15 -52.70
N LEU H 136 -23.45 -21.36 -51.67
CA LEU H 136 -23.45 -19.87 -51.74
C LEU H 136 -22.28 -19.35 -50.91
N LEU H 137 -21.60 -18.33 -51.43
CA LEU H 137 -20.55 -17.59 -50.70
C LEU H 137 -21.07 -16.17 -50.44
N ASN H 138 -21.17 -15.78 -49.17
CA ASN H 138 -21.54 -14.42 -48.71
C ASN H 138 -20.48 -13.97 -47.70
N THR H 139 -20.59 -12.74 -47.19
CA THR H 139 -19.53 -12.15 -46.34
C THR H 139 -19.99 -12.20 -44.89
N VAL H 140 -21.03 -12.98 -44.58
CA VAL H 140 -21.51 -13.11 -43.18
C VAL H 140 -20.73 -14.24 -42.53
N GLY H 141 -19.42 -14.07 -42.42
CA GLY H 141 -18.52 -15.10 -41.85
C GLY H 141 -17.09 -14.67 -41.97
N HIS H 142 -16.19 -15.50 -41.47
CA HIS H 142 -14.71 -15.28 -41.52
C HIS H 142 -14.23 -15.59 -42.94
N SER H 143 -13.43 -14.72 -43.55
CA SER H 143 -12.72 -14.97 -44.83
C SER H 143 -11.84 -16.21 -44.69
N ALA H 144 -11.22 -16.39 -43.53
CA ALA H 144 -10.25 -17.48 -43.28
C ALA H 144 -10.95 -18.86 -43.32
N LEU H 145 -12.28 -18.93 -43.15
CA LEU H 145 -13.05 -20.20 -43.31
C LEU H 145 -13.78 -20.19 -44.65
N ASP H 146 -14.68 -19.22 -44.86
CA ASP H 146 -15.63 -19.24 -46.01
C ASP H 146 -14.88 -19.14 -47.34
N ASP H 147 -13.89 -18.24 -47.49
CA ASP H 147 -13.15 -18.05 -48.77
C ASP H 147 -12.28 -19.29 -49.02
N ALA H 148 -11.54 -19.75 -48.02
CA ALA H 148 -10.69 -20.95 -48.12
C ALA H 148 -11.55 -22.18 -48.49
N ASN H 149 -12.73 -22.31 -47.87
CA ASN H 149 -13.57 -23.53 -48.03
C ASN H 149 -14.24 -23.53 -49.40
N PHE H 150 -14.63 -22.38 -49.91
CA PHE H 150 -15.27 -22.28 -51.25
C PHE H 150 -14.25 -22.70 -52.33
N ALA H 151 -13.03 -22.17 -52.25
CA ALA H 151 -11.88 -22.55 -53.12
C ALA H 151 -11.62 -24.07 -53.02
N ALA H 152 -11.57 -24.63 -51.80
CA ALA H 152 -11.33 -26.07 -51.57
C ALA H 152 -12.43 -26.92 -52.23
N VAL H 153 -13.69 -26.50 -52.16
CA VAL H 153 -14.85 -27.23 -52.77
C VAL H 153 -14.67 -27.26 -54.30
N LEU H 154 -14.37 -26.10 -54.89
CA LEU H 154 -14.15 -25.90 -56.34
C LEU H 154 -13.01 -26.84 -56.79
N THR H 155 -11.92 -26.86 -56.03
CA THR H 155 -10.72 -27.67 -56.33
C THR H 155 -11.10 -29.15 -56.31
N ALA H 156 -11.77 -29.63 -55.26
CA ALA H 156 -12.16 -31.04 -55.08
C ALA H 156 -13.11 -31.47 -56.20
N LEU H 157 -14.02 -30.61 -56.63
CA LEU H 157 -14.95 -30.92 -57.76
C LEU H 157 -14.17 -31.13 -59.06
N LYS H 158 -13.22 -30.22 -59.34
CA LYS H 158 -12.38 -30.25 -60.56
C LYS H 158 -11.50 -31.52 -60.52
N GLU H 159 -10.85 -31.84 -59.40
CA GLU H 159 -9.98 -33.03 -59.23
C GLU H 159 -10.77 -34.32 -59.49
N ALA H 160 -12.04 -34.39 -59.11
CA ALA H 160 -12.87 -35.61 -59.22
C ALA H 160 -13.64 -35.61 -60.54
N ASN H 161 -13.49 -34.58 -61.36
CA ASN H 161 -14.22 -34.47 -62.65
C ASN H 161 -15.74 -34.57 -62.39
N ALA H 162 -16.22 -34.05 -61.25
CA ALA H 162 -17.66 -34.06 -60.88
C ALA H 162 -18.39 -33.01 -61.69
N PRO H 163 -19.63 -33.27 -62.16
CA PRO H 163 -20.40 -32.29 -62.92
C PRO H 163 -20.84 -31.14 -61.98
N HIS H 164 -20.47 -29.91 -62.33
CA HIS H 164 -20.65 -28.72 -61.48
C HIS H 164 -20.46 -27.49 -62.36
N GLU H 165 -20.93 -26.33 -61.92
CA GLU H 165 -20.72 -25.04 -62.62
C GLU H 165 -20.73 -23.93 -61.58
N GLU H 166 -19.73 -23.04 -61.61
CA GLU H 166 -19.85 -21.72 -60.94
C GLU H 166 -20.88 -20.94 -61.76
N ILE H 167 -21.94 -20.42 -61.12
CA ILE H 167 -23.06 -19.72 -61.82
C ILE H 167 -23.22 -18.32 -61.26
N ALA H 168 -23.89 -17.47 -62.03
CA ALA H 168 -24.32 -16.14 -61.58
C ALA H 168 -25.33 -16.33 -60.45
N VAL H 169 -25.19 -15.55 -59.38
CA VAL H 169 -26.10 -15.57 -58.21
C VAL H 169 -27.51 -15.24 -58.69
N GLU H 170 -27.66 -14.34 -59.68
CA GLU H 170 -28.97 -13.92 -60.25
C GLU H 170 -29.71 -15.14 -60.80
N SER H 171 -29.00 -16.19 -61.23
CA SER H 171 -29.60 -17.41 -61.81
C SER H 171 -29.99 -18.43 -60.72
N VAL H 172 -29.71 -18.20 -59.44
CA VAL H 172 -30.13 -19.13 -58.35
C VAL H 172 -31.63 -18.91 -58.13
N ASP H 173 -32.44 -19.96 -58.29
CA ASP H 173 -33.92 -19.82 -58.16
C ASP H 173 -34.25 -19.69 -56.69
N TRP H 174 -35.29 -18.91 -56.41
CA TRP H 174 -36.09 -18.95 -55.16
C TRP H 174 -35.50 -17.99 -54.12
N ILE H 175 -34.19 -18.05 -53.83
CA ILE H 175 -33.56 -17.25 -52.73
C ILE H 175 -33.98 -15.78 -52.84
N ASP H 176 -34.12 -15.12 -51.70
CA ASP H 176 -34.45 -13.68 -51.59
C ASP H 176 -33.74 -13.13 -50.37
N PRO H 177 -32.40 -13.07 -50.39
CA PRO H 177 -31.64 -12.62 -49.22
C PRO H 177 -31.77 -11.11 -48.99
N ASP H 178 -31.51 -10.69 -47.76
CA ASP H 178 -31.11 -9.30 -47.42
C ASP H 178 -29.93 -8.93 -48.32
N PRO H 179 -29.99 -7.87 -49.15
CA PRO H 179 -28.83 -7.40 -49.92
C PRO H 179 -27.51 -7.34 -49.15
N ASN H 180 -27.52 -6.89 -47.89
CA ASN H 180 -26.27 -6.80 -47.09
C ASN H 180 -25.79 -8.20 -46.71
N SER H 181 -26.61 -9.25 -46.84
CA SER H 181 -26.22 -10.64 -46.49
C SER H 181 -26.17 -11.54 -47.73
N ARG H 182 -26.22 -10.97 -48.93
CA ARG H 182 -26.47 -11.74 -50.18
C ARG H 182 -25.17 -12.45 -50.58
N PRO H 183 -25.28 -13.56 -51.34
CA PRO H 183 -24.11 -14.21 -51.90
C PRO H 183 -23.64 -13.41 -53.13
N LEU H 184 -22.33 -13.41 -53.37
CA LEU H 184 -21.71 -12.83 -54.59
C LEU H 184 -21.15 -13.94 -55.48
N ARG H 185 -21.01 -15.15 -54.96
CA ARG H 185 -20.62 -16.33 -55.78
C ARG H 185 -21.52 -17.52 -55.41
N ALA H 186 -21.77 -18.37 -56.39
CA ALA H 186 -22.66 -19.55 -56.28
C ALA H 186 -22.10 -20.68 -57.15
N LEU H 187 -22.34 -21.89 -56.70
CA LEU H 187 -21.73 -23.14 -57.20
C LEU H 187 -22.83 -24.21 -57.27
N HIS H 188 -23.23 -24.61 -58.47
CA HIS H 188 -24.23 -25.69 -58.72
C HIS H 188 -23.49 -27.03 -58.78
N ILE H 189 -23.85 -27.99 -57.92
CA ILE H 189 -23.28 -29.36 -57.89
C ILE H 189 -24.38 -30.34 -58.30
N GLU H 190 -24.23 -31.00 -59.46
CA GLU H 190 -25.19 -32.02 -59.96
C GLU H 190 -25.01 -33.33 -59.18
N GLY H 191 -26.10 -34.00 -58.80
CA GLY H 191 -26.04 -35.36 -58.25
C GLY H 191 -25.57 -35.37 -56.80
N GLU H 192 -25.55 -34.20 -56.14
CA GLU H 192 -25.39 -34.08 -54.67
C GLU H 192 -26.69 -33.47 -54.13
N GLY H 193 -27.51 -34.29 -53.49
CA GLY H 193 -28.89 -33.90 -53.11
C GLY H 193 -29.18 -34.13 -51.65
N SER H 194 -30.41 -34.56 -51.36
CA SER H 194 -30.93 -34.64 -49.98
C SER H 194 -32.03 -35.68 -49.91
N VAL H 195 -32.27 -36.17 -48.71
CA VAL H 195 -33.37 -37.12 -48.36
C VAL H 195 -34.17 -36.54 -47.19
N ASP H 196 -35.43 -36.93 -47.08
CA ASP H 196 -36.26 -36.71 -45.88
C ASP H 196 -35.85 -37.79 -44.88
N SER H 197 -35.17 -37.41 -43.81
CA SER H 197 -34.60 -38.38 -42.83
C SER H 197 -35.73 -39.18 -42.19
N GLY H 198 -36.92 -38.58 -42.06
CA GLY H 198 -38.06 -39.22 -41.41
C GLY H 198 -38.65 -40.32 -42.27
N ILE H 199 -38.78 -40.05 -43.57
CA ILE H 199 -39.28 -41.04 -44.56
C ILE H 199 -38.21 -42.13 -44.76
N LEU H 200 -36.91 -41.80 -44.67
CA LEU H 200 -35.82 -42.80 -44.74
C LEU H 200 -35.95 -43.76 -43.54
N LEU H 201 -36.13 -43.25 -42.32
CA LEU H 201 -36.27 -44.11 -41.12
C LEU H 201 -37.48 -45.05 -41.26
N ALA H 202 -38.63 -44.52 -41.71
CA ALA H 202 -39.87 -45.31 -41.91
C ALA H 202 -39.59 -46.40 -42.95
N ALA H 203 -38.91 -46.08 -44.04
CA ALA H 203 -38.59 -47.02 -45.14
C ALA H 203 -37.60 -48.08 -44.66
N LEU H 204 -36.66 -47.71 -43.77
CA LEU H 204 -35.67 -48.65 -43.22
C LEU H 204 -36.38 -49.66 -42.32
N GLU H 205 -37.21 -49.19 -41.39
CA GLU H 205 -38.00 -50.07 -40.48
C GLU H 205 -38.83 -51.05 -41.32
N ARG H 206 -39.58 -50.53 -42.28
CA ARG H 206 -40.47 -51.32 -43.16
C ARG H 206 -39.62 -52.36 -43.91
N SER H 207 -38.47 -51.97 -44.46
CA SER H 207 -37.61 -52.86 -45.27
C SER H 207 -36.97 -53.93 -44.37
N PHE H 208 -36.71 -53.57 -43.11
CA PHE H 208 -36.13 -54.47 -42.10
C PHE H 208 -37.14 -55.59 -41.79
N LEU H 209 -38.39 -55.22 -41.48
CA LEU H 209 -39.50 -56.17 -41.20
C LEU H 209 -39.68 -57.08 -42.40
N GLN H 210 -39.75 -56.50 -43.60
CA GLN H 210 -40.00 -57.22 -44.89
C GLN H 210 -38.93 -58.29 -45.14
N ALA H 211 -37.71 -58.11 -44.62
CA ALA H 211 -36.59 -59.05 -44.86
C ALA H 211 -36.42 -60.01 -43.67
N GLY H 212 -37.32 -59.99 -42.69
CA GLY H 212 -37.37 -60.96 -41.58
C GLY H 212 -36.82 -60.42 -40.27
N GLY H 213 -36.51 -59.12 -40.18
CA GLY H 213 -35.96 -58.53 -38.94
C GLY H 213 -37.01 -58.40 -37.86
N ARG H 214 -36.59 -58.35 -36.60
CA ARG H 214 -37.49 -58.19 -35.42
C ARG H 214 -37.12 -56.91 -34.68
N LEU H 215 -38.08 -56.01 -34.49
CA LEU H 215 -37.93 -54.76 -33.71
C LEU H 215 -38.37 -55.02 -32.28
N HIS H 216 -37.45 -54.97 -31.31
CA HIS H 216 -37.77 -55.07 -29.86
C HIS H 216 -37.55 -53.68 -29.25
N PRO H 217 -38.64 -52.92 -29.00
CA PRO H 217 -38.52 -51.52 -28.60
C PRO H 217 -38.14 -51.31 -27.12
N VAL H 218 -36.93 -51.73 -26.76
CA VAL H 218 -36.30 -51.47 -25.44
C VAL H 218 -34.83 -51.08 -25.66
N ASP H 219 -34.20 -50.52 -24.63
CA ASP H 219 -32.78 -50.09 -24.67
C ASP H 219 -31.91 -51.19 -24.05
N ALA H 220 -30.71 -51.39 -24.57
CA ALA H 220 -29.64 -52.20 -23.95
C ALA H 220 -29.08 -51.43 -22.75
N THR H 221 -28.84 -52.09 -21.62
CA THR H 221 -28.14 -51.50 -20.44
C THR H 221 -26.71 -52.04 -20.35
N GLU H 222 -26.44 -53.24 -20.88
CA GLU H 222 -25.16 -53.95 -20.65
C GLU H 222 -24.93 -54.96 -21.78
N ILE H 223 -23.70 -55.05 -22.28
CA ILE H 223 -23.25 -56.15 -23.18
C ILE H 223 -22.57 -57.21 -22.31
N ARG H 224 -22.93 -58.49 -22.46
CA ARG H 224 -22.30 -59.58 -21.69
C ARG H 224 -21.34 -60.36 -22.60
N ALA H 225 -20.13 -60.57 -22.09
CA ALA H 225 -19.04 -61.33 -22.76
C ALA H 225 -18.19 -62.04 -21.71
N SER H 226 -17.63 -63.21 -22.06
CA SER H 226 -16.69 -64.00 -21.23
C SER H 226 -15.85 -64.90 -22.14
N HIS H 227 -14.64 -65.22 -21.72
CA HIS H 227 -13.63 -65.99 -22.51
C HIS H 227 -13.48 -65.31 -23.88
N GLY H 228 -13.51 -63.96 -23.92
CA GLY H 228 -13.26 -63.11 -25.11
C GLY H 228 -14.33 -63.24 -26.20
N ARG H 229 -15.59 -63.53 -25.83
CA ARG H 229 -16.69 -63.78 -26.79
C ARG H 229 -17.99 -63.13 -26.28
N VAL H 230 -18.78 -62.53 -27.16
CA VAL H 230 -20.12 -61.95 -26.80
C VAL H 230 -21.11 -63.09 -26.52
N GLU H 231 -21.90 -62.94 -25.46
CA GLU H 231 -22.99 -63.88 -25.05
C GLU H 231 -24.35 -63.27 -25.41
N GLY H 232 -24.51 -61.96 -25.24
CA GLY H 232 -25.75 -61.24 -25.57
C GLY H 232 -25.85 -59.90 -24.86
N VAL H 233 -27.08 -59.46 -24.60
CA VAL H 233 -27.40 -58.06 -24.18
C VAL H 233 -28.50 -58.11 -23.11
N VAL H 234 -28.23 -57.52 -21.94
CA VAL H 234 -29.28 -57.20 -20.90
C VAL H 234 -30.03 -55.94 -21.36
N THR H 235 -31.37 -55.98 -21.33
CA THR H 235 -32.25 -54.84 -21.69
C THR H 235 -32.70 -54.11 -20.42
N ASP H 236 -33.29 -52.93 -20.57
CA ASP H 236 -33.64 -52.00 -19.46
C ASP H 236 -34.96 -52.43 -18.79
N ASP H 237 -35.61 -53.49 -19.30
CA ASP H 237 -36.78 -54.13 -18.66
C ASP H 237 -36.33 -55.35 -17.84
N GLY H 238 -35.02 -55.59 -17.68
CA GLY H 238 -34.45 -56.67 -16.85
C GLY H 238 -34.17 -57.96 -17.61
N ASP H 239 -34.71 -58.11 -18.83
CA ASP H 239 -34.59 -59.34 -19.67
C ASP H 239 -33.13 -59.53 -20.11
N PHE H 240 -32.77 -60.71 -20.62
CA PHE H 240 -31.46 -61.00 -21.26
C PHE H 240 -31.70 -61.63 -22.63
N LEU H 241 -31.07 -61.12 -23.69
CA LEU H 241 -31.21 -61.64 -25.07
C LEU H 241 -29.87 -62.27 -25.46
N PRO H 242 -29.84 -63.58 -25.77
CA PRO H 242 -28.59 -64.23 -26.18
C PRO H 242 -28.27 -63.95 -27.65
N ALA H 243 -26.98 -63.87 -28.00
CA ALA H 243 -26.51 -63.78 -29.41
C ALA H 243 -25.01 -64.02 -29.50
N GLY H 244 -24.56 -64.49 -30.66
CA GLY H 244 -23.13 -64.66 -31.00
C GLY H 244 -22.59 -63.49 -31.80
N HIS H 245 -23.45 -62.52 -32.13
CA HIS H 245 -23.08 -61.26 -32.84
C HIS H 245 -23.87 -60.09 -32.24
N VAL H 246 -23.15 -59.07 -31.77
CA VAL H 246 -23.73 -57.78 -31.30
C VAL H 246 -23.08 -56.63 -32.08
N VAL H 247 -23.90 -55.83 -32.78
CA VAL H 247 -23.46 -54.59 -33.48
C VAL H 247 -23.98 -53.39 -32.68
N VAL H 248 -23.05 -52.60 -32.15
CA VAL H 248 -23.38 -51.37 -31.37
C VAL H 248 -23.39 -50.19 -32.33
N ALA H 249 -24.58 -49.63 -32.57
CA ALA H 249 -24.84 -48.42 -33.37
C ALA H 249 -25.84 -47.54 -32.60
N ALA H 250 -25.47 -47.22 -31.37
CA ALA H 250 -26.29 -46.48 -30.38
C ALA H 250 -25.89 -45.00 -30.37
N GLY H 251 -25.38 -44.49 -31.50
CA GLY H 251 -24.91 -43.10 -31.61
C GLY H 251 -23.97 -42.76 -30.47
N ALA H 252 -24.22 -41.62 -29.81
CA ALA H 252 -23.31 -41.04 -28.78
C ALA H 252 -23.24 -41.90 -27.53
N ARG H 253 -24.08 -42.94 -27.37
CA ARG H 253 -24.04 -43.84 -26.18
C ARG H 253 -23.15 -45.07 -26.46
N SER H 254 -22.67 -45.24 -27.70
CA SER H 254 -21.98 -46.47 -28.19
C SER H 254 -20.74 -46.80 -27.35
N GLN H 255 -19.85 -45.84 -27.10
CA GLN H 255 -18.59 -46.09 -26.35
C GLN H 255 -18.92 -46.41 -24.89
N ARG H 256 -19.78 -45.63 -24.24
CA ARG H 256 -20.11 -45.81 -22.80
C ARG H 256 -20.57 -47.26 -22.57
N LEU H 257 -21.17 -47.88 -23.59
CA LEU H 257 -21.77 -49.24 -23.51
C LEU H 257 -20.70 -50.32 -23.64
N VAL H 258 -19.77 -50.17 -24.59
CA VAL H 258 -18.68 -51.15 -24.86
C VAL H 258 -17.54 -51.00 -23.84
N ALA H 259 -17.29 -49.77 -23.35
CA ALA H 259 -16.16 -49.42 -22.46
C ALA H 259 -16.29 -50.09 -21.08
N ALA H 260 -17.49 -50.54 -20.71
CA ALA H 260 -17.78 -51.22 -19.43
C ALA H 260 -17.12 -52.62 -19.41
N LEU H 261 -16.88 -53.22 -20.58
CA LEU H 261 -16.24 -54.56 -20.74
C LEU H 261 -14.78 -54.49 -20.31
N PRO H 262 -14.20 -55.61 -19.80
CA PRO H 262 -12.86 -55.59 -19.17
C PRO H 262 -11.72 -55.04 -20.03
N GLY H 263 -11.01 -54.02 -19.53
CA GLY H 263 -9.78 -53.48 -20.13
C GLY H 263 -10.04 -52.65 -21.39
N LEU H 264 -11.30 -52.36 -21.73
CA LEU H 264 -11.69 -51.63 -22.97
C LEU H 264 -11.90 -50.13 -22.70
N ALA H 265 -11.89 -49.70 -21.43
CA ALA H 265 -12.21 -48.31 -21.02
C ALA H 265 -11.33 -47.31 -21.77
N HIS H 266 -10.08 -47.71 -22.07
CA HIS H 266 -9.01 -46.83 -22.62
C HIS H 266 -8.54 -47.36 -23.98
N ARG H 267 -9.32 -48.24 -24.61
CA ARG H 267 -8.98 -48.87 -25.91
C ARG H 267 -9.95 -48.43 -27.00
N ILE H 268 -11.19 -48.08 -26.62
CA ILE H 268 -12.24 -47.48 -27.49
C ILE H 268 -12.26 -45.97 -27.25
N PRO H 269 -11.93 -45.13 -28.26
CA PRO H 269 -12.02 -43.68 -28.12
C PRO H 269 -13.41 -43.20 -27.68
N ARG H 270 -13.44 -42.36 -26.65
CA ARG H 270 -14.66 -41.67 -26.16
C ARG H 270 -15.43 -41.03 -27.30
N ILE H 271 -16.76 -41.05 -27.18
CA ILE H 271 -17.70 -40.33 -28.06
C ILE H 271 -18.50 -39.36 -27.20
N TYR H 272 -18.51 -38.07 -27.56
CA TYR H 272 -19.30 -37.02 -26.88
C TYR H 272 -20.54 -36.69 -27.71
N ASP H 273 -21.41 -35.82 -27.19
CA ASP H 273 -22.65 -35.36 -27.88
C ASP H 273 -22.38 -34.08 -28.68
N GLY H 274 -22.42 -34.18 -30.01
CA GLY H 274 -22.51 -33.01 -30.90
C GLY H 274 -23.96 -32.55 -30.99
N VAL H 275 -24.39 -31.71 -30.04
CA VAL H 275 -25.80 -31.26 -29.95
C VAL H 275 -26.11 -30.33 -31.13
N GLY H 276 -27.02 -30.73 -31.99
CA GLY H 276 -27.37 -29.99 -33.21
C GLY H 276 -28.85 -29.61 -33.22
N VAL H 277 -29.12 -28.36 -33.61
CA VAL H 277 -30.49 -27.83 -33.68
C VAL H 277 -30.83 -27.56 -35.14
N SER H 278 -32.04 -27.93 -35.54
CA SER H 278 -32.61 -27.64 -36.87
C SER H 278 -34.10 -27.32 -36.68
N ALA H 279 -34.80 -27.00 -37.75
CA ALA H 279 -36.22 -26.62 -37.66
C ALA H 279 -36.94 -27.00 -38.95
N LEU H 280 -38.21 -27.31 -38.81
CA LEU H 280 -39.18 -27.48 -39.92
C LEU H 280 -40.04 -26.22 -39.96
N VAL H 281 -40.18 -25.64 -41.14
CA VAL H 281 -40.91 -24.37 -41.35
C VAL H 281 -41.90 -24.61 -42.49
N ASP H 282 -43.15 -24.17 -42.33
CA ASP H 282 -44.13 -24.08 -43.44
C ASP H 282 -43.97 -22.72 -44.09
N THR H 283 -43.56 -22.70 -45.35
CA THR H 283 -43.27 -21.45 -46.09
C THR H 283 -44.57 -20.65 -46.28
N TRP H 284 -44.45 -19.33 -46.20
CA TRP H 284 -45.53 -18.32 -46.36
C TRP H 284 -46.46 -18.71 -47.53
N ASP H 285 -45.93 -19.21 -48.65
CA ASP H 285 -46.71 -19.41 -49.89
C ASP H 285 -46.72 -20.89 -50.33
N GLY H 286 -46.23 -21.82 -49.51
CA GLY H 286 -46.18 -23.25 -49.85
C GLY H 286 -45.02 -23.61 -50.78
N SER H 287 -44.22 -22.64 -51.22
CA SER H 287 -43.12 -22.88 -52.18
C SER H 287 -41.88 -23.39 -51.45
N GLY H 288 -40.87 -23.81 -52.21
CA GLY H 288 -39.57 -24.26 -51.69
C GLY H 288 -38.55 -24.28 -52.81
N PRO H 289 -37.25 -24.35 -52.50
CA PRO H 289 -36.24 -24.41 -53.56
C PRO H 289 -36.24 -25.83 -54.17
N ALA H 290 -35.80 -25.91 -55.42
CA ALA H 290 -35.69 -27.20 -56.16
C ALA H 290 -34.40 -27.91 -55.75
N THR H 291 -33.40 -27.18 -55.27
CA THR H 291 -32.08 -27.75 -54.86
C THR H 291 -31.90 -27.55 -53.36
N VAL H 292 -30.98 -28.29 -52.78
CA VAL H 292 -30.36 -27.90 -51.49
C VAL H 292 -29.72 -26.54 -51.69
N LEU H 293 -29.81 -25.65 -50.69
CA LEU H 293 -29.06 -24.38 -50.63
C LEU H 293 -28.20 -24.44 -49.37
N ARG H 294 -26.90 -24.18 -49.49
CA ARG H 294 -25.99 -24.28 -48.34
C ARG H 294 -24.81 -23.33 -48.49
N THR H 295 -24.20 -23.04 -47.35
CA THR H 295 -22.83 -22.50 -47.25
C THR H 295 -21.89 -23.69 -47.05
N SER H 296 -20.59 -23.45 -47.13
CA SER H 296 -19.57 -24.39 -46.64
C SER H 296 -19.73 -24.49 -45.11
N ASN H 297 -19.12 -25.51 -44.50
CA ASN H 297 -19.08 -25.65 -43.02
C ASN H 297 -18.41 -24.40 -42.43
N ARG H 298 -18.93 -23.96 -41.28
CA ARG H 298 -18.59 -22.69 -40.59
C ARG H 298 -18.14 -23.00 -39.15
N ALA H 299 -18.11 -22.01 -38.28
CA ALA H 299 -17.49 -22.11 -36.94
C ALA H 299 -17.95 -23.37 -36.23
N PHE H 300 -16.98 -24.19 -35.81
CA PHE H 300 -17.16 -25.40 -34.97
C PHE H 300 -18.19 -26.33 -35.61
N ALA H 301 -18.11 -26.48 -36.94
CA ALA H 301 -18.92 -27.42 -37.73
C ALA H 301 -20.40 -27.00 -37.75
N CYS H 302 -20.78 -25.81 -37.26
CA CYS H 302 -22.09 -25.21 -37.60
C CYS H 302 -22.13 -25.09 -39.13
N GLY H 303 -23.31 -25.06 -39.71
CA GLY H 303 -23.47 -24.80 -41.15
C GLY H 303 -24.82 -24.20 -41.40
N LEU H 304 -25.01 -23.49 -42.50
CA LEU H 304 -26.33 -22.98 -42.84
C LEU H 304 -26.82 -23.73 -44.06
N HIS H 305 -27.97 -24.37 -43.97
CA HIS H 305 -28.57 -25.01 -45.17
C HIS H 305 -30.08 -25.09 -45.07
N LEU H 306 -30.66 -25.19 -46.25
CA LEU H 306 -32.09 -25.38 -46.49
C LEU H 306 -32.25 -26.64 -47.34
N VAL H 307 -32.92 -27.65 -46.80
CA VAL H 307 -33.21 -28.94 -47.50
C VAL H 307 -34.69 -28.93 -47.87
N PRO H 308 -35.04 -29.09 -49.16
CA PRO H 308 -36.45 -29.16 -49.55
C PRO H 308 -37.16 -30.36 -48.92
N ARG H 309 -38.46 -30.23 -48.70
CA ARG H 309 -39.37 -31.27 -48.16
C ARG H 309 -40.68 -31.18 -48.94
N ALA H 310 -41.49 -32.23 -48.96
CA ALA H 310 -42.84 -32.25 -49.59
C ALA H 310 -43.83 -31.44 -48.73
N GLY H 311 -44.90 -30.94 -49.34
CA GLY H 311 -46.10 -30.41 -48.66
C GLY H 311 -45.92 -29.01 -48.10
N GLY H 312 -45.15 -28.15 -48.77
CA GLY H 312 -44.98 -26.74 -48.39
C GLY H 312 -44.13 -26.57 -47.13
N SER H 313 -43.31 -27.56 -46.79
CA SER H 313 -42.35 -27.53 -45.66
C SER H 313 -40.93 -27.37 -46.21
N VAL H 314 -40.02 -26.77 -45.44
CA VAL H 314 -38.55 -26.80 -45.66
C VAL H 314 -37.89 -27.14 -44.33
N TYR H 315 -36.75 -27.80 -44.41
CA TYR H 315 -35.83 -28.03 -43.27
C TYR H 315 -34.77 -26.95 -43.29
N ILE H 316 -34.48 -26.33 -42.15
CA ILE H 316 -33.32 -25.42 -42.00
C ILE H 316 -32.45 -25.96 -40.88
N GLY H 317 -31.15 -25.97 -41.11
CA GLY H 317 -30.16 -26.33 -40.08
C GLY H 317 -28.85 -25.62 -40.37
N ALA H 318 -27.84 -25.89 -39.56
CA ALA H 318 -27.91 -26.74 -38.38
C ALA H 318 -26.78 -26.27 -37.46
N THR H 319 -27.10 -25.95 -36.21
CA THR H 319 -26.09 -25.56 -35.22
C THR H 319 -25.36 -26.84 -34.81
N ASN H 320 -24.18 -26.68 -34.23
CA ASN H 320 -23.44 -27.80 -33.64
C ASN H 320 -22.72 -27.28 -32.40
N ALA H 321 -22.74 -28.03 -31.31
CA ALA H 321 -21.98 -27.72 -30.09
C ALA H 321 -21.63 -29.03 -29.41
N VAL H 322 -20.35 -29.30 -29.23
CA VAL H 322 -19.91 -30.46 -28.44
C VAL H 322 -20.21 -30.16 -26.98
N CYS H 323 -20.97 -31.04 -26.34
CA CYS H 323 -21.30 -31.01 -24.89
C CYS H 323 -20.73 -32.26 -24.23
N LEU H 324 -20.18 -32.10 -23.04
CA LEU H 324 -19.53 -33.19 -22.26
C LEU H 324 -20.62 -34.03 -21.59
N GLU H 325 -21.82 -33.48 -21.43
CA GLU H 325 -23.03 -34.18 -20.93
C GLU H 325 -24.11 -34.06 -22.00
N PRO H 326 -25.02 -35.05 -22.16
CA PRO H 326 -26.07 -34.94 -23.16
C PRO H 326 -27.07 -33.81 -22.80
N ARG H 327 -27.74 -33.30 -23.82
CA ARG H 327 -28.73 -32.21 -23.71
C ARG H 327 -29.80 -32.49 -24.77
N GLY H 328 -31.07 -32.45 -24.39
CA GLY H 328 -32.20 -32.87 -25.22
C GLY H 328 -33.00 -31.69 -25.73
N ALA H 329 -32.62 -30.46 -25.39
CA ALA H 329 -33.38 -29.25 -25.78
C ALA H 329 -32.45 -28.20 -26.37
N ALA H 330 -32.94 -27.50 -27.38
CA ALA H 330 -32.29 -26.32 -27.99
C ALA H 330 -32.17 -25.22 -26.95
N SER H 331 -31.05 -24.49 -26.98
CA SER H 331 -30.89 -23.20 -26.29
C SER H 331 -31.55 -22.08 -27.10
N ILE H 332 -31.90 -20.99 -26.44
CA ILE H 332 -32.44 -19.76 -27.07
C ILE H 332 -31.44 -19.32 -28.16
N GLU H 333 -30.16 -19.23 -27.82
CA GLU H 333 -29.05 -18.76 -28.70
C GLU H 333 -29.05 -19.56 -30.02
N GLU H 334 -29.15 -20.88 -29.93
CA GLU H 334 -29.12 -21.79 -31.10
C GLU H 334 -30.30 -21.47 -32.02
N THR H 335 -31.51 -21.32 -31.49
CA THR H 335 -32.72 -21.07 -32.29
C THR H 335 -32.60 -19.68 -32.94
N VAL H 336 -32.14 -18.69 -32.21
CA VAL H 336 -32.04 -17.29 -32.73
C VAL H 336 -31.02 -17.29 -33.86
N PHE H 337 -29.85 -17.90 -33.65
CA PHE H 337 -28.75 -17.90 -34.64
C PHE H 337 -29.23 -18.62 -35.91
N LEU H 338 -29.82 -19.81 -35.78
CA LEU H 338 -30.31 -20.57 -36.94
C LEU H 338 -31.31 -19.73 -37.76
N PHE H 339 -32.33 -19.17 -37.11
CA PHE H 339 -33.43 -18.44 -37.78
C PHE H 339 -32.89 -17.15 -38.41
N ASN H 340 -32.01 -16.44 -37.69
CA ASN H 340 -31.42 -15.17 -38.15
C ASN H 340 -30.62 -15.39 -39.44
N CYS H 341 -29.80 -16.43 -39.48
CA CYS H 341 -28.98 -16.78 -40.66
C CYS H 341 -29.88 -17.12 -41.85
N ALA H 342 -30.88 -17.97 -41.66
CA ALA H 342 -31.75 -18.45 -42.76
C ALA H 342 -32.54 -17.27 -43.35
N THR H 343 -33.11 -16.41 -42.52
CA THR H 343 -33.97 -15.30 -43.01
C THR H 343 -33.13 -14.26 -43.73
N HIS H 344 -31.88 -14.03 -43.34
CA HIS H 344 -31.03 -12.96 -43.95
C HIS H 344 -30.29 -13.51 -45.17
N GLN H 345 -29.74 -14.72 -45.07
CA GLN H 345 -28.77 -15.25 -46.07
C GLN H 345 -29.47 -16.05 -47.17
N LEU H 346 -30.65 -16.62 -46.90
CA LEU H 346 -31.37 -17.51 -47.85
C LEU H 346 -32.66 -16.86 -48.35
N HIS H 347 -33.65 -16.62 -47.48
CA HIS H 347 -34.96 -16.07 -47.92
C HIS H 347 -35.63 -15.26 -46.81
N ARG H 348 -35.88 -13.98 -47.06
CA ARG H 348 -36.57 -13.08 -46.11
C ARG H 348 -38.02 -13.54 -45.88
N GLY H 349 -38.62 -14.24 -46.85
CA GLY H 349 -39.97 -14.83 -46.71
C GLY H 349 -40.07 -15.78 -45.54
N LEU H 350 -38.96 -16.38 -45.13
CA LEU H 350 -38.97 -17.34 -43.98
C LEU H 350 -39.32 -16.58 -42.69
N ASN H 351 -39.15 -15.27 -42.65
CA ASN H 351 -39.44 -14.42 -41.46
C ASN H 351 -40.92 -14.57 -41.09
N GLY H 352 -41.81 -14.50 -42.07
CA GLY H 352 -43.26 -14.59 -41.91
C GLY H 352 -43.79 -16.01 -42.01
N SER H 353 -42.91 -17.01 -42.09
CA SER H 353 -43.31 -18.42 -42.25
C SER H 353 -43.53 -19.03 -40.87
N GLU H 354 -44.32 -20.09 -40.81
CA GLU H 354 -44.77 -20.70 -39.55
C GLU H 354 -43.75 -21.74 -39.09
N LEU H 355 -43.29 -21.60 -37.85
CA LEU H 355 -42.42 -22.60 -37.19
C LEU H 355 -43.27 -23.83 -36.85
N ARG H 356 -42.99 -24.97 -37.46
CA ARG H 356 -43.70 -26.23 -37.17
C ARG H 356 -42.95 -27.01 -36.08
N LYS H 357 -41.62 -27.01 -36.06
CA LYS H 357 -40.87 -27.87 -35.10
C LYS H 357 -39.42 -27.40 -35.00
N VAL H 358 -38.92 -27.32 -33.77
CA VAL H 358 -37.47 -27.19 -33.44
C VAL H 358 -36.97 -28.59 -33.11
N GLN H 359 -35.97 -29.09 -33.84
CA GLN H 359 -35.44 -30.46 -33.68
C GLN H 359 -34.07 -30.37 -33.01
N VAL H 360 -33.79 -31.26 -32.06
CA VAL H 360 -32.47 -31.41 -31.40
C VAL H 360 -32.02 -32.86 -31.53
N GLY H 361 -30.78 -33.09 -31.94
CA GLY H 361 -30.15 -34.43 -31.98
C GLY H 361 -28.68 -34.37 -31.56
N SER H 362 -28.11 -35.51 -31.18
CA SER H 362 -26.69 -35.67 -30.78
C SER H 362 -25.91 -36.30 -31.92
N ALA H 363 -25.17 -35.51 -32.69
CA ALA H 363 -24.12 -36.01 -33.59
C ALA H 363 -23.07 -36.71 -32.73
N PRO H 364 -22.82 -38.03 -32.90
CA PRO H 364 -21.81 -38.72 -32.10
C PRO H 364 -20.41 -38.17 -32.43
N ALA H 365 -19.79 -37.49 -31.48
CA ALA H 365 -18.55 -36.70 -31.66
C ALA H 365 -17.37 -37.47 -31.06
N PRO H 366 -16.59 -38.19 -31.89
CA PRO H 366 -15.48 -38.98 -31.39
C PRO H 366 -14.33 -38.07 -30.92
N ILE H 367 -13.72 -38.36 -29.78
CA ILE H 367 -12.67 -37.48 -29.16
C ILE H 367 -11.48 -37.27 -30.09
N ASP H 368 -11.21 -38.17 -31.05
CA ASP H 368 -10.05 -38.02 -31.99
C ASP H 368 -10.53 -37.58 -33.37
N GLY H 369 -11.83 -37.35 -33.55
CA GLY H 369 -12.39 -36.74 -34.77
C GLY H 369 -12.62 -37.74 -35.89
N PHE H 370 -12.55 -39.04 -35.60
CA PHE H 370 -12.73 -40.08 -36.65
C PHE H 370 -13.70 -41.16 -36.20
N PRO H 371 -14.45 -41.77 -37.14
CA PRO H 371 -15.49 -42.73 -36.79
C PRO H 371 -14.92 -43.99 -36.13
N LEU H 372 -15.79 -44.77 -35.48
CA LEU H 372 -15.50 -46.10 -34.90
C LEU H 372 -16.31 -47.13 -35.69
N ILE H 373 -15.66 -47.82 -36.63
CA ILE H 373 -16.29 -48.77 -37.58
C ILE H 373 -15.48 -50.07 -37.60
N GLY H 374 -16.10 -51.17 -37.16
CA GLY H 374 -15.59 -52.52 -37.41
C GLY H 374 -15.49 -53.34 -36.15
N GLY H 375 -14.54 -54.29 -36.14
CA GLY H 375 -14.40 -55.34 -35.13
C GLY H 375 -13.65 -54.88 -33.90
N THR H 376 -13.88 -55.55 -32.79
CA THR H 376 -13.19 -55.38 -31.49
C THR H 376 -12.32 -56.62 -31.24
N SER H 377 -11.55 -56.61 -30.15
CA SER H 377 -10.76 -57.76 -29.63
C SER H 377 -11.71 -58.83 -29.07
N VAL H 378 -12.98 -58.48 -28.83
CA VAL H 378 -14.04 -59.43 -28.38
C VAL H 378 -14.74 -60.02 -29.61
N GLU H 379 -14.74 -61.34 -29.71
CA GLU H 379 -15.30 -62.08 -30.89
C GLU H 379 -16.80 -61.84 -30.94
N GLY H 380 -17.30 -61.45 -32.13
CA GLY H 380 -18.74 -61.21 -32.39
C GLY H 380 -19.19 -59.79 -32.00
N LEU H 381 -18.31 -58.94 -31.45
CA LEU H 381 -18.64 -57.56 -31.04
C LEU H 381 -18.20 -56.58 -32.12
N TRP H 382 -19.16 -55.92 -32.75
CA TRP H 382 -18.92 -54.89 -33.80
C TRP H 382 -19.44 -53.54 -33.30
N MET H 383 -18.86 -52.46 -33.82
CA MET H 383 -19.21 -51.06 -33.47
C MET H 383 -19.37 -50.28 -34.76
N LEU H 384 -20.41 -49.45 -34.82
CA LEU H 384 -20.68 -48.56 -35.97
C LEU H 384 -21.16 -47.23 -35.43
N SER H 385 -20.26 -46.26 -35.24
CA SER H 385 -20.53 -45.02 -34.48
C SER H 385 -19.46 -43.96 -34.72
N GLY H 386 -19.60 -42.81 -34.04
CA GLY H 386 -18.68 -41.67 -34.09
C GLY H 386 -18.69 -41.03 -35.46
N THR H 387 -19.82 -41.10 -36.18
CA THR H 387 -19.94 -40.55 -37.55
C THR H 387 -20.23 -39.05 -37.56
N TYR H 388 -20.28 -38.39 -36.39
CA TYR H 388 -20.39 -36.92 -36.24
C TYR H 388 -21.45 -36.37 -37.22
N ARG H 389 -21.04 -35.61 -38.24
CA ARG H 389 -21.97 -34.76 -39.02
C ARG H 389 -22.23 -35.31 -40.43
N ASP H 390 -21.81 -36.55 -40.74
CA ASP H 390 -21.94 -37.10 -42.12
C ASP H 390 -22.36 -38.58 -42.11
N GLY H 391 -22.75 -39.12 -40.95
CA GLY H 391 -23.07 -40.56 -40.78
C GLY H 391 -24.26 -41.01 -41.61
N LEU H 392 -25.23 -40.12 -41.83
CA LEU H 392 -26.43 -40.48 -42.62
C LEU H 392 -25.99 -40.73 -44.05
N HIS H 393 -25.18 -39.84 -44.60
CA HIS H 393 -24.66 -39.93 -45.99
C HIS H 393 -23.83 -41.23 -46.14
N MET H 394 -22.99 -41.55 -45.17
CA MET H 394 -22.07 -42.71 -45.21
C MET H 394 -22.85 -44.03 -45.03
N SER H 395 -24.06 -43.98 -44.48
CA SER H 395 -24.78 -45.16 -43.92
C SER H 395 -24.76 -46.35 -44.86
N PRO H 396 -25.10 -46.26 -46.17
CA PRO H 396 -25.12 -47.45 -47.02
C PRO H 396 -23.73 -48.08 -47.19
N LEU H 397 -22.68 -47.25 -47.31
CA LEU H 397 -21.28 -47.74 -47.41
C LEU H 397 -20.87 -48.40 -46.09
N LEU H 398 -21.17 -47.78 -44.95
CA LEU H 398 -20.72 -48.29 -43.63
C LEU H 398 -21.44 -49.61 -43.32
N ALA H 399 -22.71 -49.71 -43.69
CA ALA H 399 -23.55 -50.91 -43.50
C ALA H 399 -22.93 -52.07 -44.28
N ARG H 400 -22.70 -51.88 -45.58
CA ARG H 400 -22.09 -52.89 -46.50
C ARG H 400 -20.72 -53.31 -45.95
N HIS H 401 -19.93 -52.38 -45.43
CA HIS H 401 -18.58 -52.66 -44.90
C HIS H 401 -18.70 -53.63 -43.71
N VAL H 402 -19.53 -53.31 -42.73
CA VAL H 402 -19.61 -54.10 -41.48
C VAL H 402 -20.18 -55.49 -41.81
N VAL H 403 -21.14 -55.57 -42.73
CA VAL H 403 -21.80 -56.83 -43.17
C VAL H 403 -20.78 -57.73 -43.88
N SER H 404 -19.92 -57.16 -44.72
CA SER H 404 -18.83 -57.90 -45.38
C SER H 404 -17.86 -58.45 -44.32
N LEU H 405 -17.46 -57.63 -43.33
CA LEU H 405 -16.55 -58.08 -42.25
C LEU H 405 -17.18 -59.26 -41.50
N MET H 406 -18.47 -59.15 -41.14
CA MET H 406 -19.18 -60.19 -40.34
C MET H 406 -19.26 -61.51 -41.12
N ASP H 407 -19.19 -61.46 -42.45
CA ASP H 407 -19.33 -62.60 -43.39
C ASP H 407 -17.94 -63.18 -43.75
N GLY H 408 -16.85 -62.66 -43.18
CA GLY H 408 -15.48 -63.12 -43.44
C GLY H 408 -14.78 -62.34 -44.55
N GLY H 409 -15.43 -61.33 -45.12
CA GLY H 409 -14.85 -60.45 -46.17
C GLY H 409 -13.93 -59.39 -45.58
N THR H 410 -13.41 -58.50 -46.44
CA THR H 410 -12.48 -57.40 -46.05
C THR H 410 -13.21 -56.04 -46.08
N GLY H 411 -14.45 -56.01 -46.58
CA GLY H 411 -15.28 -54.80 -46.65
C GLY H 411 -14.66 -53.78 -47.59
N VAL H 412 -14.72 -52.50 -47.23
CA VAL H 412 -14.24 -51.34 -48.04
C VAL H 412 -12.83 -50.99 -47.56
N ASP H 413 -11.90 -50.77 -48.50
CA ASP H 413 -10.43 -50.73 -48.25
C ASP H 413 -9.95 -49.65 -47.27
N GLY H 414 -10.34 -48.37 -47.35
CA GLY H 414 -9.75 -47.31 -46.53
C GLY H 414 -10.54 -47.01 -45.27
N LEU H 415 -11.44 -47.92 -44.86
CA LEU H 415 -12.16 -47.86 -43.56
C LEU H 415 -11.31 -48.53 -42.48
N ARG H 416 -10.12 -48.99 -42.82
CA ARG H 416 -9.23 -49.81 -41.94
C ARG H 416 -8.71 -48.92 -40.79
N GLU H 417 -8.38 -47.65 -41.06
CA GLU H 417 -7.78 -46.74 -40.04
C GLU H 417 -8.79 -46.45 -38.91
N PHE H 418 -10.08 -46.70 -39.16
CA PHE H 418 -11.20 -46.26 -38.29
C PHE H 418 -11.72 -47.43 -37.45
N ARG H 419 -10.96 -48.54 -37.39
CA ARG H 419 -11.29 -49.69 -36.49
C ARG H 419 -11.54 -49.13 -35.09
N PRO H 420 -12.56 -49.62 -34.38
CA PRO H 420 -12.98 -48.99 -33.13
C PRO H 420 -11.96 -49.11 -31.99
N GLU H 421 -11.15 -50.16 -31.99
CA GLU H 421 -10.19 -50.42 -30.88
C GLU H 421 -8.83 -49.91 -31.33
N ARG H 422 -8.43 -48.74 -30.82
CA ARG H 422 -7.27 -47.99 -31.35
C ARG H 422 -6.79 -46.98 -30.31
N ASP H 423 -5.51 -46.64 -30.40
CA ASP H 423 -4.93 -45.38 -29.85
C ASP H 423 -5.68 -44.22 -30.52
N LEU H 424 -5.84 -43.10 -29.82
CA LEU H 424 -6.40 -41.85 -30.39
C LEU H 424 -5.54 -41.45 -31.59
N ILE H 425 -6.16 -41.28 -32.76
CA ILE H 425 -5.52 -40.74 -33.99
C ILE H 425 -5.12 -39.28 -33.74
N SER H 426 -3.96 -38.87 -34.29
CA SER H 426 -3.46 -37.47 -34.31
C SER H 426 -3.31 -37.06 -35.77
N ALA H 427 -4.37 -36.50 -36.37
CA ALA H 427 -4.41 -36.16 -37.82
C ALA H 427 -3.78 -34.79 -38.07
N TRP H 428 -3.64 -33.98 -37.03
CA TRP H 428 -3.14 -32.58 -37.12
C TRP H 428 -2.13 -32.32 -35.99
N SER H 429 -1.13 -31.49 -36.27
CA SER H 429 -0.20 -30.95 -35.24
C SER H 429 -1.00 -30.11 -34.25
N ARG H 430 -0.54 -30.05 -33.01
CA ARG H 430 -1.01 -29.11 -31.97
C ARG H 430 -1.08 -27.69 -32.55
N GLU H 431 -0.06 -27.28 -33.30
CA GLU H 431 0.05 -25.93 -33.90
C GLU H 431 -1.10 -25.70 -34.88
N GLU H 432 -1.39 -26.68 -35.74
CA GLU H 432 -2.51 -26.58 -36.74
C GLU H 432 -3.84 -26.43 -35.99
N ILE H 433 -4.03 -27.14 -34.88
CA ILE H 433 -5.31 -27.16 -34.14
C ILE H 433 -5.48 -25.84 -33.39
N LEU H 434 -4.41 -25.30 -32.83
CA LEU H 434 -4.45 -24.00 -32.09
C LEU H 434 -4.76 -22.86 -33.07
N ASP H 435 -4.22 -22.89 -34.28
CA ASP H 435 -4.60 -21.92 -35.35
C ASP H 435 -6.09 -22.10 -35.68
N ASP H 436 -6.58 -23.34 -35.78
CA ASP H 436 -7.98 -23.66 -36.19
C ASP H 436 -8.93 -23.14 -35.09
N VAL H 437 -8.67 -23.41 -33.82
CA VAL H 437 -9.59 -23.08 -32.68
C VAL H 437 -9.72 -21.56 -32.55
N VAL H 438 -8.63 -20.82 -32.78
CA VAL H 438 -8.65 -19.34 -32.69
C VAL H 438 -9.45 -18.83 -33.90
N ARG H 439 -9.21 -19.37 -35.08
CA ARG H 439 -9.92 -18.98 -36.32
C ARG H 439 -11.43 -19.18 -36.13
N HIS H 440 -11.83 -20.37 -35.67
CA HIS H 440 -13.26 -20.74 -35.47
C HIS H 440 -13.87 -19.84 -34.39
N THR H 441 -13.14 -19.55 -33.32
CA THR H 441 -13.61 -18.65 -32.25
C THR H 441 -13.92 -17.29 -32.87
N MET H 442 -12.99 -16.73 -33.65
CA MET H 442 -13.18 -15.41 -34.28
C MET H 442 -14.38 -15.51 -35.23
N ALA H 443 -14.56 -16.66 -35.90
CA ALA H 443 -15.65 -16.86 -36.88
C ALA H 443 -17.02 -16.80 -36.20
N THR H 444 -17.15 -17.18 -34.93
CA THR H 444 -18.45 -17.05 -34.19
C THR H 444 -18.86 -15.57 -34.17
N GLY H 445 -17.88 -14.66 -34.16
CA GLY H 445 -18.12 -13.21 -34.20
C GLY H 445 -18.59 -12.79 -35.59
N TYR H 446 -17.86 -13.17 -36.64
CA TYR H 446 -18.10 -12.69 -38.03
C TYR H 446 -19.39 -13.29 -38.56
N GLU H 447 -19.80 -14.45 -38.05
CA GLU H 447 -21.01 -15.18 -38.51
C GLU H 447 -22.27 -14.60 -37.85
N PHE H 448 -22.14 -13.80 -36.80
CA PHE H 448 -23.29 -13.30 -36.02
C PHE H 448 -24.23 -12.47 -36.88
N PRO H 449 -23.80 -11.48 -37.69
CA PRO H 449 -22.45 -10.89 -37.67
C PRO H 449 -22.38 -9.77 -36.62
N TRP H 450 -21.22 -9.62 -35.96
CA TRP H 450 -21.02 -8.58 -34.93
C TRP H 450 -20.70 -7.24 -35.57
N ARG H 451 -20.87 -6.16 -34.82
CA ARG H 451 -20.34 -4.82 -35.20
C ARG H 451 -19.54 -4.32 -34.01
N LEU H 452 -18.24 -4.14 -34.16
CA LEU H 452 -17.36 -3.66 -33.05
C LEU H 452 -16.33 -2.70 -33.58
N PRO H 453 -15.64 -1.98 -32.68
CA PRO H 453 -14.54 -1.11 -33.08
C PRO H 453 -13.49 -1.98 -33.79
N LEU H 454 -12.85 -1.43 -34.80
CA LEU H 454 -11.95 -2.18 -35.71
C LEU H 454 -10.70 -2.67 -35.00
N GLU H 455 -10.31 -2.11 -33.85
CA GLU H 455 -9.09 -2.60 -33.12
C GLU H 455 -9.42 -3.88 -32.36
N TRP H 456 -10.69 -4.16 -32.08
CA TRP H 456 -11.09 -5.19 -31.09
C TRP H 456 -10.79 -6.59 -31.63
N PRO H 457 -11.14 -6.94 -32.88
CA PRO H 457 -10.79 -8.25 -33.45
C PRO H 457 -9.30 -8.63 -33.34
N HIS H 458 -8.38 -7.73 -33.68
CA HIS H 458 -6.92 -7.99 -33.54
C HIS H 458 -6.58 -8.21 -32.06
N MET H 459 -7.12 -7.39 -31.17
CA MET H 459 -6.95 -7.55 -29.69
C MET H 459 -7.33 -8.98 -29.30
N MET H 460 -8.51 -9.45 -29.72
N MET H 460 -8.49 -9.49 -29.71
CA MET H 460 -9.06 -10.75 -29.27
CA MET H 460 -8.95 -10.79 -29.16
C MET H 460 -8.22 -11.89 -29.86
C MET H 460 -8.21 -11.94 -29.86
N GLU H 461 -7.83 -11.81 -31.14
CA GLU H 461 -6.94 -12.81 -31.78
C GLU H 461 -5.69 -12.97 -30.90
N THR H 462 -5.02 -11.88 -30.54
CA THR H 462 -3.75 -11.93 -29.75
C THR H 462 -4.02 -12.58 -28.38
N PHE H 463 -5.09 -12.21 -27.67
CA PHE H 463 -5.32 -12.61 -26.25
C PHE H 463 -5.96 -14.00 -26.12
N LEU H 464 -6.42 -14.58 -27.22
CA LEU H 464 -7.02 -15.95 -27.25
C LEU H 464 -5.92 -17.00 -27.39
N GLN H 465 -4.81 -16.66 -28.06
CA GLN H 465 -3.72 -17.61 -28.43
C GLN H 465 -3.11 -18.23 -27.17
N GLY H 466 -2.73 -17.40 -26.19
CA GLY H 466 -2.10 -17.84 -24.94
C GLY H 466 -2.96 -18.87 -24.21
N PRO H 467 -4.19 -18.52 -23.79
CA PRO H 467 -5.02 -19.43 -23.01
C PRO H 467 -5.32 -20.78 -23.69
N PHE H 468 -5.48 -20.82 -25.01
CA PHE H 468 -5.72 -22.07 -25.77
C PHE H 468 -4.42 -22.90 -25.83
N ALA H 469 -3.27 -22.26 -26.07
CA ALA H 469 -1.93 -22.90 -26.04
C ALA H 469 -1.67 -23.51 -24.66
N GLU H 470 -2.03 -22.80 -23.58
CA GLU H 470 -1.84 -23.24 -22.17
C GLU H 470 -2.74 -24.45 -21.91
N LEU H 471 -3.97 -24.46 -22.42
CA LEU H 471 -4.93 -25.58 -22.23
C LEU H 471 -4.40 -26.83 -22.94
N ALA H 472 -3.96 -26.72 -24.19
CA ALA H 472 -3.46 -27.86 -24.99
C ALA H 472 -2.25 -28.50 -24.29
N ASP H 473 -1.32 -27.70 -23.77
CA ASP H 473 -0.08 -28.18 -23.08
C ASP H 473 -0.46 -28.89 -21.79
N ARG H 474 -1.44 -28.35 -21.04
CA ARG H 474 -1.86 -28.88 -19.72
C ARG H 474 -2.63 -30.20 -19.89
N LEU H 475 -3.28 -30.42 -21.03
CA LEU H 475 -4.22 -31.58 -21.23
C LEU H 475 -3.43 -32.89 -21.39
N SER H 476 -2.34 -32.85 -22.14
CA SER H 476 -1.54 -34.04 -22.53
C SER H 476 -0.29 -33.57 -23.26
N ASP H 477 0.79 -34.36 -23.14
CA ASP H 477 2.09 -34.11 -23.83
C ASP H 477 1.98 -34.61 -25.27
N THR H 478 0.99 -35.43 -25.60
CA THR H 478 0.96 -36.20 -26.87
C THR H 478 -0.36 -35.95 -27.62
N TYR H 479 -1.52 -36.04 -26.97
CA TYR H 479 -2.83 -35.91 -27.65
C TYR H 479 -3.34 -34.46 -27.56
N THR H 480 -3.94 -34.00 -28.66
CA THR H 480 -4.61 -32.69 -28.77
C THR H 480 -6.04 -32.91 -29.28
N PRO H 481 -7.08 -32.49 -28.53
CA PRO H 481 -8.45 -32.57 -29.01
C PRO H 481 -8.65 -31.67 -30.23
N PRO H 482 -9.46 -32.10 -31.22
CA PRO H 482 -9.81 -31.22 -32.34
C PRO H 482 -10.56 -29.98 -31.84
N ALA H 483 -10.59 -28.92 -32.65
CA ALA H 483 -11.08 -27.57 -32.27
C ALA H 483 -12.49 -27.64 -31.64
N ASP H 484 -13.42 -28.36 -32.27
CA ASP H 484 -14.84 -28.46 -31.85
C ASP H 484 -14.88 -28.87 -30.37
N LEU H 485 -14.04 -29.82 -30.00
CA LEU H 485 -13.99 -30.36 -28.63
C LEU H 485 -13.14 -29.44 -27.75
N MET H 486 -12.07 -28.87 -28.29
CA MET H 486 -11.16 -28.02 -27.46
C MET H 486 -11.96 -26.82 -26.88
N THR H 487 -12.84 -26.18 -27.65
CA THR H 487 -13.61 -25.01 -27.17
C THR H 487 -14.55 -25.48 -26.05
N ALA H 488 -15.23 -26.62 -26.19
CA ALA H 488 -16.10 -27.16 -25.12
C ALA H 488 -15.26 -27.41 -23.84
N ILE H 489 -14.03 -27.91 -23.99
CA ILE H 489 -13.14 -28.17 -22.82
C ILE H 489 -12.70 -26.85 -22.21
N MET H 490 -12.30 -25.88 -23.02
CA MET H 490 -11.88 -24.52 -22.56
C MET H 490 -12.91 -23.94 -21.59
N PHE H 491 -14.21 -24.12 -21.84
CA PHE H 491 -15.30 -23.43 -21.10
C PHE H 491 -16.05 -24.41 -20.20
N SER H 492 -15.46 -25.58 -19.93
CA SER H 492 -16.02 -26.59 -18.99
C SER H 492 -15.49 -26.29 -17.59
N GLU H 493 -15.98 -27.00 -16.58
CA GLU H 493 -15.52 -26.88 -15.17
C GLU H 493 -14.09 -27.40 -15.05
N ARG H 494 -13.34 -26.91 -14.07
CA ARG H 494 -11.98 -27.40 -13.70
C ARG H 494 -12.00 -28.93 -13.53
N GLU H 495 -13.00 -29.49 -12.82
CA GLU H 495 -13.13 -30.95 -12.56
C GLU H 495 -13.18 -31.73 -13.87
N GLN H 496 -13.94 -31.22 -14.86
CA GLN H 496 -14.15 -31.87 -16.18
C GLN H 496 -12.84 -31.86 -16.96
N GLN H 497 -12.07 -30.77 -16.87
CA GLN H 497 -10.72 -30.66 -17.49
C GLN H 497 -9.78 -31.68 -16.85
N ASP H 498 -9.78 -31.79 -15.52
CA ASP H 498 -8.92 -32.71 -14.73
C ASP H 498 -9.25 -34.16 -15.11
N GLU H 499 -10.54 -34.50 -15.19
CA GLU H 499 -11.00 -35.86 -15.57
C GLU H 499 -10.47 -36.21 -16.98
N LEU H 500 -10.42 -35.24 -17.90
CA LEU H 500 -9.89 -35.44 -19.28
C LEU H 500 -8.36 -35.61 -19.26
N ILE H 501 -7.63 -34.92 -18.37
CA ILE H 501 -6.16 -35.10 -18.26
C ILE H 501 -5.89 -36.55 -17.85
N ALA H 502 -6.64 -37.07 -16.87
CA ALA H 502 -6.57 -38.46 -16.37
C ALA H 502 -6.88 -39.42 -17.53
N TYR H 503 -7.97 -39.16 -18.27
CA TYR H 503 -8.39 -40.04 -19.40
C TYR H 503 -7.24 -40.12 -20.42
N TYR H 504 -6.70 -38.97 -20.84
CA TYR H 504 -5.64 -38.91 -21.87
C TYR H 504 -4.38 -39.65 -21.40
N ALA H 505 -4.06 -39.52 -20.11
CA ALA H 505 -2.89 -40.18 -19.46
C ALA H 505 -3.09 -41.70 -19.48
N ASP H 506 -4.27 -42.20 -19.07
CA ASP H 506 -4.62 -43.64 -19.07
C ASP H 506 -4.55 -44.21 -20.49
N VAL H 507 -4.92 -43.42 -21.51
CA VAL H 507 -4.88 -43.89 -22.93
C VAL H 507 -3.41 -44.00 -23.37
N HIS H 508 -2.54 -43.08 -22.95
CA HIS H 508 -1.08 -43.10 -23.27
C HIS H 508 -0.44 -44.37 -22.69
N ARG H 509 -0.72 -44.66 -21.41
CA ARG H 509 -0.27 -45.87 -20.67
C ARG H 509 -0.66 -47.12 -21.47
N GLU H 510 -1.93 -47.24 -21.85
CA GLU H 510 -2.53 -48.43 -22.50
C GLU H 510 -1.85 -48.73 -23.85
N TRP H 511 -1.42 -47.70 -24.60
CA TRP H 511 -1.04 -47.85 -26.03
C TRP H 511 0.46 -47.62 -26.28
N HIS H 512 1.19 -46.95 -25.37
CA HIS H 512 2.65 -46.68 -25.50
C HIS H 512 3.40 -47.41 -24.38
#